data_3PCH
#
_entry.id   3PCH
#
_cell.length_a   195.390
_cell.length_b   126.520
_cell.length_c   133.330
_cell.angle_alpha   90.00
_cell.angle_beta   97.77
_cell.angle_gamma   90.00
#
_symmetry.space_group_name_H-M   'I 1 2 1'
#
loop_
_entity.id
_entity.type
_entity.pdbx_description
1 polymer 'Protocatechuate 3,4-dioxygenase alpha chain'
2 polymer 'Protocatechuate 3,4-dioxygenase beta chain'
3 non-polymer 'FE (III) ION'
4 non-polymer '3-CHLORO-4-HYDROXYBENZOIC ACID'
5 water water
#
loop_
_entity_poly.entity_id
_entity_poly.type
_entity_poly.pdbx_seq_one_letter_code
_entity_poly.pdbx_strand_id
1 'polypeptide(L)'
;PIELLPETPSQTAGPYVHIGLALEAAGNPTRDQEIWNRLAKPDAPGEHILLLGQVYDGNGHLVRDSFLEVWQADANGEYQ
DAYNLENAFNSFGRTATTFDAGEWTLHTVKPGVVNNAAGVPMAPHINISLFARGINIHLHTRLYFDDEAQANAKCPVLNL
IEQPQRRETLIAKRCEVDGKTAYRFDIRIQGEGETVFFDF
;
A,B,C,D,E,F
2 'polypeptide(L)'
;PAQDNSRFVIRDRNWHPKALTPDYKTSIARSPRQALVSIPQSISETTGPNFSHLGFGAHDHDLLLNFNNGGLPIGERIIV
AGRVVDQYGKPVPNTLVEMWQANAGGRYRHKNDRYLAPLDPNFGGVGR(CME)LTDSDGYYSFRTIKPGPYPWRNGPNDW
RPAHIHFGISGPSIATKLITQLYFEGDPLIPMCPIVKSIANPEAVQQLIAKLDMNNANPMDCLAYRFDIVLRGQRKTHFE
NC
;
M,N,O,P,Q,R
#
loop_
_chem_comp.id
_chem_comp.type
_chem_comp.name
_chem_comp.formula
CHB non-polymer '3-CHLORO-4-HYDROXYBENZOIC ACID' 'C7 H5 Cl O3'
FE non-polymer 'FE (III) ION' 'Fe 3'
#
# COMPACT_ATOMS: atom_id res chain seq x y z
N PRO A 1 11.01 16.66 -24.00
CA PRO A 1 12.38 16.26 -24.18
C PRO A 1 12.50 14.74 -24.00
N ILE A 2 13.63 14.21 -24.35
CA ILE A 2 13.92 12.79 -24.19
C ILE A 2 14.27 12.60 -22.67
N GLU A 3 13.67 11.59 -22.11
CA GLU A 3 13.95 11.25 -20.68
C GLU A 3 14.45 9.81 -20.64
N LEU A 4 15.60 9.65 -20.04
CA LEU A 4 16.20 8.27 -19.90
C LEU A 4 15.65 7.68 -18.60
N LEU A 5 16.06 6.45 -18.30
CA LEU A 5 15.66 5.85 -17.01
C LEU A 5 16.44 6.78 -15.99
N PRO A 6 15.82 7.01 -14.88
CA PRO A 6 16.42 7.80 -13.81
C PRO A 6 17.47 6.90 -13.12
N GLU A 7 18.55 7.54 -12.77
CA GLU A 7 19.68 6.89 -12.08
C GLU A 7 19.16 6.57 -10.66
N THR A 8 19.51 5.40 -10.17
CA THR A 8 19.16 5.06 -8.77
C THR A 8 19.69 6.17 -7.87
N PRO A 9 18.85 6.63 -6.95
CA PRO A 9 19.16 7.66 -5.98
C PRO A 9 20.21 7.21 -4.90
N SER A 10 21.11 8.13 -4.60
CA SER A 10 22.15 7.96 -3.61
C SER A 10 21.47 8.04 -2.22
N GLN A 11 22.28 7.45 -1.29
CA GLN A 11 21.90 7.47 0.14
C GLN A 11 23.25 7.51 0.90
N THR A 12 23.22 8.09 2.07
CA THR A 12 24.41 8.20 2.92
C THR A 12 24.92 6.74 3.14
N ALA A 13 26.20 6.69 3.27
CA ALA A 13 26.93 5.44 3.54
C ALA A 13 26.55 4.95 4.94
N GLY A 14 26.27 5.86 5.86
CA GLY A 14 25.93 5.51 7.26
C GLY A 14 27.27 5.37 8.06
N PRO A 15 27.09 5.28 9.38
CA PRO A 15 28.21 5.10 10.32
C PRO A 15 28.97 3.79 10.20
N TYR A 16 28.32 2.75 9.67
CA TYR A 16 28.86 1.42 9.58
C TYR A 16 29.42 1.00 8.26
N VAL A 17 29.75 1.96 7.43
CA VAL A 17 30.33 1.74 6.09
C VAL A 17 31.53 0.78 6.13
N HIS A 18 32.27 0.84 7.21
CA HIS A 18 33.46 0.00 7.39
C HIS A 18 33.20 -1.48 7.26
N ILE A 19 32.03 -1.88 7.79
CA ILE A 19 31.70 -3.30 7.72
C ILE A 19 31.73 -3.80 6.31
N GLY A 20 31.30 -2.97 5.35
CA GLY A 20 31.31 -3.37 3.96
C GLY A 20 32.56 -3.07 3.18
N LEU A 21 33.13 -1.90 3.37
CA LEU A 21 34.25 -1.36 2.68
C LEU A 21 35.60 -1.17 3.28
N ALA A 22 35.75 -1.37 4.54
CA ALA A 22 36.98 -1.19 5.31
C ALA A 22 36.88 -2.14 6.54
N LEU A 23 36.88 -3.43 6.17
CA LEU A 23 36.74 -4.52 7.13
C LEU A 23 37.68 -4.37 8.31
N GLU A 24 38.95 -4.23 8.04
CA GLU A 24 40.01 -4.10 9.05
C GLU A 24 39.65 -2.97 10.01
N ALA A 25 39.07 -1.91 9.47
CA ALA A 25 38.68 -0.74 10.26
C ALA A 25 37.50 -1.00 11.16
N ALA A 26 36.55 -1.78 10.68
CA ALA A 26 35.34 -2.12 11.45
C ALA A 26 35.67 -3.06 12.62
N GLY A 27 36.90 -3.50 12.64
CA GLY A 27 37.40 -4.43 13.68
C GLY A 27 36.88 -5.84 13.40
N ASN A 28 36.75 -6.14 12.12
CA ASN A 28 36.28 -7.41 11.62
C ASN A 28 37.37 -8.12 10.81
N PRO A 29 37.22 -9.42 10.77
CA PRO A 29 38.13 -10.28 10.00
C PRO A 29 37.99 -9.90 8.52
N THR A 30 39.11 -9.78 7.86
CA THR A 30 39.13 -9.43 6.42
C THR A 30 39.15 -10.72 5.61
N ARG A 31 38.94 -10.57 4.34
CA ARG A 31 38.93 -11.62 3.33
C ARG A 31 40.33 -11.64 2.69
N ASP A 32 40.55 -12.67 1.91
CA ASP A 32 41.78 -12.94 1.20
C ASP A 32 42.29 -11.70 0.47
N GLN A 33 41.36 -11.08 -0.28
CA GLN A 33 41.69 -9.88 -1.06
C GLN A 33 40.79 -8.71 -0.69
N GLU A 34 41.46 -7.63 -0.34
CA GLU A 34 40.80 -6.39 0.06
C GLU A 34 41.38 -5.23 -0.74
N ILE A 35 40.51 -4.30 -1.05
CA ILE A 35 40.86 -3.06 -1.76
C ILE A 35 41.21 -2.09 -0.62
N TRP A 36 42.51 -1.76 -0.54
CA TRP A 36 42.92 -0.87 0.57
C TRP A 36 43.72 0.34 0.20
N ASN A 37 44.46 0.91 1.16
CA ASN A 37 45.20 2.15 1.06
C ASN A 37 46.63 2.14 0.57
N ARG A 38 47.05 1.08 -0.03
CA ARG A 38 48.43 0.88 -0.54
C ARG A 38 48.31 0.63 -2.04
N LEU A 39 48.32 1.72 -2.80
CA LEU A 39 48.21 1.68 -4.25
C LEU A 39 49.45 1.17 -4.96
N ALA A 40 50.61 1.46 -4.40
CA ALA A 40 51.89 1.07 -4.97
C ALA A 40 52.69 0.14 -4.05
N LYS A 41 53.30 -0.82 -4.72
CA LYS A 41 54.25 -1.75 -4.00
C LYS A 41 55.58 -0.98 -4.03
N PRO A 42 56.44 -1.32 -3.10
CA PRO A 42 57.75 -0.68 -2.96
C PRO A 42 58.53 -0.61 -4.24
N ASP A 43 58.44 -1.63 -5.03
CA ASP A 43 59.14 -1.76 -6.30
C ASP A 43 58.42 -1.08 -7.44
N ALA A 44 57.47 -0.21 -7.14
CA ALA A 44 56.75 0.47 -8.24
C ALA A 44 57.46 1.76 -8.61
N PRO A 45 57.53 1.97 -9.92
CA PRO A 45 58.14 3.19 -10.49
C PRO A 45 57.33 4.43 -10.10
N GLY A 46 58.07 5.52 -9.90
CA GLY A 46 57.51 6.82 -9.53
C GLY A 46 58.07 7.24 -8.19
N GLU A 47 57.70 8.46 -7.79
CA GLU A 47 58.12 8.97 -6.49
C GLU A 47 57.12 8.48 -5.44
N HIS A 48 57.60 7.60 -4.58
CA HIS A 48 56.77 7.04 -3.49
C HIS A 48 56.48 8.13 -2.47
N ILE A 49 55.17 8.31 -2.21
CA ILE A 49 54.74 9.32 -1.26
C ILE A 49 53.65 8.74 -0.34
N LEU A 50 53.53 9.47 0.75
CA LEU A 50 52.54 9.21 1.78
C LEU A 50 51.57 10.40 1.77
N LEU A 51 50.31 10.06 1.80
CA LEU A 51 49.24 11.08 1.87
C LEU A 51 48.52 10.82 3.22
N LEU A 52 48.16 11.95 3.81
CA LEU A 52 47.42 11.92 5.08
C LEU A 52 46.57 13.19 5.23
N GLY A 53 45.48 13.01 5.97
CA GLY A 53 44.58 14.09 6.25
C GLY A 53 43.51 13.76 7.27
N GLN A 54 42.87 14.90 7.60
CA GLN A 54 41.74 14.93 8.53
C GLN A 54 40.58 15.57 7.76
N VAL A 55 39.41 15.19 8.16
CA VAL A 55 38.13 15.66 7.60
C VAL A 55 37.42 16.38 8.74
N TYR A 56 37.00 17.58 8.55
CA TYR A 56 36.29 18.43 9.52
C TYR A 56 34.88 18.77 8.99
N ASP A 57 34.00 18.89 9.96
CA ASP A 57 32.60 19.22 9.75
C ASP A 57 32.46 20.74 9.84
N GLY A 58 31.27 21.27 9.69
CA GLY A 58 30.98 22.67 9.76
C GLY A 58 31.29 23.32 11.09
N ASN A 59 31.49 22.53 12.11
CA ASN A 59 31.81 23.03 13.46
C ASN A 59 33.30 23.02 13.73
N GLY A 60 34.06 22.45 12.82
CA GLY A 60 35.53 22.37 12.97
C GLY A 60 35.85 21.07 13.71
N HIS A 61 34.89 20.20 13.82
CA HIS A 61 35.04 18.91 14.52
C HIS A 61 35.38 17.82 13.49
N LEU A 62 36.24 16.94 13.94
CA LEU A 62 36.72 15.80 13.18
C LEU A 62 35.54 14.88 12.81
N VAL A 63 35.59 14.39 11.64
CA VAL A 63 34.64 13.42 11.07
C VAL A 63 35.43 12.10 11.12
N ARG A 64 35.19 11.42 12.22
CA ARG A 64 35.88 10.16 12.52
C ARG A 64 35.34 8.96 11.78
N ASP A 65 34.24 9.08 11.07
CA ASP A 65 33.68 7.91 10.37
C ASP A 65 33.68 8.03 8.86
N SER A 66 34.60 8.81 8.33
CA SER A 66 34.64 9.03 6.88
C SER A 66 35.28 7.87 6.13
N PHE A 67 34.81 7.72 4.90
CA PHE A 67 35.27 6.71 3.98
C PHE A 67 35.71 7.42 2.69
N LEU A 68 36.94 7.11 2.27
CA LEU A 68 37.48 7.72 1.05
C LEU A 68 37.93 6.74 -0.01
N GLU A 69 37.67 7.15 -1.24
CA GLU A 69 38.01 6.45 -2.46
C GLU A 69 38.89 7.37 -3.33
N VAL A 70 39.99 6.78 -3.83
CA VAL A 70 40.95 7.49 -4.65
C VAL A 70 41.14 6.84 -6.01
N TRP A 71 41.44 7.72 -6.94
CA TRP A 71 41.67 7.40 -8.37
C TRP A 71 42.74 8.37 -8.90
N GLN A 72 43.83 7.75 -9.29
CA GLN A 72 44.97 8.52 -9.83
C GLN A 72 45.69 7.78 -10.94
N ALA A 73 46.46 8.56 -11.69
CA ALA A 73 47.31 8.00 -12.77
C ALA A 73 48.61 7.47 -12.09
N ASP A 74 49.29 6.65 -12.90
CA ASP A 74 50.62 6.14 -12.46
C ASP A 74 51.58 7.32 -12.73
N ALA A 75 52.86 7.08 -12.49
CA ALA A 75 53.92 8.09 -12.68
C ALA A 75 53.99 8.60 -14.13
N ASN A 76 53.61 7.81 -15.09
CA ASN A 76 53.57 8.11 -16.49
C ASN A 76 52.34 8.92 -16.93
N GLY A 77 51.42 9.13 -16.02
CA GLY A 77 50.17 9.82 -16.26
C GLY A 77 49.16 8.87 -16.92
N GLU A 78 49.29 7.60 -16.63
CA GLU A 78 48.40 6.54 -17.12
C GLU A 78 47.51 5.94 -16.04
N TYR A 79 46.23 5.83 -16.37
CA TYR A 79 45.21 5.26 -15.50
C TYR A 79 45.15 3.75 -15.75
N GLN A 80 45.57 3.05 -14.72
CA GLN A 80 45.63 1.58 -14.70
C GLN A 80 44.35 1.05 -14.08
N ASP A 81 43.41 0.76 -14.94
CA ASP A 81 42.09 0.30 -14.51
C ASP A 81 41.98 -1.17 -14.16
N ALA A 82 42.90 -1.98 -14.63
CA ALA A 82 42.89 -3.42 -14.34
C ALA A 82 43.46 -3.64 -12.95
N TYR A 83 42.57 -3.65 -11.98
CA TYR A 83 42.83 -3.81 -10.57
C TYR A 83 43.21 -5.25 -10.17
N ASN A 84 44.39 -5.34 -9.62
CA ASN A 84 44.98 -6.65 -9.22
C ASN A 84 46.00 -6.40 -8.11
N LEU A 85 45.84 -7.17 -7.04
CA LEU A 85 46.74 -7.10 -5.86
C LEU A 85 48.16 -7.47 -6.23
N GLU A 86 48.30 -8.12 -7.36
CA GLU A 86 49.57 -8.55 -7.92
C GLU A 86 50.33 -7.39 -8.57
N ASN A 87 49.62 -6.46 -9.12
CA ASN A 87 50.18 -5.29 -9.76
C ASN A 87 51.07 -4.56 -8.72
N ALA A 88 52.08 -3.92 -9.25
CA ALA A 88 53.03 -3.09 -8.53
C ALA A 88 52.33 -1.77 -8.14
N PHE A 89 51.47 -1.33 -9.03
CA PHE A 89 50.69 -0.10 -8.86
C PHE A 89 49.22 -0.31 -9.30
N ASN A 90 48.33 0.22 -8.50
CA ASN A 90 46.90 0.22 -8.74
C ASN A 90 46.47 1.72 -8.65
N SER A 91 45.71 2.13 -9.61
CA SER A 91 45.17 3.48 -9.77
C SER A 91 44.06 3.81 -8.75
N PHE A 92 43.45 2.73 -8.27
CA PHE A 92 42.38 2.80 -7.28
C PHE A 92 42.81 2.36 -5.88
N GLY A 93 42.20 3.05 -4.92
CA GLY A 93 42.41 2.76 -3.50
C GLY A 93 41.25 3.24 -2.62
N ARG A 94 41.36 2.76 -1.38
CA ARG A 94 40.39 3.07 -0.32
C ARG A 94 41.13 3.29 0.99
N THR A 95 40.55 4.18 1.77
CA THR A 95 41.09 4.56 3.08
C THR A 95 39.91 5.08 3.89
N ALA A 96 40.17 5.27 5.16
CA ALA A 96 39.18 5.76 6.11
C ALA A 96 39.92 6.43 7.26
N THR A 97 39.15 7.24 7.99
CA THR A 97 39.74 7.92 9.17
C THR A 97 39.56 7.07 10.45
N THR A 98 40.68 7.07 11.20
CA THR A 98 40.72 6.36 12.50
C THR A 98 39.66 6.97 13.43
N PHE A 99 39.05 6.07 14.18
CA PHE A 99 38.01 6.45 15.15
C PHE A 99 38.64 7.21 16.31
N ASP A 100 39.93 7.13 16.46
CA ASP A 100 40.73 7.80 17.51
C ASP A 100 41.26 9.15 17.01
N ALA A 101 42.42 9.08 16.37
CA ALA A 101 43.14 10.20 15.78
C ALA A 101 42.31 10.90 14.69
N GLY A 102 41.57 10.15 13.91
CA GLY A 102 40.70 10.69 12.86
C GLY A 102 41.46 11.10 11.62
N GLU A 103 42.51 10.37 11.34
CA GLU A 103 43.36 10.67 10.17
C GLU A 103 43.44 9.48 9.23
N TRP A 104 43.39 9.73 7.94
CA TRP A 104 43.52 8.62 6.96
C TRP A 104 44.92 8.72 6.36
N THR A 105 45.32 7.62 5.77
CA THR A 105 46.61 7.51 5.11
C THR A 105 46.44 6.73 3.82
N LEU A 106 47.32 7.03 2.91
CA LEU A 106 47.38 6.40 1.57
C LEU A 106 48.86 6.27 1.22
N HIS A 107 49.22 5.15 0.67
CA HIS A 107 50.61 4.88 0.27
C HIS A 107 50.51 4.70 -1.24
N THR A 108 51.11 5.67 -1.93
CA THR A 108 51.09 5.70 -3.41
C THR A 108 52.35 6.33 -3.97
N VAL A 109 52.25 6.65 -5.25
CA VAL A 109 53.24 7.34 -6.06
C VAL A 109 52.60 8.64 -6.61
N LYS A 110 53.47 9.61 -6.83
CA LYS A 110 53.00 10.90 -7.38
C LYS A 110 52.54 10.63 -8.81
N PRO A 111 51.27 11.02 -9.07
CA PRO A 111 50.67 10.83 -10.39
C PRO A 111 51.39 11.70 -11.42
N GLY A 112 51.42 11.18 -12.65
CA GLY A 112 52.01 11.90 -13.80
C GLY A 112 50.89 12.81 -14.40
N VAL A 113 51.28 13.73 -15.25
CA VAL A 113 50.32 14.66 -15.87
C VAL A 113 49.39 13.99 -16.84
N VAL A 114 48.13 14.38 -16.84
CA VAL A 114 47.11 13.87 -17.74
C VAL A 114 46.44 15.08 -18.44
N ASN A 115 46.17 14.90 -19.71
CA ASN A 115 45.53 15.94 -20.52
C ASN A 115 44.01 15.86 -20.36
N ASN A 116 43.41 17.02 -20.48
CA ASN A 116 41.93 17.10 -20.42
C ASN A 116 41.45 16.75 -21.83
N ALA A 117 40.14 16.77 -21.98
CA ALA A 117 39.46 16.45 -23.24
C ALA A 117 39.97 17.32 -24.38
N ALA A 118 40.25 18.58 -24.10
CA ALA A 118 40.72 19.52 -25.13
C ALA A 118 42.22 19.47 -25.38
N GLY A 119 42.90 18.50 -24.85
CA GLY A 119 44.34 18.34 -25.00
C GLY A 119 45.22 19.18 -24.14
N VAL A 120 44.70 19.85 -23.13
CA VAL A 120 45.51 20.67 -22.20
C VAL A 120 45.85 19.82 -20.96
N PRO A 121 47.11 19.82 -20.60
CA PRO A 121 47.59 19.05 -19.46
C PRO A 121 47.05 19.61 -18.14
N MET A 122 46.64 18.67 -17.28
CA MET A 122 46.15 19.00 -15.95
C MET A 122 47.32 18.86 -14.97
N ALA A 123 47.28 19.61 -13.90
CA ALA A 123 48.43 19.44 -12.92
C ALA A 123 48.20 18.07 -12.26
N PRO A 124 49.30 17.44 -11.83
CA PRO A 124 49.24 16.14 -11.13
C PRO A 124 48.16 16.26 -10.07
N HIS A 125 47.28 15.28 -10.01
CA HIS A 125 46.19 15.33 -9.02
C HIS A 125 45.67 13.91 -8.80
N ILE A 126 45.01 13.87 -7.66
CA ILE A 126 44.37 12.62 -7.21
C ILE A 126 42.88 12.99 -7.03
N ASN A 127 42.09 12.14 -7.64
CA ASN A 127 40.61 12.31 -7.55
C ASN A 127 40.17 11.60 -6.27
N ILE A 128 39.35 12.28 -5.51
CA ILE A 128 38.80 11.79 -4.29
C ILE A 128 37.27 11.86 -4.19
N SER A 129 36.73 10.75 -3.66
CA SER A 129 35.29 10.68 -3.38
C SER A 129 35.14 10.52 -1.85
N LEU A 130 34.42 11.42 -1.24
CA LEU A 130 34.23 11.36 0.23
C LEU A 130 32.84 10.85 0.59
N PHE A 131 32.82 9.89 1.48
CA PHE A 131 31.62 9.24 2.00
C PHE A 131 31.61 9.25 3.55
N ALA A 132 30.40 9.38 4.09
CA ALA A 132 30.20 9.34 5.54
C ALA A 132 28.73 9.54 5.88
N ARG A 133 28.39 9.16 7.07
CA ARG A 133 27.10 9.50 7.65
C ARG A 133 26.95 11.01 7.69
N GLY A 134 25.83 11.45 7.28
CA GLY A 134 25.52 12.88 7.14
C GLY A 134 25.71 13.30 5.68
N ILE A 135 26.34 12.50 4.89
CA ILE A 135 26.59 12.83 3.47
C ILE A 135 25.68 11.96 2.59
N ASN A 136 24.63 12.64 2.12
CA ASN A 136 23.58 12.01 1.30
C ASN A 136 24.07 11.48 -0.03
N ILE A 137 24.99 12.27 -0.59
CA ILE A 137 25.62 11.95 -1.89
C ILE A 137 27.07 12.35 -1.73
N HIS A 138 27.93 11.45 -2.15
CA HIS A 138 29.36 11.62 -1.95
C HIS A 138 29.87 12.90 -2.60
N LEU A 139 30.91 13.38 -1.99
CA LEU A 139 31.58 14.63 -2.39
C LEU A 139 32.81 14.26 -3.19
N HIS A 140 32.94 14.90 -4.32
CA HIS A 140 34.12 14.72 -5.19
C HIS A 140 35.02 15.96 -4.96
N THR A 141 36.31 15.64 -4.94
CA THR A 141 37.34 16.67 -4.82
C THR A 141 38.59 16.21 -5.52
N ARG A 142 39.58 17.07 -5.49
CA ARG A 142 40.88 16.74 -6.11
C ARG A 142 41.98 17.24 -5.18
N LEU A 143 43.03 16.43 -5.12
CA LEU A 143 44.21 16.77 -4.33
C LEU A 143 45.33 17.13 -5.33
N TYR A 144 45.84 18.35 -5.15
CA TYR A 144 46.94 18.85 -5.98
C TYR A 144 48.13 18.98 -4.99
N PHE A 145 49.30 19.13 -5.54
CA PHE A 145 50.54 19.19 -4.73
C PHE A 145 51.13 20.59 -4.74
N ASP A 146 51.56 21.02 -3.56
CA ASP A 146 52.13 22.34 -3.38
C ASP A 146 53.49 22.50 -4.04
N ASP A 147 54.09 21.41 -4.48
CA ASP A 147 55.40 21.42 -5.13
C ASP A 147 55.28 21.33 -6.66
N GLU A 148 54.12 21.67 -7.16
CA GLU A 148 53.82 21.65 -8.60
C GLU A 148 53.13 22.99 -8.94
N ALA A 149 53.61 24.02 -8.25
CA ALA A 149 53.09 25.37 -8.37
C ALA A 149 52.99 25.77 -9.83
N GLN A 150 54.06 25.53 -10.53
CA GLN A 150 54.21 25.85 -11.95
C GLN A 150 53.09 25.22 -12.75
N ALA A 151 52.89 23.94 -12.50
CA ALA A 151 51.83 23.17 -13.19
C ALA A 151 50.43 23.55 -12.72
N ASN A 152 50.32 23.79 -11.43
CA ASN A 152 49.05 24.12 -10.81
C ASN A 152 48.47 25.42 -11.40
N ALA A 153 49.37 26.32 -11.70
CA ALA A 153 49.01 27.64 -12.22
C ALA A 153 48.27 27.57 -13.54
N LYS A 154 48.57 26.53 -14.32
CA LYS A 154 48.02 26.32 -15.64
C LYS A 154 46.97 25.22 -15.69
N CYS A 155 46.61 24.69 -14.54
CA CYS A 155 45.59 23.62 -14.55
C CYS A 155 44.27 24.19 -15.03
N PRO A 156 43.77 23.59 -16.09
CA PRO A 156 42.47 24.04 -16.68
C PRO A 156 41.37 23.77 -15.69
N VAL A 157 41.58 22.77 -14.82
CA VAL A 157 40.54 22.45 -13.83
C VAL A 157 40.56 23.47 -12.69
N LEU A 158 41.75 23.63 -12.15
CA LEU A 158 42.00 24.58 -11.05
C LEU A 158 41.51 25.98 -11.46
N ASN A 159 41.79 26.32 -12.71
CA ASN A 159 41.40 27.58 -13.31
C ASN A 159 39.91 27.73 -13.45
N LEU A 160 39.10 26.70 -13.33
CA LEU A 160 37.63 26.80 -13.44
C LEU A 160 37.06 27.36 -12.14
N ILE A 161 37.87 27.35 -11.09
CA ILE A 161 37.40 27.89 -9.79
C ILE A 161 37.56 29.41 -9.88
N GLU A 162 36.43 30.08 -9.88
CA GLU A 162 36.32 31.53 -9.99
C GLU A 162 37.29 32.25 -9.06
N GLN A 163 37.18 32.01 -7.78
CA GLN A 163 38.00 32.62 -6.74
C GLN A 163 39.26 31.89 -6.43
N PRO A 164 40.37 32.52 -6.74
CA PRO A 164 41.71 31.97 -6.54
C PRO A 164 41.89 31.47 -5.11
N GLN A 165 41.38 32.22 -4.17
CA GLN A 165 41.46 31.87 -2.73
C GLN A 165 40.97 30.45 -2.48
N ARG A 166 39.92 30.04 -3.20
CA ARG A 166 39.34 28.73 -3.08
C ARG A 166 40.22 27.66 -3.72
N ARG A 167 41.05 28.01 -4.66
CA ARG A 167 41.92 27.02 -5.31
C ARG A 167 42.90 26.41 -4.29
N GLU A 168 43.30 27.23 -3.33
CA GLU A 168 44.27 26.86 -2.32
C GLU A 168 43.82 25.72 -1.43
N THR A 169 42.50 25.54 -1.35
CA THR A 169 41.87 24.53 -0.58
C THR A 169 42.17 23.13 -1.12
N LEU A 170 42.56 23.06 -2.39
CA LEU A 170 42.86 21.79 -3.02
C LEU A 170 44.33 21.43 -3.04
N ILE A 171 45.15 22.32 -2.50
CA ILE A 171 46.61 22.07 -2.53
C ILE A 171 47.14 21.38 -1.31
N ALA A 172 47.59 20.15 -1.44
CA ALA A 172 48.16 19.40 -0.28
C ALA A 172 49.58 19.96 0.02
N LYS A 173 49.87 20.03 1.32
CA LYS A 173 51.12 20.56 1.83
C LYS A 173 52.16 19.46 2.10
N ARG A 174 53.25 19.58 1.37
CA ARG A 174 54.38 18.69 1.42
C ARG A 174 55.06 18.78 2.79
N CYS A 175 55.42 17.64 3.29
CA CYS A 175 56.10 17.44 4.57
C CYS A 175 56.91 16.13 4.42
N GLU A 176 57.41 15.75 5.56
CA GLU A 176 58.21 14.50 5.66
C GLU A 176 57.71 13.75 6.89
N VAL A 177 57.61 12.46 6.75
CA VAL A 177 57.17 11.61 7.89
C VAL A 177 58.20 10.46 7.93
N ASP A 178 58.92 10.43 9.04
CA ASP A 178 59.97 9.38 9.21
C ASP A 178 60.93 9.45 8.02
N GLY A 179 61.34 10.67 7.71
CA GLY A 179 62.26 10.90 6.58
C GLY A 179 61.63 10.51 5.25
N LYS A 180 60.30 10.52 5.21
CA LYS A 180 59.61 10.16 3.96
C LYS A 180 58.73 11.32 3.48
N THR A 181 58.68 11.42 2.15
CA THR A 181 57.88 12.44 1.48
C THR A 181 56.38 12.18 1.69
N ALA A 182 55.78 13.12 2.35
CA ALA A 182 54.35 13.08 2.67
C ALA A 182 53.68 14.41 2.28
N TYR A 183 52.37 14.33 2.17
CA TYR A 183 51.51 15.47 1.87
C TYR A 183 50.25 15.32 2.74
N ARG A 184 49.95 16.42 3.37
CA ARG A 184 48.78 16.54 4.24
C ARG A 184 47.68 17.27 3.44
N PHE A 185 46.54 16.63 3.40
CA PHE A 185 45.36 17.10 2.69
C PHE A 185 44.11 17.00 3.58
N ASP A 186 43.83 18.05 4.31
CA ASP A 186 42.67 18.16 5.17
C ASP A 186 41.47 18.62 4.30
N ILE A 187 40.33 18.08 4.58
CA ILE A 187 39.09 18.40 3.91
C ILE A 187 38.17 19.10 4.92
N ARG A 188 37.66 20.25 4.54
CA ARG A 188 36.77 21.03 5.37
C ARG A 188 35.45 21.02 4.54
N ILE A 189 34.51 20.30 5.14
CA ILE A 189 33.23 20.07 4.51
C ILE A 189 32.42 21.36 4.39
N GLN A 190 32.55 22.12 5.46
CA GLN A 190 31.76 23.35 5.53
C GLN A 190 32.41 24.44 6.33
N GLY A 191 32.11 25.65 5.94
CA GLY A 191 32.55 26.86 6.59
C GLY A 191 33.89 27.38 6.12
N GLU A 192 34.53 28.06 7.05
CA GLU A 192 35.84 28.67 6.92
C GLU A 192 36.79 27.70 6.18
N GLY A 193 37.31 28.16 5.07
CA GLY A 193 38.20 27.39 4.23
C GLY A 193 37.56 26.12 3.65
N GLU A 194 36.24 26.19 3.46
CA GLU A 194 35.51 25.04 2.91
C GLU A 194 36.15 24.60 1.60
N THR A 195 36.47 23.31 1.52
CA THR A 195 37.09 22.67 0.40
C THR A 195 36.16 22.73 -0.85
N VAL A 196 36.80 22.90 -1.98
CA VAL A 196 36.04 22.92 -3.25
C VAL A 196 35.62 21.44 -3.50
N PHE A 197 34.38 21.31 -3.89
CA PHE A 197 33.78 19.98 -4.25
C PHE A 197 33.28 20.19 -5.69
N PHE A 198 33.44 19.18 -6.51
CA PHE A 198 33.06 19.20 -7.92
C PHE A 198 31.82 18.38 -8.26
N ASP A 199 31.30 18.81 -9.42
CA ASP A 199 30.14 18.12 -10.03
C ASP A 199 30.65 17.86 -11.49
N PHE A 200 30.37 16.65 -11.93
CA PHE A 200 30.77 16.22 -13.27
C PHE A 200 29.95 14.98 -13.66
N PRO B 1 46.32 0.92 -20.23
CA PRO B 1 45.57 1.73 -19.23
C PRO B 1 44.24 2.17 -19.83
N ALA B 2 43.48 2.87 -19.01
CA ALA B 2 42.15 3.38 -19.35
C ALA B 2 42.17 4.43 -20.45
N GLN B 3 41.10 4.44 -21.20
CA GLN B 3 40.86 5.32 -22.35
C GLN B 3 39.66 6.25 -22.19
N ASP B 4 39.88 7.53 -22.53
CA ASP B 4 38.80 8.52 -22.47
C ASP B 4 37.99 8.41 -23.79
N ASN B 5 37.04 7.50 -23.76
CA ASN B 5 36.20 7.27 -24.94
C ASN B 5 34.74 7.58 -24.64
N SER B 6 34.38 7.68 -23.38
CA SER B 6 33.01 7.89 -22.94
C SER B 6 32.69 9.23 -22.28
N ARG B 7 31.39 9.45 -22.24
CA ARG B 7 30.78 10.61 -21.61
C ARG B 7 29.63 10.02 -20.79
N PHE B 8 29.38 10.63 -19.65
CA PHE B 8 28.30 10.10 -18.78
C PHE B 8 27.22 11.17 -18.63
N VAL B 9 25.99 10.70 -18.69
CA VAL B 9 24.86 11.61 -18.56
C VAL B 9 25.05 12.36 -17.23
N ILE B 10 24.88 13.66 -17.29
CA ILE B 10 25.02 14.49 -16.06
C ILE B 10 23.95 14.09 -15.04
N ARG B 11 24.41 14.02 -13.77
CA ARG B 11 23.54 13.68 -12.67
C ARG B 11 22.45 14.76 -12.45
N ASP B 12 21.30 14.22 -12.10
CA ASP B 12 20.17 15.05 -11.74
C ASP B 12 20.25 15.21 -10.20
N ARG B 13 20.71 16.39 -9.80
CA ARG B 13 20.87 16.71 -8.38
C ARG B 13 19.63 17.05 -7.63
N ASN B 14 18.50 17.03 -8.33
CA ASN B 14 17.20 17.26 -7.70
C ASN B 14 16.52 15.88 -7.52
N TRP B 15 17.04 14.92 -8.18
CA TRP B 15 16.52 13.54 -8.15
C TRP B 15 17.19 12.84 -6.90
N HIS B 16 18.50 12.99 -6.82
CA HIS B 16 19.30 12.54 -5.73
C HIS B 16 18.95 13.51 -4.56
N PRO B 17 19.19 12.99 -3.37
CA PRO B 17 18.95 13.81 -2.16
C PRO B 17 20.00 14.98 -2.18
N LYS B 18 19.50 16.07 -1.63
CA LYS B 18 20.32 17.29 -1.46
C LYS B 18 21.28 17.02 -0.29
N ALA B 19 22.30 17.85 -0.18
CA ALA B 19 23.29 17.69 0.87
C ALA B 19 22.65 18.12 2.20
N LEU B 20 21.95 19.27 2.12
CA LEU B 20 21.37 19.83 3.31
C LEU B 20 19.92 19.42 3.49
N THR B 21 19.73 18.44 4.38
CA THR B 21 18.35 17.91 4.62
C THR B 21 18.21 17.85 6.16
N PRO B 22 17.92 19.04 6.69
CA PRO B 22 17.81 19.25 8.13
C PRO B 22 17.22 18.15 8.98
N ASP B 23 16.16 17.45 8.59
CA ASP B 23 15.55 16.40 9.36
C ASP B 23 16.50 15.24 9.70
N TYR B 24 17.46 15.08 8.84
CA TYR B 24 18.55 14.09 9.00
C TYR B 24 19.65 14.97 9.64
N LYS B 25 19.61 14.98 10.97
CA LYS B 25 20.43 15.82 11.78
C LYS B 25 21.88 16.01 11.42
N THR B 26 22.52 14.94 11.05
CA THR B 26 23.94 14.90 10.71
C THR B 26 24.27 15.63 9.44
N SER B 27 23.26 15.69 8.53
CA SER B 27 23.44 16.38 7.27
C SER B 27 23.77 17.88 7.47
N ILE B 28 23.35 18.50 8.57
CA ILE B 28 23.58 19.94 8.80
C ILE B 28 25.02 20.37 8.78
N ALA B 29 25.77 19.77 9.72
CA ALA B 29 27.19 20.06 9.86
C ALA B 29 28.02 19.36 8.81
N ARG B 30 27.44 18.41 8.09
CA ARG B 30 28.24 17.71 7.07
C ARG B 30 27.87 17.97 5.63
N SER B 31 27.38 19.16 5.41
CA SER B 31 26.97 19.57 4.02
C SER B 31 27.71 20.87 3.71
N PRO B 32 28.22 20.98 2.50
CA PRO B 32 28.95 22.20 2.07
C PRO B 32 27.94 23.37 2.06
N ARG B 33 28.49 24.57 2.13
CA ARG B 33 27.59 25.75 2.04
C ARG B 33 27.86 26.43 0.71
N GLN B 34 29.02 26.14 0.12
CA GLN B 34 29.36 26.69 -1.19
C GLN B 34 28.75 25.74 -2.26
N ALA B 35 28.39 26.28 -3.39
CA ALA B 35 27.91 25.44 -4.52
C ALA B 35 29.07 24.62 -5.05
N LEU B 36 28.76 23.44 -5.55
CA LEU B 36 29.74 22.53 -6.18
C LEU B 36 30.25 23.24 -7.46
N VAL B 37 31.50 23.03 -7.79
CA VAL B 37 32.03 23.61 -9.05
C VAL B 37 31.84 22.54 -10.14
N SER B 38 31.13 22.89 -11.22
CA SER B 38 30.95 21.93 -12.34
C SER B 38 32.24 21.95 -13.17
N ILE B 39 32.64 20.79 -13.62
CA ILE B 39 33.82 20.61 -14.46
C ILE B 39 33.48 19.64 -15.61
N PRO B 40 34.12 19.91 -16.74
CA PRO B 40 33.93 19.04 -17.92
C PRO B 40 34.53 17.67 -17.59
N GLN B 41 33.96 16.67 -18.22
CA GLN B 41 34.45 15.28 -18.04
C GLN B 41 35.78 15.16 -18.78
N SER B 42 36.71 14.49 -18.13
CA SER B 42 38.05 14.24 -18.65
C SER B 42 38.30 12.74 -18.33
N ILE B 43 39.44 12.26 -18.75
CA ILE B 43 39.83 10.88 -18.54
C ILE B 43 39.81 10.57 -17.02
N SER B 44 40.13 11.58 -16.26
CA SER B 44 40.15 11.50 -14.80
C SER B 44 38.78 11.05 -14.27
N GLU B 45 37.72 11.63 -14.82
CA GLU B 45 36.38 11.27 -14.39
C GLU B 45 35.66 10.20 -15.16
N THR B 46 36.07 9.87 -16.37
CA THR B 46 35.32 8.92 -17.19
C THR B 46 35.89 7.51 -17.17
N THR B 47 36.91 7.32 -16.35
CA THR B 47 37.52 5.98 -16.22
C THR B 47 37.33 5.63 -14.71
N GLY B 48 37.66 4.40 -14.42
CA GLY B 48 37.58 3.85 -13.07
C GLY B 48 38.10 2.39 -13.15
N PRO B 49 38.19 1.82 -11.97
CA PRO B 49 38.68 0.44 -11.81
C PRO B 49 37.74 -0.61 -12.33
N ASN B 50 38.36 -1.68 -12.78
CA ASN B 50 37.69 -2.89 -13.29
C ASN B 50 38.19 -4.02 -12.32
N PHE B 51 37.23 -4.59 -11.64
CA PHE B 51 37.48 -5.62 -10.64
C PHE B 51 37.46 -7.05 -11.14
N SER B 52 37.54 -7.24 -12.45
CA SER B 52 37.51 -8.60 -13.00
C SER B 52 38.54 -9.52 -12.40
N HIS B 53 39.71 -9.03 -12.12
CA HIS B 53 40.80 -9.84 -11.57
C HIS B 53 40.87 -9.88 -10.08
N LEU B 54 39.85 -9.32 -9.43
CA LEU B 54 39.85 -9.38 -7.93
C LEU B 54 39.54 -10.85 -7.60
N GLY B 55 40.33 -11.39 -6.70
CA GLY B 55 40.17 -12.80 -6.29
C GLY B 55 39.07 -12.94 -5.25
N PHE B 56 37.86 -13.21 -5.72
CA PHE B 56 36.72 -13.39 -4.79
C PHE B 56 36.68 -14.83 -4.23
N GLY B 57 36.41 -14.89 -2.95
CA GLY B 57 36.23 -16.17 -2.23
C GLY B 57 34.86 -16.73 -2.69
N ALA B 58 34.76 -18.04 -2.50
CA ALA B 58 33.63 -18.86 -2.81
C ALA B 58 32.30 -18.38 -2.25
N HIS B 59 32.32 -17.89 -1.03
CA HIS B 59 31.04 -17.43 -0.41
C HIS B 59 30.98 -15.93 -0.21
N ASP B 60 31.73 -15.18 -0.97
CA ASP B 60 31.79 -13.71 -0.91
C ASP B 60 30.37 -13.10 -0.96
N HIS B 61 29.53 -13.74 -1.72
CA HIS B 61 28.13 -13.30 -1.92
C HIS B 61 27.11 -14.06 -1.13
N ASP B 62 27.58 -14.99 -0.26
CA ASP B 62 26.63 -15.79 0.52
C ASP B 62 26.73 -15.50 2.02
N LEU B 63 25.91 -14.56 2.48
CA LEU B 63 25.94 -14.16 3.89
C LEU B 63 25.50 -15.26 4.83
N LEU B 64 24.98 -16.35 4.30
CA LEU B 64 24.56 -17.51 5.06
C LEU B 64 25.78 -18.38 5.44
N LEU B 65 26.82 -18.38 4.64
CA LEU B 65 28.01 -19.16 4.89
C LEU B 65 29.29 -18.37 5.06
N ASN B 66 29.31 -17.08 4.74
CA ASN B 66 30.59 -16.38 4.80
C ASN B 66 31.03 -15.99 6.18
N PHE B 67 30.32 -16.24 7.22
CA PHE B 67 30.79 -15.88 8.58
C PHE B 67 30.80 -17.26 9.36
N GLY B 71 27.38 -22.84 12.17
CA GLY B 71 25.95 -22.57 12.32
C GLY B 71 25.40 -21.66 11.23
N LEU B 72 24.09 -21.68 11.17
CA LEU B 72 23.30 -20.88 10.19
C LEU B 72 22.82 -19.68 11.00
N PRO B 73 22.78 -18.53 10.32
CA PRO B 73 22.30 -17.30 11.01
C PRO B 73 20.82 -17.49 11.26
N ILE B 74 20.31 -16.78 12.24
CA ILE B 74 18.88 -16.83 12.55
C ILE B 74 18.26 -15.67 11.75
N GLY B 75 17.13 -15.94 11.13
CA GLY B 75 16.46 -14.84 10.34
C GLY B 75 15.84 -15.38 9.09
N GLU B 76 15.17 -14.45 8.40
CA GLU B 76 14.48 -14.79 7.14
C GLU B 76 15.48 -15.00 6.02
N ARG B 77 15.63 -16.17 5.55
CA ARG B 77 16.54 -16.52 4.44
C ARG B 77 15.95 -15.87 3.17
N ILE B 78 16.80 -15.08 2.54
CA ILE B 78 16.39 -14.43 1.29
C ILE B 78 17.56 -14.33 0.32
N ILE B 79 17.09 -14.30 -0.93
CA ILE B 79 17.98 -14.05 -2.06
C ILE B 79 17.64 -12.55 -2.47
N VAL B 80 18.69 -11.81 -2.60
CA VAL B 80 18.60 -10.40 -3.09
C VAL B 80 19.39 -10.48 -4.46
N ALA B 81 18.61 -10.24 -5.49
CA ALA B 81 19.16 -10.33 -6.85
C ALA B 81 18.55 -9.23 -7.73
N GLY B 82 19.33 -8.99 -8.80
CA GLY B 82 18.84 -7.97 -9.77
C GLY B 82 19.89 -7.82 -10.85
N ARG B 83 19.66 -6.70 -11.51
CA ARG B 83 20.51 -6.30 -12.64
C ARG B 83 20.94 -4.85 -12.51
N VAL B 84 22.16 -4.65 -12.97
CA VAL B 84 22.77 -3.30 -13.02
C VAL B 84 22.77 -2.91 -14.51
N VAL B 85 22.14 -1.81 -14.80
CA VAL B 85 22.04 -1.23 -16.12
C VAL B 85 22.29 0.31 -15.97
N ASP B 86 22.53 0.87 -17.16
CA ASP B 86 22.75 2.34 -17.25
C ASP B 86 21.40 2.96 -17.67
N GLN B 87 21.36 4.29 -17.71
CA GLN B 87 20.16 5.03 -18.10
C GLN B 87 19.66 4.65 -19.48
N TYR B 88 20.52 4.22 -20.39
CA TYR B 88 20.07 3.81 -21.73
C TYR B 88 19.54 2.37 -21.71
N GLY B 89 19.55 1.74 -20.57
CA GLY B 89 19.10 0.37 -20.36
C GLY B 89 20.15 -0.67 -20.78
N LYS B 90 21.39 -0.29 -20.87
CA LYS B 90 22.48 -1.22 -21.31
C LYS B 90 23.04 -1.86 -20.04
N PRO B 91 23.21 -3.18 -20.11
CA PRO B 91 23.71 -3.96 -18.97
C PRO B 91 25.09 -3.45 -18.55
N VAL B 92 25.41 -3.61 -17.26
CA VAL B 92 26.75 -3.23 -16.77
C VAL B 92 27.39 -4.53 -16.25
N PRO B 93 28.11 -5.15 -17.15
CA PRO B 93 28.79 -6.42 -16.85
C PRO B 93 30.10 -6.22 -16.10
N ASN B 94 30.46 -7.31 -15.42
CA ASN B 94 31.68 -7.36 -14.65
C ASN B 94 31.87 -6.10 -13.78
N THR B 95 30.85 -5.69 -13.09
CA THR B 95 30.97 -4.52 -12.21
C THR B 95 30.85 -5.01 -10.76
N LEU B 96 31.51 -4.27 -9.90
CA LEU B 96 31.53 -4.60 -8.47
C LEU B 96 30.34 -4.07 -7.68
N VAL B 97 29.66 -5.01 -7.05
CA VAL B 97 28.53 -4.76 -6.16
C VAL B 97 28.93 -5.32 -4.74
N GLU B 98 28.93 -4.38 -3.83
CA GLU B 98 29.23 -4.61 -2.44
C GLU B 98 28.00 -4.23 -1.60
N MET B 99 27.79 -4.97 -0.52
CA MET B 99 26.64 -4.76 0.37
C MET B 99 27.03 -5.09 1.82
N TRP B 100 26.32 -4.43 2.73
CA TRP B 100 26.50 -4.61 4.17
C TRP B 100 25.14 -4.36 4.82
N GLN B 101 24.92 -5.02 5.93
CA GLN B 101 23.63 -4.91 6.66
C GLN B 101 23.79 -5.39 8.10
N ALA B 102 22.74 -5.14 8.88
CA ALA B 102 22.57 -5.53 10.25
C ALA B 102 21.99 -7.01 10.13
N ASN B 103 21.96 -7.61 11.31
CA ASN B 103 21.43 -8.99 11.43
C ASN B 103 19.91 -8.86 11.57
N ALA B 104 19.32 -10.00 11.83
CA ALA B 104 17.85 -10.11 11.99
C ALA B 104 17.21 -9.23 13.03
N GLY B 105 17.97 -8.79 14.01
CA GLY B 105 17.56 -7.94 15.08
C GLY B 105 17.89 -6.47 14.93
N GLY B 106 18.56 -6.14 13.84
CA GLY B 106 18.97 -4.76 13.56
C GLY B 106 20.32 -4.39 14.18
N ARG B 107 21.01 -5.41 14.67
CA ARG B 107 22.34 -5.21 15.29
C ARG B 107 23.42 -5.30 14.19
N TYR B 108 24.34 -4.39 14.21
CA TYR B 108 25.44 -4.35 13.23
C TYR B 108 26.70 -4.92 13.92
N ARG B 109 27.47 -5.65 13.15
CA ARG B 109 28.74 -6.24 13.68
C ARG B 109 29.84 -5.22 13.35
N HIS B 110 29.87 -4.22 14.20
CA HIS B 110 30.74 -3.08 14.18
C HIS B 110 30.85 -2.53 15.61
N LYS B 111 32.06 -2.21 15.99
CA LYS B 111 32.50 -1.68 17.25
C LYS B 111 31.48 -0.67 17.88
N ASN B 112 31.18 0.30 17.03
CA ASN B 112 30.35 1.43 17.42
C ASN B 112 28.88 1.11 17.61
N ASP B 113 28.40 -0.07 17.27
CA ASP B 113 26.97 -0.38 17.42
C ASP B 113 26.70 -0.87 18.85
N ARG B 114 26.07 0.03 19.60
CA ARG B 114 25.73 -0.30 20.97
C ARG B 114 24.27 -0.67 21.16
N TYR B 115 23.57 -0.98 20.08
CA TYR B 115 22.12 -1.34 20.26
C TYR B 115 22.08 -2.66 21.03
N LEU B 116 21.09 -2.78 21.89
CA LEU B 116 20.89 -3.94 22.75
C LEU B 116 20.49 -5.22 22.06
N ALA B 117 20.14 -5.20 20.78
CA ALA B 117 19.81 -6.48 20.08
C ALA B 117 21.18 -7.19 20.02
N PRO B 118 21.22 -8.47 20.31
CA PRO B 118 22.47 -9.22 20.33
C PRO B 118 23.01 -9.51 18.94
N LEU B 119 24.29 -9.82 18.93
CA LEU B 119 24.98 -10.20 17.70
C LEU B 119 24.52 -11.63 17.38
N ASP B 120 24.65 -12.03 16.16
CA ASP B 120 24.31 -13.42 15.71
C ASP B 120 25.72 -13.99 15.43
N PRO B 121 26.06 -15.01 16.21
CA PRO B 121 27.37 -15.68 16.10
C PRO B 121 27.70 -16.19 14.71
N ASN B 122 26.66 -16.46 13.90
CA ASN B 122 26.86 -16.97 12.54
C ASN B 122 26.60 -15.94 11.44
N PHE B 123 26.59 -14.66 11.83
CA PHE B 123 26.31 -13.59 10.87
C PHE B 123 27.32 -12.46 10.91
N GLY B 124 27.97 -12.30 9.77
CA GLY B 124 28.97 -11.19 9.57
C GLY B 124 28.22 -9.93 9.04
N GLY B 125 27.59 -10.04 7.90
CA GLY B 125 26.81 -9.04 7.22
C GLY B 125 27.46 -8.27 6.09
N VAL B 126 28.40 -8.87 5.40
CA VAL B 126 29.14 -8.32 4.29
C VAL B 126 29.10 -9.26 3.09
N GLY B 127 28.90 -8.65 1.93
CA GLY B 127 28.91 -9.44 0.67
C GLY B 127 29.44 -8.54 -0.46
N ARG B 128 29.94 -9.15 -1.48
CA ARG B 128 30.48 -8.64 -2.71
C ARG B 128 30.17 -9.68 -3.81
N CME B 129 29.86 -9.14 -4.96
CA CME B 129 29.51 -9.93 -6.15
CB CME B 129 27.98 -10.24 -6.09
SG CME B 129 27.41 -11.04 -7.64
SD CME B 129 28.29 -12.90 -7.64
CE CME B 129 27.07 -13.91 -6.75
CZ CME B 129 26.13 -14.66 -7.66
OH CME B 129 25.63 -13.75 -8.66
C CME B 129 29.89 -9.09 -7.37
O CME B 129 29.73 -7.84 -7.34
N LEU B 130 30.41 -9.76 -8.36
CA LEU B 130 30.78 -9.15 -9.64
C LEU B 130 29.60 -9.50 -10.56
N THR B 131 29.02 -8.46 -11.18
CA THR B 131 27.88 -8.75 -12.07
C THR B 131 28.44 -9.61 -13.19
N ASP B 132 27.62 -10.43 -13.74
CA ASP B 132 27.96 -11.32 -14.86
C ASP B 132 27.79 -10.50 -16.17
N SER B 133 27.96 -11.23 -17.23
CA SER B 133 27.88 -10.81 -18.60
C SER B 133 26.65 -9.94 -18.89
N ASP B 134 25.56 -10.29 -18.26
CA ASP B 134 24.29 -9.64 -18.38
C ASP B 134 23.95 -8.58 -17.32
N GLY B 135 24.92 -8.21 -16.56
CA GLY B 135 24.72 -7.22 -15.48
C GLY B 135 23.99 -7.80 -14.27
N TYR B 136 23.83 -9.13 -14.20
CA TYR B 136 23.16 -9.70 -13.04
C TYR B 136 24.10 -9.95 -11.84
N TYR B 137 23.51 -9.82 -10.68
CA TYR B 137 24.20 -10.09 -9.40
C TYR B 137 23.14 -10.76 -8.50
N SER B 138 23.72 -11.44 -7.49
CA SER B 138 22.82 -12.08 -6.49
C SER B 138 23.60 -12.31 -5.20
N PHE B 139 22.82 -12.22 -4.14
CA PHE B 139 23.31 -12.41 -2.79
C PHE B 139 22.26 -13.29 -2.05
N ARG B 140 22.87 -14.00 -1.11
CA ARG B 140 22.02 -14.82 -0.23
C ARG B 140 22.33 -14.32 1.20
N THR B 141 21.23 -14.00 1.88
CA THR B 141 21.43 -13.44 3.25
C THR B 141 20.14 -13.62 4.04
N ILE B 142 20.08 -12.87 5.14
CA ILE B 142 18.91 -12.86 5.98
C ILE B 142 18.36 -11.41 5.92
N LYS B 143 17.07 -11.29 5.95
CA LYS B 143 16.49 -9.91 5.95
C LYS B 143 16.88 -9.21 7.26
N PRO B 144 17.41 -7.97 7.12
CA PRO B 144 17.81 -7.19 8.27
C PRO B 144 16.57 -6.66 8.99
N GLY B 145 16.79 -6.39 10.28
CA GLY B 145 15.67 -5.83 11.10
C GLY B 145 15.96 -4.28 11.16
N PRO B 146 14.89 -3.56 11.39
CA PRO B 146 15.00 -2.10 11.53
C PRO B 146 15.81 -1.88 12.81
N TYR B 147 16.18 -0.64 13.02
CA TYR B 147 16.93 -0.27 14.21
C TYR B 147 16.82 1.23 14.51
N PRO B 148 16.84 1.44 15.83
CA PRO B 148 16.73 2.80 16.39
C PRO B 148 18.05 3.53 16.15
N TRP B 149 17.96 4.84 16.03
CA TRP B 149 19.19 5.64 15.81
C TRP B 149 18.93 6.99 16.46
N ARG B 150 20.01 7.62 16.88
CA ARG B 150 19.86 8.91 17.58
C ARG B 150 19.65 10.09 16.66
N ASN B 151 18.51 10.24 16.06
CA ASN B 151 18.15 11.36 15.19
C ASN B 151 17.11 12.17 16.03
N GLY B 152 15.87 11.85 15.78
CA GLY B 152 14.75 12.42 16.61
C GLY B 152 14.75 11.45 17.84
N PRO B 153 13.89 11.73 18.78
CA PRO B 153 13.75 10.91 20.00
C PRO B 153 13.18 9.52 19.70
N ASN B 154 12.48 9.34 18.56
CA ASN B 154 11.95 7.99 18.28
C ASN B 154 12.12 7.62 16.82
N ASP B 155 13.33 7.71 16.32
CA ASP B 155 13.63 7.37 14.92
C ASP B 155 14.05 5.90 14.77
N TRP B 156 13.58 5.32 13.71
CA TRP B 156 13.87 3.90 13.38
C TRP B 156 14.13 3.79 11.86
N ARG B 157 15.34 3.32 11.54
CA ARG B 157 15.62 3.12 10.10
C ARG B 157 14.73 1.89 9.71
N PRO B 158 14.13 1.96 8.54
CA PRO B 158 13.41 0.80 7.98
C PRO B 158 14.50 -0.29 7.75
N ALA B 159 14.04 -1.55 7.68
CA ALA B 159 15.03 -2.62 7.40
C ALA B 159 15.56 -2.20 5.99
N HIS B 160 16.85 -2.33 5.89
CA HIS B 160 17.60 -1.99 4.69
C HIS B 160 18.96 -2.66 4.54
N ILE B 161 19.36 -2.75 3.27
CA ILE B 161 20.71 -3.27 2.98
C ILE B 161 21.53 -2.13 2.35
N HIS B 162 22.76 -1.95 2.83
CA HIS B 162 23.62 -0.87 2.21
C HIS B 162 24.22 -1.41 0.92
N PHE B 163 24.17 -0.58 -0.15
CA PHE B 163 24.77 -1.03 -1.44
C PHE B 163 25.84 -0.09 -1.96
N GLY B 164 26.83 -0.68 -2.60
CA GLY B 164 27.95 0.08 -3.23
C GLY B 164 28.08 -0.54 -4.63
N ILE B 165 28.07 0.28 -5.64
CA ILE B 165 28.21 -0.18 -7.03
C ILE B 165 29.29 0.68 -7.73
N SER B 166 30.26 0.02 -8.34
CA SER B 166 31.38 0.71 -8.99
C SER B 166 30.99 1.34 -10.33
N GLY B 167 30.54 0.47 -11.23
CA GLY B 167 30.17 0.89 -12.58
C GLY B 167 31.48 1.06 -13.36
N PRO B 168 31.30 1.57 -14.58
CA PRO B 168 32.40 1.77 -15.52
C PRO B 168 33.35 2.85 -15.17
N SER B 169 33.03 3.77 -14.28
CA SER B 169 33.99 4.86 -13.95
C SER B 169 33.68 5.45 -12.58
N ILE B 170 34.54 6.36 -12.14
CA ILE B 170 34.34 7.02 -10.85
C ILE B 170 33.13 7.92 -10.91
N ALA B 171 32.75 8.25 -12.16
CA ALA B 171 31.53 9.14 -12.37
C ALA B 171 30.23 8.38 -12.11
N THR B 172 30.25 7.05 -12.33
CA THR B 172 29.11 6.20 -12.09
C THR B 172 29.00 5.66 -10.64
N LYS B 173 30.14 5.59 -9.98
CA LYS B 173 30.20 5.01 -8.63
C LYS B 173 29.11 5.56 -7.73
N LEU B 174 28.38 4.64 -7.09
CA LEU B 174 27.27 5.01 -6.22
C LEU B 174 27.12 4.15 -4.97
N ILE B 175 26.67 4.83 -3.91
CA ILE B 175 26.35 4.19 -2.64
C ILE B 175 24.84 4.52 -2.38
N THR B 176 24.09 3.48 -2.16
CA THR B 176 22.66 3.62 -1.88
C THR B 176 22.25 2.61 -0.80
N GLN B 177 20.93 2.53 -0.60
CA GLN B 177 20.32 1.62 0.37
C GLN B 177 19.08 1.02 -0.35
N LEU B 178 18.94 -0.25 -0.12
CA LEU B 178 17.78 -1.04 -0.61
C LEU B 178 16.79 -1.08 0.58
N TYR B 179 15.53 -0.87 0.29
CA TYR B 179 14.45 -0.94 1.32
C TYR B 179 13.55 -2.09 0.89
N PHE B 180 12.72 -2.61 1.76
CA PHE B 180 11.87 -3.76 1.43
C PHE B 180 10.41 -3.34 1.23
N GLU B 181 9.84 -3.90 0.21
CA GLU B 181 8.44 -3.67 -0.18
C GLU B 181 7.49 -3.79 1.01
N GLY B 182 6.61 -2.82 1.13
CA GLY B 182 5.60 -2.67 2.11
C GLY B 182 6.03 -2.22 3.49
N ASP B 183 7.31 -2.08 3.76
CA ASP B 183 7.80 -1.62 5.10
C ASP B 183 7.23 -0.26 5.46
N PRO B 184 6.42 -0.25 6.53
CA PRO B 184 5.74 0.99 7.00
C PRO B 184 6.65 2.03 7.57
N LEU B 185 7.90 1.62 7.84
CA LEU B 185 8.88 2.59 8.38
C LEU B 185 9.42 3.55 7.31
N ILE B 186 9.40 3.11 6.06
CA ILE B 186 9.88 3.82 4.92
C ILE B 186 9.54 5.30 4.85
N PRO B 187 8.26 5.60 4.85
CA PRO B 187 7.80 6.98 4.76
C PRO B 187 8.15 7.80 5.98
N MET B 188 8.58 7.17 7.06
CA MET B 188 8.83 8.03 8.26
C MET B 188 10.31 8.34 8.41
N CYS B 189 11.08 7.73 7.54
CA CYS B 189 12.54 7.89 7.67
C CYS B 189 13.07 9.18 7.07
N PRO B 190 13.74 9.92 7.95
CA PRO B 190 14.36 11.19 7.58
C PRO B 190 15.46 10.97 6.52
N ILE B 191 16.06 9.79 6.52
CA ILE B 191 17.12 9.52 5.53
C ILE B 191 16.49 9.22 4.15
N VAL B 192 15.35 8.54 4.24
CA VAL B 192 14.63 8.20 2.97
C VAL B 192 14.17 9.57 2.42
N LYS B 193 13.64 10.35 3.33
CA LYS B 193 13.09 11.66 3.04
C LYS B 193 14.13 12.66 2.59
N SER B 194 15.41 12.27 2.63
CA SER B 194 16.43 13.22 2.10
C SER B 194 16.11 13.31 0.60
N ILE B 195 15.43 12.29 0.08
CA ILE B 195 15.01 12.23 -1.30
C ILE B 195 13.68 12.99 -1.46
N ALA B 196 13.69 14.18 -2.00
CA ALA B 196 12.49 14.98 -2.21
C ALA B 196 11.41 14.37 -3.07
N ASN B 197 11.70 13.65 -4.10
CA ASN B 197 10.67 13.05 -4.98
C ASN B 197 10.32 11.59 -4.65
N PRO B 198 9.05 11.38 -4.35
CA PRO B 198 8.47 10.09 -4.01
C PRO B 198 8.77 9.01 -5.03
N GLU B 199 8.79 9.45 -6.29
CA GLU B 199 9.12 8.53 -7.39
C GLU B 199 10.54 8.04 -7.24
N ALA B 200 11.44 8.89 -6.77
CA ALA B 200 12.85 8.49 -6.57
C ALA B 200 12.94 7.44 -5.46
N VAL B 201 12.11 7.60 -4.43
CA VAL B 201 12.03 6.72 -3.28
C VAL B 201 11.66 5.29 -3.71
N GLN B 202 10.76 5.24 -4.69
CA GLN B 202 10.28 3.99 -5.25
C GLN B 202 11.40 3.14 -5.84
N GLN B 203 12.37 3.84 -6.41
CA GLN B 203 13.50 3.17 -7.07
C GLN B 203 14.33 2.36 -6.05
N LEU B 204 14.24 2.73 -4.79
CA LEU B 204 15.06 2.04 -3.76
C LEU B 204 14.34 0.88 -3.10
N ILE B 205 13.09 0.63 -3.44
CA ILE B 205 12.32 -0.41 -2.83
C ILE B 205 12.43 -1.73 -3.61
N ALA B 206 12.97 -2.73 -2.92
CA ALA B 206 13.10 -4.10 -3.50
C ALA B 206 11.70 -4.74 -3.46
N LYS B 207 11.40 -5.42 -4.56
CA LYS B 207 10.07 -6.06 -4.70
C LYS B 207 10.21 -7.57 -4.39
N LEU B 208 9.19 -8.04 -3.71
CA LEU B 208 9.18 -9.51 -3.42
C LEU B 208 9.17 -10.19 -4.79
N ASP B 209 9.93 -11.26 -4.86
CA ASP B 209 10.04 -11.99 -6.17
C ASP B 209 9.92 -13.50 -5.96
N MET B 210 8.68 -13.92 -5.95
CA MET B 210 8.33 -15.34 -5.76
C MET B 210 8.93 -16.23 -6.82
N ASN B 211 9.12 -15.67 -8.00
CA ASN B 211 9.67 -16.41 -9.14
C ASN B 211 11.10 -16.88 -8.87
N ASN B 212 11.83 -16.13 -8.09
CA ASN B 212 13.26 -16.45 -7.83
C ASN B 212 13.46 -17.18 -6.51
N ALA B 213 12.35 -17.33 -5.78
CA ALA B 213 12.50 -17.99 -4.45
C ALA B 213 12.80 -19.48 -4.65
N ASN B 214 13.30 -20.07 -3.61
CA ASN B 214 13.58 -21.57 -3.57
C ASN B 214 12.51 -22.07 -2.58
N PRO B 215 11.55 -22.79 -3.10
CA PRO B 215 10.43 -23.34 -2.31
C PRO B 215 10.97 -24.16 -1.14
N MET B 216 10.31 -23.98 -0.01
CA MET B 216 10.69 -24.64 1.25
C MET B 216 12.11 -24.25 1.60
N ASP B 217 12.59 -23.08 1.18
CA ASP B 217 14.00 -22.69 1.51
C ASP B 217 14.15 -21.25 1.88
N CYS B 218 14.03 -20.40 0.82
CA CYS B 218 14.16 -18.95 1.01
C CYS B 218 13.35 -18.23 -0.09
N LEU B 219 13.05 -17.01 0.32
CA LEU B 219 12.30 -16.08 -0.54
C LEU B 219 13.37 -15.29 -1.33
N ALA B 220 12.80 -14.41 -2.18
CA ALA B 220 13.70 -13.58 -3.02
C ALA B 220 13.05 -12.18 -3.24
N TYR B 221 13.96 -11.24 -3.34
CA TYR B 221 13.73 -9.84 -3.60
C TYR B 221 14.58 -9.44 -4.83
N ARG B 222 13.92 -8.55 -5.59
CA ARG B 222 14.56 -8.06 -6.85
C ARG B 222 14.91 -6.58 -6.65
N PHE B 223 16.16 -6.28 -6.91
CA PHE B 223 16.63 -4.87 -6.79
C PHE B 223 17.45 -4.51 -8.04
N ASP B 224 16.79 -3.78 -8.95
CA ASP B 224 17.59 -3.39 -10.17
C ASP B 224 18.21 -2.01 -9.86
N ILE B 225 19.38 -1.82 -10.36
CA ILE B 225 20.14 -0.59 -10.16
C ILE B 225 20.42 0.06 -11.51
N VAL B 226 20.18 1.35 -11.56
CA VAL B 226 20.46 2.13 -12.78
C VAL B 226 21.58 3.13 -12.51
N LEU B 227 22.63 2.95 -13.29
CA LEU B 227 23.80 3.85 -13.23
C LEU B 227 23.67 4.90 -14.37
N ARG B 228 24.40 5.98 -14.23
CA ARG B 228 24.42 7.07 -15.22
C ARG B 228 24.67 6.46 -16.62
N GLY B 229 23.93 7.05 -17.57
CA GLY B 229 24.00 6.60 -18.99
C GLY B 229 25.39 6.87 -19.55
N GLN B 230 25.88 5.88 -20.27
CA GLN B 230 27.18 5.98 -20.91
C GLN B 230 27.00 6.15 -22.45
N ARG B 231 27.65 7.20 -22.95
CA ARG B 231 27.56 7.41 -24.40
C ARG B 231 28.99 7.68 -24.92
N LYS B 232 29.05 7.51 -26.26
CA LYS B 232 30.36 7.77 -26.93
C LYS B 232 30.39 9.32 -27.06
N THR B 233 31.58 9.85 -27.15
CA THR B 233 31.80 11.29 -27.35
C THR B 233 31.46 11.50 -28.86
N HIS B 234 31.09 12.72 -29.13
CA HIS B 234 30.71 13.05 -30.54
C HIS B 234 30.91 14.54 -30.76
N PHE B 235 31.46 14.82 -31.93
CA PHE B 235 31.74 16.18 -32.38
C PHE B 235 32.45 16.94 -31.27
N GLU B 236 33.34 16.28 -30.55
CA GLU B 236 33.98 17.04 -29.47
C GLU B 236 35.17 17.87 -29.96
N PRO C 1 0.06 2.84 9.83
CA PRO C 1 0.35 2.92 11.28
C PRO C 1 -0.76 3.55 12.06
N ILE C 2 -0.62 3.57 13.36
CA ILE C 2 -1.61 4.19 14.24
C ILE C 2 -1.21 5.69 14.39
N GLU C 3 -2.19 6.53 14.21
CA GLU C 3 -2.03 7.99 14.39
C GLU C 3 -3.04 8.43 15.46
N LEU C 4 -2.56 9.17 16.42
CA LEU C 4 -3.34 9.77 17.52
C LEU C 4 -3.83 11.16 17.02
N LEU C 5 -4.53 11.88 17.90
CA LEU C 5 -4.93 13.25 17.57
C LEU C 5 -3.54 13.98 17.51
N PRO C 6 -3.47 14.91 16.57
CA PRO C 6 -2.26 15.71 16.43
C PRO C 6 -2.31 16.73 17.59
N GLU C 7 -1.11 17.02 18.06
CA GLU C 7 -0.99 18.01 19.15
C GLU C 7 -1.26 19.41 18.51
N THR C 8 -1.82 20.24 19.36
CA THR C 8 -2.01 21.66 18.96
C THR C 8 -0.60 22.21 18.65
N PRO C 9 -0.52 22.83 17.49
CA PRO C 9 0.75 23.42 17.01
C PRO C 9 1.14 24.63 17.88
N SER C 10 2.47 24.74 18.08
CA SER C 10 3.04 25.88 18.81
C SER C 10 2.98 27.15 17.90
N GLN C 11 3.10 28.27 18.57
CA GLN C 11 3.17 29.60 17.99
C GLN C 11 4.09 30.45 18.89
N THR C 12 4.82 31.33 18.30
CA THR C 12 5.73 32.25 19.03
C THR C 12 4.85 32.95 20.11
N ALA C 13 5.51 33.30 21.17
CA ALA C 13 4.83 33.97 22.31
C ALA C 13 4.58 35.43 21.95
N GLY C 14 5.38 35.93 21.05
CA GLY C 14 5.31 37.32 20.60
C GLY C 14 6.03 38.20 21.66
N PRO C 15 6.16 39.49 21.30
CA PRO C 15 6.77 40.49 22.12
C PRO C 15 6.00 40.93 23.35
N TYR C 16 4.72 40.63 23.45
CA TYR C 16 3.87 41.01 24.55
C TYR C 16 3.57 39.93 25.54
N VAL C 17 4.36 38.85 25.50
CA VAL C 17 4.22 37.72 26.41
C VAL C 17 4.11 38.18 27.86
N HIS C 18 4.84 39.23 28.19
CA HIS C 18 4.87 39.84 29.52
C HIS C 18 3.50 40.18 30.05
N ILE C 19 2.63 40.67 29.17
CA ILE C 19 1.28 41.01 29.68
C ILE C 19 0.55 39.82 30.24
N GLY C 20 0.75 38.66 29.66
CA GLY C 20 0.13 37.43 30.12
C GLY C 20 0.90 36.65 31.20
N LEU C 21 2.21 36.65 31.12
CA LEU C 21 3.03 35.85 32.04
C LEU C 21 4.05 36.53 32.88
N ALA C 22 4.22 37.80 32.82
CA ALA C 22 5.21 38.60 33.54
C ALA C 22 4.68 40.04 33.67
N LEU C 23 3.54 40.13 34.33
CA LEU C 23 2.79 41.32 34.59
C LEU C 23 3.62 42.54 34.96
N GLU C 24 4.42 42.40 35.97
CA GLU C 24 5.32 43.43 36.48
C GLU C 24 6.13 43.99 35.31
N ALA C 25 6.75 43.10 34.55
CA ALA C 25 7.58 43.44 33.40
C ALA C 25 6.86 44.24 32.35
N ALA C 26 5.61 43.90 32.09
CA ALA C 26 4.77 44.57 31.08
C ALA C 26 4.47 46.01 31.49
N GLY C 27 4.72 46.23 32.77
CA GLY C 27 4.49 47.50 33.47
C GLY C 27 3.01 47.56 33.88
N ASN C 28 2.47 46.39 34.18
CA ASN C 28 1.07 46.28 34.59
C ASN C 28 0.92 45.84 36.05
N PRO C 29 -0.25 46.16 36.58
CA PRO C 29 -0.58 45.76 37.96
C PRO C 29 -0.58 44.21 37.94
N THR C 30 -0.08 43.65 39.02
CA THR C 30 -0.05 42.18 39.16
C THR C 30 -1.27 41.79 39.99
N ARG C 31 -1.56 40.52 39.99
CA ARG C 31 -2.69 39.96 40.77
C ARG C 31 -2.11 39.50 42.12
N ASP C 32 -2.95 39.07 43.00
CA ASP C 32 -2.66 38.58 44.35
C ASP C 32 -1.51 37.57 44.34
N GLN C 33 -1.67 36.58 43.48
CA GLN C 33 -0.64 35.52 43.38
C GLN C 33 -0.10 35.42 41.95
N GLU C 34 1.22 35.51 41.87
CA GLU C 34 1.96 35.46 40.62
C GLU C 34 3.10 34.45 40.66
N ILE C 35 3.28 33.78 39.55
CA ILE C 35 4.37 32.80 39.40
C ILE C 35 5.58 33.62 38.94
N TRP C 36 6.57 33.73 39.82
CA TRP C 36 7.75 34.55 39.49
C TRP C 36 9.08 33.91 39.67
N ASN C 37 10.15 34.67 39.79
CA ASN C 37 11.52 34.19 39.84
C ASN C 37 12.17 33.86 41.17
N ARG C 38 11.38 33.72 42.19
CA ARG C 38 11.87 33.41 43.56
C ARG C 38 11.41 32.02 43.97
N LEU C 39 12.15 31.02 43.59
CA LEU C 39 11.81 29.62 43.87
C LEU C 39 11.93 29.28 45.35
N ALA C 40 12.95 29.84 45.99
CA ALA C 40 13.17 29.56 47.41
C ALA C 40 12.99 30.73 48.34
N LYS C 41 12.43 30.40 49.50
CA LYS C 41 12.26 31.40 50.60
C LYS C 41 13.58 31.28 51.39
N PRO C 42 13.95 32.32 52.09
CA PRO C 42 15.19 32.35 52.84
C PRO C 42 15.40 31.14 53.72
N ASP C 43 14.31 30.69 54.29
CA ASP C 43 14.33 29.53 55.22
C ASP C 43 14.32 28.21 54.51
N ALA C 44 14.61 28.20 53.21
CA ALA C 44 14.61 26.94 52.45
C ALA C 44 15.98 26.25 52.55
N PRO C 45 15.89 24.94 52.81
CA PRO C 45 17.08 24.09 52.91
C PRO C 45 17.80 24.12 51.56
N GLY C 46 19.11 23.93 51.62
CA GLY C 46 19.97 23.89 50.45
C GLY C 46 20.85 25.13 50.38
N GLU C 47 21.71 25.12 49.37
CA GLU C 47 22.63 26.22 49.12
C GLU C 47 21.92 27.28 48.24
N HIS C 48 21.57 28.37 48.85
CA HIS C 48 20.93 29.51 48.20
C HIS C 48 21.87 30.13 47.17
N ILE C 49 21.32 30.28 45.98
CA ILE C 49 22.06 30.82 44.85
C ILE C 49 21.21 31.80 44.04
N LEU C 50 21.94 32.59 43.30
CA LEU C 50 21.38 33.57 42.37
C LEU C 50 21.86 33.12 40.96
N LEU C 51 20.91 33.06 40.09
CA LEU C 51 21.22 32.70 38.67
C LEU C 51 20.84 33.98 37.87
N LEU C 52 21.70 34.22 36.90
CA LEU C 52 21.52 35.35 35.98
C LEU C 52 22.17 35.02 34.65
N GLY C 53 21.63 35.62 33.59
CA GLY C 53 22.13 35.45 32.26
C GLY C 53 21.44 36.44 31.30
N GLN C 54 22.03 36.37 30.12
CA GLN C 54 21.66 37.12 28.94
C GLN C 54 21.41 36.08 27.82
N VAL C 55 20.57 36.52 26.92
CA VAL C 55 20.15 35.77 25.75
C VAL C 55 20.61 36.56 24.51
N TYR C 56 21.33 35.88 23.66
CA TYR C 56 21.85 36.39 22.43
C TYR C 56 21.27 35.68 21.20
N ASP C 57 21.00 36.51 20.21
CA ASP C 57 20.53 36.08 18.91
C ASP C 57 21.78 35.78 18.06
N GLY C 58 21.59 35.29 16.87
CA GLY C 58 22.59 34.92 15.92
C GLY C 58 23.53 36.03 15.50
N ASN C 59 23.14 37.29 15.69
CA ASN C 59 23.93 38.45 15.38
C ASN C 59 24.76 38.88 16.58
N GLY C 60 24.59 38.22 17.67
CA GLY C 60 25.33 38.52 18.91
C GLY C 60 24.61 39.65 19.66
N HIS C 61 23.37 39.87 19.31
CA HIS C 61 22.55 40.91 19.95
C HIS C 61 21.69 40.31 21.06
N LEU C 62 21.56 41.07 22.15
CA LEU C 62 20.75 40.67 23.28
C LEU C 62 19.27 40.51 22.80
N VAL C 63 18.65 39.52 23.32
CA VAL C 63 17.20 39.24 23.09
C VAL C 63 16.54 39.75 24.39
N ARG C 64 16.07 40.99 24.31
CA ARG C 64 15.48 41.71 25.40
C ARG C 64 14.04 41.41 25.68
N ASP C 65 13.41 40.56 24.93
CA ASP C 65 12.00 40.23 25.17
C ASP C 65 11.84 38.74 25.49
N SER C 66 12.94 38.09 25.87
CA SER C 66 12.81 36.64 26.19
C SER C 66 12.08 36.39 27.51
N PHE C 67 11.41 35.26 27.57
CA PHE C 67 10.64 34.71 28.67
C PHE C 67 11.15 33.26 28.94
N LEU C 68 11.50 33.02 30.17
CA LEU C 68 12.03 31.74 30.64
C LEU C 68 11.22 31.13 31.78
N GLU C 69 11.11 29.83 31.66
CA GLU C 69 10.44 28.96 32.61
C GLU C 69 11.46 27.89 33.06
N VAL C 70 11.52 27.70 34.37
CA VAL C 70 12.47 26.76 34.96
C VAL C 70 11.79 25.64 35.75
N TRP C 71 12.45 24.51 35.76
CA TRP C 71 12.03 23.31 36.49
C TRP C 71 13.33 22.65 37.03
N GLN C 72 13.28 22.48 38.33
CA GLN C 72 14.38 21.89 39.09
C GLN C 72 13.93 21.15 40.35
N ALA C 73 14.81 20.19 40.72
CA ALA C 73 14.58 19.45 41.99
C ALA C 73 15.06 20.41 43.12
N ASP C 74 14.58 20.10 44.30
CA ASP C 74 14.98 20.84 45.53
C ASP C 74 16.39 20.30 45.88
N ALA C 75 16.88 20.83 47.00
CA ALA C 75 18.21 20.44 47.49
C ALA C 75 18.29 18.94 47.71
N ASN C 76 17.20 18.29 48.04
CA ASN C 76 17.19 16.83 48.27
C ASN C 76 17.00 16.02 47.01
N GLY C 77 17.10 16.68 45.86
CA GLY C 77 16.93 16.03 44.57
C GLY C 77 15.47 15.60 44.40
N GLU C 78 14.52 16.33 44.91
CA GLU C 78 13.12 16.03 44.74
C GLU C 78 12.33 17.17 44.08
N TYR C 79 11.48 16.72 43.17
CA TYR C 79 10.60 17.63 42.41
C TYR C 79 9.30 17.90 43.19
N GLN C 80 9.21 19.17 43.58
CA GLN C 80 8.06 19.68 44.31
C GLN C 80 7.04 20.22 43.29
N ASP C 81 6.15 19.39 42.85
CA ASP C 81 5.17 19.69 41.85
C ASP C 81 3.97 20.44 42.35
N ALA C 82 3.75 20.40 43.66
CA ALA C 82 2.60 21.12 44.23
C ALA C 82 3.02 22.58 44.43
N TYR C 83 2.72 23.38 43.39
CA TYR C 83 3.03 24.80 43.40
C TYR C 83 2.18 25.56 44.44
N ASN C 84 2.86 26.27 45.30
CA ASN C 84 2.23 27.05 46.37
C ASN C 84 3.20 28.12 46.88
N LEU C 85 2.68 29.32 46.91
CA LEU C 85 3.37 30.53 47.35
C LEU C 85 3.76 30.44 48.83
N GLU C 86 3.07 29.61 49.56
CA GLU C 86 3.34 29.38 50.99
C GLU C 86 4.56 28.48 51.14
N ASN C 87 4.87 27.67 50.15
CA ASN C 87 6.02 26.75 50.19
C ASN C 87 7.33 27.51 50.38
N ALA C 88 8.25 26.84 51.05
CA ALA C 88 9.60 27.38 51.31
C ALA C 88 10.42 27.24 50.01
N PHE C 89 9.98 26.29 49.21
CA PHE C 89 10.57 25.97 47.92
C PHE C 89 9.52 25.50 46.88
N ASN C 90 9.68 26.08 45.68
CA ASN C 90 8.85 25.69 44.52
C ASN C 90 9.84 25.24 43.44
N SER C 91 9.60 24.13 42.83
CA SER C 91 10.40 23.54 41.77
C SER C 91 10.33 24.30 40.43
N PHE C 92 9.25 25.01 40.25
CA PHE C 92 8.90 25.84 39.11
C PHE C 92 8.99 27.33 39.42
N GLY C 93 9.45 28.04 38.42
CA GLY C 93 9.61 29.48 38.37
C GLY C 93 9.55 30.06 36.93
N ARG C 94 9.42 31.37 36.94
CA ARG C 94 9.38 32.21 35.75
C ARG C 94 10.27 33.43 35.93
N THR C 95 10.86 33.76 34.79
CA THR C 95 11.73 34.95 34.71
C THR C 95 11.69 35.52 33.32
N ALA C 96 12.23 36.71 33.20
CA ALA C 96 12.25 37.41 31.89
C ALA C 96 13.45 38.35 31.86
N THR C 97 13.87 38.70 30.66
CA THR C 97 14.99 39.61 30.44
C THR C 97 14.47 41.07 30.47
N THR C 98 15.34 41.86 31.12
CA THR C 98 15.07 43.31 31.24
C THR C 98 15.23 43.95 29.86
N PHE C 99 14.30 44.85 29.61
CA PHE C 99 14.26 45.60 28.34
C PHE C 99 15.50 46.48 28.27
N ASP C 100 16.06 46.81 29.42
CA ASP C 100 17.29 47.63 29.51
C ASP C 100 18.53 46.74 29.35
N ALA C 101 19.04 46.27 30.47
CA ALA C 101 20.23 45.43 30.54
C ALA C 101 20.05 44.11 29.76
N GLY C 102 18.83 43.61 29.74
CA GLY C 102 18.50 42.38 29.05
C GLY C 102 18.99 41.15 29.79
N GLU C 103 18.93 41.26 31.11
CA GLU C 103 19.40 40.17 31.99
C GLU C 103 18.29 39.63 32.85
N TRP C 104 18.18 38.33 32.95
CA TRP C 104 17.12 37.69 33.77
C TRP C 104 17.83 37.20 35.06
N THR C 105 17.02 37.06 36.09
CA THR C 105 17.53 36.57 37.37
C THR C 105 16.47 35.65 37.95
N LEU C 106 17.04 34.77 38.79
CA LEU C 106 16.24 33.76 39.51
C LEU C 106 16.90 33.52 40.88
N HIS C 107 16.07 33.37 41.87
CA HIS C 107 16.51 33.11 43.27
C HIS C 107 16.02 31.68 43.60
N THR C 108 17.00 30.82 43.80
CA THR C 108 16.72 29.39 44.08
C THR C 108 17.87 28.81 44.91
N VAL C 109 17.87 27.51 44.99
CA VAL C 109 18.86 26.67 45.67
C VAL C 109 19.45 25.71 44.62
N LYS C 110 20.69 25.31 44.85
CA LYS C 110 21.34 24.34 43.92
C LYS C 110 20.55 23.02 44.11
N PRO C 111 20.07 22.48 42.99
CA PRO C 111 19.27 21.27 43.02
C PRO C 111 20.12 20.04 43.40
N GLY C 112 19.41 19.08 44.00
CA GLY C 112 20.00 17.80 44.37
C GLY C 112 20.00 16.91 43.11
N VAL C 113 20.68 15.81 43.18
CA VAL C 113 20.85 14.81 42.16
C VAL C 113 19.61 13.96 42.00
N VAL C 114 19.28 13.67 40.74
CA VAL C 114 18.16 12.82 40.39
C VAL C 114 18.70 11.80 39.37
N ASN C 115 18.05 10.66 39.38
CA ASN C 115 18.49 9.56 38.47
C ASN C 115 17.61 9.58 37.20
N ASN C 116 18.21 9.09 36.15
CA ASN C 116 17.52 8.97 34.85
C ASN C 116 16.64 7.72 34.98
N ALA C 117 15.90 7.46 33.91
CA ALA C 117 14.98 6.33 33.83
C ALA C 117 15.74 5.02 34.09
N ALA C 118 16.94 4.88 33.63
CA ALA C 118 17.73 3.68 33.86
C ALA C 118 18.41 3.64 35.22
N GLY C 119 18.04 4.46 36.17
CA GLY C 119 18.61 4.54 37.49
C GLY C 119 19.97 5.18 37.61
N VAL C 120 20.49 5.81 36.57
CA VAL C 120 21.82 6.49 36.65
C VAL C 120 21.59 7.95 37.09
N PRO C 121 22.40 8.40 38.02
CA PRO C 121 22.31 9.77 38.52
C PRO C 121 22.77 10.75 37.41
N MET C 122 22.00 11.83 37.36
CA MET C 122 22.26 12.95 36.44
C MET C 122 22.96 14.04 37.28
N ALA C 123 23.80 14.80 36.65
CA ALA C 123 24.50 15.91 37.40
C ALA C 123 23.40 16.91 37.75
N PRO C 124 23.62 17.62 38.83
CA PRO C 124 22.62 18.65 39.26
C PRO C 124 22.38 19.56 38.03
N HIS C 125 21.13 19.82 37.78
CA HIS C 125 20.75 20.67 36.63
C HIS C 125 19.35 21.25 36.84
N ILE C 126 19.18 22.36 36.13
CA ILE C 126 17.96 23.12 36.05
C ILE C 126 17.43 23.03 34.59
N ASN C 127 16.18 22.68 34.49
CA ASN C 127 15.53 22.54 33.18
C ASN C 127 14.99 23.94 32.76
N ILE C 128 15.44 24.36 31.59
CA ILE C 128 14.98 25.68 31.09
C ILE C 128 14.24 25.57 29.74
N SER C 129 13.18 26.33 29.68
CA SER C 129 12.32 26.50 28.49
C SER C 129 12.42 28.01 28.16
N LEU C 130 12.82 28.31 26.95
CA LEU C 130 12.97 29.70 26.47
C LEU C 130 11.91 30.01 25.40
N PHE C 131 11.30 31.15 25.60
CA PHE C 131 10.20 31.69 24.75
C PHE C 131 10.50 33.13 24.37
N ALA C 132 10.06 33.51 23.15
CA ALA C 132 10.25 34.88 22.67
C ALA C 132 9.69 35.04 21.23
N ARG C 133 9.53 36.32 20.92
CA ARG C 133 9.06 36.64 19.52
C ARG C 133 10.24 36.15 18.63
N GLY C 134 9.90 35.54 17.52
CA GLY C 134 10.94 35.03 16.64
C GLY C 134 11.14 33.53 16.89
N ILE C 135 10.73 33.06 18.04
CA ILE C 135 10.85 31.65 18.42
C ILE C 135 9.47 31.00 18.27
N ASN C 136 9.35 30.19 17.23
CA ASN C 136 8.13 29.51 16.85
C ASN C 136 7.65 28.44 17.84
N ILE C 137 8.65 27.72 18.36
CA ILE C 137 8.47 26.67 19.36
C ILE C 137 9.63 26.80 20.37
N HIS C 138 9.23 26.84 21.63
CA HIS C 138 10.16 27.04 22.72
C HIS C 138 11.35 26.14 22.65
N LEU C 139 12.46 26.69 23.07
CA LEU C 139 13.75 25.95 23.09
C LEU C 139 13.95 25.35 24.50
N HIS C 140 14.29 24.08 24.44
CA HIS C 140 14.61 23.34 25.71
C HIS C 140 16.15 23.29 25.86
N THR C 141 16.53 23.55 27.14
CA THR C 141 17.93 23.44 27.55
C THR C 141 18.03 23.05 29.04
N ARG C 142 19.27 22.80 29.44
CA ARG C 142 19.65 22.48 30.79
C ARG C 142 20.82 23.36 31.24
N LEU C 143 20.70 23.76 32.50
CA LEU C 143 21.79 24.55 33.12
C LEU C 143 22.48 23.55 34.13
N TYR C 144 23.74 23.38 33.98
CA TYR C 144 24.64 22.58 34.80
C TYR C 144 25.60 23.58 35.48
N PHE C 145 26.29 23.11 36.52
CA PHE C 145 27.20 23.94 37.32
C PHE C 145 28.66 23.55 37.14
N ASP C 146 29.50 24.56 36.97
CA ASP C 146 30.92 24.35 36.74
C ASP C 146 31.62 23.73 37.96
N ASP C 147 31.02 23.84 39.12
CA ASP C 147 31.64 23.28 40.32
C ASP C 147 31.14 21.85 40.55
N GLU C 148 30.61 21.23 39.52
CA GLU C 148 30.12 19.85 39.62
C GLU C 148 30.75 19.06 38.47
N ALA C 149 31.99 19.43 38.24
CA ALA C 149 32.83 18.87 37.22
C ALA C 149 32.72 17.34 37.24
N GLN C 150 32.97 16.80 38.43
CA GLN C 150 32.89 15.32 38.62
C GLN C 150 31.55 14.74 38.22
N ALA C 151 30.48 15.32 38.75
CA ALA C 151 29.13 14.84 38.40
C ALA C 151 28.86 15.02 36.90
N ASN C 152 29.27 16.19 36.43
CA ASN C 152 29.07 16.58 35.04
C ASN C 152 29.72 15.58 34.07
N ALA C 153 30.89 15.15 34.43
CA ALA C 153 31.66 14.23 33.60
C ALA C 153 30.92 12.93 33.38
N LYS C 154 30.10 12.57 34.37
CA LYS C 154 29.37 11.31 34.33
C LYS C 154 27.90 11.42 33.98
N CYS C 155 27.40 12.60 33.73
CA CYS C 155 25.98 12.76 33.42
C CYS C 155 25.65 12.02 32.12
N PRO C 156 24.66 11.14 32.24
CA PRO C 156 24.21 10.36 31.07
C PRO C 156 23.56 11.30 30.03
N VAL C 157 23.16 12.47 30.49
CA VAL C 157 22.50 13.41 29.54
C VAL C 157 23.57 14.24 28.82
N LEU C 158 24.45 14.77 29.65
CA LEU C 158 25.57 15.59 29.10
C LEU C 158 26.36 14.77 28.09
N ASN C 159 26.44 13.47 28.36
CA ASN C 159 27.15 12.51 27.57
C ASN C 159 26.50 12.18 26.25
N LEU C 160 25.26 12.51 26.07
CA LEU C 160 24.52 12.24 24.83
C LEU C 160 24.97 13.21 23.74
N ILE C 161 25.54 14.33 24.16
CA ILE C 161 26.04 15.32 23.21
C ILE C 161 27.38 14.79 22.70
N GLU C 162 27.39 14.43 21.45
CA GLU C 162 28.53 13.92 20.72
C GLU C 162 29.79 14.73 20.94
N GLN C 163 29.76 16.01 20.64
CA GLN C 163 30.92 16.90 20.79
C GLN C 163 31.06 17.53 22.14
N PRO C 164 32.17 17.18 22.81
CA PRO C 164 32.50 17.66 24.14
C PRO C 164 32.48 19.17 24.25
N GLN C 165 32.88 19.82 23.19
CA GLN C 165 32.95 21.30 23.16
C GLN C 165 31.54 21.84 23.35
N ARG C 166 30.60 21.11 22.76
CA ARG C 166 29.19 21.52 22.87
C ARG C 166 28.64 21.39 24.27
N ARG C 167 29.18 20.42 25.04
CA ARG C 167 28.73 20.18 26.41
C ARG C 167 28.95 21.43 27.28
N GLU C 168 30.06 22.08 27.01
CA GLU C 168 30.45 23.28 27.74
C GLU C 168 29.45 24.42 27.67
N THR C 169 28.59 24.41 26.65
CA THR C 169 27.57 25.47 26.49
C THR C 169 26.52 25.41 27.59
N LEU C 170 26.40 24.22 28.19
CA LEU C 170 25.45 23.97 29.25
C LEU C 170 25.95 24.25 30.65
N ILE C 171 27.21 24.58 30.80
CA ILE C 171 27.77 24.83 32.12
C ILE C 171 27.83 26.26 32.60
N ALA C 172 27.00 26.59 33.55
CA ALA C 172 26.97 27.91 34.20
C ALA C 172 28.27 28.10 35.03
N LYS C 173 28.80 29.29 34.97
CA LYS C 173 29.99 29.75 35.60
C LYS C 173 29.68 30.43 36.95
N ARG C 174 30.28 29.80 37.96
CA ARG C 174 30.09 30.25 39.35
C ARG C 174 30.75 31.62 39.51
N CYS C 175 30.04 32.47 40.20
CA CYS C 175 30.50 33.85 40.46
C CYS C 175 29.86 34.30 41.76
N GLU C 176 30.07 35.57 42.05
CA GLU C 176 29.51 36.16 43.27
C GLU C 176 28.90 37.50 42.91
N VAL C 177 27.73 37.74 43.49
CA VAL C 177 26.95 38.97 43.29
C VAL C 177 26.63 39.51 44.69
N ASP C 178 27.25 40.65 44.95
CA ASP C 178 27.13 41.34 46.24
C ASP C 178 27.39 40.33 47.34
N GLY C 179 28.55 39.68 47.16
CA GLY C 179 29.07 38.69 48.09
C GLY C 179 28.23 37.45 48.22
N LYS C 180 27.36 37.24 47.24
CA LYS C 180 26.47 36.05 47.24
C LYS C 180 26.81 35.18 46.04
N THR C 181 26.67 33.89 46.29
CA THR C 181 26.93 32.86 45.29
C THR C 181 25.90 32.97 44.15
N ALA C 182 26.48 33.13 42.97
CA ALA C 182 25.70 33.27 41.73
C ALA C 182 26.37 32.44 40.64
N TYR C 183 25.59 32.16 39.61
CA TYR C 183 26.03 31.41 38.45
C TYR C 183 25.42 32.15 37.22
N ARG C 184 26.30 32.31 36.26
CA ARG C 184 25.95 32.98 35.02
C ARG C 184 25.81 31.91 33.91
N PHE C 185 24.62 31.99 33.36
CA PHE C 185 24.20 31.08 32.28
C PHE C 185 23.66 31.94 31.12
N ASP C 186 24.53 32.20 30.19
CA ASP C 186 24.15 32.98 28.98
C ASP C 186 23.74 31.88 27.96
N ILE C 187 22.76 32.25 27.17
CA ILE C 187 22.26 31.40 26.11
C ILE C 187 22.51 32.09 24.75
N ARG C 188 23.08 31.35 23.85
CA ARG C 188 23.37 31.77 22.49
C ARG C 188 22.47 30.90 21.61
N ILE C 189 21.41 31.56 21.14
CA ILE C 189 20.44 30.89 20.30
C ILE C 189 21.06 30.38 18.99
N GLN C 190 22.05 31.11 18.50
CA GLN C 190 22.64 30.78 17.19
C GLN C 190 24.06 31.24 16.97
N GLY C 191 24.80 30.48 16.18
CA GLY C 191 26.15 30.81 15.80
C GLY C 191 27.21 30.28 16.74
N GLU C 192 28.28 31.03 16.83
CA GLU C 192 29.46 30.74 17.66
C GLU C 192 29.06 30.48 19.11
N GLY C 193 29.38 29.28 19.57
CA GLY C 193 29.04 28.91 20.95
C GLY C 193 27.54 28.72 21.14
N GLU C 194 26.86 28.33 20.07
CA GLU C 194 25.40 28.14 20.18
C GLU C 194 25.08 27.07 21.22
N THR C 195 24.19 27.48 22.11
CA THR C 195 23.71 26.63 23.19
C THR C 195 22.99 25.39 22.65
N VAL C 196 23.31 24.28 23.36
CA VAL C 196 22.67 22.99 23.05
C VAL C 196 21.19 23.11 23.55
N PHE C 197 20.33 22.70 22.71
CA PHE C 197 18.89 22.68 22.90
C PHE C 197 18.49 21.19 22.62
N PHE C 198 17.53 20.75 23.42
CA PHE C 198 17.09 19.38 23.42
C PHE C 198 15.66 19.22 22.87
N ASP C 199 15.41 17.92 22.63
CA ASP C 199 14.13 17.42 22.15
C ASP C 199 13.90 16.16 23.02
N PHE C 200 12.69 16.09 23.48
CA PHE C 200 12.23 14.99 24.34
C PHE C 200 10.67 14.94 24.36
N PRO D 1 6.80 14.54 46.51
CA PRO D 1 7.48 14.95 45.27
C PRO D 1 6.87 14.20 44.08
N ALA D 2 7.20 14.68 42.90
CA ALA D 2 6.70 14.07 41.64
C ALA D 2 7.48 12.81 41.34
N GLN D 3 6.85 11.95 40.56
CA GLN D 3 7.46 10.67 40.17
C GLN D 3 7.38 10.39 38.67
N ASP D 4 8.41 9.68 38.24
CA ASP D 4 8.58 9.28 36.85
C ASP D 4 7.69 8.07 36.58
N ASN D 5 6.43 8.35 36.22
CA ASN D 5 5.52 7.22 35.93
C ASN D 5 4.91 7.30 34.54
N SER D 6 5.22 8.32 33.80
CA SER D 6 4.63 8.53 32.44
C SER D 6 5.70 8.80 31.41
N ARG D 7 5.28 8.62 30.19
CA ARG D 7 6.03 8.83 28.96
C ARG D 7 5.10 9.67 28.06
N PHE D 8 5.72 10.62 27.36
CA PHE D 8 4.90 11.52 26.49
C PHE D 8 5.22 11.16 25.05
N VAL D 9 4.16 11.10 24.27
CA VAL D 9 4.32 10.81 22.82
C VAL D 9 5.30 11.85 22.24
N ILE D 10 6.24 11.40 21.46
CA ILE D 10 7.25 12.29 20.85
C ILE D 10 6.55 13.34 19.97
N ARG D 11 7.09 14.57 20.07
CA ARG D 11 6.52 15.66 19.26
C ARG D 11 6.86 15.48 17.78
N ASP D 12 5.87 15.79 16.99
CA ASP D 12 6.00 15.77 15.50
C ASP D 12 6.45 17.21 15.13
N ARG D 13 7.74 17.28 14.89
CA ARG D 13 8.42 18.52 14.58
C ARG D 13 8.18 19.05 13.17
N ASN D 14 7.46 18.22 12.42
CA ASN D 14 7.05 18.61 11.05
C ASN D 14 5.66 19.18 11.13
N TRP D 15 4.97 18.84 12.24
CA TRP D 15 3.61 19.32 12.43
C TRP D 15 3.69 20.78 12.99
N HIS D 16 4.52 20.89 14.01
CA HIS D 16 4.75 22.21 14.63
C HIS D 16 5.55 23.03 13.59
N PRO D 17 5.55 24.34 13.82
CA PRO D 17 6.34 25.21 12.93
C PRO D 17 7.83 24.89 13.23
N LYS D 18 8.58 25.02 12.18
CA LYS D 18 10.05 24.86 12.25
C LYS D 18 10.59 26.18 12.84
N ALA D 19 11.82 26.13 13.28
CA ALA D 19 12.49 27.28 13.87
C ALA D 19 12.75 28.40 12.83
N LEU D 20 13.32 27.99 11.69
CA LEU D 20 13.70 28.90 10.64
C LEU D 20 12.58 29.02 9.57
N THR D 21 11.91 30.16 9.66
CA THR D 21 10.77 30.46 8.72
C THR D 21 11.01 31.94 8.32
N PRO D 22 11.89 32.08 7.32
CA PRO D 22 12.35 33.36 6.82
C PRO D 22 11.28 34.44 6.64
N ASP D 23 10.08 34.10 6.23
CA ASP D 23 9.02 35.15 6.06
C ASP D 23 8.69 35.84 7.37
N TYR D 24 8.88 35.09 8.48
CA TYR D 24 8.65 35.69 9.83
C TYR D 24 10.10 36.10 10.18
N LYS D 25 10.40 37.31 9.84
CA LYS D 25 11.73 37.91 9.93
C LYS D 25 12.54 37.63 11.15
N THR D 26 11.97 37.83 12.32
CA THR D 26 12.66 37.67 13.60
C THR D 26 13.24 36.29 13.78
N SER D 27 12.59 35.29 13.22
CA SER D 27 12.96 33.91 13.25
C SER D 27 14.34 33.70 12.67
N ILE D 28 14.78 34.54 11.74
CA ILE D 28 16.09 34.34 11.12
C ILE D 28 17.22 34.29 12.14
N ALA D 29 17.29 35.34 12.97
CA ALA D 29 18.34 35.45 13.99
C ALA D 29 18.04 34.73 15.28
N ARG D 30 16.81 34.31 15.46
CA ARG D 30 16.38 33.63 16.66
C ARG D 30 16.09 32.15 16.54
N SER D 31 16.76 31.48 15.62
CA SER D 31 16.57 30.03 15.39
C SER D 31 17.98 29.40 15.43
N PRO D 32 18.05 28.25 16.06
CA PRO D 32 19.34 27.52 16.18
C PRO D 32 19.77 27.10 14.76
N ARG D 33 21.03 26.86 14.60
CA ARG D 33 21.59 26.39 13.30
C ARG D 33 21.99 24.94 13.51
N GLN D 34 22.26 24.57 14.77
CA GLN D 34 22.60 23.19 15.09
C GLN D 34 21.28 22.42 15.31
N ALA D 35 21.32 21.10 15.09
CA ALA D 35 20.13 20.26 15.33
C ALA D 35 19.91 20.12 16.85
N LEU D 36 18.67 19.95 17.22
CA LEU D 36 18.26 19.69 18.61
C LEU D 36 18.88 18.32 19.01
N VAL D 37 19.30 18.21 20.26
CA VAL D 37 19.84 16.91 20.75
C VAL D 37 18.66 16.17 21.41
N SER D 38 18.38 14.99 20.85
CA SER D 38 17.26 14.17 21.41
C SER D 38 17.81 13.48 22.69
N ILE D 39 16.97 13.53 23.71
CA ILE D 39 17.29 12.91 25.00
C ILE D 39 16.09 12.06 25.42
N PRO D 40 16.42 10.95 26.09
CA PRO D 40 15.39 10.02 26.60
C PRO D 40 14.64 10.77 27.71
N GLN D 41 13.39 10.44 27.89
CA GLN D 41 12.56 11.04 28.94
C GLN D 41 13.03 10.45 30.30
N SER D 42 13.09 11.36 31.23
CA SER D 42 13.48 11.17 32.63
C SER D 42 12.47 11.97 33.50
N ILE D 43 12.61 11.80 34.80
CA ILE D 43 11.78 12.46 35.77
C ILE D 43 11.79 13.98 35.57
N SER D 44 12.92 14.49 35.16
CA SER D 44 13.13 15.91 34.89
C SER D 44 12.16 16.41 33.79
N GLU D 45 11.94 15.54 32.79
CA GLU D 45 11.04 15.96 31.68
C GLU D 45 9.62 15.55 31.80
N THR D 46 9.33 14.45 32.47
CA THR D 46 8.00 13.87 32.63
C THR D 46 7.15 14.41 33.75
N THR D 47 7.66 15.30 34.54
CA THR D 47 6.99 15.96 35.66
C THR D 47 6.89 17.47 35.31
N GLY D 48 6.12 18.15 36.11
CA GLY D 48 5.90 19.58 35.97
C GLY D 48 4.99 20.00 37.13
N PRO D 49 4.86 21.32 37.25
CA PRO D 49 4.06 21.91 38.32
C PRO D 49 2.59 21.63 38.15
N ASN D 50 1.96 21.60 39.29
CA ASN D 50 0.52 21.43 39.49
C ASN D 50 0.08 22.78 40.14
N PHE D 51 -0.83 23.45 39.50
CA PHE D 51 -1.31 24.77 39.95
C PHE D 51 -2.60 24.75 40.73
N SER D 52 -3.05 23.58 41.14
CA SER D 52 -4.25 23.40 41.91
C SER D 52 -4.31 24.33 43.14
N HIS D 53 -3.19 24.59 43.76
CA HIS D 53 -3.21 25.46 44.96
C HIS D 53 -2.95 26.89 44.67
N LEU D 54 -2.80 27.27 43.40
CA LEU D 54 -2.56 28.73 43.14
C LEU D 54 -3.87 29.43 43.54
N GLY D 55 -3.71 30.54 44.22
CA GLY D 55 -4.86 31.33 44.67
C GLY D 55 -5.35 32.25 43.55
N PHE D 56 -6.33 31.81 42.80
CA PHE D 56 -6.94 32.57 41.72
C PHE D 56 -8.01 33.54 42.24
N GLY D 57 -7.98 34.73 41.71
CA GLY D 57 -8.96 35.79 42.00
C GLY D 57 -10.26 35.36 41.28
N ALA D 58 -11.32 35.94 41.78
CA ALA D 58 -12.69 35.79 41.37
C ALA D 58 -12.92 36.09 39.88
N HIS D 59 -12.19 37.08 39.36
CA HIS D 59 -12.37 37.42 37.95
C HIS D 59 -11.12 37.20 37.11
N ASP D 60 -10.27 36.28 37.52
CA ASP D 60 -9.04 35.98 36.84
C ASP D 60 -9.29 35.58 35.36
N HIS D 61 -10.40 34.91 35.16
CA HIS D 61 -10.77 34.42 33.83
C HIS D 61 -11.82 35.33 33.15
N ASP D 62 -12.10 36.46 33.80
CA ASP D 62 -13.14 37.36 33.22
C ASP D 62 -12.56 38.75 32.90
N LEU D 63 -12.13 38.81 31.61
CA LEU D 63 -11.52 40.03 31.06
C LEU D 63 -12.46 41.20 31.02
N LEU D 64 -13.77 40.96 31.16
CA LEU D 64 -14.75 42.06 31.18
C LEU D 64 -14.74 42.79 32.51
N LEU D 65 -14.33 42.10 33.59
CA LEU D 65 -14.30 42.66 34.91
C LEU D 65 -12.95 42.66 35.63
N ASN D 66 -11.94 42.00 35.12
CA ASN D 66 -10.67 41.97 35.89
C ASN D 66 -9.85 43.22 35.71
N PHE D 67 -10.38 44.24 35.06
CA PHE D 67 -9.53 45.46 34.88
C PHE D 67 -10.38 46.71 35.12
N GLY D 71 -16.32 51.10 34.32
CA GLY D 71 -16.76 50.65 33.06
C GLY D 71 -16.49 49.27 32.52
N LEU D 72 -17.21 49.06 31.43
CA LEU D 72 -17.17 47.82 30.61
C LEU D 72 -16.29 48.19 29.40
N PRO D 73 -15.48 47.25 28.99
CA PRO D 73 -14.61 47.47 27.83
C PRO D 73 -15.53 47.60 26.60
N ILE D 74 -14.93 48.21 25.57
CA ILE D 74 -15.69 48.38 24.29
C ILE D 74 -15.27 47.25 23.37
N GLY D 75 -16.21 46.61 22.72
CA GLY D 75 -15.82 45.50 21.80
C GLY D 75 -16.84 44.38 21.87
N GLU D 76 -16.63 43.43 21.02
CA GLU D 76 -17.57 42.28 20.91
C GLU D 76 -17.36 41.33 22.09
N ARG D 77 -18.43 41.29 22.85
CA ARG D 77 -18.48 40.40 24.07
C ARG D 77 -18.52 38.95 23.52
N ILE D 78 -17.59 38.16 24.03
CA ILE D 78 -17.46 36.77 23.69
C ILE D 78 -16.89 35.92 24.89
N ILE D 79 -17.34 34.69 24.84
CA ILE D 79 -16.85 33.67 25.76
C ILE D 79 -15.92 32.80 24.88
N VAL D 80 -14.79 32.47 25.39
CA VAL D 80 -13.86 31.55 24.72
C VAL D 80 -13.77 30.35 25.73
N ALA D 81 -14.20 29.23 25.21
CA ALA D 81 -14.28 28.01 25.95
C ALA D 81 -13.82 26.83 25.08
N GLY D 82 -13.45 25.80 25.85
CA GLY D 82 -13.02 24.54 25.16
C GLY D 82 -12.52 23.59 26.23
N ARG D 83 -11.95 22.54 25.70
CA ARG D 83 -11.46 21.45 26.52
C ARG D 83 -9.99 21.15 26.22
N VAL D 84 -9.25 20.80 27.28
CA VAL D 84 -7.86 20.37 27.05
C VAL D 84 -7.84 18.83 27.20
N VAL D 85 -7.38 18.18 26.19
CA VAL D 85 -7.22 16.73 26.09
C VAL D 85 -5.81 16.40 25.59
N ASP D 86 -5.42 15.16 25.75
CA ASP D 86 -4.14 14.66 25.27
C ASP D 86 -4.47 13.96 23.91
N GLN D 87 -3.43 13.53 23.26
CA GLN D 87 -3.50 12.84 21.97
C GLN D 87 -4.33 11.56 22.02
N TYR D 88 -4.47 11.00 23.22
CA TYR D 88 -5.28 9.77 23.36
C TYR D 88 -6.74 10.15 23.52
N GLY D 89 -7.05 11.42 23.65
CA GLY D 89 -8.44 11.85 23.84
C GLY D 89 -8.76 12.02 25.35
N LYS D 90 -7.77 11.85 26.18
CA LYS D 90 -7.94 11.97 27.65
C LYS D 90 -7.92 13.42 28.11
N PRO D 91 -8.89 13.76 28.91
CA PRO D 91 -9.06 15.11 29.48
C PRO D 91 -7.85 15.43 30.35
N VAL D 92 -7.57 16.72 30.40
CA VAL D 92 -6.41 17.19 31.24
C VAL D 92 -6.99 18.10 32.32
N PRO D 93 -7.29 17.46 33.45
CA PRO D 93 -7.91 18.18 34.58
C PRO D 93 -6.91 18.99 35.38
N ASN D 94 -7.39 20.01 36.02
CA ASN D 94 -6.66 20.93 36.88
C ASN D 94 -5.35 21.41 36.27
N THR D 95 -5.42 21.85 35.02
CA THR D 95 -4.27 22.37 34.29
C THR D 95 -4.45 23.90 34.11
N LEU D 96 -3.30 24.55 34.04
CA LEU D 96 -3.24 26.02 33.90
C LEU D 96 -3.31 26.50 32.42
N VAL D 97 -4.35 27.29 32.21
CA VAL D 97 -4.62 27.91 30.92
C VAL D 97 -4.51 29.45 31.18
N GLU D 98 -3.53 29.99 30.54
CA GLU D 98 -3.23 31.42 30.60
C GLU D 98 -3.40 32.01 29.20
N MET D 99 -3.91 33.21 29.17
CA MET D 99 -4.14 33.90 27.87
C MET D 99 -3.92 35.40 27.99
N TRP D 100 -3.61 35.97 26.84
CA TRP D 100 -3.40 37.44 26.72
C TRP D 100 -3.78 37.83 25.29
N GLN D 101 -4.12 39.13 25.20
CA GLN D 101 -4.53 39.63 23.85
C GLN D 101 -4.54 41.16 23.88
N ALA D 102 -4.84 41.67 22.71
CA ALA D 102 -4.98 43.12 22.51
C ALA D 102 -6.47 43.44 22.80
N ASN D 103 -6.77 44.73 22.67
CA ASN D 103 -8.12 45.24 22.85
C ASN D 103 -8.85 45.18 21.48
N ALA D 104 -10.03 45.77 21.47
CA ALA D 104 -10.89 45.78 20.26
C ALA D 104 -10.26 46.41 19.04
N GLY D 105 -9.41 47.44 19.25
CA GLY D 105 -8.72 48.15 18.23
C GLY D 105 -7.37 47.59 17.86
N GLY D 106 -6.98 46.49 18.51
CA GLY D 106 -5.67 45.85 18.23
C GLY D 106 -4.53 46.49 19.01
N ARG D 107 -4.86 47.16 20.08
CA ARG D 107 -3.84 47.79 20.96
C ARG D 107 -3.60 46.90 22.22
N TYR D 108 -2.33 46.64 22.49
CA TYR D 108 -1.95 45.85 23.67
C TYR D 108 -1.60 46.82 24.83
N ARG D 109 -1.91 46.36 26.03
CA ARG D 109 -1.58 47.15 27.24
C ARG D 109 -0.19 46.65 27.72
N HIS D 110 0.81 47.13 27.03
CA HIS D 110 2.23 46.80 27.22
C HIS D 110 3.01 48.06 26.80
N LYS D 111 4.01 48.38 27.58
CA LYS D 111 4.86 49.56 27.35
C LYS D 111 5.37 49.65 25.94
N ASN D 112 5.78 48.53 25.35
CA ASN D 112 6.33 48.49 24.02
C ASN D 112 5.35 48.69 22.88
N ASP D 113 4.05 48.70 23.15
CA ASP D 113 3.08 48.83 22.04
C ASP D 113 2.84 50.30 21.74
N ARG D 114 3.26 50.68 20.55
CA ARG D 114 3.13 52.04 20.05
C ARG D 114 2.06 52.23 19.00
N TYR D 115 1.29 51.17 18.75
CA TYR D 115 0.22 51.24 17.74
C TYR D 115 -0.69 52.40 18.18
N LEU D 116 -1.08 53.16 17.16
CA LEU D 116 -1.91 54.35 17.34
C LEU D 116 -3.30 54.09 17.81
N ALA D 117 -3.82 52.87 17.66
CA ALA D 117 -5.20 52.60 18.20
C ALA D 117 -5.07 52.81 19.72
N PRO D 118 -6.10 53.41 20.27
CA PRO D 118 -6.07 53.72 21.72
C PRO D 118 -6.28 52.52 22.64
N LEU D 119 -5.89 52.77 23.90
CA LEU D 119 -6.10 51.77 24.98
C LEU D 119 -7.56 51.96 25.43
N ASP D 120 -8.08 50.88 25.94
CA ASP D 120 -9.46 50.88 26.53
C ASP D 120 -9.18 50.94 28.05
N PRO D 121 -9.63 52.01 28.68
CA PRO D 121 -9.46 52.21 30.12
C PRO D 121 -10.03 51.08 30.96
N ASN D 122 -10.99 50.33 30.47
CA ASN D 122 -11.61 49.23 31.18
C ASN D 122 -11.12 47.85 30.72
N PHE D 123 -10.04 47.76 30.01
CA PHE D 123 -9.56 46.47 29.48
C PHE D 123 -8.09 46.24 29.77
N GLY D 124 -7.80 45.10 30.37
CA GLY D 124 -6.42 44.71 30.70
C GLY D 124 -5.83 43.81 29.62
N GLY D 125 -6.47 42.70 29.31
CA GLY D 125 -6.03 41.76 28.30
C GLY D 125 -5.35 40.47 28.82
N VAL D 126 -5.52 40.18 30.11
CA VAL D 126 -4.96 38.97 30.71
C VAL D 126 -6.06 38.14 31.42
N GLY D 127 -5.96 36.83 31.23
CA GLY D 127 -6.84 35.86 31.85
C GLY D 127 -6.03 34.59 32.15
N ARG D 128 -6.45 33.87 33.16
CA ARG D 128 -5.94 32.59 33.61
C ARG D 128 -7.16 31.78 34.11
N CME D 129 -7.10 30.50 33.83
CA CME D 129 -8.11 29.54 34.22
CB CME D 129 -9.18 29.48 33.15
SG CME D 129 -10.46 28.29 33.38
SD CME D 129 -11.45 28.67 35.09
CE CME D 129 -12.70 29.93 34.76
CZ CME D 129 -14.05 29.29 34.64
OH CME D 129 -14.00 28.21 33.71
C CME D 129 -7.52 28.13 34.47
O CME D 129 -6.71 27.68 33.66
N LEU D 130 -7.97 27.52 35.54
CA LEU D 130 -7.51 26.11 35.81
C LEU D 130 -8.62 25.21 35.23
N THR D 131 -8.28 24.27 34.38
CA THR D 131 -9.32 23.40 33.82
C THR D 131 -9.99 22.62 34.95
N ASP D 132 -11.26 22.32 34.69
CA ASP D 132 -12.07 21.56 35.67
C ASP D 132 -11.69 20.08 35.47
N SER D 133 -12.44 19.25 36.16
CA SER D 133 -12.26 17.80 36.16
C SER D 133 -12.35 17.21 34.77
N ASP D 134 -13.11 17.85 33.92
CA ASP D 134 -13.30 17.35 32.55
C ASP D 134 -12.39 17.97 31.53
N GLY D 135 -11.44 18.74 31.99
CA GLY D 135 -10.51 19.44 31.13
C GLY D 135 -11.12 20.71 30.52
N TYR D 136 -12.23 21.20 31.02
CA TYR D 136 -12.88 22.39 30.53
C TYR D 136 -12.38 23.70 31.17
N TYR D 137 -12.29 24.68 30.28
CA TYR D 137 -11.85 26.06 30.70
C TYR D 137 -12.85 27.00 29.92
N SER D 138 -12.88 28.22 30.42
CA SER D 138 -13.69 29.24 29.80
C SER D 138 -13.18 30.61 30.29
N PHE D 139 -13.29 31.52 29.38
CA PHE D 139 -12.89 32.91 29.55
C PHE D 139 -14.02 33.75 28.96
N ARG D 140 -14.09 34.94 29.55
CA ARG D 140 -15.04 35.95 29.02
C ARG D 140 -14.14 37.17 28.70
N THR D 141 -14.36 37.66 27.48
CA THR D 141 -13.54 38.77 26.99
C THR D 141 -14.18 39.48 25.80
N ILE D 142 -13.35 40.27 25.15
CA ILE D 142 -13.82 40.97 23.94
C ILE D 142 -12.90 40.42 22.82
N LYS D 143 -13.52 40.34 21.65
CA LYS D 143 -12.78 39.87 20.46
C LYS D 143 -11.72 40.94 20.14
N PRO D 144 -10.46 40.49 20.10
CA PRO D 144 -9.33 41.37 19.80
C PRO D 144 -9.37 41.78 18.30
N GLY D 145 -8.79 42.97 18.07
CA GLY D 145 -8.68 43.45 16.65
C GLY D 145 -7.30 43.06 16.10
N PRO D 146 -7.26 43.00 14.77
CA PRO D 146 -5.99 42.69 14.05
C PRO D 146 -5.03 43.88 14.29
N TYR D 147 -3.75 43.65 14.03
CA TYR D 147 -2.81 44.77 14.18
C TYR D 147 -1.57 44.64 13.33
N PRO D 148 -1.16 45.82 12.90
CA PRO D 148 -0.03 45.93 11.94
C PRO D 148 1.23 45.66 12.76
N TRP D 149 2.19 45.09 12.07
CA TRP D 149 3.47 44.82 12.78
C TRP D 149 4.56 44.98 11.74
N ARG D 150 5.73 45.36 12.25
CA ARG D 150 6.85 45.61 11.32
C ARG D 150 7.50 44.32 10.88
N ASN D 151 6.90 43.72 9.85
CA ASN D 151 7.47 42.45 9.29
C ASN D 151 7.75 42.89 7.82
N GLY D 152 6.83 42.57 7.00
CA GLY D 152 6.86 43.06 5.57
C GLY D 152 6.29 44.52 5.79
N PRO D 153 6.25 45.28 4.71
CA PRO D 153 5.74 46.67 4.78
C PRO D 153 4.26 46.73 5.07
N ASN D 154 3.49 45.66 4.90
CA ASN D 154 2.01 45.79 5.15
C ASN D 154 1.50 44.50 5.75
N ASP D 155 2.13 44.09 6.87
CA ASP D 155 1.76 42.85 7.58
C ASP D 155 0.83 43.24 8.73
N TRP D 156 -0.17 42.41 8.87
CA TRP D 156 -1.22 42.53 9.87
C TRP D 156 -1.51 41.13 10.46
N ARG D 157 -1.43 41.16 11.80
CA ARG D 157 -1.74 39.88 12.51
C ARG D 157 -3.32 39.79 12.45
N PRO D 158 -3.73 38.57 12.15
CA PRO D 158 -5.18 38.28 12.24
C PRO D 158 -5.55 38.44 13.74
N ALA D 159 -6.80 38.72 14.00
CA ALA D 159 -7.32 38.81 15.39
C ALA D 159 -6.91 37.43 16.02
N HIS D 160 -6.31 37.53 17.19
CA HIS D 160 -5.81 36.29 17.83
C HIS D 160 -5.67 36.48 19.34
N ILE D 161 -5.75 35.34 20.04
CA ILE D 161 -5.59 35.40 21.50
C ILE D 161 -4.41 34.42 21.82
N HIS D 162 -3.47 34.96 22.49
CA HIS D 162 -2.27 34.15 22.89
C HIS D 162 -2.68 33.22 24.06
N PHE D 163 -2.29 31.97 23.92
CA PHE D 163 -2.58 30.94 24.94
C PHE D 163 -1.33 30.23 25.45
N GLY D 164 -1.33 29.97 26.74
CA GLY D 164 -0.23 29.21 27.40
C GLY D 164 -0.93 28.05 28.14
N ILE D 165 -0.46 26.85 27.96
CA ILE D 165 -1.04 25.66 28.60
C ILE D 165 0.04 24.79 29.25
N SER D 166 -0.14 24.53 30.54
CA SER D 166 0.83 23.74 31.32
C SER D 166 0.83 22.26 30.98
N GLY D 167 -0.27 21.63 31.20
CA GLY D 167 -0.40 20.18 30.98
C GLY D 167 0.28 19.54 32.29
N PRO D 168 0.39 18.21 32.20
CA PRO D 168 0.93 17.43 33.27
C PRO D 168 2.41 17.54 33.45
N SER D 169 3.16 17.87 32.40
CA SER D 169 4.63 17.97 32.59
C SER D 169 5.19 19.14 31.81
N ILE D 170 6.52 19.33 32.01
CA ILE D 170 7.19 20.38 31.26
C ILE D 170 7.21 19.95 29.77
N ALA D 171 7.17 18.62 29.59
CA ALA D 171 7.12 18.06 28.27
C ALA D 171 5.82 18.43 27.52
N THR D 172 4.77 18.67 28.22
CA THR D 172 3.47 19.02 27.54
C THR D 172 3.26 20.54 27.41
N LYS D 173 4.01 21.30 28.15
CA LYS D 173 3.92 22.79 28.18
C LYS D 173 3.92 23.32 26.72
N LEU D 174 2.96 24.19 26.45
CA LEU D 174 2.78 24.79 25.16
C LEU D 174 2.25 26.25 25.21
N ILE D 175 2.77 26.96 24.21
CA ILE D 175 2.34 28.35 23.94
C ILE D 175 1.86 28.32 22.47
N THR D 176 0.70 28.94 22.32
CA THR D 176 0.11 28.99 20.98
C THR D 176 -0.78 30.23 20.84
N GLN D 177 -1.48 30.23 19.69
CA GLN D 177 -2.38 31.34 19.36
C GLN D 177 -3.69 30.80 18.82
N LEU D 178 -4.76 31.45 19.24
CA LEU D 178 -6.11 31.11 18.78
C LEU D 178 -6.49 32.18 17.72
N TYR D 179 -6.95 31.72 16.56
CA TYR D 179 -7.44 32.59 15.50
C TYR D 179 -8.96 32.40 15.43
N PHE D 180 -9.66 33.28 14.74
CA PHE D 180 -11.12 33.23 14.65
C PHE D 180 -11.57 32.78 13.25
N GLU D 181 -12.55 31.90 13.27
CA GLU D 181 -13.15 31.28 12.11
C GLU D 181 -13.53 32.37 11.07
N GLY D 182 -13.05 32.17 9.84
CA GLY D 182 -13.30 33.03 8.71
C GLY D 182 -12.42 34.25 8.53
N ASP D 183 -11.58 34.59 9.45
CA ASP D 183 -10.69 35.74 9.38
C ASP D 183 -9.81 35.64 8.11
N PRO D 184 -10.06 36.60 7.20
CA PRO D 184 -9.36 36.62 5.91
C PRO D 184 -7.88 36.91 6.03
N LEU D 185 -7.45 37.39 7.18
CA LEU D 185 -6.03 37.66 7.42
C LEU D 185 -5.25 36.35 7.72
N ILE D 186 -5.96 35.32 8.15
CA ILE D 186 -5.30 34.06 8.55
C ILE D 186 -4.27 33.54 7.55
N PRO D 187 -4.73 33.30 6.33
CA PRO D 187 -3.89 32.76 5.28
C PRO D 187 -2.79 33.65 4.79
N MET D 188 -2.82 34.91 5.20
CA MET D 188 -1.79 35.86 4.83
C MET D 188 -0.71 36.00 5.89
N CYS D 189 -0.95 35.51 7.09
CA CYS D 189 0.00 35.72 8.19
C CYS D 189 1.26 34.84 8.13
N PRO D 190 2.39 35.50 8.09
CA PRO D 190 3.70 34.84 8.05
C PRO D 190 3.91 34.03 9.34
N ILE D 191 3.33 34.48 10.45
CA ILE D 191 3.40 33.72 11.70
C ILE D 191 2.56 32.43 11.59
N VAL D 192 1.35 32.58 11.07
CA VAL D 192 0.47 31.42 10.83
C VAL D 192 1.22 30.51 9.85
N LYS D 193 1.74 31.09 8.79
CA LYS D 193 2.47 30.39 7.77
C LYS D 193 3.77 29.72 8.24
N SER D 194 4.12 29.94 9.52
CA SER D 194 5.33 29.23 10.05
C SER D 194 4.99 27.74 10.08
N ILE D 195 3.71 27.44 10.16
CA ILE D 195 3.11 26.13 10.15
C ILE D 195 2.99 25.65 8.67
N ALA D 196 3.81 24.69 8.30
CA ALA D 196 3.82 24.17 6.93
C ALA D 196 2.53 23.47 6.52
N ASN D 197 1.95 22.69 7.38
CA ASN D 197 0.74 21.91 7.10
C ASN D 197 -0.54 22.67 7.33
N PRO D 198 -1.30 22.88 6.26
CA PRO D 198 -2.58 23.59 6.33
C PRO D 198 -3.54 22.97 7.32
N GLU D 199 -3.47 21.66 7.44
CA GLU D 199 -4.28 20.88 8.38
C GLU D 199 -3.96 21.27 9.82
N ALA D 200 -2.73 21.63 10.06
CA ALA D 200 -2.26 22.06 11.39
C ALA D 200 -2.80 23.46 11.70
N VAL D 201 -2.91 24.26 10.66
CA VAL D 201 -3.39 25.66 10.81
C VAL D 201 -4.83 25.60 11.32
N GLN D 202 -5.59 24.68 10.73
CA GLN D 202 -7.00 24.51 11.10
C GLN D 202 -7.20 24.29 12.58
N GLN D 203 -6.25 23.58 13.24
CA GLN D 203 -6.32 23.30 14.63
C GLN D 203 -6.35 24.59 15.49
N LEU D 204 -5.77 25.65 15.00
CA LEU D 204 -5.68 26.95 15.68
C LEU D 204 -6.87 27.87 15.45
N ILE D 205 -7.83 27.39 14.70
CA ILE D 205 -8.99 28.28 14.42
C ILE D 205 -10.19 27.96 15.28
N ALA D 206 -10.50 28.87 16.17
CA ALA D 206 -11.64 28.74 17.08
C ALA D 206 -12.95 28.79 16.29
N LYS D 207 -13.88 27.93 16.57
CA LYS D 207 -15.15 27.94 15.84
C LYS D 207 -16.25 28.68 16.63
N LEU D 208 -17.02 29.42 15.85
CA LEU D 208 -18.17 30.17 16.36
C LEU D 208 -19.08 29.06 16.97
N ASP D 209 -19.44 29.37 18.22
CA ASP D 209 -20.27 28.38 18.97
C ASP D 209 -21.54 29.01 19.49
N MET D 210 -22.58 29.00 18.68
CA MET D 210 -23.89 29.58 19.00
C MET D 210 -24.56 28.91 20.20
N ASN D 211 -24.28 27.62 20.35
CA ASN D 211 -24.78 26.78 21.43
C ASN D 211 -24.34 27.28 22.80
N ASN D 212 -23.20 27.90 22.87
CA ASN D 212 -22.60 28.40 24.09
C ASN D 212 -22.82 29.89 24.37
N ALA D 213 -23.42 30.55 23.39
CA ALA D 213 -23.68 31.99 23.51
C ALA D 213 -24.83 32.28 24.49
N ASN D 214 -24.71 33.47 25.05
CA ASN D 214 -25.69 34.03 25.96
C ASN D 214 -26.53 35.04 25.08
N PRO D 215 -27.77 34.64 24.87
CA PRO D 215 -28.70 35.44 24.05
C PRO D 215 -28.74 36.85 24.50
N MET D 216 -28.76 37.79 23.53
CA MET D 216 -28.81 39.24 23.79
C MET D 216 -27.66 39.65 24.72
N ASP D 217 -26.60 38.85 24.70
CA ASP D 217 -25.48 39.20 25.63
C ASP D 217 -24.14 39.10 24.98
N CYS D 218 -23.70 37.86 24.77
CA CYS D 218 -22.42 37.58 24.16
C CYS D 218 -22.41 36.28 23.34
N LEU D 219 -21.57 36.41 22.30
CA LEU D 219 -21.33 35.23 21.41
C LEU D 219 -20.25 34.38 22.15
N ALA D 220 -19.93 33.28 21.53
CA ALA D 220 -18.96 32.31 22.04
C ALA D 220 -18.24 31.62 20.88
N TYR D 221 -17.03 31.25 21.21
CA TYR D 221 -16.07 30.56 20.38
C TYR D 221 -15.54 29.35 21.18
N ARG D 222 -15.41 28.27 20.49
CA ARG D 222 -14.91 26.99 20.99
C ARG D 222 -13.48 26.77 20.46
N PHE D 223 -12.59 26.47 21.41
CA PHE D 223 -11.17 26.24 21.09
C PHE D 223 -10.65 25.09 21.97
N ASP D 224 -10.54 23.93 21.37
CA ASP D 224 -10.04 22.75 22.14
C ASP D 224 -8.54 22.68 21.91
N ILE D 225 -7.80 22.24 22.91
CA ILE D 225 -6.34 22.12 22.81
C ILE D 225 -5.95 20.66 23.07
N VAL D 226 -5.08 20.12 22.27
CA VAL D 226 -4.59 18.78 22.35
C VAL D 226 -3.10 18.81 22.81
N LEU D 227 -2.90 18.20 23.97
CA LEU D 227 -1.48 18.10 24.52
C LEU D 227 -0.93 16.74 24.13
N ARG D 228 0.39 16.61 24.16
CA ARG D 228 1.05 15.32 23.88
C ARG D 228 0.39 14.24 24.73
N GLY D 229 0.19 13.11 24.08
CA GLY D 229 -0.41 11.92 24.67
C GLY D 229 0.50 11.43 25.84
N GLN D 230 -0.23 11.10 26.91
CA GLN D 230 0.45 10.54 28.14
C GLN D 230 0.17 9.03 28.20
N ARG D 231 1.19 8.23 28.38
CA ARG D 231 1.10 6.78 28.51
C ARG D 231 2.02 6.34 29.68
N LYS D 232 1.68 5.15 30.15
CA LYS D 232 2.47 4.54 31.28
C LYS D 232 3.71 3.94 30.61
N THR D 233 4.73 3.84 31.45
CA THR D 233 6.00 3.23 30.96
C THR D 233 5.68 1.74 30.87
N HIS D 234 6.35 1.06 29.97
CA HIS D 234 6.15 -0.40 29.79
C HIS D 234 7.50 -0.96 29.34
N PHE D 235 7.76 -2.18 29.78
CA PHE D 235 8.96 -2.93 29.51
C PHE D 235 10.21 -2.05 29.48
N GLU D 236 10.31 -1.06 30.35
CA GLU D 236 11.50 -0.20 30.31
C GLU D 236 12.73 -0.76 31.01
N PRO E 1 -10.21 38.06 -0.48
CA PRO E 1 -9.76 39.43 -0.66
C PRO E 1 -9.62 39.90 -2.10
N ILE E 2 -9.34 41.20 -2.21
CA ILE E 2 -9.15 41.86 -3.50
C ILE E 2 -7.75 41.49 -4.00
N GLU E 3 -7.71 41.00 -5.22
CA GLU E 3 -6.45 40.64 -5.88
C GLU E 3 -6.29 41.53 -7.13
N LEU E 4 -5.14 42.16 -7.26
CA LEU E 4 -4.91 43.03 -8.47
C LEU E 4 -4.15 42.15 -9.47
N LEU E 5 -3.79 42.73 -10.59
CA LEU E 5 -2.96 41.95 -11.55
C LEU E 5 -1.62 41.74 -10.74
N PRO E 6 -1.04 40.61 -10.98
CA PRO E 6 0.26 40.33 -10.29
C PRO E 6 1.33 41.12 -11.04
N GLU E 7 2.26 41.65 -10.34
CA GLU E 7 3.41 42.37 -10.90
C GLU E 7 4.26 41.33 -11.64
N THR E 8 4.89 41.76 -12.71
CA THR E 8 5.79 40.92 -13.49
C THR E 8 6.98 40.61 -12.56
N PRO E 9 7.34 39.32 -12.49
CA PRO E 9 8.43 38.87 -11.66
C PRO E 9 9.80 39.32 -12.14
N SER E 10 10.63 39.63 -11.18
CA SER E 10 12.00 40.02 -11.37
C SER E 10 12.80 38.80 -11.78
N GLN E 11 13.94 39.07 -12.42
CA GLN E 11 14.90 38.03 -12.85
C GLN E 11 16.25 38.74 -12.69
N THR E 12 17.28 38.03 -12.45
CA THR E 12 18.62 38.58 -12.29
C THR E 12 19.00 39.28 -13.63
N ALA E 13 19.77 40.34 -13.46
CA ALA E 13 20.26 41.16 -14.57
C ALA E 13 21.25 40.36 -15.38
N GLY E 14 21.90 39.37 -14.72
CA GLY E 14 22.90 38.57 -15.44
C GLY E 14 24.22 39.32 -15.54
N PRO E 15 25.23 38.58 -16.01
CA PRO E 15 26.60 39.11 -16.14
C PRO E 15 26.83 40.10 -17.27
N TYR E 16 25.93 40.14 -18.23
CA TYR E 16 26.00 41.00 -19.39
C TYR E 16 25.13 42.20 -19.30
N VAL E 17 24.68 42.56 -18.13
CA VAL E 17 23.84 43.73 -17.91
C VAL E 17 24.39 45.00 -18.56
N HIS E 18 25.72 45.08 -18.62
CA HIS E 18 26.47 46.21 -19.17
C HIS E 18 26.13 46.51 -20.63
N ILE E 19 25.78 45.47 -21.36
CA ILE E 19 25.45 45.64 -22.75
C ILE E 19 24.19 46.53 -22.92
N GLY E 20 23.30 46.45 -21.96
CA GLY E 20 22.07 47.19 -22.01
C GLY E 20 22.08 48.49 -21.23
N LEU E 21 22.81 48.47 -20.11
CA LEU E 21 22.82 49.64 -19.24
C LEU E 21 24.15 50.25 -18.89
N ALA E 22 25.21 49.71 -19.41
CA ALA E 22 26.57 50.22 -19.14
C ALA E 22 27.44 49.96 -20.37
N LEU E 23 27.00 50.52 -21.49
CA LEU E 23 27.63 50.36 -22.80
C LEU E 23 29.14 50.50 -22.80
N GLU E 24 29.62 51.59 -22.26
CA GLU E 24 31.05 51.88 -22.15
C GLU E 24 31.78 50.75 -21.44
N ALA E 25 31.18 50.27 -20.36
CA ALA E 25 31.74 49.16 -19.55
C ALA E 25 31.77 47.85 -20.29
N ALA E 26 30.78 47.54 -21.12
CA ALA E 26 30.71 46.29 -21.88
C ALA E 26 31.81 46.21 -22.95
N GLY E 27 32.37 47.42 -23.12
CA GLY E 27 33.46 47.63 -24.11
C GLY E 27 32.83 47.75 -25.52
N ASN E 28 31.68 48.39 -25.53
CA ASN E 28 30.88 48.62 -26.73
C ASN E 28 30.68 50.14 -26.93
N PRO E 29 30.45 50.48 -28.20
CA PRO E 29 30.21 51.88 -28.57
C PRO E 29 28.94 52.37 -27.87
N THR E 30 28.94 53.60 -27.40
CA THR E 30 27.77 54.17 -26.73
C THR E 30 26.93 54.93 -27.76
N ARG E 31 25.77 55.35 -27.30
CA ARG E 31 24.83 56.14 -28.11
C ARG E 31 25.09 57.62 -27.80
N ASP E 32 24.39 58.51 -28.46
CA ASP E 32 24.55 59.94 -28.29
C ASP E 32 24.32 60.33 -26.84
N GLN E 33 23.22 59.84 -26.32
CA GLN E 33 22.79 60.10 -24.94
C GLN E 33 22.75 58.81 -24.13
N GLU E 34 23.50 58.82 -23.05
CA GLU E 34 23.57 57.68 -22.13
C GLU E 34 23.35 58.17 -20.69
N ILE E 35 22.73 57.34 -19.89
CA ILE E 35 22.49 57.63 -18.45
C ILE E 35 23.74 57.04 -17.74
N TRP E 36 24.46 57.91 -17.07
CA TRP E 36 25.70 57.47 -16.41
C TRP E 36 25.92 58.01 -15.02
N ASN E 37 27.17 58.00 -14.57
CA ASN E 37 27.61 58.34 -13.24
C ASN E 37 27.95 59.75 -12.86
N ARG E 38 27.62 60.67 -13.76
CA ARG E 38 27.91 62.14 -13.50
C ARG E 38 26.57 62.80 -13.28
N LEU E 39 26.13 62.90 -12.05
CA LEU E 39 24.82 63.49 -11.73
C LEU E 39 24.79 65.02 -11.80
N ALA E 40 25.97 65.58 -11.53
CA ALA E 40 26.15 67.02 -11.51
C ALA E 40 27.27 67.53 -12.40
N LYS E 41 26.92 68.64 -13.02
CA LYS E 41 27.92 69.37 -13.87
C LYS E 41 28.72 70.18 -12.85
N PRO E 42 29.99 70.40 -13.14
CA PRO E 42 30.91 71.13 -12.25
C PRO E 42 30.33 72.42 -11.73
N ASP E 43 29.53 73.06 -12.54
CA ASP E 43 28.90 74.35 -12.17
C ASP E 43 27.59 74.15 -11.44
N ALA E 44 27.31 72.93 -10.96
CA ALA E 44 26.00 72.74 -10.26
C ALA E 44 26.19 73.14 -8.79
N PRO E 45 25.13 73.69 -8.22
CA PRO E 45 25.12 74.12 -6.82
C PRO E 45 25.19 72.94 -5.85
N GLY E 46 25.72 73.24 -4.68
CA GLY E 46 25.91 72.29 -3.59
C GLY E 46 27.37 71.91 -3.46
N GLU E 47 27.62 71.06 -2.47
CA GLU E 47 28.96 70.56 -2.19
C GLU E 47 29.20 69.34 -3.08
N HIS E 48 30.01 69.50 -4.09
CA HIS E 48 30.36 68.44 -5.02
C HIS E 48 31.19 67.38 -4.32
N ILE E 49 30.77 66.14 -4.46
CA ILE E 49 31.49 65.02 -3.84
C ILE E 49 31.64 63.87 -4.83
N LEU E 50 32.60 63.06 -4.55
CA LEU E 50 32.93 61.85 -5.27
C LEU E 50 32.53 60.70 -4.31
N LEU E 51 31.81 59.77 -4.85
CA LEU E 51 31.34 58.57 -4.14
C LEU E 51 32.06 57.39 -4.80
N LEU E 52 32.48 56.47 -3.97
CA LEU E 52 33.15 55.27 -4.45
C LEU E 52 32.93 54.15 -3.44
N GLY E 53 33.00 52.93 -3.95
CA GLY E 53 32.87 51.75 -3.11
C GLY E 53 33.07 50.48 -3.89
N GLN E 54 33.06 49.44 -3.10
CA GLN E 54 33.18 48.05 -3.56
C GLN E 54 31.98 47.29 -3.03
N VAL E 55 31.72 46.16 -3.65
CA VAL E 55 30.61 45.28 -3.30
C VAL E 55 31.24 43.91 -3.01
N TYR E 56 30.87 43.36 -1.89
CA TYR E 56 31.42 42.05 -1.46
C TYR E 56 30.30 41.02 -1.35
N ASP E 57 30.67 39.81 -1.68
CA ASP E 57 29.77 38.64 -1.60
C ASP E 57 29.96 38.04 -0.17
N GLY E 58 29.19 37.01 0.08
CA GLY E 58 29.18 36.26 1.30
C GLY E 58 30.51 35.67 1.73
N ASN E 59 31.45 35.53 0.84
CA ASN E 59 32.78 35.01 1.02
C ASN E 59 33.82 36.13 1.15
N GLY E 60 33.37 37.36 1.02
CA GLY E 60 34.25 38.54 1.11
C GLY E 60 34.97 38.84 -0.22
N HIS E 61 34.52 38.18 -1.27
CA HIS E 61 35.03 38.29 -2.61
C HIS E 61 34.26 39.44 -3.30
N LEU E 62 35.00 40.19 -4.06
CA LEU E 62 34.49 41.35 -4.80
C LEU E 62 33.49 40.89 -5.85
N VAL E 63 32.46 41.68 -5.96
CA VAL E 63 31.41 41.43 -7.00
C VAL E 63 31.80 42.41 -8.14
N ARG E 64 32.51 41.86 -9.13
CA ARG E 64 33.00 42.68 -10.22
C ARG E 64 32.05 42.92 -11.36
N ASP E 65 30.80 42.49 -11.28
CA ASP E 65 29.81 42.67 -12.36
C ASP E 65 28.53 43.33 -11.88
N SER E 66 28.63 44.05 -10.78
CA SER E 66 27.45 44.71 -10.21
C SER E 66 27.12 45.97 -11.00
N PHE E 67 25.87 46.29 -11.01
CA PHE E 67 25.24 47.45 -11.64
C PHE E 67 24.43 48.15 -10.53
N LEU E 68 24.56 49.46 -10.43
CA LEU E 68 23.90 50.29 -9.46
C LEU E 68 23.22 51.51 -10.09
N GLU E 69 22.09 51.84 -9.56
CA GLU E 69 21.27 52.98 -9.91
C GLU E 69 21.07 53.76 -8.60
N VAL E 70 21.21 55.06 -8.68
CA VAL E 70 21.08 56.03 -7.61
C VAL E 70 19.98 57.06 -7.93
N TRP E 71 19.41 57.54 -6.86
CA TRP E 71 18.35 58.51 -6.79
C TRP E 71 18.56 59.32 -5.49
N GLN E 72 18.65 60.62 -5.70
CA GLN E 72 18.88 61.56 -4.59
C GLN E 72 18.33 62.96 -4.97
N ALA E 73 18.08 63.72 -3.92
CA ALA E 73 17.62 65.12 -4.06
C ALA E 73 18.91 65.94 -4.39
N ASP E 74 18.63 67.12 -4.89
CA ASP E 74 19.67 68.12 -5.24
C ASP E 74 20.04 68.76 -3.86
N ALA E 75 20.98 69.64 -3.90
CA ALA E 75 21.47 70.35 -2.72
C ALA E 75 20.36 71.08 -1.98
N ASN E 76 19.22 71.30 -2.58
CA ASN E 76 18.11 71.99 -1.90
C ASN E 76 17.08 71.03 -1.31
N GLY E 77 17.38 69.74 -1.39
CA GLY E 77 16.44 68.74 -0.90
C GLY E 77 15.30 68.60 -1.90
N GLU E 78 15.61 68.79 -3.17
CA GLU E 78 14.60 68.64 -4.22
C GLU E 78 14.95 67.52 -5.22
N TYR E 79 13.91 66.76 -5.54
CA TYR E 79 14.07 65.65 -6.52
C TYR E 79 13.79 66.18 -7.94
N GLN E 80 14.83 66.12 -8.73
CA GLN E 80 14.75 66.57 -10.13
C GLN E 80 14.49 65.32 -11.00
N ASP E 81 13.23 65.08 -11.27
CA ASP E 81 12.80 63.92 -12.00
C ASP E 81 12.88 64.03 -13.51
N ALA E 82 12.89 65.27 -14.01
CA ALA E 82 12.97 65.47 -15.47
C ALA E 82 14.42 65.32 -15.90
N TYR E 83 14.76 64.10 -16.27
CA TYR E 83 16.09 63.72 -16.70
C TYR E 83 16.42 64.34 -18.06
N ASN E 84 17.53 65.05 -18.02
CA ASN E 84 18.06 65.79 -19.17
C ASN E 84 19.56 65.97 -19.04
N LEU E 85 20.27 65.57 -20.07
CA LEU E 85 21.74 65.68 -20.10
C LEU E 85 22.20 67.13 -20.08
N GLU E 86 21.31 68.03 -20.40
CA GLU E 86 21.56 69.47 -20.39
C GLU E 86 21.61 70.04 -18.98
N ASN E 87 20.80 69.54 -18.11
CA ASN E 87 20.70 69.94 -16.70
C ASN E 87 22.09 69.92 -16.04
N ALA E 88 22.22 70.84 -15.09
CA ALA E 88 23.45 70.97 -14.28
C ALA E 88 23.52 69.81 -13.27
N PHE E 89 22.31 69.38 -12.90
CA PHE E 89 22.03 68.32 -11.97
C PHE E 89 20.84 67.41 -12.35
N ASN E 90 21.16 66.13 -12.19
CA ASN E 90 20.20 65.04 -12.41
C ASN E 90 20.13 64.24 -11.08
N SER E 91 18.89 63.99 -10.69
CA SER E 91 18.59 63.26 -9.47
C SER E 91 18.91 61.76 -9.60
N PHE E 92 18.90 61.26 -10.81
CA PHE E 92 19.12 59.89 -11.20
C PHE E 92 20.47 59.64 -11.91
N GLY E 93 21.12 58.56 -11.54
CA GLY E 93 22.39 58.14 -12.13
C GLY E 93 22.58 56.63 -12.16
N ARG E 94 23.60 56.16 -12.83
CA ARG E 94 23.99 54.78 -13.01
C ARG E 94 25.51 54.67 -12.93
N THR E 95 25.92 53.51 -12.42
CA THR E 95 27.37 53.21 -12.27
C THR E 95 27.47 51.68 -12.21
N ALA E 96 28.67 51.20 -12.32
CA ALA E 96 28.95 49.76 -12.33
C ALA E 96 30.36 49.60 -11.76
N THR E 97 30.68 48.39 -11.38
CA THR E 97 32.00 48.11 -10.79
C THR E 97 32.96 47.63 -11.87
N THR E 98 34.20 48.10 -11.73
CA THR E 98 35.27 47.72 -12.66
C THR E 98 35.52 46.19 -12.59
N PHE E 99 35.76 45.64 -13.77
CA PHE E 99 36.05 44.21 -13.93
C PHE E 99 37.44 43.96 -13.33
N ASP E 100 38.24 45.01 -13.26
CA ASP E 100 39.63 44.87 -12.71
C ASP E 100 39.60 45.11 -11.20
N ALA E 101 39.67 46.36 -10.83
CA ALA E 101 39.66 46.89 -9.48
C ALA E 101 38.38 46.59 -8.72
N GLY E 102 37.26 46.49 -9.45
CA GLY E 102 35.97 46.22 -8.82
C GLY E 102 35.41 47.38 -8.01
N GLU E 103 35.71 48.59 -8.43
CA GLU E 103 35.22 49.80 -7.75
C GLU E 103 34.33 50.66 -8.65
N TRP E 104 33.25 51.19 -8.08
CA TRP E 104 32.32 52.05 -8.82
C TRP E 104 32.55 53.47 -8.29
N THR E 105 32.19 54.41 -9.13
CA THR E 105 32.32 55.83 -8.76
C THR E 105 31.09 56.58 -9.28
N LEU E 106 30.88 57.67 -8.60
CA LEU E 106 29.76 58.56 -8.87
C LEU E 106 30.20 59.99 -8.56
N HIS E 107 29.79 60.87 -9.44
CA HIS E 107 30.11 62.32 -9.34
C HIS E 107 28.79 63.01 -9.11
N THR E 108 28.66 63.61 -7.94
CA THR E 108 27.42 64.30 -7.58
C THR E 108 27.70 65.40 -6.58
N VAL E 109 26.64 65.82 -5.92
CA VAL E 109 26.60 66.79 -4.85
C VAL E 109 25.89 66.13 -3.65
N LYS E 110 26.27 66.63 -2.49
CA LYS E 110 25.65 66.09 -1.23
C LYS E 110 24.19 66.53 -1.26
N PRO E 111 23.31 65.54 -1.05
CA PRO E 111 21.85 65.77 -1.07
C PRO E 111 21.42 66.57 0.16
N GLY E 112 20.44 67.39 -0.09
CA GLY E 112 19.78 68.24 0.89
C GLY E 112 18.73 67.32 1.57
N VAL E 113 18.20 67.84 2.65
CA VAL E 113 17.24 67.21 3.52
C VAL E 113 15.84 67.23 2.93
N VAL E 114 15.20 66.09 3.08
CA VAL E 114 13.79 65.94 2.64
C VAL E 114 13.04 65.33 3.82
N ASN E 115 11.75 65.57 3.85
CA ASN E 115 10.88 65.06 4.92
C ASN E 115 10.23 63.76 4.48
N ASN E 116 9.95 62.96 5.48
CA ASN E 116 9.24 61.67 5.25
C ASN E 116 7.75 62.06 5.14
N ALA E 117 6.94 61.06 5.01
CA ALA E 117 5.50 61.23 4.85
C ALA E 117 4.89 61.99 6.01
N ALA E 118 5.40 61.79 7.20
CA ALA E 118 4.91 62.46 8.41
C ALA E 118 5.39 63.87 8.59
N GLY E 119 6.27 64.34 7.73
CA GLY E 119 6.83 65.70 7.81
C GLY E 119 8.10 65.77 8.63
N VAL E 120 8.66 64.61 8.94
CA VAL E 120 9.91 64.50 9.69
C VAL E 120 11.10 64.42 8.71
N PRO E 121 12.06 65.29 8.97
CA PRO E 121 13.26 65.36 8.15
C PRO E 121 14.09 64.06 8.26
N MET E 122 14.44 63.57 7.08
CA MET E 122 15.32 62.38 7.00
C MET E 122 16.74 62.96 6.89
N ALA E 123 17.72 62.21 7.29
CA ALA E 123 19.13 62.68 7.13
C ALA E 123 19.44 62.61 5.61
N PRO E 124 20.37 63.44 5.18
CA PRO E 124 20.81 63.46 3.77
C PRO E 124 21.09 62.01 3.37
N HIS E 125 20.56 61.63 2.19
CA HIS E 125 20.84 60.20 1.78
C HIS E 125 20.65 60.05 0.29
N ILE E 126 21.30 59.03 -0.21
CA ILE E 126 21.26 58.60 -1.62
C ILE E 126 20.66 57.17 -1.61
N ASN E 127 19.59 57.03 -2.34
CA ASN E 127 18.88 55.76 -2.50
C ASN E 127 19.66 54.95 -3.54
N ILE E 128 19.93 53.71 -3.20
CA ILE E 128 20.64 52.79 -4.07
C ILE E 128 19.88 51.49 -4.34
N SER E 129 20.02 51.02 -5.55
CA SER E 129 19.44 49.75 -6.06
C SER E 129 20.63 49.00 -6.66
N LEU E 130 20.90 47.82 -6.14
CA LEU E 130 21.99 46.98 -6.61
C LEU E 130 21.46 45.82 -7.46
N PHE E 131 22.06 45.62 -8.59
CA PHE E 131 21.73 44.57 -9.56
C PHE E 131 23.03 43.83 -9.92
N ALA E 132 22.88 42.53 -10.17
CA ALA E 132 23.99 41.68 -10.57
C ALA E 132 23.52 40.23 -10.76
N ARG E 133 24.29 39.52 -11.55
CA ARG E 133 24.04 38.08 -11.75
C ARG E 133 24.14 37.55 -10.22
N GLY E 134 23.30 36.59 -9.98
CA GLY E 134 23.14 35.95 -8.69
C GLY E 134 22.15 36.68 -7.82
N ILE E 135 21.72 37.87 -8.24
CA ILE E 135 20.75 38.65 -7.50
C ILE E 135 19.46 38.58 -8.27
N ASN E 136 18.47 37.88 -7.71
CA ASN E 136 17.20 37.57 -8.35
C ASN E 136 16.31 38.77 -8.45
N ILE E 137 16.34 39.54 -7.39
CA ILE E 137 15.53 40.81 -7.33
C ILE E 137 16.52 41.82 -6.72
N HIS E 138 16.55 43.02 -7.27
CA HIS E 138 17.55 43.99 -6.77
C HIS E 138 17.40 44.30 -5.29
N LEU E 139 18.53 44.73 -4.73
CA LEU E 139 18.66 45.14 -3.34
C LEU E 139 18.61 46.66 -3.22
N HIS E 140 17.74 47.10 -2.34
CA HIS E 140 17.59 48.53 -2.03
C HIS E 140 18.37 48.84 -0.74
N THR E 141 19.06 49.97 -0.75
CA THR E 141 19.80 50.46 0.37
C THR E 141 19.88 52.00 0.29
N ARG E 142 20.41 52.55 1.32
CA ARG E 142 20.59 54.02 1.41
C ARG E 142 22.04 54.27 1.82
N LEU E 143 22.54 55.40 1.36
CA LEU E 143 23.92 55.83 1.72
C LEU E 143 23.75 57.13 2.52
N TYR E 144 24.25 57.10 3.75
CA TYR E 144 24.25 58.24 4.66
C TYR E 144 25.73 58.67 4.78
N PHE E 145 25.94 59.85 5.29
CA PHE E 145 27.29 60.47 5.40
C PHE E 145 27.71 60.59 6.85
N ASP E 146 28.95 60.17 7.10
CA ASP E 146 29.55 60.14 8.42
C ASP E 146 29.69 61.52 9.06
N ASP E 147 29.67 62.57 8.25
CA ASP E 147 29.79 63.93 8.83
C ASP E 147 28.42 64.53 9.08
N GLU E 148 27.39 63.71 9.16
CA GLU E 148 26.02 64.23 9.43
C GLU E 148 25.42 63.51 10.62
N ALA E 149 26.27 63.17 11.56
CA ALA E 149 25.92 62.44 12.75
C ALA E 149 24.66 62.97 13.42
N GLN E 150 24.59 64.28 13.57
CA GLN E 150 23.42 64.88 14.23
C GLN E 150 22.14 64.43 13.53
N ALA E 151 22.14 64.65 12.22
CA ALA E 151 20.97 64.32 11.40
C ALA E 151 20.71 62.82 11.42
N ASN E 152 21.82 62.09 11.28
CA ASN E 152 21.74 60.63 11.25
C ASN E 152 21.05 60.12 12.51
N ALA E 153 21.44 60.69 13.63
CA ALA E 153 20.89 60.26 14.93
C ALA E 153 19.39 60.38 15.00
N LYS E 154 18.82 61.33 14.28
CA LYS E 154 17.40 61.60 14.27
C LYS E 154 16.63 61.10 13.07
N CYS E 155 17.30 60.44 12.14
CA CYS E 155 16.59 59.95 10.94
C CYS E 155 15.51 58.94 11.31
N PRO E 156 14.29 59.22 10.86
CA PRO E 156 13.15 58.33 11.08
C PRO E 156 13.39 56.98 10.39
N VAL E 157 14.20 57.01 9.35
CA VAL E 157 14.49 55.79 8.56
C VAL E 157 15.57 54.99 9.26
N LEU E 158 16.65 55.66 9.56
CA LEU E 158 17.81 55.02 10.24
C LEU E 158 17.31 54.40 11.54
N ASN E 159 16.43 55.10 12.23
CA ASN E 159 15.82 54.70 13.49
C ASN E 159 14.91 53.49 13.41
N LEU E 160 14.50 53.08 12.22
CA LEU E 160 13.65 51.91 12.03
C LEU E 160 14.47 50.62 12.16
N ILE E 161 15.78 50.78 11.99
CA ILE E 161 16.66 49.57 12.13
C ILE E 161 16.82 49.35 13.65
N GLU E 162 16.35 48.19 14.09
CA GLU E 162 16.39 47.79 15.50
C GLU E 162 17.78 47.96 16.11
N GLN E 163 18.72 47.20 15.63
CA GLN E 163 20.10 47.19 16.04
C GLN E 163 20.94 48.35 15.58
N PRO E 164 21.35 49.14 16.55
CA PRO E 164 22.23 50.30 16.31
C PRO E 164 23.45 49.94 15.49
N GLN E 165 24.02 48.76 15.76
CA GLN E 165 25.21 48.29 15.05
C GLN E 165 24.95 48.17 13.55
N ARG E 166 23.70 47.90 13.20
CA ARG E 166 23.32 47.72 11.80
C ARG E 166 23.27 49.01 11.02
N ARG E 167 22.88 50.06 11.72
CA ARG E 167 22.73 51.41 11.16
C ARG E 167 24.06 51.91 10.59
N GLU E 168 25.12 51.52 11.26
CA GLU E 168 26.48 51.86 10.91
C GLU E 168 26.82 51.44 9.48
N THR E 169 26.30 50.30 9.07
CA THR E 169 26.55 49.77 7.74
C THR E 169 26.10 50.73 6.60
N LEU E 170 25.26 51.67 6.92
CA LEU E 170 24.72 52.62 5.95
C LEU E 170 25.48 53.94 5.91
N ILE E 171 26.50 54.04 6.75
CA ILE E 171 27.28 55.29 6.80
C ILE E 171 28.54 55.31 6.01
N ALA E 172 28.56 56.13 4.95
CA ALA E 172 29.71 56.31 4.08
C ALA E 172 30.77 57.12 4.88
N LYS E 173 32.00 56.73 4.68
CA LYS E 173 33.15 57.35 5.38
C LYS E 173 33.82 58.39 4.49
N ARG E 174 33.78 59.63 5.00
CA ARG E 174 34.39 60.77 4.30
C ARG E 174 35.90 60.57 4.17
N CYS E 175 36.38 60.97 3.03
CA CYS E 175 37.80 60.91 2.65
C CYS E 175 38.05 62.07 1.67
N GLU E 176 39.22 62.08 1.08
CA GLU E 176 39.64 63.09 0.11
C GLU E 176 40.39 62.40 -1.03
N VAL E 177 40.05 62.79 -2.24
CA VAL E 177 40.71 62.21 -3.43
C VAL E 177 41.22 63.40 -4.27
N ASP E 178 42.54 63.48 -4.39
CA ASP E 178 43.13 64.61 -5.14
C ASP E 178 42.56 65.90 -4.51
N GLY E 179 42.58 65.87 -3.18
CA GLY E 179 42.06 67.09 -2.50
C GLY E 179 40.64 67.38 -3.00
N LYS E 180 39.90 66.31 -3.22
CA LYS E 180 38.49 66.36 -3.63
C LYS E 180 37.69 65.59 -2.55
N THR E 181 36.57 66.14 -2.16
CA THR E 181 35.73 65.51 -1.14
C THR E 181 35.19 64.16 -1.68
N ALA E 182 35.48 63.12 -0.91
CA ALA E 182 35.07 61.76 -1.25
C ALA E 182 34.42 61.04 -0.06
N TYR E 183 33.60 60.07 -0.42
CA TYR E 183 32.90 59.22 0.51
C TYR E 183 32.95 57.80 -0.09
N ARG E 184 33.46 56.93 0.76
CA ARG E 184 33.58 55.52 0.49
C ARG E 184 32.39 54.79 1.16
N PHE E 185 31.71 54.04 0.34
CA PHE E 185 30.55 53.23 0.71
C PHE E 185 30.64 51.83 0.08
N ASP E 186 31.10 50.92 0.90
CA ASP E 186 31.23 49.51 0.53
C ASP E 186 29.92 48.81 0.90
N ILE E 187 29.55 47.86 0.06
CA ILE E 187 28.35 47.08 0.30
C ILE E 187 28.73 45.62 0.55
N ARG E 188 28.24 45.12 1.68
CA ARG E 188 28.47 43.64 1.97
C ARG E 188 27.09 43.04 1.88
N ILE E 189 26.89 42.24 0.85
CA ILE E 189 25.65 41.56 0.55
C ILE E 189 25.28 40.52 1.61
N GLN E 190 26.36 39.88 2.11
CA GLN E 190 26.19 38.81 3.09
C GLN E 190 27.33 38.63 4.04
N GLY E 191 26.94 38.21 5.25
CA GLY E 191 27.95 37.90 6.28
C GLY E 191 28.19 39.02 7.25
N GLU E 192 29.41 39.01 7.75
CA GLU E 192 29.86 39.98 8.77
C GLU E 192 29.78 41.38 8.21
N GLY E 193 29.09 42.23 8.93
CA GLY E 193 28.93 43.64 8.50
C GLY E 193 27.98 43.74 7.32
N GLU E 194 27.14 42.73 7.14
CA GLU E 194 26.16 42.74 6.04
C GLU E 194 25.36 44.04 6.08
N THR E 195 25.27 44.67 4.92
CA THR E 195 24.60 45.93 4.70
C THR E 195 23.09 45.75 4.84
N VAL E 196 22.47 46.73 5.48
CA VAL E 196 21.02 46.73 5.64
C VAL E 196 20.41 46.98 4.22
N PHE E 197 19.43 46.17 3.90
CA PHE E 197 18.68 46.31 2.65
C PHE E 197 17.24 46.51 3.12
N PHE E 198 16.52 47.29 2.30
CA PHE E 198 15.16 47.64 2.59
C PHE E 198 14.16 47.03 1.63
N ASP E 199 12.94 47.07 2.17
CA ASP E 199 11.70 46.69 1.47
C ASP E 199 10.79 47.94 1.61
N PHE E 200 10.12 48.26 0.52
CA PHE E 200 9.21 49.41 0.51
C PHE E 200 8.28 49.29 -0.73
N PRO F 1 10.38 70.14 -9.33
CA PRO F 1 10.81 68.86 -8.70
C PRO F 1 9.66 67.91 -8.48
N ALA F 2 10.03 66.70 -8.06
CA ALA F 2 9.02 65.63 -7.83
C ALA F 2 8.27 65.86 -6.54
N GLN F 3 7.06 65.33 -6.47
CA GLN F 3 6.19 65.41 -5.29
C GLN F 3 5.71 64.01 -4.88
N ASP F 4 5.58 63.85 -3.58
CA ASP F 4 5.09 62.58 -2.97
C ASP F 4 3.56 62.64 -2.98
N ASN F 5 2.98 62.12 -4.02
CA ASN F 5 1.51 62.13 -4.17
C ASN F 5 0.97 60.71 -4.37
N SER F 6 1.86 59.74 -4.36
CA SER F 6 1.40 58.35 -4.62
C SER F 6 2.00 57.30 -3.70
N ARG F 7 1.26 56.19 -3.69
CA ARG F 7 1.74 55.02 -2.87
C ARG F 7 1.71 53.85 -3.88
N PHE F 8 2.66 52.99 -3.69
CA PHE F 8 2.74 51.80 -4.58
C PHE F 8 2.38 50.58 -3.74
N VAL F 9 1.57 49.75 -4.35
CA VAL F 9 1.14 48.50 -3.72
C VAL F 9 2.43 47.71 -3.27
N ILE F 10 2.40 47.19 -2.12
CA ILE F 10 3.53 46.40 -1.57
C ILE F 10 3.82 45.19 -2.46
N ARG F 11 5.10 44.97 -2.65
CA ARG F 11 5.55 43.84 -3.52
C ARG F 11 5.21 42.50 -2.82
N ASP F 12 4.95 41.53 -3.65
CA ASP F 12 4.70 40.15 -3.11
C ASP F 12 6.02 39.38 -3.29
N ARG F 13 6.77 39.33 -2.22
CA ARG F 13 8.08 38.67 -2.21
C ARG F 13 8.03 37.15 -2.29
N ASN F 14 6.82 36.65 -2.31
CA ASN F 14 6.61 35.18 -2.50
C ASN F 14 6.31 34.98 -3.98
N TRP F 15 5.90 36.07 -4.67
CA TRP F 15 5.63 35.96 -6.15
C TRP F 15 6.97 36.08 -6.90
N HIS F 16 7.74 37.09 -6.49
CA HIS F 16 9.07 37.29 -7.10
C HIS F 16 9.93 36.11 -6.54
N PRO F 17 11.03 35.87 -7.24
CA PRO F 17 12.00 34.85 -6.78
C PRO F 17 12.56 35.40 -5.45
N LYS F 18 13.01 34.48 -4.64
CA LYS F 18 13.61 34.84 -3.33
C LYS F 18 15.09 35.09 -3.66
N ALA F 19 15.80 35.60 -2.68
CA ALA F 19 17.23 35.86 -2.87
C ALA F 19 18.00 34.52 -2.91
N LEU F 20 17.73 33.67 -1.94
CA LEU F 20 18.51 32.38 -1.89
C LEU F 20 17.85 31.28 -2.67
N THR F 21 18.38 30.91 -3.79
CA THR F 21 17.81 29.83 -4.69
C THR F 21 19.00 29.01 -5.09
N PRO F 22 19.41 28.10 -4.16
CA PRO F 22 20.62 27.31 -4.34
C PRO F 22 20.90 26.73 -5.69
N ASP F 23 19.87 26.35 -6.43
CA ASP F 23 20.03 25.73 -7.76
C ASP F 23 20.74 26.68 -8.73
N TYR F 24 20.52 27.95 -8.47
CA TYR F 24 21.16 29.06 -9.19
C TYR F 24 22.37 29.39 -8.21
N LYS F 25 23.40 28.67 -8.44
CA LYS F 25 24.64 28.67 -7.63
C LYS F 25 25.16 30.00 -7.17
N THR F 26 25.15 30.98 -8.09
CA THR F 26 25.69 32.33 -7.74
C THR F 26 24.86 33.03 -6.70
N SER F 27 23.57 32.62 -6.59
CA SER F 27 22.71 33.25 -5.59
C SER F 27 23.18 32.94 -4.17
N ILE F 28 23.85 31.79 -4.02
CA ILE F 28 24.32 31.38 -2.67
C ILE F 28 25.10 32.49 -1.99
N ALA F 29 26.18 32.91 -2.63
CA ALA F 29 27.01 33.96 -2.03
C ALA F 29 26.53 35.39 -2.19
N ARG F 30 25.61 35.61 -3.12
CA ARG F 30 25.08 36.97 -3.37
C ARG F 30 23.70 37.21 -2.81
N SER F 31 23.34 36.49 -1.73
CA SER F 31 21.96 36.80 -1.17
C SER F 31 22.21 37.14 0.29
N PRO F 32 21.47 38.08 0.80
CA PRO F 32 21.59 38.51 2.21
C PRO F 32 21.20 37.36 3.15
N ARG F 33 21.67 37.40 4.36
CA ARG F 33 21.29 36.38 5.36
C ARG F 33 20.37 37.09 6.37
N GLN F 34 20.43 38.41 6.41
CA GLN F 34 19.57 39.18 7.30
C GLN F 34 18.24 39.43 6.55
N ALA F 35 17.20 39.68 7.28
CA ALA F 35 15.87 39.96 6.66
C ALA F 35 15.93 41.43 6.19
N LEU F 36 15.20 41.70 5.10
CA LEU F 36 15.14 43.10 4.61
C LEU F 36 14.43 43.92 5.73
N VAL F 37 14.76 45.18 5.80
CA VAL F 37 14.12 46.09 6.75
C VAL F 37 13.02 46.86 5.96
N SER F 38 11.78 46.69 6.42
CA SER F 38 10.63 47.36 5.79
C SER F 38 10.61 48.82 6.28
N ILE F 39 10.34 49.74 5.41
CA ILE F 39 10.25 51.17 5.70
C ILE F 39 9.06 51.75 4.93
N PRO F 40 8.42 52.70 5.57
CA PRO F 40 7.26 53.38 5.00
C PRO F 40 7.72 54.09 3.71
N GLN F 41 6.75 54.23 2.82
CA GLN F 41 7.01 54.94 1.54
C GLN F 41 7.15 56.44 1.79
N SER F 42 8.17 57.02 1.20
CA SER F 42 8.43 58.48 1.29
C SER F 42 8.68 59.02 -0.14
N ILE F 43 8.91 60.33 -0.18
CA ILE F 43 9.17 61.01 -1.46
C ILE F 43 10.39 60.33 -2.10
N SER F 44 11.29 59.89 -1.22
CA SER F 44 12.49 59.21 -1.69
C SER F 44 12.15 57.96 -2.53
N GLU F 45 11.12 57.25 -2.11
CA GLU F 45 10.72 56.00 -2.74
C GLU F 45 9.63 56.10 -3.78
N THR F 46 8.75 57.08 -3.62
CA THR F 46 7.62 57.23 -4.54
C THR F 46 7.84 58.08 -5.78
N THR F 47 9.07 58.47 -6.00
CA THR F 47 9.44 59.32 -7.15
C THR F 47 10.56 58.58 -7.89
N GLY F 48 10.82 59.12 -9.06
CA GLY F 48 11.90 58.55 -9.93
C GLY F 48 12.02 59.41 -11.19
N PRO F 49 13.05 59.08 -11.95
CA PRO F 49 13.31 59.81 -13.20
C PRO F 49 12.21 59.65 -14.24
N ASN F 50 12.08 60.71 -15.02
CA ASN F 50 11.16 60.73 -16.17
C ASN F 50 12.13 60.89 -17.38
N PHE F 51 12.08 59.97 -18.31
CA PHE F 51 13.00 59.98 -19.47
C PHE F 51 12.42 60.60 -20.72
N SER F 52 11.40 61.38 -20.58
CA SER F 52 10.74 62.08 -21.71
C SER F 52 11.72 62.96 -22.49
N HIS F 53 12.69 63.57 -21.86
CA HIS F 53 13.66 64.40 -22.53
C HIS F 53 14.92 63.73 -22.97
N LEU F 54 15.05 62.43 -22.77
CA LEU F 54 16.29 61.76 -23.22
C LEU F 54 16.21 61.79 -24.75
N GLY F 55 17.33 62.13 -25.35
CA GLY F 55 17.42 62.21 -26.82
C GLY F 55 17.70 60.84 -27.40
N PHE F 56 16.63 60.15 -27.75
CA PHE F 56 16.74 58.79 -28.35
C PHE F 56 17.17 58.85 -29.82
N GLY F 57 17.96 57.92 -30.25
CA GLY F 57 18.39 57.78 -31.64
C GLY F 57 17.17 57.29 -32.44
N ALA F 58 17.25 57.41 -33.75
CA ALA F 58 16.15 57.01 -34.64
C ALA F 58 15.93 55.50 -34.66
N HIS F 59 17.00 54.77 -34.43
CA HIS F 59 17.01 53.31 -34.44
C HIS F 59 17.30 52.69 -33.07
N ASP F 60 17.09 53.48 -32.03
CA ASP F 60 17.33 53.02 -30.65
C ASP F 60 16.63 51.69 -30.34
N HIS F 61 15.42 51.53 -30.83
CA HIS F 61 14.58 50.38 -30.70
C HIS F 61 14.61 49.38 -31.86
N ASP F 62 15.52 49.54 -32.79
CA ASP F 62 15.58 48.61 -33.98
C ASP F 62 16.91 47.93 -34.03
N LEU F 63 17.02 46.72 -33.45
CA LEU F 63 18.29 46.00 -33.44
C LEU F 63 18.71 45.51 -34.82
N LEU F 64 17.78 45.64 -35.76
CA LEU F 64 18.06 45.23 -37.16
C LEU F 64 18.99 46.26 -37.79
N LEU F 65 18.79 47.53 -37.43
CA LEU F 65 19.55 48.64 -37.93
C LEU F 65 20.51 49.34 -36.99
N ASN F 66 20.39 49.21 -35.67
CA ASN F 66 21.24 49.94 -34.75
C ASN F 66 22.67 49.51 -34.60
N PHE F 67 23.17 48.51 -35.23
CA PHE F 67 24.61 48.15 -35.07
C PHE F 67 25.23 48.21 -36.50
N GLY F 71 25.38 45.48 -43.26
CA GLY F 71 24.58 44.22 -43.45
C GLY F 71 23.45 44.15 -42.44
N LEU F 72 22.69 43.10 -42.61
CA LEU F 72 21.51 42.77 -41.74
C LEU F 72 22.04 41.55 -40.92
N PRO F 73 21.66 41.51 -39.66
CA PRO F 73 22.03 40.38 -38.78
C PRO F 73 21.36 39.10 -39.25
N ILE F 74 22.03 37.99 -38.97
CA ILE F 74 21.48 36.66 -39.33
C ILE F 74 20.54 36.21 -38.23
N GLY F 75 19.40 35.68 -38.58
CA GLY F 75 18.49 35.23 -37.48
C GLY F 75 17.06 35.47 -37.82
N GLU F 76 16.21 35.05 -36.89
CA GLU F 76 14.75 35.14 -37.09
C GLU F 76 14.32 36.58 -36.80
N ARG F 77 13.77 37.19 -37.85
CA ARG F 77 13.32 38.61 -37.71
C ARG F 77 12.01 38.60 -36.90
N ILE F 78 12.04 39.33 -35.81
CA ILE F 78 10.84 39.40 -34.97
C ILE F 78 10.70 40.84 -34.45
N ILE F 79 9.46 41.11 -34.16
CA ILE F 79 9.03 42.35 -33.53
C ILE F 79 8.64 41.81 -32.09
N VAL F 80 9.03 42.54 -31.12
CA VAL F 80 8.70 42.29 -29.73
C VAL F 80 7.95 43.57 -29.30
N ALA F 81 6.69 43.39 -29.01
CA ALA F 81 5.86 44.54 -28.61
C ALA F 81 4.92 44.17 -27.48
N GLY F 82 4.46 45.18 -26.79
CA GLY F 82 3.52 44.95 -25.66
C GLY F 82 3.21 46.28 -25.05
N ARG F 83 2.59 46.16 -23.90
CA ARG F 83 2.15 47.30 -23.11
C ARG F 83 2.63 47.15 -21.66
N VAL F 84 2.89 48.28 -21.07
CA VAL F 84 3.30 48.43 -19.70
C VAL F 84 2.12 49.06 -18.96
N VAL F 85 1.58 48.25 -18.05
CA VAL F 85 0.48 48.71 -17.17
C VAL F 85 0.88 48.49 -15.69
N ASP F 86 0.11 49.08 -14.83
CA ASP F 86 0.29 48.91 -13.38
C ASP F 86 -0.70 47.79 -12.97
N GLN F 87 -0.67 47.46 -11.67
CA GLN F 87 -1.51 46.36 -11.15
C GLN F 87 -3.00 46.67 -11.24
N TYR F 88 -3.30 47.97 -11.38
CA TYR F 88 -4.72 48.35 -11.52
C TYR F 88 -5.10 48.28 -12.99
N GLY F 89 -4.15 47.90 -13.83
CA GLY F 89 -4.35 47.83 -15.28
C GLY F 89 -4.31 49.17 -15.98
N LYS F 90 -3.77 50.17 -15.33
CA LYS F 90 -3.60 51.54 -15.86
C LYS F 90 -2.28 51.58 -16.64
N PRO F 91 -2.31 52.10 -17.84
CA PRO F 91 -1.13 52.20 -18.69
C PRO F 91 -0.06 53.07 -18.04
N VAL F 92 1.17 52.82 -18.42
CA VAL F 92 2.33 53.59 -17.92
C VAL F 92 3.02 54.18 -19.16
N PRO F 93 2.65 55.43 -19.45
CA PRO F 93 3.16 56.14 -20.63
C PRO F 93 4.47 56.87 -20.36
N ASN F 94 5.23 57.07 -21.41
CA ASN F 94 6.51 57.77 -21.33
C ASN F 94 7.39 57.09 -20.29
N THR F 95 7.50 55.77 -20.41
CA THR F 95 8.36 55.06 -19.42
C THR F 95 9.49 54.42 -20.19
N LEU F 96 10.65 54.29 -19.53
CA LEU F 96 11.79 53.70 -20.20
C LEU F 96 11.85 52.16 -20.20
N VAL F 97 11.86 51.60 -21.43
CA VAL F 97 12.02 50.17 -21.61
C VAL F 97 13.38 49.94 -22.29
N GLU F 98 14.27 49.25 -21.61
CA GLU F 98 15.59 48.92 -22.14
C GLU F 98 15.68 47.41 -22.28
N MET F 99 16.35 46.92 -23.28
CA MET F 99 16.50 45.48 -23.54
C MET F 99 17.91 45.20 -24.05
N TRP F 100 18.37 43.98 -23.82
CA TRP F 100 19.64 43.47 -24.21
C TRP F 100 19.46 41.95 -24.42
N GLN F 101 20.28 41.42 -25.30
CA GLN F 101 20.18 40.00 -25.61
C GLN F 101 21.37 39.54 -26.45
N ALA F 102 21.44 38.25 -26.63
CA ALA F 102 22.52 37.63 -27.43
C ALA F 102 22.01 37.60 -28.89
N ASN F 103 22.88 37.12 -29.76
CA ASN F 103 22.57 36.95 -31.19
C ASN F 103 21.87 35.59 -31.37
N ALA F 104 21.54 35.31 -32.61
CA ALA F 104 20.84 34.11 -33.03
C ALA F 104 21.50 32.82 -32.49
N GLY F 105 22.79 32.90 -32.26
CA GLY F 105 23.59 31.77 -31.81
C GLY F 105 23.81 31.70 -30.32
N GLY F 106 23.24 32.63 -29.55
CA GLY F 106 23.38 32.69 -28.12
C GLY F 106 24.68 33.34 -27.66
N ARG F 107 25.32 34.08 -28.56
CA ARG F 107 26.57 34.80 -28.26
C ARG F 107 26.29 36.28 -27.98
N TYR F 108 26.78 36.75 -26.85
CA TYR F 108 26.63 38.14 -26.39
C TYR F 108 27.80 38.99 -26.88
N ARG F 109 27.45 40.26 -27.18
CA ARG F 109 28.51 41.22 -27.62
C ARG F 109 29.02 41.88 -26.32
N HIS F 110 29.82 41.07 -25.64
CA HIS F 110 30.39 41.44 -24.35
C HIS F 110 31.71 40.74 -24.15
N LYS F 111 32.62 41.53 -23.69
CA LYS F 111 34.01 41.24 -23.36
C LYS F 111 34.18 39.89 -22.66
N ASN F 112 33.28 39.65 -21.70
CA ASN F 112 33.29 38.46 -20.88
C ASN F 112 32.70 37.21 -21.47
N ASP F 113 32.03 37.31 -22.61
CA ASP F 113 31.39 36.14 -23.25
C ASP F 113 32.41 35.42 -24.13
N ARG F 114 32.78 34.22 -23.68
CA ARG F 114 33.75 33.44 -24.46
C ARG F 114 33.10 32.19 -25.01
N TYR F 115 31.79 32.27 -25.22
CA TYR F 115 31.07 31.10 -25.79
C TYR F 115 31.58 31.01 -27.23
N LEU F 116 31.72 29.80 -27.68
CA LEU F 116 32.24 29.46 -29.00
C LEU F 116 31.38 29.89 -30.15
N ALA F 117 30.12 30.21 -29.93
CA ALA F 117 29.25 30.69 -31.06
C ALA F 117 29.79 32.09 -31.41
N PRO F 118 29.91 32.30 -32.72
CA PRO F 118 30.49 33.54 -33.24
C PRO F 118 29.56 34.75 -33.11
N LEU F 119 30.23 35.90 -33.12
CA LEU F 119 29.48 37.17 -33.10
C LEU F 119 28.96 37.39 -34.53
N ASP F 120 27.94 38.20 -34.57
CA ASP F 120 27.26 38.61 -35.79
C ASP F 120 27.72 40.07 -36.02
N PRO F 121 28.48 40.22 -37.13
CA PRO F 121 29.04 41.51 -37.52
C PRO F 121 28.03 42.65 -37.61
N ASN F 122 26.76 42.37 -37.84
CA ASN F 122 25.71 43.36 -37.95
C ASN F 122 24.76 43.39 -36.77
N PHE F 123 25.23 42.84 -35.64
CA PHE F 123 24.28 42.81 -34.47
C PHE F 123 24.98 43.24 -33.19
N GLY F 124 24.29 44.11 -32.48
CA GLY F 124 24.78 44.68 -31.20
C GLY F 124 24.07 44.01 -30.01
N GLY F 125 22.74 44.02 -30.02
CA GLY F 125 21.89 43.45 -29.03
C GLY F 125 21.36 44.34 -27.94
N VAL F 126 21.35 45.65 -28.18
CA VAL F 126 20.81 46.64 -27.24
C VAL F 126 19.72 47.48 -27.91
N GLY F 127 18.69 47.77 -27.15
CA GLY F 127 17.57 48.60 -27.62
C GLY F 127 16.98 49.30 -26.41
N ARG F 128 16.28 50.40 -26.68
CA ARG F 128 15.60 51.19 -25.68
C ARG F 128 14.39 51.82 -26.43
N CME F 129 13.35 52.00 -25.69
CA CME F 129 12.10 52.56 -26.26
CB CME F 129 11.33 51.43 -26.95
SG CME F 129 9.64 51.96 -27.35
SD CME F 129 9.87 53.31 -28.93
CE CME F 129 10.13 52.28 -30.37
CZ CME F 129 8.82 52.24 -31.18
OH CME F 129 7.70 52.24 -30.28
C CME F 129 11.33 53.19 -25.09
O CME F 129 11.31 52.61 -24.00
N LEU F 130 10.76 54.33 -25.34
CA LEU F 130 9.97 55.06 -24.34
C LEU F 130 8.52 54.70 -24.72
N THR F 131 7.76 54.28 -23.76
CA THR F 131 6.37 53.88 -24.02
C THR F 131 5.59 55.14 -24.44
N ASP F 132 4.57 54.85 -25.26
CA ASP F 132 3.71 55.92 -25.77
C ASP F 132 2.62 56.21 -24.74
N SER F 133 1.64 56.94 -25.22
CA SER F 133 0.48 57.42 -24.47
C SER F 133 -0.31 56.28 -23.84
N ASP F 134 -0.41 55.20 -24.58
CA ASP F 134 -1.11 54.02 -24.11
C ASP F 134 -0.25 52.97 -23.43
N GLY F 135 0.99 53.29 -23.15
CA GLY F 135 1.92 52.35 -22.50
C GLY F 135 2.50 51.31 -23.47
N TYR F 136 2.38 51.52 -24.78
CA TYR F 136 2.91 50.57 -25.78
C TYR F 136 4.37 50.89 -26.10
N TYR F 137 5.12 49.83 -26.33
CA TYR F 137 6.51 49.82 -26.70
C TYR F 137 6.66 48.73 -27.81
N SER F 138 7.77 48.79 -28.49
CA SER F 138 8.10 47.81 -29.53
C SER F 138 9.56 47.96 -29.96
N PHE F 139 10.08 46.78 -30.25
CA PHE F 139 11.44 46.54 -30.67
C PHE F 139 11.37 45.63 -31.88
N ARG F 140 12.38 45.71 -32.67
CA ARG F 140 12.55 44.87 -33.86
C ARG F 140 13.98 44.31 -33.64
N THR F 141 13.98 43.00 -33.69
CA THR F 141 15.30 42.33 -33.43
C THR F 141 15.24 40.95 -34.05
N ILE F 142 16.21 40.13 -33.65
CA ILE F 142 16.26 38.72 -34.13
C ILE F 142 16.07 37.89 -32.86
N LYS F 143 15.51 36.70 -33.02
CA LYS F 143 15.29 35.86 -31.79
C LYS F 143 16.67 35.32 -31.34
N PRO F 144 16.99 35.58 -30.08
CA PRO F 144 18.25 35.12 -29.49
C PRO F 144 18.24 33.58 -29.42
N GLY F 145 19.39 32.99 -29.46
CA GLY F 145 19.52 31.52 -29.31
C GLY F 145 19.86 31.25 -27.82
N PRO F 146 19.59 30.04 -27.40
CA PRO F 146 19.91 29.63 -26.02
C PRO F 146 21.44 29.61 -25.88
N TYR F 147 21.87 29.60 -24.60
CA TYR F 147 23.31 29.48 -24.39
C TYR F 147 23.67 28.71 -23.12
N PRO F 148 24.82 28.07 -23.28
CA PRO F 148 25.37 27.23 -22.18
C PRO F 148 25.92 28.17 -21.14
N TRP F 149 25.87 27.80 -19.89
CA TRP F 149 26.41 28.63 -18.80
C TRP F 149 26.91 27.71 -17.70
N ARG F 150 27.93 28.23 -17.03
CA ARG F 150 28.58 27.38 -15.98
C ARG F 150 27.82 27.32 -14.70
N ASN F 151 26.72 26.59 -14.61
CA ASN F 151 25.95 26.47 -13.33
C ASN F 151 26.16 24.94 -13.04
N GLY F 152 25.20 24.15 -13.42
CA GLY F 152 25.42 22.66 -13.29
C GLY F 152 26.30 22.39 -14.57
N PRO F 153 26.71 21.16 -14.74
CA PRO F 153 27.56 20.77 -15.89
C PRO F 153 26.88 20.84 -17.24
N ASN F 154 25.54 20.90 -17.31
CA ASN F 154 24.90 20.90 -18.64
C ASN F 154 23.72 21.85 -18.59
N ASP F 155 23.99 23.08 -18.15
CA ASP F 155 22.90 24.06 -18.03
C ASP F 155 22.86 24.95 -19.26
N TRP F 156 21.64 25.19 -19.69
CA TRP F 156 21.32 26.01 -20.85
C TRP F 156 20.20 27.02 -20.56
N ARG F 157 20.57 28.29 -20.77
CA ARG F 157 19.51 29.33 -20.60
C ARG F 157 18.58 29.17 -21.83
N PRO F 158 17.29 29.20 -21.57
CA PRO F 158 16.32 29.22 -22.69
C PRO F 158 16.60 30.57 -23.40
N ALA F 159 16.20 30.62 -24.67
CA ALA F 159 16.34 31.89 -25.45
C ALA F 159 15.55 32.94 -24.60
N HIS F 160 16.20 34.07 -24.39
CA HIS F 160 15.53 35.14 -23.60
C HIS F 160 16.12 36.53 -23.96
N ILE F 161 15.31 37.51 -23.70
CA ILE F 161 15.64 38.90 -23.86
C ILE F 161 15.59 39.56 -22.46
N HIS F 162 16.65 40.20 -22.11
CA HIS F 162 16.72 40.92 -20.81
C HIS F 162 15.95 42.23 -20.96
N PHE F 163 15.13 42.54 -19.98
CA PHE F 163 14.33 43.75 -19.95
C PHE F 163 14.59 44.59 -18.70
N GLY F 164 14.46 45.88 -18.85
CA GLY F 164 14.62 46.85 -17.73
C GLY F 164 13.47 47.89 -17.96
N ILE F 165 12.68 48.14 -16.97
CA ILE F 165 11.57 49.05 -17.00
C ILE F 165 11.64 50.01 -15.80
N SER F 166 11.55 51.29 -16.09
CA SER F 166 11.67 52.34 -15.07
C SER F 166 10.43 52.46 -14.20
N GLY F 167 9.32 52.76 -14.86
CA GLY F 167 8.03 52.98 -14.25
C GLY F 167 8.12 54.43 -13.67
N PRO F 168 7.06 54.79 -12.99
CA PRO F 168 6.92 56.10 -12.38
C PRO F 168 7.78 56.37 -11.17
N SER F 169 8.42 55.35 -10.60
CA SER F 169 9.24 55.62 -9.38
C SER F 169 10.31 54.57 -9.19
N ILE F 170 11.22 54.84 -8.24
CA ILE F 170 12.28 53.84 -8.01
C ILE F 170 11.64 52.57 -7.45
N ALA F 171 10.47 52.75 -6.84
CA ALA F 171 9.68 51.68 -6.25
C ALA F 171 9.16 50.67 -7.29
N THR F 172 8.88 51.15 -8.48
CA THR F 172 8.40 50.33 -9.57
C THR F 172 9.48 49.81 -10.47
N LYS F 173 10.68 50.39 -10.41
CA LYS F 173 11.74 49.94 -11.34
C LYS F 173 11.91 48.43 -11.23
N LEU F 174 12.12 47.76 -12.36
CA LEU F 174 12.24 46.32 -12.41
C LEU F 174 13.08 45.81 -13.58
N ILE F 175 13.83 44.76 -13.31
CA ILE F 175 14.65 44.10 -14.34
C ILE F 175 14.07 42.69 -14.42
N THR F 176 13.93 42.13 -15.54
CA THR F 176 13.38 40.80 -15.77
C THR F 176 13.87 40.27 -17.12
N GLN F 177 13.35 39.12 -17.51
CA GLN F 177 13.74 38.46 -18.76
C GLN F 177 12.45 37.91 -19.40
N LEU F 178 12.42 38.02 -20.70
CA LEU F 178 11.34 37.55 -21.55
C LEU F 178 11.73 36.15 -22.07
N TYR F 179 10.80 35.26 -22.08
CA TYR F 179 11.05 33.87 -22.59
C TYR F 179 10.06 33.71 -23.74
N PHE F 180 10.32 32.74 -24.60
CA PHE F 180 9.48 32.52 -25.78
C PHE F 180 8.61 31.26 -25.68
N GLU F 181 7.35 31.50 -26.02
CA GLU F 181 6.31 30.48 -25.95
C GLU F 181 6.79 29.15 -26.52
N GLY F 182 6.56 28.07 -25.79
CA GLY F 182 6.87 26.72 -26.14
C GLY F 182 8.32 26.27 -25.97
N ASP F 183 9.24 27.14 -25.66
CA ASP F 183 10.67 26.75 -25.50
C ASP F 183 10.79 25.66 -24.41
N PRO F 184 11.23 24.50 -24.83
CA PRO F 184 11.35 23.35 -23.89
C PRO F 184 12.35 23.51 -22.78
N LEU F 185 13.30 24.42 -22.89
CA LEU F 185 14.34 24.69 -21.94
C LEU F 185 13.83 25.48 -20.72
N ILE F 186 12.68 26.14 -20.89
CA ILE F 186 12.15 26.96 -19.81
C ILE F 186 11.99 26.27 -18.48
N PRO F 187 11.38 25.09 -18.55
CA PRO F 187 11.11 24.29 -17.33
C PRO F 187 12.36 23.71 -16.70
N MET F 188 13.48 23.67 -17.35
CA MET F 188 14.74 23.14 -16.85
C MET F 188 15.71 24.21 -16.36
N CYS F 189 15.36 25.47 -16.50
CA CYS F 189 16.31 26.54 -16.10
C CYS F 189 16.22 26.88 -14.60
N PRO F 190 17.38 26.80 -13.99
CA PRO F 190 17.52 27.13 -12.56
C PRO F 190 17.18 28.59 -12.33
N ILE F 191 17.46 29.45 -13.30
CA ILE F 191 17.13 30.88 -13.14
C ILE F 191 15.61 31.10 -13.20
N VAL F 192 15.01 30.38 -14.15
CA VAL F 192 13.55 30.50 -14.31
C VAL F 192 12.96 29.97 -12.98
N LYS F 193 13.53 28.82 -12.57
CA LYS F 193 13.13 28.14 -11.37
C LYS F 193 13.32 28.92 -10.08
N SER F 194 14.03 30.02 -10.10
CA SER F 194 14.21 30.88 -8.92
C SER F 194 12.79 31.32 -8.52
N ILE F 195 11.88 31.32 -9.51
CA ILE F 195 10.48 31.70 -9.27
C ILE F 195 9.74 30.41 -8.81
N ALA F 196 9.21 30.49 -7.60
CA ALA F 196 8.52 29.38 -6.97
C ALA F 196 7.19 29.02 -7.58
N ASN F 197 6.42 30.00 -7.96
CA ASN F 197 5.09 29.83 -8.53
C ASN F 197 5.12 29.76 -10.06
N PRO F 198 4.72 28.64 -10.62
CA PRO F 198 4.70 28.42 -12.07
C PRO F 198 3.80 29.41 -12.79
N GLU F 199 2.84 29.91 -12.00
CA GLU F 199 1.90 30.89 -12.54
C GLU F 199 2.67 32.18 -12.80
N ALA F 200 3.65 32.43 -11.97
CA ALA F 200 4.47 33.65 -12.11
C ALA F 200 5.36 33.48 -13.35
N VAL F 201 5.75 32.22 -13.56
CA VAL F 201 6.62 31.91 -14.70
C VAL F 201 5.94 32.27 -16.02
N GLN F 202 4.67 31.91 -16.09
CA GLN F 202 3.84 32.14 -17.26
C GLN F 202 3.88 33.59 -17.69
N GLN F 203 4.02 34.47 -16.74
CA GLN F 203 4.03 35.93 -16.99
C GLN F 203 5.25 36.38 -17.75
N LEU F 204 6.31 35.59 -17.74
CA LEU F 204 7.55 35.92 -18.45
C LEU F 204 7.62 35.34 -19.86
N ILE F 205 6.52 34.63 -20.21
CA ILE F 205 6.53 34.05 -21.57
C ILE F 205 5.83 34.90 -22.63
N ALA F 206 6.62 35.28 -23.62
CA ALA F 206 6.04 36.09 -24.77
C ALA F 206 5.28 35.12 -25.68
N LYS F 207 4.09 35.53 -26.04
CA LYS F 207 3.24 34.70 -26.92
C LYS F 207 3.41 35.11 -28.37
N LEU F 208 3.46 34.13 -29.25
CA LEU F 208 3.57 34.37 -30.70
C LEU F 208 2.36 35.29 -31.07
N ASP F 209 2.64 36.30 -31.83
CA ASP F 209 1.45 37.22 -32.18
C ASP F 209 1.42 37.41 -33.69
N MET F 210 0.72 36.52 -34.35
CA MET F 210 0.61 36.52 -35.83
C MET F 210 -0.07 37.78 -36.37
N ASN F 211 -0.90 38.37 -35.53
CA ASN F 211 -1.66 39.59 -35.82
C ASN F 211 -0.74 40.80 -36.01
N ASN F 212 0.37 40.79 -35.35
CA ASN F 212 1.33 41.90 -35.39
C ASN F 212 2.51 41.66 -36.32
N ALA F 213 2.54 40.50 -36.92
CA ALA F 213 3.60 40.12 -37.83
C ALA F 213 3.44 40.83 -39.18
N ASN F 214 4.59 41.01 -39.82
CA ASN F 214 4.63 41.62 -41.19
C ASN F 214 4.80 40.41 -42.15
N PRO F 215 3.76 40.15 -42.89
CA PRO F 215 3.76 39.02 -43.85
C PRO F 215 5.00 39.13 -44.71
N MET F 216 5.57 37.98 -45.01
CA MET F 216 6.79 37.83 -45.81
C MET F 216 7.95 38.62 -45.26
N ASP F 217 7.93 39.00 -43.98
CA ASP F 217 9.03 39.80 -43.41
C ASP F 217 9.52 39.38 -42.03
N CYS F 218 8.63 39.50 -41.06
CA CYS F 218 8.98 39.17 -39.65
C CYS F 218 7.75 38.73 -38.88
N LEU F 219 8.09 37.84 -37.95
CA LEU F 219 7.05 37.37 -36.97
C LEU F 219 7.06 38.45 -35.87
N ALA F 220 6.24 38.24 -34.89
CA ALA F 220 6.05 39.09 -33.74
C ALA F 220 5.64 38.26 -32.51
N TYR F 221 6.08 38.84 -31.39
CA TYR F 221 5.85 38.36 -30.06
C TYR F 221 5.27 39.50 -29.21
N ARG F 222 4.32 39.13 -28.37
CA ARG F 222 3.67 40.08 -27.47
C ARG F 222 4.16 39.84 -26.03
N PHE F 223 4.55 40.90 -25.37
CA PHE F 223 5.05 40.77 -23.97
C PHE F 223 4.55 41.95 -23.14
N ASP F 224 3.54 41.72 -22.38
CA ASP F 224 2.95 42.80 -21.52
C ASP F 224 3.70 42.79 -20.21
N ILE F 225 3.81 43.91 -19.59
CA ILE F 225 4.53 44.10 -18.35
C ILE F 225 3.65 44.87 -17.35
N VAL F 226 3.64 44.30 -16.14
CA VAL F 226 2.84 44.86 -15.05
C VAL F 226 3.77 45.34 -13.93
N LEU F 227 3.60 46.65 -13.69
CA LEU F 227 4.41 47.29 -12.61
C LEU F 227 3.49 47.42 -11.38
N ARG F 228 4.13 47.63 -10.24
CA ARG F 228 3.34 47.79 -8.97
C ARG F 228 2.22 48.83 -9.22
N GLY F 229 1.07 48.54 -8.65
CA GLY F 229 -0.07 49.42 -8.76
C GLY F 229 0.19 50.73 -7.99
N GLN F 230 -0.24 51.79 -8.68
CA GLN F 230 -0.08 53.16 -8.12
C GLN F 230 -1.46 53.70 -7.74
N ARG F 231 -1.53 54.21 -6.53
CA ARG F 231 -2.73 54.78 -5.97
C ARG F 231 -2.35 56.11 -5.30
N LYS F 232 -3.40 56.90 -5.09
CA LYS F 232 -3.13 58.23 -4.42
C LYS F 232 -3.13 57.94 -2.91
N THR F 233 -2.56 58.81 -2.14
CA THR F 233 -2.54 58.65 -0.66
C THR F 233 -3.99 58.91 -0.19
N HIS F 234 -4.30 58.45 0.97
CA HIS F 234 -5.62 58.61 1.58
C HIS F 234 -5.46 58.48 3.10
N PHE F 235 -6.24 59.32 3.76
CA PHE F 235 -6.28 59.35 5.24
C PHE F 235 -4.91 59.21 5.88
N GLU F 236 -3.91 59.83 5.33
CA GLU F 236 -2.56 59.72 5.89
C GLU F 236 -2.19 60.73 6.95
N PRO G 1 -30.08 -1.30 8.00
CA PRO G 1 -30.12 -1.91 9.31
C PRO G 1 -28.99 -1.43 10.22
N ILE G 2 -29.13 -1.76 11.50
CA ILE G 2 -28.05 -1.42 12.46
C ILE G 2 -26.91 -2.44 12.24
N GLU G 3 -25.70 -1.93 12.18
CA GLU G 3 -24.53 -2.85 12.00
C GLU G 3 -23.58 -2.58 13.16
N LEU G 4 -23.01 -3.60 13.76
CA LEU G 4 -22.08 -3.33 14.94
C LEU G 4 -20.67 -3.46 14.42
N LEU G 5 -19.70 -3.41 15.34
CA LEU G 5 -18.31 -3.65 14.85
C LEU G 5 -18.35 -5.18 14.48
N PRO G 6 -17.69 -5.50 13.39
CA PRO G 6 -17.59 -6.88 12.96
C PRO G 6 -16.56 -7.60 13.88
N GLU G 7 -16.93 -8.84 14.10
CA GLU G 7 -16.08 -9.72 14.96
C GLU G 7 -14.78 -9.98 14.19
N THR G 8 -13.71 -10.08 14.97
CA THR G 8 -12.41 -10.45 14.28
C THR G 8 -12.65 -11.81 13.66
N PRO G 9 -12.26 -11.98 12.40
CA PRO G 9 -12.42 -13.25 11.71
C PRO G 9 -11.43 -14.30 12.29
N SER G 10 -11.96 -15.51 12.28
CA SER G 10 -11.24 -16.69 12.73
C SER G 10 -10.20 -17.07 11.64
N GLN G 11 -9.25 -17.87 12.10
CA GLN G 11 -8.21 -18.41 11.17
C GLN G 11 -7.87 -19.80 11.80
N THR G 12 -7.49 -20.74 11.01
CA THR G 12 -7.12 -22.10 11.50
C THR G 12 -6.04 -21.96 12.60
N ALA G 13 -6.05 -22.93 13.52
CA ALA G 13 -5.08 -23.01 14.62
C ALA G 13 -3.73 -23.37 14.04
N GLY G 14 -3.76 -24.12 12.91
CA GLY G 14 -2.47 -24.52 12.28
C GLY G 14 -1.99 -25.80 13.01
N PRO G 15 -0.92 -26.39 12.47
CA PRO G 15 -0.37 -27.64 13.01
C PRO G 15 0.42 -27.51 14.29
N TYR G 16 0.84 -26.32 14.68
CA TYR G 16 1.62 -26.06 15.86
C TYR G 16 0.85 -25.49 17.02
N VAL G 17 -0.45 -25.67 17.00
CA VAL G 17 -1.31 -25.17 18.06
C VAL G 17 -0.80 -25.58 19.43
N HIS G 18 -0.31 -26.79 19.54
CA HIS G 18 0.21 -27.33 20.83
C HIS G 18 1.18 -26.42 21.53
N ILE G 19 2.01 -25.77 20.72
CA ILE G 19 3.03 -24.90 21.30
C ILE G 19 2.40 -23.87 22.22
N GLY G 20 1.24 -23.33 21.77
CA GLY G 20 0.58 -22.33 22.61
C GLY G 20 -0.42 -22.88 23.57
N LEU G 21 -1.11 -23.94 23.19
CA LEU G 21 -2.18 -24.50 24.03
C LEU G 21 -2.05 -25.91 24.57
N ALA G 22 -0.99 -26.59 24.28
CA ALA G 22 -0.78 -27.99 24.73
C ALA G 22 0.74 -28.24 24.73
N LEU G 23 1.38 -27.45 25.60
CA LEU G 23 2.83 -27.42 25.76
C LEU G 23 3.44 -28.81 25.86
N GLU G 24 2.92 -29.56 26.81
CA GLU G 24 3.38 -30.96 27.03
C GLU G 24 3.35 -31.69 25.68
N ALA G 25 2.24 -31.54 24.95
CA ALA G 25 2.05 -32.20 23.68
C ALA G 25 3.06 -31.80 22.63
N ALA G 26 3.40 -30.52 22.59
CA ALA G 26 4.38 -29.97 21.64
C ALA G 26 5.76 -30.55 21.96
N GLY G 27 5.82 -31.10 23.18
CA GLY G 27 7.08 -31.69 23.70
C GLY G 27 8.02 -30.54 24.14
N ASN G 28 7.40 -29.55 24.77
CA ASN G 28 8.09 -28.39 25.31
C ASN G 28 7.78 -28.34 26.83
N PRO G 29 8.68 -27.68 27.51
CA PRO G 29 8.55 -27.49 28.98
C PRO G 29 7.22 -26.77 29.23
N THR G 30 6.56 -27.11 30.29
CA THR G 30 5.27 -26.50 30.66
C THR G 30 5.57 -25.42 31.71
N ARG G 31 4.54 -24.67 32.01
CA ARG G 31 4.62 -23.59 33.02
C ARG G 31 4.01 -24.15 34.30
N ASP G 32 4.13 -23.40 35.37
CA ASP G 32 3.62 -23.78 36.69
C ASP G 32 2.18 -24.27 36.58
N GLN G 33 1.35 -23.45 35.95
CA GLN G 33 -0.08 -23.80 35.83
C GLN G 33 -0.48 -23.96 34.36
N GLU G 34 -1.07 -25.10 34.06
CA GLU G 34 -1.51 -25.40 32.70
C GLU G 34 -2.96 -25.86 32.70
N ILE G 35 -3.69 -25.45 31.67
CA ILE G 35 -5.10 -25.85 31.48
C ILE G 35 -5.02 -27.15 30.64
N TRP G 36 -5.38 -28.24 31.30
CA TRP G 36 -5.28 -29.55 30.62
C TRP G 36 -6.49 -30.42 30.70
N ASN G 37 -6.30 -31.72 30.56
CA ASN G 37 -7.30 -32.73 30.49
C ASN G 37 -7.87 -33.39 31.71
N ARG G 38 -7.59 -32.85 32.89
CA ARG G 38 -8.11 -33.44 34.14
C ARG G 38 -9.06 -32.44 34.79
N LEU G 39 -10.33 -32.53 34.50
CA LEU G 39 -11.33 -31.63 35.02
C LEU G 39 -11.64 -31.88 36.49
N ALA G 40 -11.53 -33.14 36.89
CA ALA G 40 -11.82 -33.52 38.28
C ALA G 40 -10.67 -34.25 38.96
N LYS G 41 -10.54 -33.89 40.22
CA LYS G 41 -9.58 -34.50 41.16
C LYS G 41 -10.34 -35.72 41.75
N PRO G 42 -9.57 -36.68 42.22
CA PRO G 42 -10.10 -37.91 42.83
C PRO G 42 -11.22 -37.69 43.80
N ASP G 43 -11.10 -36.66 44.63
CA ASP G 43 -12.11 -36.34 45.64
C ASP G 43 -13.25 -35.45 45.16
N ALA G 44 -13.48 -35.36 43.88
CA ALA G 44 -14.58 -34.55 43.33
C ALA G 44 -15.82 -35.46 43.32
N PRO G 45 -16.92 -34.86 43.72
CA PRO G 45 -18.21 -35.57 43.77
C PRO G 45 -18.60 -35.93 42.34
N GLY G 46 -19.41 -36.97 42.28
CA GLY G 46 -19.93 -37.44 40.99
C GLY G 46 -19.28 -38.72 40.55
N GLU G 47 -19.82 -39.19 39.43
CA GLU G 47 -19.29 -40.46 38.85
C GLU G 47 -18.10 -40.14 37.98
N HIS G 48 -16.93 -40.58 38.37
CA HIS G 48 -15.67 -40.39 37.66
C HIS G 48 -15.66 -41.26 36.41
N ILE G 49 -15.32 -40.61 35.30
CA ILE G 49 -15.28 -41.26 34.00
C ILE G 49 -14.08 -40.77 33.18
N LEU G 50 -13.78 -41.63 32.23
CA LEU G 50 -12.73 -41.42 31.28
C LEU G 50 -13.43 -41.24 29.89
N LEU G 51 -12.95 -40.19 29.25
CA LEU G 51 -13.42 -39.88 27.89
C LEU G 51 -12.22 -40.06 26.95
N LEU G 52 -12.54 -40.71 25.84
CA LEU G 52 -11.54 -40.91 24.80
C LEU G 52 -12.22 -40.99 23.43
N GLY G 53 -11.43 -40.63 22.44
CA GLY G 53 -11.89 -40.67 21.05
C GLY G 53 -10.75 -40.33 20.09
N GLN G 54 -11.12 -40.56 18.86
CA GLN G 54 -10.27 -40.28 17.69
C GLN G 54 -11.13 -39.37 16.78
N VAL G 55 -10.41 -38.63 15.98
CA VAL G 55 -11.00 -37.65 15.04
C VAL G 55 -10.61 -38.09 13.62
N TYR G 56 -11.62 -38.17 12.78
CA TYR G 56 -11.42 -38.60 11.39
C TYR G 56 -11.78 -37.50 10.37
N ASP G 57 -10.97 -37.53 9.34
CA ASP G 57 -11.11 -36.61 8.21
C ASP G 57 -12.04 -37.26 7.18
N GLY G 58 -12.31 -36.61 6.09
CA GLY G 58 -13.16 -37.00 5.02
C GLY G 58 -12.78 -38.32 4.35
N ASN G 59 -11.53 -38.66 4.40
CA ASN G 59 -10.96 -39.86 3.83
C ASN G 59 -10.94 -41.03 4.82
N GLY G 60 -11.39 -40.80 6.04
CA GLY G 60 -11.39 -41.83 7.09
C GLY G 60 -10.00 -41.97 7.73
N HIS G 61 -9.18 -40.97 7.54
CA HIS G 61 -7.82 -40.90 8.10
C HIS G 61 -7.90 -40.03 9.38
N LEU G 62 -7.16 -40.48 10.35
CA LEU G 62 -7.03 -39.90 11.66
C LEU G 62 -6.41 -38.50 11.57
N VAL G 63 -7.04 -37.61 12.29
CA VAL G 63 -6.53 -36.21 12.40
C VAL G 63 -5.71 -36.23 13.70
N ARG G 64 -4.41 -36.28 13.55
CA ARG G 64 -3.46 -36.35 14.64
C ARG G 64 -2.99 -35.03 15.19
N ASP G 65 -3.46 -33.91 14.68
CA ASP G 65 -3.01 -32.58 15.14
C ASP G 65 -4.18 -31.80 15.71
N SER G 66 -5.22 -32.54 16.05
CA SER G 66 -6.43 -31.86 16.59
C SER G 66 -6.27 -31.44 18.04
N PHE G 67 -6.94 -30.35 18.37
CA PHE G 67 -7.01 -29.67 19.63
C PHE G 67 -8.50 -29.51 19.99
N LEU G 68 -8.82 -29.89 21.23
CA LEU G 68 -10.14 -29.86 21.77
C LEU G 68 -10.24 -29.12 23.10
N GLU G 69 -11.35 -28.40 23.16
CA GLU G 69 -11.73 -27.68 24.36
C GLU G 69 -13.10 -28.23 24.77
N VAL G 70 -13.30 -28.36 26.07
CA VAL G 70 -14.55 -28.89 26.63
C VAL G 70 -15.06 -27.98 27.74
N TRP G 71 -16.37 -27.99 27.86
CA TRP G 71 -17.13 -27.21 28.83
C TRP G 71 -18.34 -28.07 29.25
N GLN G 72 -18.36 -28.32 30.55
CA GLN G 72 -19.47 -29.13 31.13
C GLN G 72 -19.83 -28.68 32.52
N ALA G 73 -21.03 -29.05 32.94
CA ALA G 73 -21.46 -28.80 34.33
C ALA G 73 -20.78 -29.91 35.22
N ASP G 74 -20.84 -29.61 36.50
CA ASP G 74 -20.32 -30.59 37.51
C ASP G 74 -21.45 -31.63 37.62
N ALA G 75 -21.27 -32.53 38.57
CA ALA G 75 -22.28 -33.60 38.79
C ALA G 75 -23.61 -33.07 39.25
N ASN G 76 -23.68 -31.88 39.80
CA ASN G 76 -24.93 -31.28 40.25
C ASN G 76 -25.59 -30.42 39.17
N GLY G 77 -25.04 -30.52 37.98
CA GLY G 77 -25.51 -29.77 36.82
C GLY G 77 -25.16 -28.30 36.95
N GLU G 78 -24.04 -28.01 37.58
CA GLU G 78 -23.60 -26.62 37.75
C GLU G 78 -22.31 -26.31 37.01
N TYR G 79 -22.34 -25.15 36.35
CA TYR G 79 -21.18 -24.68 35.59
C TYR G 79 -20.29 -23.83 36.53
N GLN G 80 -19.13 -24.39 36.77
CA GLN G 80 -18.10 -23.78 37.65
C GLN G 80 -17.14 -23.00 36.76
N ASP G 81 -17.39 -21.71 36.65
CA ASP G 81 -16.63 -20.81 35.78
C ASP G 81 -15.32 -20.30 36.34
N ALA G 82 -15.22 -20.15 37.64
CA ALA G 82 -13.98 -19.70 38.29
C ALA G 82 -12.95 -20.84 38.20
N TYR G 83 -12.17 -20.83 37.15
CA TYR G 83 -11.14 -21.80 36.89
C TYR G 83 -9.99 -21.69 37.91
N ASN G 84 -9.72 -22.84 38.51
CA ASN G 84 -8.64 -22.88 39.55
C ASN G 84 -8.14 -24.32 39.68
N LEU G 85 -6.80 -24.43 39.61
CA LEU G 85 -6.16 -25.75 39.73
C LEU G 85 -6.41 -26.31 41.13
N GLU G 86 -6.68 -25.47 42.10
CA GLU G 86 -6.99 -25.85 43.46
C GLU G 86 -8.34 -26.54 43.57
N ASN G 87 -9.26 -26.23 42.68
CA ASN G 87 -10.60 -26.80 42.69
C ASN G 87 -10.56 -28.33 42.48
N ALA G 88 -11.57 -28.91 43.09
CA ALA G 88 -11.83 -30.36 43.03
C ALA G 88 -12.30 -30.67 41.61
N PHE G 89 -13.09 -29.71 41.08
CA PHE G 89 -13.63 -29.80 39.74
C PHE G 89 -13.63 -28.47 38.97
N ASN G 90 -13.19 -28.61 37.73
CA ASN G 90 -13.18 -27.49 36.78
C ASN G 90 -14.12 -27.94 35.63
N SER G 91 -15.00 -27.03 35.26
CA SER G 91 -15.94 -27.19 34.17
C SER G 91 -15.28 -27.11 32.79
N PHE G 92 -14.08 -26.57 32.76
CA PHE G 92 -13.33 -26.40 31.54
C PHE G 92 -12.04 -27.18 31.48
N GLY G 93 -11.80 -27.70 30.27
CA GLY G 93 -10.58 -28.43 30.01
C GLY G 93 -10.11 -28.40 28.57
N ARG G 94 -8.88 -28.88 28.41
CA ARG G 94 -8.23 -28.99 27.11
C ARG G 94 -7.62 -30.38 26.93
N THR G 95 -7.68 -30.83 25.70
CA THR G 95 -7.10 -32.12 25.32
C THR G 95 -6.67 -31.97 23.83
N ALA G 96 -5.92 -32.91 23.37
CA ALA G 96 -5.35 -33.05 22.06
C ALA G 96 -5.13 -34.52 21.71
N THR G 97 -5.03 -34.78 20.40
CA THR G 97 -4.81 -36.17 19.95
C THR G 97 -3.31 -36.44 19.80
N THR G 98 -2.95 -37.71 20.15
CA THR G 98 -1.55 -38.13 20.05
C THR G 98 -1.09 -38.14 18.58
N PHE G 99 0.17 -37.78 18.44
CA PHE G 99 0.82 -37.76 17.12
C PHE G 99 0.96 -39.22 16.64
N ASP G 100 1.02 -40.15 17.56
CA ASP G 100 1.12 -41.60 17.26
C ASP G 100 -0.28 -42.21 17.10
N ALA G 101 -0.81 -42.65 18.21
CA ALA G 101 -2.12 -43.28 18.33
C ALA G 101 -3.24 -42.37 17.81
N GLY G 102 -3.10 -41.06 18.06
CA GLY G 102 -4.11 -40.11 17.60
C GLY G 102 -5.36 -40.17 18.43
N GLU G 103 -5.21 -40.44 19.71
CA GLU G 103 -6.41 -40.51 20.58
C GLU G 103 -6.27 -39.50 21.71
N TRP G 104 -7.37 -38.86 22.02
CA TRP G 104 -7.39 -37.85 23.08
C TRP G 104 -8.14 -38.57 24.23
N THR G 105 -7.88 -38.02 25.39
CA THR G 105 -8.51 -38.53 26.62
C THR G 105 -8.79 -37.36 27.55
N LEU G 106 -9.83 -37.58 28.31
CA LEU G 106 -10.27 -36.56 29.29
C LEU G 106 -10.71 -37.31 30.56
N HIS G 107 -10.33 -36.74 31.67
CA HIS G 107 -10.63 -37.24 33.01
C HIS G 107 -11.62 -36.29 33.69
N THR G 108 -12.82 -36.75 33.90
CA THR G 108 -13.87 -35.89 34.50
C THR G 108 -14.91 -36.70 35.22
N VAL G 109 -16.04 -36.07 35.41
CA VAL G 109 -17.23 -36.63 36.02
C VAL G 109 -18.39 -36.46 35.04
N LYS G 110 -19.38 -37.32 35.17
CA LYS G 110 -20.58 -37.21 34.28
C LYS G 110 -21.33 -35.94 34.71
N PRO G 111 -21.57 -35.04 33.74
CA PRO G 111 -22.25 -33.78 34.03
C PRO G 111 -23.71 -33.97 34.46
N GLY G 112 -24.16 -33.15 35.36
CA GLY G 112 -25.54 -33.15 35.81
C GLY G 112 -26.34 -32.43 34.68
N VAL G 113 -27.64 -32.48 34.82
CA VAL G 113 -28.63 -31.92 33.91
C VAL G 113 -28.72 -30.40 34.10
N VAL G 114 -28.84 -29.72 33.00
CA VAL G 114 -29.00 -28.26 33.01
C VAL G 114 -30.25 -28.02 32.11
N ASN G 115 -30.89 -26.94 32.42
CA ASN G 115 -32.08 -26.52 31.66
C ASN G 115 -31.63 -25.51 30.59
N ASN G 116 -32.40 -25.58 29.53
CA ASN G 116 -32.26 -24.67 28.40
C ASN G 116 -33.01 -23.39 28.86
N ALA G 117 -32.91 -22.41 28.03
CA ALA G 117 -33.48 -21.09 28.23
C ALA G 117 -34.96 -21.22 28.52
N ALA G 118 -35.67 -22.14 27.92
CA ALA G 118 -37.12 -22.30 28.14
C ALA G 118 -37.41 -23.00 29.46
N GLY G 119 -36.39 -23.37 30.21
CA GLY G 119 -36.56 -24.10 31.46
C GLY G 119 -36.77 -25.58 31.23
N VAL G 120 -36.46 -26.12 30.08
CA VAL G 120 -36.58 -27.55 29.76
C VAL G 120 -35.19 -28.18 29.95
N PRO G 121 -35.20 -29.34 30.58
CA PRO G 121 -33.97 -30.07 30.88
C PRO G 121 -33.31 -30.58 29.61
N MET G 122 -32.00 -30.50 29.62
CA MET G 122 -31.20 -31.04 28.49
C MET G 122 -30.55 -32.34 29.06
N ALA G 123 -30.37 -33.31 28.19
CA ALA G 123 -29.72 -34.57 28.63
C ALA G 123 -28.26 -34.25 28.95
N PRO G 124 -27.71 -35.00 29.90
CA PRO G 124 -26.28 -34.77 30.30
C PRO G 124 -25.46 -34.70 29.03
N HIS G 125 -24.65 -33.65 28.93
CA HIS G 125 -23.79 -33.43 27.77
C HIS G 125 -22.55 -32.61 28.13
N ILE G 126 -21.60 -32.82 27.20
CA ILE G 126 -20.31 -32.10 27.28
C ILE G 126 -20.20 -31.31 25.93
N ASN G 127 -19.94 -30.02 26.12
CA ASN G 127 -19.80 -29.10 24.97
C ASN G 127 -18.37 -29.21 24.43
N ILE G 128 -18.25 -29.42 23.16
CA ILE G 128 -16.92 -29.57 22.55
C ILE G 128 -16.68 -28.58 21.38
N SER G 129 -15.44 -28.11 21.39
CA SER G 129 -14.91 -27.21 20.39
C SER G 129 -13.66 -27.87 19.80
N LEU G 130 -13.73 -28.20 18.53
CA LEU G 130 -12.65 -28.83 17.81
C LEU G 130 -11.86 -27.89 16.91
N PHE G 131 -10.56 -27.90 17.06
CA PHE G 131 -9.61 -27.07 16.34
C PHE G 131 -8.49 -27.92 15.74
N ALA G 132 -8.00 -27.45 14.60
CA ALA G 132 -6.89 -28.10 13.91
C ALA G 132 -6.60 -27.41 12.57
N ARG G 133 -5.38 -27.71 12.14
CA ARG G 133 -4.96 -27.25 10.81
C ARG G 133 -6.03 -27.81 9.83
N GLY G 134 -6.42 -26.99 8.86
CA GLY G 134 -7.42 -27.40 7.88
C GLY G 134 -8.81 -26.95 8.32
N ILE G 135 -8.97 -26.63 9.60
CA ILE G 135 -10.26 -26.15 10.09
C ILE G 135 -10.12 -24.61 10.29
N ASN G 136 -10.81 -23.89 9.42
CA ASN G 136 -10.77 -22.41 9.39
C ASN G 136 -11.43 -21.78 10.56
N ILE G 137 -12.57 -22.32 10.94
CA ILE G 137 -13.35 -21.86 12.09
C ILE G 137 -13.66 -23.14 12.87
N HIS G 138 -13.47 -23.08 14.17
CA HIS G 138 -13.66 -24.27 15.01
C HIS G 138 -15.06 -24.85 14.92
N LEU G 139 -15.06 -26.19 15.10
CA LEU G 139 -16.35 -26.90 15.06
C LEU G 139 -16.85 -27.10 16.49
N HIS G 140 -18.13 -26.88 16.64
CA HIS G 140 -18.87 -27.03 17.87
C HIS G 140 -19.71 -28.35 17.75
N THR G 141 -19.60 -29.12 18.82
CA THR G 141 -20.36 -30.34 18.93
C THR G 141 -20.73 -30.59 20.39
N ARG G 142 -21.56 -31.60 20.60
CA ARG G 142 -21.97 -32.00 21.97
C ARG G 142 -21.80 -33.54 22.10
N LEU G 143 -21.32 -33.91 23.27
CA LEU G 143 -21.13 -35.36 23.58
C LEU G 143 -22.23 -35.74 24.59
N TYR G 144 -23.02 -36.68 24.17
CA TYR G 144 -24.10 -37.30 24.92
C TYR G 144 -23.63 -38.74 25.25
N PHE G 145 -24.32 -39.32 26.18
CA PHE G 145 -24.03 -40.67 26.72
C PHE G 145 -25.04 -41.71 26.30
N ASP G 146 -24.55 -42.85 25.90
CA ASP G 146 -25.46 -43.93 25.45
C ASP G 146 -26.31 -44.46 26.62
N ASP G 147 -25.85 -44.28 27.84
CA ASP G 147 -26.53 -44.75 29.03
C ASP G 147 -27.58 -43.80 29.57
N GLU G 148 -27.90 -42.78 28.80
CA GLU G 148 -28.89 -41.77 29.13
C GLU G 148 -29.99 -41.66 28.08
N ALA G 149 -30.27 -42.76 27.43
CA ALA G 149 -31.26 -42.87 26.39
C ALA G 149 -32.60 -42.24 26.72
N GLN G 150 -33.03 -42.30 27.95
CA GLN G 150 -34.33 -41.69 28.31
C GLN G 150 -34.24 -40.16 28.18
N ALA G 151 -33.18 -39.65 28.78
CA ALA G 151 -32.90 -38.21 28.80
C ALA G 151 -32.65 -37.71 27.35
N ASN G 152 -31.82 -38.46 26.66
CA ASN G 152 -31.42 -38.20 25.30
C ASN G 152 -32.68 -37.97 24.40
N ALA G 153 -33.65 -38.83 24.60
CA ALA G 153 -34.89 -38.80 23.84
C ALA G 153 -35.68 -37.53 24.01
N LYS G 154 -35.57 -36.93 25.19
CA LYS G 154 -36.31 -35.71 25.48
C LYS G 154 -35.47 -34.45 25.32
N CYS G 155 -34.21 -34.56 24.92
CA CYS G 155 -33.35 -33.39 24.80
C CYS G 155 -33.84 -32.41 23.76
N PRO G 156 -34.13 -31.21 24.24
CA PRO G 156 -34.60 -30.11 23.37
C PRO G 156 -33.53 -29.81 22.32
N VAL G 157 -32.26 -30.03 22.62
CA VAL G 157 -31.19 -29.79 21.69
C VAL G 157 -31.06 -30.92 20.66
N LEU G 158 -31.06 -32.13 21.13
CA LEU G 158 -30.97 -33.34 20.28
C LEU G 158 -32.15 -33.34 19.29
N ASN G 159 -33.29 -32.93 19.81
CA ASN G 159 -34.53 -32.87 19.08
C ASN G 159 -34.52 -31.88 17.95
N LEU G 160 -33.62 -30.93 17.89
CA LEU G 160 -33.55 -29.94 16.85
C LEU G 160 -32.97 -30.57 15.57
N ILE G 161 -32.25 -31.66 15.72
CA ILE G 161 -31.63 -32.39 14.61
C ILE G 161 -32.73 -33.21 13.89
N GLU G 162 -33.13 -32.68 12.75
CA GLU G 162 -34.17 -33.22 11.91
C GLU G 162 -34.13 -34.74 11.78
N GLN G 163 -33.00 -35.29 11.39
CA GLN G 163 -32.81 -36.70 11.17
C GLN G 163 -32.30 -37.48 12.36
N PRO G 164 -33.17 -38.36 12.83
CA PRO G 164 -32.88 -39.25 13.96
C PRO G 164 -31.50 -39.87 13.82
N GLN G 165 -31.23 -40.42 12.64
CA GLN G 165 -29.92 -41.05 12.39
C GLN G 165 -28.73 -40.16 12.70
N ARG G 166 -28.85 -38.86 12.47
CA ARG G 166 -27.74 -37.92 12.74
C ARG G 166 -27.50 -37.73 14.24
N ARG G 167 -28.57 -37.83 15.00
CA ARG G 167 -28.59 -37.72 16.46
C ARG G 167 -27.63 -38.77 17.07
N GLU G 168 -27.65 -39.96 16.48
CA GLU G 168 -26.80 -41.05 16.91
C GLU G 168 -25.33 -40.71 16.92
N THR G 169 -24.88 -39.84 16.03
CA THR G 169 -23.49 -39.41 15.90
C THR G 169 -22.95 -38.69 17.14
N LEU G 170 -23.88 -38.28 18.00
CA LEU G 170 -23.53 -37.52 19.19
C LEU G 170 -23.46 -38.37 20.47
N ILE G 171 -23.79 -39.64 20.36
CA ILE G 171 -23.83 -40.52 21.51
C ILE G 171 -22.57 -41.27 21.82
N ALA G 172 -21.98 -40.98 22.97
CA ALA G 172 -20.74 -41.66 23.37
C ALA G 172 -21.10 -43.12 23.80
N LYS G 173 -20.22 -44.01 23.41
CA LYS G 173 -20.35 -45.44 23.70
C LYS G 173 -19.59 -45.82 24.99
N ARG G 174 -20.39 -46.19 25.99
CA ARG G 174 -19.90 -46.63 27.29
C ARG G 174 -19.03 -47.90 27.09
N CYS G 175 -17.91 -47.88 27.76
CA CYS G 175 -16.93 -48.96 27.79
C CYS G 175 -16.29 -48.95 29.19
N GLU G 176 -15.28 -49.77 29.34
CA GLU G 176 -14.54 -49.89 30.63
C GLU G 176 -13.06 -49.88 30.23
N VAL G 177 -12.27 -49.17 31.00
CA VAL G 177 -10.81 -49.11 30.72
C VAL G 177 -10.14 -49.31 32.09
N ASP G 178 -9.46 -50.45 32.21
CA ASP G 178 -8.81 -50.79 33.52
C ASP G 178 -9.95 -50.81 34.54
N GLY G 179 -11.01 -51.50 34.15
CA GLY G 179 -12.21 -51.59 35.01
C GLY G 179 -12.65 -50.19 35.42
N LYS G 180 -12.42 -49.24 34.53
CA LYS G 180 -12.85 -47.83 34.80
C LYS G 180 -13.93 -47.51 33.76
N THR G 181 -14.90 -46.76 34.21
CA THR G 181 -16.03 -46.38 33.31
C THR G 181 -15.46 -45.36 32.30
N ALA G 182 -15.64 -45.70 31.05
CA ALA G 182 -15.20 -44.92 29.91
C ALA G 182 -16.33 -44.82 28.87
N TYR G 183 -16.16 -43.85 28.01
CA TYR G 183 -17.03 -43.54 26.89
C TYR G 183 -16.12 -43.09 25.73
N ARG G 184 -16.33 -43.74 24.63
CA ARG G 184 -15.63 -43.48 23.40
C ARG G 184 -16.53 -42.55 22.54
N PHE G 185 -15.89 -41.46 22.13
CA PHE G 185 -16.59 -40.44 21.29
C PHE G 185 -15.65 -40.05 20.14
N ASP G 186 -15.84 -40.72 19.05
CA ASP G 186 -15.13 -40.52 17.80
C ASP G 186 -15.87 -39.40 17.02
N ILE G 187 -15.04 -38.52 16.46
CA ILE G 187 -15.57 -37.41 15.66
C ILE G 187 -15.21 -37.72 14.19
N ARG G 188 -16.20 -37.59 13.38
CA ARG G 188 -16.06 -37.81 11.91
C ARG G 188 -16.47 -36.46 11.30
N ILE G 189 -15.43 -35.71 10.94
CA ILE G 189 -15.55 -34.40 10.37
C ILE G 189 -16.31 -34.34 9.03
N GLN G 190 -16.18 -35.42 8.27
CA GLN G 190 -16.79 -35.43 6.94
C GLN G 190 -17.08 -36.83 6.44
N GLY G 191 -18.12 -36.98 5.65
CA GLY G 191 -18.55 -38.21 5.04
C GLY G 191 -19.56 -38.98 5.89
N GLU G 192 -19.57 -40.28 5.63
CA GLU G 192 -20.43 -41.26 6.30
C GLU G 192 -20.20 -41.20 7.81
N GLY G 193 -21.29 -41.05 8.50
CA GLY G 193 -21.35 -40.92 9.96
C GLY G 193 -20.82 -39.54 10.37
N GLU G 194 -20.92 -38.60 9.47
CA GLU G 194 -20.42 -37.22 9.75
C GLU G 194 -21.12 -36.70 11.02
N THR G 195 -20.31 -36.32 11.97
CA THR G 195 -20.78 -35.82 13.24
C THR G 195 -21.53 -34.49 13.02
N VAL G 196 -22.61 -34.37 13.72
CA VAL G 196 -23.44 -33.17 13.73
C VAL G 196 -22.56 -32.07 14.43
N PHE G 197 -22.54 -30.92 13.77
CA PHE G 197 -21.84 -29.75 14.28
C PHE G 197 -22.89 -28.63 14.39
N PHE G 198 -22.72 -27.82 15.43
CA PHE G 198 -23.66 -26.75 15.71
C PHE G 198 -23.13 -25.34 15.41
N ASP G 199 -24.16 -24.51 15.31
CA ASP G 199 -24.00 -23.06 15.16
C ASP G 199 -24.91 -22.45 16.28
N PHE G 200 -24.37 -21.50 16.98
CA PHE G 200 -25.01 -20.78 18.06
C PHE G 200 -24.35 -19.41 18.35
N PRO H 1 -21.77 -20.73 40.84
CA PRO H 1 -21.58 -21.17 39.44
C PRO H 1 -22.07 -20.10 38.48
N ALA H 2 -21.78 -20.35 37.21
CA ALA H 2 -22.15 -19.44 36.12
C ALA H 2 -23.66 -19.36 35.95
N GLN H 3 -24.10 -18.23 35.39
CA GLN H 3 -25.56 -18.04 35.14
C GLN H 3 -25.79 -17.59 33.70
N ASP H 4 -26.92 -18.00 33.18
CA ASP H 4 -27.40 -17.68 31.83
C ASP H 4 -28.07 -16.31 31.87
N ASN H 5 -27.28 -15.27 31.73
CA ASN H 5 -27.88 -13.91 31.77
C ASN H 5 -27.59 -13.11 30.53
N SER H 6 -26.92 -13.69 29.55
CA SER H 6 -26.53 -13.00 28.34
C SER H 6 -26.83 -13.78 27.05
N ARG H 7 -27.00 -13.00 26.02
CA ARG H 7 -27.19 -13.51 24.64
C ARG H 7 -25.99 -12.94 23.88
N PHE H 8 -25.52 -13.61 22.88
CA PHE H 8 -24.38 -13.17 22.05
C PHE H 8 -24.86 -13.04 20.61
N VAL H 9 -24.46 -11.92 20.00
CA VAL H 9 -24.86 -11.64 18.62
C VAL H 9 -24.43 -12.86 17.74
N ILE H 10 -25.36 -13.29 16.93
CA ILE H 10 -25.11 -14.42 16.03
C ILE H 10 -23.91 -14.09 15.13
N ARG H 11 -23.05 -15.08 14.96
CA ARG H 11 -21.86 -14.95 14.11
C ARG H 11 -22.25 -14.79 12.61
N ASP H 12 -21.44 -14.00 11.94
CA ASP H 12 -21.61 -13.81 10.49
C ASP H 12 -20.63 -14.77 9.81
N ARG H 13 -21.16 -15.89 9.36
CA ARG H 13 -20.38 -16.94 8.71
C ARG H 13 -19.96 -16.65 7.27
N ASN H 14 -20.39 -15.45 6.82
CA ASN H 14 -19.96 -14.98 5.48
C ASN H 14 -18.74 -14.08 5.72
N TRP H 15 -18.61 -13.59 6.95
CA TRP H 15 -17.47 -12.73 7.34
C TRP H 15 -16.24 -13.58 7.68
N HIS H 16 -16.46 -14.55 8.52
CA HIS H 16 -15.43 -15.56 8.91
C HIS H 16 -15.23 -16.41 7.61
N PRO H 17 -14.09 -17.01 7.52
CA PRO H 17 -13.77 -17.92 6.42
C PRO H 17 -14.76 -19.11 6.49
N LYS H 18 -15.03 -19.68 5.35
CA LYS H 18 -15.93 -20.84 5.23
C LYS H 18 -15.06 -22.10 5.57
N ALA H 19 -15.76 -23.21 5.69
CA ALA H 19 -15.05 -24.50 6.03
C ALA H 19 -14.26 -24.96 4.80
N LEU H 20 -14.96 -24.98 3.66
CA LEU H 20 -14.29 -25.50 2.43
C LEU H 20 -13.74 -24.33 1.60
N THR H 21 -12.42 -24.29 1.59
CA THR H 21 -11.70 -23.24 0.85
C THR H 21 -10.56 -23.99 0.22
N PRO H 22 -10.89 -24.61 -0.93
CA PRO H 22 -9.97 -25.47 -1.61
C PRO H 22 -8.57 -25.04 -1.84
N ASP H 23 -8.22 -23.77 -1.89
CA ASP H 23 -6.80 -23.41 -2.12
C ASP H 23 -5.98 -23.76 -0.88
N TYR H 24 -6.70 -23.82 0.22
CA TYR H 24 -6.03 -24.26 1.51
C TYR H 24 -6.36 -25.79 1.43
N LYS H 25 -5.40 -26.47 0.83
CA LYS H 25 -5.60 -27.92 0.57
C LYS H 25 -6.14 -28.72 1.72
N THR H 26 -5.61 -28.51 2.94
CA THR H 26 -6.05 -29.27 4.09
C THR H 26 -7.54 -29.18 4.45
N SER H 27 -8.13 -28.02 4.15
CA SER H 27 -9.54 -27.78 4.42
C SER H 27 -10.47 -28.71 3.63
N ILE H 28 -10.02 -29.29 2.52
CA ILE H 28 -10.89 -30.14 1.71
C ILE H 28 -11.47 -31.33 2.46
N ALA H 29 -10.52 -32.10 3.04
CA ALA H 29 -10.82 -33.31 3.80
C ALA H 29 -11.23 -33.00 5.24
N ARG H 30 -10.97 -31.77 5.73
CA ARG H 30 -11.32 -31.44 7.10
C ARG H 30 -12.41 -30.42 7.23
N SER H 31 -13.40 -30.53 6.34
CA SER H 31 -14.54 -29.60 6.37
C SER H 31 -15.79 -30.46 6.25
N PRO H 32 -16.78 -30.16 7.07
CA PRO H 32 -18.04 -30.90 7.00
C PRO H 32 -18.68 -30.71 5.61
N ARG H 33 -19.46 -31.66 5.21
CA ARG H 33 -20.23 -31.64 3.98
C ARG H 33 -21.68 -31.39 4.34
N GLN H 34 -22.07 -31.66 5.60
CA GLN H 34 -23.44 -31.41 6.04
C GLN H 34 -23.51 -29.95 6.61
N ALA H 35 -24.66 -29.35 6.54
CA ALA H 35 -24.84 -28.00 7.08
C ALA H 35 -24.76 -28.08 8.61
N LEU H 36 -24.26 -27.00 9.18
CA LEU H 36 -24.19 -26.88 10.66
C LEU H 36 -25.65 -26.84 11.16
N VAL H 37 -25.86 -27.31 12.36
CA VAL H 37 -27.22 -27.26 12.94
C VAL H 37 -27.30 -26.09 13.94
N SER H 38 -28.21 -25.15 13.66
CA SER H 38 -28.41 -23.99 14.52
C SER H 38 -29.23 -24.44 15.75
N ILE H 39 -28.83 -23.95 16.87
CA ILE H 39 -29.47 -24.16 18.17
C ILE H 39 -29.49 -22.83 18.97
N PRO H 40 -30.58 -22.64 19.69
CA PRO H 40 -30.77 -21.46 20.55
C PRO H 40 -29.67 -21.48 21.62
N GLN H 41 -29.38 -20.26 22.09
CA GLN H 41 -28.32 -20.13 23.11
C GLN H 41 -28.95 -20.52 24.45
N SER H 42 -28.20 -21.31 25.19
CA SER H 42 -28.58 -21.77 26.55
C SER H 42 -27.35 -21.53 27.45
N ILE H 43 -27.52 -21.78 28.71
CA ILE H 43 -26.41 -21.62 29.67
C ILE H 43 -25.17 -22.38 29.24
N SER H 44 -25.34 -23.50 28.56
CA SER H 44 -24.21 -24.28 28.07
C SER H 44 -23.31 -23.44 27.14
N GLU H 45 -23.97 -22.65 26.30
CA GLU H 45 -23.33 -21.83 25.30
C GLU H 45 -22.99 -20.42 25.72
N THR H 46 -23.75 -19.85 26.62
CA THR H 46 -23.49 -18.46 27.05
C THR H 46 -22.60 -18.25 28.24
N THR H 47 -22.02 -19.35 28.72
CA THR H 47 -21.09 -19.30 29.87
C THR H 47 -19.74 -19.86 29.38
N GLY H 48 -18.76 -19.70 30.28
CA GLY H 48 -17.40 -20.19 29.95
C GLY H 48 -16.50 -19.88 31.15
N PRO H 49 -15.28 -20.37 31.01
CA PRO H 49 -14.27 -20.20 32.06
C PRO H 49 -13.82 -18.75 32.19
N ASN H 50 -13.55 -18.41 33.42
CA ASN H 50 -13.01 -17.16 33.88
C ASN H 50 -11.60 -17.53 34.45
N PHE H 51 -10.57 -16.98 33.85
CA PHE H 51 -9.19 -17.26 34.21
C PHE H 51 -8.55 -16.34 35.23
N SER H 52 -9.31 -15.50 35.89
CA SER H 52 -8.79 -14.58 36.88
C SER H 52 -7.87 -15.21 37.94
N HIS H 53 -8.18 -16.41 38.34
CA HIS H 53 -7.41 -17.10 39.37
C HIS H 53 -6.33 -17.99 38.83
N LEU H 54 -6.11 -17.93 37.52
CA LEU H 54 -4.99 -18.77 36.97
C LEU H 54 -3.71 -18.10 37.51
N GLY H 55 -2.78 -18.92 37.89
CA GLY H 55 -1.49 -18.41 38.46
C GLY H 55 -0.51 -18.20 37.32
N PHE H 56 -0.41 -16.97 36.86
CA PHE H 56 0.49 -16.61 35.74
C PHE H 56 1.90 -16.29 36.26
N GLY H 57 2.85 -16.74 35.51
CA GLY H 57 4.28 -16.46 35.78
C GLY H 57 4.52 -14.97 35.41
N ALA H 58 5.60 -14.47 35.97
CA ALA H 58 6.08 -13.12 35.84
C ALA H 58 6.34 -12.70 34.39
N HIS H 59 6.82 -13.66 33.62
CA HIS H 59 7.15 -13.40 32.21
C HIS H 59 6.26 -14.19 31.28
N ASP H 60 5.05 -14.48 31.66
CA ASP H 60 4.16 -15.31 30.82
C ASP H 60 3.91 -14.62 29.46
N HIS H 61 3.92 -13.30 29.54
CA HIS H 61 3.66 -12.44 28.40
C HIS H 61 4.92 -11.82 27.82
N ASP H 62 6.08 -12.22 28.33
CA ASP H 62 7.34 -11.64 27.79
C ASP H 62 8.21 -12.70 27.13
N LEU H 63 8.06 -12.85 25.81
CA LEU H 63 8.72 -13.81 24.98
C LEU H 63 10.23 -13.57 24.86
N LEU H 64 10.67 -12.44 25.33
CA LEU H 64 12.07 -12.07 25.35
C LEU H 64 12.73 -12.70 26.60
N LEU H 65 11.95 -12.89 27.65
CA LEU H 65 12.47 -13.48 28.89
C LEU H 65 11.99 -14.84 29.30
N ASN H 66 10.88 -15.31 28.80
CA ASN H 66 10.25 -16.55 29.18
C ASN H 66 10.85 -17.85 28.71
N PHE H 67 11.95 -17.84 28.00
CA PHE H 67 12.58 -19.08 27.51
C PHE H 67 14.10 -18.81 27.73
N GLY H 71 20.81 -15.71 27.40
CA GLY H 71 20.55 -14.89 26.27
C GLY H 71 19.18 -14.37 25.93
N LEU H 72 19.27 -13.43 25.00
CA LEU H 72 18.19 -12.70 24.34
C LEU H 72 18.03 -13.36 22.95
N PRO H 73 16.78 -13.49 22.57
CA PRO H 73 16.47 -14.04 21.24
C PRO H 73 17.01 -13.04 20.17
N ILE H 74 17.35 -13.59 19.01
CA ILE H 74 17.80 -12.76 17.87
C ILE H 74 16.51 -12.40 17.08
N GLY H 75 16.36 -11.13 16.79
CA GLY H 75 15.16 -10.69 16.03
C GLY H 75 14.70 -9.30 16.43
N GLU H 76 13.74 -8.84 15.64
CA GLU H 76 13.18 -7.50 15.84
C GLU H 76 12.35 -7.47 17.11
N ARG H 77 12.83 -6.71 18.05
CA ARG H 77 12.13 -6.56 19.36
C ARG H 77 10.86 -5.70 19.12
N ILE H 78 9.75 -6.26 19.51
CA ILE H 78 8.47 -5.60 19.41
C ILE H 78 7.57 -5.91 20.60
N ILE H 79 6.67 -5.01 20.81
CA ILE H 79 5.59 -5.06 21.78
C ILE H 79 4.33 -5.24 20.88
N VAL H 80 3.50 -6.17 21.25
CA VAL H 80 2.20 -6.42 20.57
C VAL H 80 1.19 -6.17 21.74
N ALA H 81 0.40 -5.15 21.50
CA ALA H 81 -0.57 -4.67 22.44
C ALA H 81 -1.87 -4.28 21.70
N GLY H 82 -2.94 -4.21 22.45
CA GLY H 82 -4.23 -3.85 21.91
C GLY H 82 -5.27 -4.05 22.97
N ARG H 83 -6.50 -3.97 22.54
CA ARG H 83 -7.65 -4.09 23.43
C ARG H 83 -8.61 -5.12 22.90
N VAL H 84 -9.31 -5.76 23.81
CA VAL H 84 -10.34 -6.72 23.47
C VAL H 84 -11.68 -6.05 23.82
N VAL H 85 -12.49 -5.92 22.84
CA VAL H 85 -13.82 -5.32 22.98
C VAL H 85 -14.82 -6.28 22.32
N ASP H 86 -16.06 -6.09 22.61
CA ASP H 86 -17.15 -6.88 21.97
C ASP H 86 -17.71 -5.94 20.83
N GLN H 87 -18.62 -6.43 20.07
CA GLN H 87 -19.23 -5.76 18.93
C GLN H 87 -19.92 -4.44 19.31
N TYR H 88 -20.29 -4.35 20.59
CA TYR H 88 -20.91 -3.14 21.10
C TYR H 88 -19.85 -2.15 21.54
N GLY H 89 -18.59 -2.51 21.41
CA GLY H 89 -17.50 -1.60 21.78
C GLY H 89 -17.15 -1.63 23.25
N LYS H 90 -17.70 -2.61 23.92
CA LYS H 90 -17.47 -2.76 25.42
C LYS H 90 -16.21 -3.56 25.65
N PRO H 91 -15.38 -3.04 26.53
CA PRO H 91 -14.09 -3.73 26.89
C PRO H 91 -14.42 -5.11 27.47
N VAL H 92 -13.49 -6.00 27.21
CA VAL H 92 -13.57 -7.42 27.70
C VAL H 92 -12.45 -7.60 28.72
N PRO H 93 -12.82 -7.34 29.96
CA PRO H 93 -11.81 -7.45 31.07
C PRO H 93 -11.56 -8.84 31.57
N ASN H 94 -10.37 -9.01 32.11
CA ASN H 94 -9.93 -10.28 32.73
C ASN H 94 -10.23 -11.48 31.87
N THR H 95 -9.92 -11.37 30.59
CA THR H 95 -10.11 -12.38 29.58
C THR H 95 -8.73 -12.89 29.20
N LEU H 96 -8.72 -14.16 28.87
CA LEU H 96 -7.49 -14.85 28.53
C LEU H 96 -7.10 -14.75 27.06
N VAL H 97 -5.88 -14.28 26.91
CA VAL H 97 -5.23 -14.10 25.64
C VAL H 97 -3.91 -14.89 25.60
N GLU H 98 -3.91 -15.84 24.70
CA GLU H 98 -2.75 -16.70 24.45
C GLU H 98 -2.28 -16.51 23.02
N MET H 99 -0.99 -16.68 22.87
CA MET H 99 -0.30 -16.55 21.61
C MET H 99 0.88 -17.48 21.46
N TRP H 100 1.14 -17.85 20.23
CA TRP H 100 2.27 -18.70 19.84
C TRP H 100 2.74 -18.22 18.45
N GLN H 101 4.01 -18.43 18.16
CA GLN H 101 4.55 -18.03 16.85
C GLN H 101 5.95 -18.65 16.65
N ALA H 102 6.41 -18.53 15.40
CA ALA H 102 7.75 -18.98 15.06
C ALA H 102 8.78 -17.94 15.57
N ASN H 103 10.06 -18.32 15.37
CA ASN H 103 11.15 -17.41 15.72
C ASN H 103 11.39 -16.43 14.54
N ALA H 104 12.50 -15.71 14.65
CA ALA H 104 12.85 -14.74 13.59
C ALA H 104 13.05 -15.30 12.22
N GLY H 105 13.41 -16.56 12.03
CA GLY H 105 13.63 -17.22 10.77
C GLY H 105 12.45 -17.99 10.25
N GLY H 106 11.36 -18.02 11.01
CA GLY H 106 10.15 -18.77 10.62
C GLY H 106 10.12 -20.21 11.16
N ARG H 107 11.04 -20.52 12.07
CA ARG H 107 11.14 -21.82 12.71
C ARG H 107 10.33 -21.88 14.01
N TYR H 108 9.50 -22.91 14.06
CA TYR H 108 8.65 -23.15 15.24
C TYR H 108 9.38 -24.19 16.16
N ARG H 109 9.18 -23.94 17.44
CA ARG H 109 9.76 -24.86 18.48
C ARG H 109 8.69 -25.92 18.78
N HIS H 110 8.65 -26.83 17.80
CA HIS H 110 7.71 -27.94 17.78
C HIS H 110 8.37 -29.10 17.03
N LYS H 111 8.15 -30.27 17.62
CA LYS H 111 8.71 -31.52 17.11
C LYS H 111 8.43 -31.76 15.65
N ASN H 112 7.25 -31.35 15.18
CA ASN H 112 6.84 -31.51 13.79
C ASN H 112 7.41 -30.54 12.77
N ASP H 113 8.07 -29.48 13.20
CA ASP H 113 8.63 -28.46 12.32
C ASP H 113 10.01 -28.88 11.85
N ARG H 114 10.08 -29.16 10.57
CA ARG H 114 11.37 -29.58 9.95
C ARG H 114 12.00 -28.49 9.11
N TYR H 115 11.40 -27.30 9.06
CA TYR H 115 11.98 -26.22 8.23
C TYR H 115 13.45 -26.09 8.62
N LEU H 116 14.30 -25.84 7.65
CA LEU H 116 15.74 -25.71 7.80
C LEU H 116 16.21 -24.53 8.59
N ALA H 117 15.44 -23.45 8.74
CA ALA H 117 15.94 -22.30 9.55
C ALA H 117 16.10 -22.85 11.00
N PRO H 118 17.19 -22.47 11.64
CA PRO H 118 17.51 -22.94 12.98
C PRO H 118 16.61 -22.39 14.05
N LEU H 119 16.66 -23.09 15.19
CA LEU H 119 15.95 -22.68 16.40
C LEU H 119 16.82 -21.59 17.04
N ASP H 120 16.17 -20.82 17.87
CA ASP H 120 16.86 -19.75 18.63
C ASP H 120 16.91 -20.32 20.07
N PRO H 121 18.12 -20.55 20.53
CA PRO H 121 18.33 -21.12 21.88
C PRO H 121 17.62 -20.38 22.96
N ASN H 122 17.38 -19.07 22.79
CA ASN H 122 16.68 -18.25 23.77
C ASN H 122 15.22 -17.99 23.45
N PHE H 123 14.69 -18.68 22.47
CA PHE H 123 13.24 -18.37 22.15
C PHE H 123 12.35 -19.60 22.12
N GLY H 124 11.25 -19.51 22.89
CA GLY H 124 10.21 -20.49 23.00
C GLY H 124 9.09 -20.22 21.96
N GLY H 125 8.44 -19.08 22.07
CA GLY H 125 7.37 -18.66 21.18
C GLY H 125 5.99 -18.75 21.74
N VAL H 126 5.80 -18.77 23.05
CA VAL H 126 4.49 -18.84 23.68
C VAL H 126 4.31 -17.75 24.75
N GLY H 127 3.11 -17.20 24.78
CA GLY H 127 2.77 -16.16 25.76
C GLY H 127 1.28 -16.27 26.04
N ARG H 128 0.89 -15.70 27.13
CA ARG H 128 -0.44 -15.61 27.69
C ARG H 128 -0.43 -14.32 28.57
N CME H 129 -1.58 -13.73 28.57
CA CME H 129 -1.86 -12.46 29.26
CB CME H 129 -1.40 -11.33 28.32
SG CME H 129 -1.90 -9.70 28.95
SD CME H 129 -0.98 -9.41 30.68
CE CME H 129 0.66 -8.72 30.35
CZ CME H 129 0.53 -7.19 30.72
OH CME H 129 -0.45 -6.66 29.79
C CME H 129 -3.39 -12.38 29.50
O CME H 129 -4.20 -12.76 28.65
N LEU H 130 -3.66 -11.86 30.69
CA LEU H 130 -5.03 -11.63 31.11
C LEU H 130 -5.30 -10.13 30.86
N THR H 131 -6.38 -9.84 30.11
CA THR H 131 -6.70 -8.44 29.88
C THR H 131 -7.02 -7.80 31.25
N ASP H 132 -6.65 -6.54 31.31
CA ASP H 132 -6.86 -5.71 32.50
C ASP H 132 -8.33 -5.24 32.48
N SER H 133 -8.55 -4.34 33.43
CA SER H 133 -9.87 -3.74 33.62
C SER H 133 -10.42 -3.08 32.38
N ASP H 134 -9.55 -2.57 31.54
CA ASP H 134 -9.97 -1.90 30.31
C ASP H 134 -9.95 -2.70 29.05
N GLY H 135 -9.64 -3.96 29.14
CA GLY H 135 -9.57 -4.88 28.02
C GLY H 135 -8.21 -4.88 27.33
N TYR H 136 -7.22 -4.25 27.96
CA TYR H 136 -5.88 -4.17 27.40
C TYR H 136 -5.02 -5.38 27.72
N TYR H 137 -4.25 -5.77 26.75
CA TYR H 137 -3.30 -6.86 26.86
C TYR H 137 -2.01 -6.40 26.16
N SER H 138 -0.92 -7.05 26.50
CA SER H 138 0.34 -6.78 25.85
C SER H 138 1.34 -7.91 26.05
N PHE H 139 2.10 -8.08 25.01
CA PHE H 139 3.13 -9.06 24.85
C PHE H 139 4.38 -8.34 24.34
N ARG H 140 5.48 -8.92 24.70
CA ARG H 140 6.80 -8.46 24.31
C ARG H 140 7.44 -9.69 23.61
N THR H 141 7.87 -9.45 22.40
CA THR H 141 8.41 -10.55 21.58
C THR H 141 9.32 -10.07 20.48
N ILE H 142 9.54 -10.96 19.52
CA ILE H 142 10.32 -10.71 18.33
C ILE H 142 9.38 -11.00 17.14
N LYS H 143 9.51 -10.20 16.11
CA LYS H 143 8.70 -10.34 14.88
C LYS H 143 9.08 -11.68 14.24
N PRO H 144 8.07 -12.55 14.07
CA PRO H 144 8.30 -13.86 13.48
C PRO H 144 8.59 -13.69 11.97
N GLY H 145 9.24 -14.67 11.44
CA GLY H 145 9.58 -14.76 10.01
C GLY H 145 8.48 -15.57 9.32
N PRO H 146 8.34 -15.27 8.02
CA PRO H 146 7.38 -16.03 7.19
C PRO H 146 8.04 -17.44 7.07
N TYR H 147 7.23 -18.35 6.60
CA TYR H 147 7.75 -19.70 6.37
C TYR H 147 6.96 -20.48 5.36
N PRO H 148 7.74 -21.27 4.65
CA PRO H 148 7.23 -22.11 3.57
C PRO H 148 6.42 -23.24 4.15
N TRP H 149 5.41 -23.72 3.51
CA TRP H 149 4.58 -24.84 3.99
C TRP H 149 4.14 -25.61 2.76
N ARG H 150 3.85 -26.86 2.94
CA ARG H 150 3.45 -27.74 1.85
C ARG H 150 2.02 -27.57 1.40
N ASN H 151 1.67 -26.52 0.70
CA ASN H 151 0.33 -26.25 0.17
C ASN H 151 0.53 -26.42 -1.36
N GLY H 152 0.65 -25.27 -2.00
CA GLY H 152 1.02 -25.28 -3.46
C GLY H 152 2.58 -25.48 -3.36
N PRO H 153 3.23 -25.56 -4.49
CA PRO H 153 4.67 -25.77 -4.58
C PRO H 153 5.54 -24.64 -4.10
N ASN H 154 4.99 -23.43 -4.00
CA ASN H 154 5.76 -22.29 -3.51
C ASN H 154 4.92 -21.41 -2.60
N ASP H 155 4.30 -22.01 -1.59
CA ASP H 155 3.49 -21.29 -0.60
C ASP H 155 4.33 -20.84 0.59
N TRP H 156 4.05 -19.59 1.02
CA TRP H 156 4.70 -18.97 2.15
C TRP H 156 3.71 -18.25 3.08
N ARG H 157 3.71 -18.67 4.32
CA ARG H 157 2.80 -17.97 5.26
C ARG H 157 3.48 -16.58 5.47
N PRO H 158 2.66 -15.56 5.47
CA PRO H 158 3.15 -14.19 5.80
C PRO H 158 3.57 -14.25 7.30
N ALA H 159 4.46 -13.40 7.75
CA ALA H 159 4.82 -13.37 9.18
C ALA H 159 3.46 -13.26 9.92
N HIS H 160 3.31 -14.06 10.95
CA HIS H 160 2.06 -14.02 11.76
C HIS H 160 2.27 -14.52 13.20
N ILE H 161 1.33 -14.10 14.02
CA ILE H 161 1.30 -14.55 15.42
C ILE H 161 -0.05 -15.21 15.65
N HIS H 162 -0.05 -16.45 16.12
CA HIS H 162 -1.34 -17.12 16.39
C HIS H 162 -1.87 -16.57 17.73
N PHE H 163 -3.15 -16.34 17.75
CA PHE H 163 -3.84 -15.82 18.94
C PHE H 163 -5.09 -16.66 19.25
N GLY H 164 -5.38 -16.76 20.51
CA GLY H 164 -6.53 -17.44 21.09
C GLY H 164 -7.10 -16.46 22.17
N ILE H 165 -8.38 -16.29 22.14
CA ILE H 165 -9.08 -15.41 23.06
C ILE H 165 -10.30 -16.14 23.62
N SER H 166 -10.40 -16.06 24.97
CA SER H 166 -11.53 -16.76 25.62
C SER H 166 -12.83 -15.99 25.53
N GLY H 167 -12.79 -14.77 26.07
CA GLY H 167 -14.03 -13.94 26.07
C GLY H 167 -14.83 -14.46 27.24
N PRO H 168 -16.00 -13.87 27.44
CA PRO H 168 -16.87 -14.24 28.55
C PRO H 168 -17.57 -15.58 28.40
N SER H 169 -17.51 -16.21 27.28
CA SER H 169 -18.18 -17.50 27.05
C SER H 169 -17.55 -18.34 25.98
N ILE H 170 -18.08 -19.57 25.90
CA ILE H 170 -17.61 -20.50 24.89
C ILE H 170 -18.07 -20.02 23.51
N ALA H 171 -19.15 -19.26 23.51
CA ALA H 171 -19.74 -18.67 22.30
C ALA H 171 -18.82 -17.63 21.65
N THR H 172 -18.05 -16.97 22.50
CA THR H 172 -17.09 -15.93 22.15
C THR H 172 -15.70 -16.43 21.89
N LYS H 173 -15.40 -17.66 22.38
CA LYS H 173 -13.98 -18.15 22.20
C LYS H 173 -13.56 -18.08 20.74
N LEU H 174 -12.29 -17.60 20.52
CA LEU H 174 -11.82 -17.45 19.14
C LEU H 174 -10.35 -17.71 18.99
N ILE H 175 -10.00 -18.26 17.83
CA ILE H 175 -8.63 -18.51 17.44
C ILE H 175 -8.46 -17.78 16.09
N THR H 176 -7.38 -17.00 16.05
CA THR H 176 -7.10 -16.21 14.87
C THR H 176 -5.62 -16.02 14.66
N GLN H 177 -5.37 -15.16 13.65
CA GLN H 177 -3.92 -14.87 13.35
C GLN H 177 -3.83 -13.35 13.13
N LEU H 178 -2.77 -12.84 13.60
CA LEU H 178 -2.36 -11.43 13.46
C LEU H 178 -1.30 -11.42 12.31
N TYR H 179 -1.51 -10.50 11.39
CA TYR H 179 -0.57 -10.30 10.25
C TYR H 179 0.02 -8.89 10.44
N PHE H 180 1.15 -8.62 9.86
CA PHE H 180 1.84 -7.33 10.02
C PHE H 180 1.63 -6.37 8.85
N GLU H 181 1.31 -5.14 9.16
CA GLU H 181 1.08 -4.07 8.20
C GLU H 181 2.11 -4.06 7.05
N GLY H 182 1.63 -4.03 5.86
CA GLY H 182 2.40 -3.97 4.63
C GLY H 182 3.04 -5.24 4.14
N ASP H 183 2.89 -6.33 4.91
CA ASP H 183 3.53 -7.62 4.46
C ASP H 183 2.95 -7.98 3.08
N PRO H 184 3.85 -8.02 2.09
CA PRO H 184 3.45 -8.34 0.70
C PRO H 184 2.97 -9.75 0.51
N LEU H 185 3.31 -10.66 1.43
CA LEU H 185 2.88 -12.04 1.38
C LEU H 185 1.39 -12.22 1.67
N ILE H 186 0.81 -11.35 2.43
CA ILE H 186 -0.55 -11.36 2.85
C ILE H 186 -1.58 -11.69 1.78
N PRO H 187 -1.56 -10.94 0.69
CA PRO H 187 -2.52 -11.16 -0.39
C PRO H 187 -2.34 -12.49 -1.11
N MET H 188 -1.20 -13.09 -0.97
CA MET H 188 -0.87 -14.35 -1.66
C MET H 188 -1.25 -15.60 -0.92
N CYS H 189 -1.56 -15.45 0.37
CA CYS H 189 -1.87 -16.57 1.24
C CYS H 189 -3.24 -17.19 1.14
N PRO H 190 -3.26 -18.49 0.87
CA PRO H 190 -4.46 -19.30 0.77
C PRO H 190 -5.21 -19.36 2.09
N ILE H 191 -4.50 -19.29 3.20
CA ILE H 191 -5.14 -19.27 4.51
C ILE H 191 -5.84 -17.92 4.73
N VAL H 192 -5.11 -16.85 4.50
CA VAL H 192 -5.65 -15.49 4.61
C VAL H 192 -6.89 -15.43 3.67
N LYS H 193 -6.63 -15.88 2.44
CA LYS H 193 -7.67 -15.92 1.40
C LYS H 193 -8.86 -16.81 1.70
N SER H 194 -8.78 -17.60 2.76
CA SER H 194 -9.95 -18.39 3.22
C SER H 194 -11.05 -17.37 3.55
N ILE H 195 -10.58 -16.12 3.81
CA ILE H 195 -11.50 -15.02 4.13
C ILE H 195 -11.94 -14.40 2.80
N ALA H 196 -13.20 -14.54 2.47
CA ALA H 196 -13.74 -14.00 1.21
C ALA H 196 -13.73 -12.50 1.14
N ASN H 197 -14.07 -11.76 2.15
CA ASN H 197 -14.16 -10.33 2.24
C ASN H 197 -12.89 -9.60 2.67
N PRO H 198 -12.31 -8.82 1.78
CA PRO H 198 -11.09 -8.05 2.01
C PRO H 198 -11.15 -7.14 3.22
N GLU H 199 -12.36 -6.66 3.49
CA GLU H 199 -12.57 -5.80 4.64
C GLU H 199 -12.23 -6.60 5.91
N ALA H 200 -12.63 -7.86 5.88
CA ALA H 200 -12.40 -8.76 7.01
C ALA H 200 -10.92 -9.00 7.21
N VAL H 201 -10.21 -9.13 6.10
CA VAL H 201 -8.76 -9.39 6.13
C VAL H 201 -8.00 -8.25 6.84
N GLN H 202 -8.48 -7.04 6.59
CA GLN H 202 -7.91 -5.82 7.14
C GLN H 202 -7.91 -5.86 8.66
N GLN H 203 -8.92 -6.49 9.20
CA GLN H 203 -9.13 -6.60 10.66
C GLN H 203 -8.09 -7.49 11.34
N LEU H 204 -7.32 -8.25 10.60
CA LEU H 204 -6.26 -9.12 11.06
C LEU H 204 -4.87 -8.53 10.91
N ILE H 205 -4.84 -7.29 10.41
CA ILE H 205 -3.60 -6.59 10.20
C ILE H 205 -3.24 -5.66 11.33
N ALA H 206 -2.12 -6.03 11.99
CA ALA H 206 -1.66 -5.21 13.13
C ALA H 206 -0.95 -4.01 12.49
N LYS H 207 -1.17 -2.87 13.06
CA LYS H 207 -0.59 -1.62 12.61
C LYS H 207 0.61 -1.22 13.47
N LEU H 208 1.61 -0.74 12.79
CA LEU H 208 2.82 -0.18 13.41
C LEU H 208 2.31 0.95 14.35
N ASP H 209 2.75 0.84 15.57
CA ASP H 209 2.34 1.83 16.61
C ASP H 209 3.55 2.47 17.26
N MET H 210 3.98 3.56 16.63
CA MET H 210 5.18 4.28 17.10
C MET H 210 4.96 4.91 18.46
N ASN H 211 3.69 5.21 18.72
CA ASN H 211 3.35 5.88 20.02
C ASN H 211 3.65 4.93 21.19
N ASN H 212 3.64 3.66 20.92
CA ASN H 212 3.84 2.64 21.94
C ASN H 212 5.24 2.06 22.00
N ALA H 213 6.08 2.43 21.08
CA ALA H 213 7.45 1.97 20.98
C ALA H 213 8.29 2.54 22.14
N ASN H 214 9.34 1.83 22.42
CA ASN H 214 10.31 2.22 23.46
C ASN H 214 11.53 2.66 22.59
N PRO H 215 11.74 3.95 22.53
CA PRO H 215 12.84 4.52 21.76
C PRO H 215 14.14 3.81 22.11
N MET H 216 14.95 3.54 21.12
CA MET H 216 16.23 2.91 21.19
C MET H 216 16.04 1.47 21.75
N ASP H 217 14.84 0.92 21.62
CA ASP H 217 14.63 -0.41 22.25
C ASP H 217 13.81 -1.36 21.42
N CYS H 218 12.51 -1.06 21.35
CA CYS H 218 11.62 -1.90 20.57
C CYS H 218 10.47 -1.07 19.95
N LEU H 219 9.98 -1.64 18.89
CA LEU H 219 8.84 -1.13 18.12
C LEU H 219 7.59 -1.72 18.77
N ALA H 220 6.43 -1.28 18.29
CA ALA H 220 5.14 -1.70 18.78
C ALA H 220 4.15 -1.76 17.64
N TYR H 221 3.28 -2.75 17.75
CA TYR H 221 2.19 -3.10 16.89
C TYR H 221 0.95 -3.09 17.81
N ARG H 222 -0.13 -2.72 17.23
CA ARG H 222 -1.43 -2.58 17.87
C ARG H 222 -2.35 -3.55 17.13
N PHE H 223 -2.99 -4.34 17.92
CA PHE H 223 -3.95 -5.35 17.41
C PHE H 223 -5.16 -5.40 18.34
N ASP H 224 -6.24 -4.81 17.87
CA ASP H 224 -7.47 -4.84 18.70
C ASP H 224 -8.25 -6.07 18.26
N ILE H 225 -8.99 -6.60 19.17
CA ILE H 225 -9.78 -7.82 18.87
C ILE H 225 -11.21 -7.53 19.22
N VAL H 226 -12.09 -7.97 18.38
CA VAL H 226 -13.53 -7.80 18.60
C VAL H 226 -14.18 -9.19 18.74
N LEU H 227 -14.83 -9.34 19.90
CA LEU H 227 -15.55 -10.61 20.17
C LEU H 227 -17.05 -10.32 19.95
N ARG H 228 -17.82 -11.35 19.79
CA ARG H 228 -19.26 -11.28 19.59
C ARG H 228 -19.86 -10.36 20.66
N GLY H 229 -20.73 -9.46 20.23
CA GLY H 229 -21.40 -8.50 21.15
C GLY H 229 -22.27 -9.37 22.09
N GLN H 230 -22.26 -8.94 23.33
CA GLN H 230 -22.98 -9.52 24.45
C GLN H 230 -24.08 -8.56 24.92
N ARG H 231 -25.28 -9.08 25.01
CA ARG H 231 -26.42 -8.29 25.48
C ARG H 231 -27.21 -9.09 26.51
N LYS H 232 -28.00 -8.34 27.24
CA LYS H 232 -28.90 -8.92 28.26
C LYS H 232 -30.08 -9.51 27.42
N THR H 233 -30.64 -10.54 27.97
CA THR H 233 -31.83 -11.18 27.34
C THR H 233 -32.99 -10.20 27.59
N HIS H 234 -33.95 -10.24 26.73
CA HIS H 234 -35.13 -9.32 26.89
C HIS H 234 -36.32 -10.05 26.32
N PHE H 235 -37.50 -9.84 26.91
CA PHE H 235 -38.73 -10.48 26.49
C PHE H 235 -38.58 -11.93 26.09
N GLU H 236 -37.76 -12.71 26.82
CA GLU H 236 -37.58 -14.11 26.46
C GLU H 236 -38.64 -15.09 26.89
N PRO I 1 5.07 -6.87 -5.63
CA PRO I 1 5.96 -7.97 -6.00
C PRO I 1 6.11 -8.00 -7.53
N ILE I 2 7.15 -8.71 -7.95
CA ILE I 2 7.49 -8.88 -9.34
C ILE I 2 6.52 -9.84 -10.03
N GLU I 3 5.96 -9.40 -11.15
CA GLU I 3 5.06 -10.22 -11.95
C GLU I 3 5.67 -10.48 -13.33
N LEU I 4 5.66 -11.73 -13.72
CA LEU I 4 6.18 -12.13 -15.06
C LEU I 4 4.99 -12.06 -16.03
N LEU I 5 5.19 -12.34 -17.30
CA LEU I 5 4.03 -12.41 -18.23
C LEU I 5 3.29 -13.68 -17.70
N PRO I 6 1.99 -13.67 -17.77
CA PRO I 6 1.20 -14.83 -17.34
C PRO I 6 1.29 -15.95 -18.40
N GLU I 7 1.39 -17.18 -17.86
CA GLU I 7 1.43 -18.35 -18.74
C GLU I 7 0.10 -18.39 -19.52
N THR I 8 0.19 -18.85 -20.75
CA THR I 8 -1.07 -19.01 -21.52
C THR I 8 -1.87 -20.07 -20.72
N PRO I 9 -3.16 -19.80 -20.60
CA PRO I 9 -4.11 -20.60 -19.90
C PRO I 9 -4.43 -21.91 -20.63
N SER I 10 -4.52 -22.96 -19.82
CA SER I 10 -4.90 -24.29 -20.34
C SER I 10 -6.37 -24.33 -20.73
N GLN I 11 -6.63 -25.30 -21.60
CA GLN I 11 -7.99 -25.60 -22.06
C GLN I 11 -8.04 -27.15 -22.25
N THR I 12 -9.20 -27.70 -22.05
CA THR I 12 -9.41 -29.15 -22.18
C THR I 12 -9.04 -29.52 -23.64
N ALA I 13 -8.50 -30.70 -23.75
CA ALA I 13 -8.11 -31.23 -25.07
C ALA I 13 -9.36 -31.53 -25.87
N GLY I 14 -10.49 -31.74 -25.24
CA GLY I 14 -11.73 -32.05 -25.97
C GLY I 14 -11.70 -33.53 -26.44
N PRO I 15 -12.86 -33.98 -26.93
CA PRO I 15 -13.09 -35.31 -27.42
C PRO I 15 -12.40 -35.72 -28.72
N TYR I 16 -11.94 -34.77 -29.49
CA TYR I 16 -11.31 -35.03 -30.79
C TYR I 16 -9.82 -34.87 -30.80
N VAL I 17 -9.24 -34.93 -29.58
CA VAL I 17 -7.80 -34.81 -29.43
C VAL I 17 -7.04 -35.74 -30.36
N HIS I 18 -7.64 -36.89 -30.60
CA HIS I 18 -7.04 -37.95 -31.43
C HIS I 18 -6.66 -37.50 -32.83
N ILE I 19 -7.53 -36.62 -33.41
CA ILE I 19 -7.24 -36.11 -34.75
C ILE I 19 -5.87 -35.41 -34.80
N GLY I 20 -5.47 -34.73 -33.74
CA GLY I 20 -4.19 -34.05 -33.72
C GLY I 20 -3.02 -34.87 -33.14
N LEU I 21 -3.31 -35.70 -32.15
CA LEU I 21 -2.28 -36.44 -31.45
C LEU I 21 -2.36 -37.95 -31.45
N ALA I 22 -3.36 -38.52 -32.06
CA ALA I 22 -3.53 -40.01 -32.10
C ALA I 22 -4.37 -40.33 -33.34
N LEU I 23 -3.71 -40.05 -34.48
CA LEU I 23 -4.27 -40.16 -35.83
C LEU I 23 -4.88 -41.55 -36.07
N GLU I 24 -4.04 -42.54 -35.84
CA GLU I 24 -4.48 -43.95 -36.01
C GLU I 24 -5.80 -44.09 -35.27
N ALA I 25 -5.81 -43.65 -34.02
CA ALA I 25 -6.97 -43.68 -33.13
C ALA I 25 -8.18 -42.98 -33.67
N ALA I 26 -8.00 -41.79 -34.22
CA ALA I 26 -9.11 -40.99 -34.78
C ALA I 26 -9.69 -41.67 -36.04
N GLY I 27 -8.97 -42.71 -36.41
CA GLY I 27 -9.30 -43.52 -37.61
C GLY I 27 -8.99 -42.69 -38.88
N ASN I 28 -7.86 -42.02 -38.87
CA ASN I 28 -7.39 -41.18 -39.96
C ASN I 28 -5.96 -41.61 -40.35
N PRO I 29 -5.62 -41.24 -41.58
CA PRO I 29 -4.30 -41.54 -42.14
C PRO I 29 -3.19 -40.91 -41.31
N THR I 30 -2.20 -41.71 -41.01
CA THR I 30 -1.07 -41.19 -40.20
C THR I 30 -0.04 -40.63 -41.18
N ARG I 31 0.87 -39.88 -40.65
CA ARG I 31 1.98 -39.26 -41.40
C ARG I 31 3.17 -40.21 -41.32
N ASP I 32 4.22 -39.89 -42.01
CA ASP I 32 5.45 -40.66 -42.10
C ASP I 32 5.99 -41.00 -40.72
N GLN I 33 6.05 -39.96 -39.88
CA GLN I 33 6.60 -40.14 -38.51
C GLN I 33 5.56 -39.72 -37.48
N GLU I 34 5.26 -40.66 -36.58
CA GLU I 34 4.29 -40.43 -35.52
C GLU I 34 4.88 -40.72 -34.16
N ILE I 35 4.47 -39.96 -33.17
CA ILE I 35 4.91 -40.13 -31.77
C ILE I 35 3.82 -41.03 -31.16
N TRP I 36 4.28 -42.24 -30.78
CA TRP I 36 3.28 -43.19 -30.25
C TRP I 36 3.69 -44.00 -29.08
N ASN I 37 3.08 -45.16 -28.90
CA ASN I 37 3.26 -46.01 -27.73
C ASN I 37 4.36 -47.02 -27.67
N ARG I 38 5.35 -46.96 -28.51
CA ARG I 38 6.45 -47.96 -28.48
C ARG I 38 7.75 -47.23 -28.19
N LEU I 39 8.07 -47.06 -26.92
CA LEU I 39 9.28 -46.36 -26.51
C LEU I 39 10.53 -47.16 -26.80
N ALA I 40 10.36 -48.49 -26.72
CA ALA I 40 11.49 -49.39 -26.93
C ALA I 40 11.37 -50.30 -28.16
N LYS I 41 12.54 -50.38 -28.77
CA LYS I 41 12.72 -51.29 -29.94
C LYS I 41 13.23 -52.61 -29.29
N PRO I 42 12.81 -53.72 -29.88
CA PRO I 42 13.16 -55.04 -29.40
C PRO I 42 14.55 -55.13 -28.82
N ASP I 43 15.46 -54.56 -29.55
CA ASP I 43 16.90 -54.57 -29.23
C ASP I 43 17.30 -53.51 -28.24
N ALA I 44 16.36 -52.95 -27.52
CA ALA I 44 16.70 -51.93 -26.51
C ALA I 44 17.03 -52.65 -25.20
N PRO I 45 18.14 -52.24 -24.62
CA PRO I 45 18.60 -52.82 -23.34
C PRO I 45 17.59 -52.51 -22.23
N GLY I 46 17.58 -53.37 -21.24
CA GLY I 46 16.69 -53.25 -20.08
C GLY I 46 15.63 -54.33 -20.15
N GLU I 47 14.80 -54.35 -19.12
CA GLU I 47 13.72 -55.35 -19.07
C GLU I 47 12.52 -54.83 -19.84
N HIS I 48 12.26 -55.40 -21.00
CA HIS I 48 11.09 -55.02 -21.81
C HIS I 48 9.80 -55.37 -21.09
N ILE I 49 8.89 -54.42 -21.00
CA ILE I 49 7.61 -54.63 -20.34
C ILE I 49 6.47 -53.98 -21.16
N LEU I 50 5.28 -54.38 -20.84
CA LEU I 50 4.04 -53.95 -21.38
C LEU I 50 3.26 -53.24 -20.25
N LEU I 51 2.87 -52.00 -20.59
CA LEU I 51 2.08 -51.21 -19.58
C LEU I 51 0.64 -51.21 -20.12
N LEU I 52 -0.31 -51.30 -19.22
CA LEU I 52 -1.71 -51.24 -19.67
C LEU I 52 -2.56 -50.78 -18.50
N GLY I 53 -3.69 -50.16 -18.84
CA GLY I 53 -4.63 -49.68 -17.88
C GLY I 53 -5.88 -49.03 -18.47
N GLN I 54 -6.72 -48.69 -17.52
CA GLN I 54 -8.01 -48.05 -17.75
C GLN I 54 -8.05 -46.78 -16.91
N VAL I 55 -8.92 -45.91 -17.32
CA VAL I 55 -9.17 -44.62 -16.68
C VAL I 55 -10.64 -44.56 -16.28
N TYR I 56 -10.90 -44.30 -15.01
CA TYR I 56 -12.24 -44.19 -14.47
C TYR I 56 -12.56 -42.74 -14.05
N ASP I 57 -13.79 -42.42 -14.27
CA ASP I 57 -14.34 -41.10 -13.91
C ASP I 57 -14.86 -41.31 -12.48
N GLY I 58 -15.36 -40.29 -11.87
CA GLY I 58 -15.89 -40.23 -10.53
C GLY I 58 -17.09 -41.10 -10.29
N ASN I 59 -17.70 -41.59 -11.35
CA ASN I 59 -18.88 -42.46 -11.27
C ASN I 59 -18.46 -43.93 -11.41
N GLY I 60 -17.21 -44.17 -11.64
CA GLY I 60 -16.60 -45.49 -11.81
C GLY I 60 -16.72 -45.96 -13.28
N HIS I 61 -17.05 -45.02 -14.13
CA HIS I 61 -17.22 -45.24 -15.57
C HIS I 61 -15.93 -45.01 -16.33
N LEU I 62 -15.72 -45.88 -17.30
CA LEU I 62 -14.51 -45.82 -18.15
C LEU I 62 -14.53 -44.50 -18.96
N VAL I 63 -13.37 -43.95 -19.02
CA VAL I 63 -13.06 -42.71 -19.78
C VAL I 63 -12.39 -43.22 -21.06
N ARG I 64 -13.26 -43.32 -22.09
CA ARG I 64 -12.77 -43.89 -23.35
C ARG I 64 -12.14 -42.91 -24.29
N ASP I 65 -11.95 -41.66 -23.91
CA ASP I 65 -11.39 -40.66 -24.83
C ASP I 65 -10.15 -40.04 -24.25
N SER I 66 -9.52 -40.76 -23.30
CA SER I 66 -8.33 -40.17 -22.67
C SER I 66 -7.12 -40.28 -23.58
N PHE I 67 -6.22 -39.35 -23.40
CA PHE I 67 -4.97 -39.21 -24.09
C PHE I 67 -3.90 -39.02 -23.00
N LEU I 68 -2.85 -39.84 -23.11
CA LEU I 68 -1.75 -39.86 -22.17
C LEU I 68 -0.40 -39.72 -22.86
N GLU I 69 0.46 -39.02 -22.14
CA GLU I 69 1.85 -38.78 -22.50
C GLU I 69 2.69 -39.33 -21.35
N VAL I 70 3.81 -39.93 -21.71
CA VAL I 70 4.70 -40.53 -20.72
C VAL I 70 6.14 -40.09 -20.91
N TRP I 71 6.81 -39.96 -19.80
CA TRP I 71 8.21 -39.56 -19.74
C TRP I 71 8.85 -40.49 -18.67
N GLN I 72 9.92 -41.10 -19.11
CA GLN I 72 10.67 -42.04 -18.22
C GLN I 72 12.13 -42.13 -18.65
N ALA I 73 12.96 -42.52 -17.68
CA ALA I 73 14.38 -42.76 -17.95
C ALA I 73 14.44 -44.17 -18.62
N ASP I 74 15.60 -44.37 -19.23
CA ASP I 74 15.94 -45.65 -19.87
C ASP I 74 16.39 -46.58 -18.69
N ALA I 75 16.69 -47.79 -19.09
CA ALA I 75 17.13 -48.85 -18.17
C ALA I 75 18.31 -48.39 -17.35
N ASN I 76 19.14 -47.50 -17.87
CA ASN I 76 20.30 -46.97 -17.17
C ASN I 76 19.94 -45.79 -16.27
N GLY I 77 18.65 -45.47 -16.20
CA GLY I 77 18.24 -44.33 -15.37
C GLY I 77 18.70 -43.04 -16.06
N GLU I 78 18.68 -43.01 -17.39
CA GLU I 78 19.06 -41.80 -18.14
C GLU I 78 17.87 -41.31 -18.98
N TYR I 79 17.75 -39.99 -19.03
CA TYR I 79 16.61 -39.41 -19.81
C TYR I 79 17.09 -39.12 -21.23
N GLN I 80 16.46 -39.80 -22.15
CA GLN I 80 16.84 -39.65 -23.59
C GLN I 80 15.92 -38.63 -24.21
N ASP I 81 16.29 -37.37 -24.20
CA ASP I 81 15.45 -36.28 -24.72
C ASP I 81 15.46 -36.09 -26.23
N ALA I 82 16.53 -36.49 -26.86
CA ALA I 82 16.63 -36.35 -28.35
C ALA I 82 15.74 -37.42 -28.97
N TYR I 83 14.50 -37.04 -29.21
CA TYR I 83 13.48 -37.91 -29.79
C TYR I 83 13.83 -38.22 -31.26
N ASN I 84 13.83 -39.51 -31.53
CA ASN I 84 14.17 -40.02 -32.88
C ASN I 84 13.55 -41.39 -33.05
N LEU I 85 12.91 -41.60 -34.19
CA LEU I 85 12.25 -42.87 -34.49
C LEU I 85 13.27 -44.00 -34.69
N GLU I 86 14.50 -43.59 -34.89
CA GLU I 86 15.63 -44.45 -35.14
C GLU I 86 16.24 -44.97 -33.84
N ASN I 87 15.93 -44.26 -32.77
CA ASN I 87 16.43 -44.62 -31.43
C ASN I 87 15.96 -46.03 -31.06
N ALA I 88 16.82 -46.72 -30.31
CA ALA I 88 16.39 -48.10 -29.88
C ALA I 88 15.41 -47.85 -28.72
N PHE I 89 15.64 -46.73 -28.05
CA PHE I 89 14.82 -46.27 -26.95
C PHE I 89 14.56 -44.74 -26.98
N ASN I 90 13.30 -44.41 -26.69
CA ASN I 90 12.87 -43.00 -26.56
C ASN I 90 12.22 -42.88 -25.16
N SER I 91 12.64 -41.83 -24.46
CA SER I 91 12.13 -41.52 -23.12
C SER I 91 10.69 -41.01 -23.11
N PHE I 92 10.21 -40.60 -24.26
CA PHE I 92 8.85 -40.05 -24.44
C PHE I 92 8.00 -40.90 -25.36
N GLY I 93 6.74 -40.98 -25.00
CA GLY I 93 5.73 -41.71 -25.76
C GLY I 93 4.33 -41.13 -25.52
N ARG I 94 3.41 -41.66 -26.27
CA ARG I 94 1.99 -41.31 -26.24
C ARG I 94 1.11 -42.53 -26.46
N THR I 95 -0.06 -42.43 -25.79
CA THR I 95 -1.04 -43.52 -25.90
C THR I 95 -2.42 -42.93 -25.66
N ALA I 96 -3.42 -43.75 -25.84
CA ALA I 96 -4.82 -43.33 -25.66
C ALA I 96 -5.67 -44.57 -25.37
N THR I 97 -6.84 -44.36 -24.80
CA THR I 97 -7.79 -45.43 -24.47
C THR I 97 -8.72 -45.72 -25.65
N THR I 98 -8.87 -47.05 -25.86
CA THR I 98 -9.76 -47.56 -26.92
C THR I 98 -11.19 -47.09 -26.65
N PHE I 99 -11.87 -46.78 -27.74
CA PHE I 99 -13.27 -46.29 -27.65
C PHE I 99 -14.14 -47.48 -27.28
N ASP I 100 -13.63 -48.67 -27.52
CA ASP I 100 -14.34 -49.94 -27.20
C ASP I 100 -13.98 -50.37 -25.76
N ALA I 101 -12.88 -51.09 -25.70
CA ALA I 101 -12.33 -51.64 -24.46
C ALA I 101 -12.07 -50.53 -23.45
N GLY I 102 -11.49 -49.43 -23.91
CA GLY I 102 -11.18 -48.31 -23.04
C GLY I 102 -9.86 -48.52 -22.31
N GLU I 103 -8.97 -49.28 -22.94
CA GLU I 103 -7.67 -49.58 -22.30
C GLU I 103 -6.53 -49.07 -23.16
N TRP I 104 -5.47 -48.56 -22.57
CA TRP I 104 -4.31 -48.06 -23.30
C TRP I 104 -3.17 -49.06 -23.01
N THR I 105 -2.21 -49.02 -23.88
CA THR I 105 -1.02 -49.86 -23.77
C THR I 105 0.17 -49.06 -24.23
N LEU I 106 1.30 -49.49 -23.72
CA LEU I 106 2.60 -48.86 -24.02
C LEU I 106 3.65 -49.95 -23.98
N HIS I 107 4.59 -49.85 -24.89
CA HIS I 107 5.70 -50.83 -24.97
C HIS I 107 6.99 -50.09 -24.63
N THR I 108 7.58 -50.50 -23.52
CA THR I 108 8.81 -49.85 -23.03
C THR I 108 9.64 -50.82 -22.23
N VAL I 109 10.59 -50.24 -21.52
CA VAL I 109 11.50 -50.98 -20.62
C VAL I 109 11.30 -50.41 -19.20
N LYS I 110 11.73 -51.19 -18.24
CA LYS I 110 11.59 -50.71 -16.82
C LYS I 110 12.69 -49.67 -16.65
N PRO I 111 12.27 -48.51 -16.14
CA PRO I 111 13.19 -47.38 -15.94
C PRO I 111 14.18 -47.62 -14.79
N GLY I 112 15.38 -47.14 -15.01
CA GLY I 112 16.47 -47.17 -14.05
C GLY I 112 16.15 -46.02 -13.05
N VAL I 113 16.87 -46.02 -11.98
CA VAL I 113 16.70 -45.05 -10.88
C VAL I 113 17.36 -43.72 -11.17
N VAL I 114 16.70 -42.64 -10.75
CA VAL I 114 17.26 -41.28 -10.94
C VAL I 114 17.16 -40.62 -9.55
N ASN I 115 18.08 -39.73 -9.29
CA ASN I 115 18.11 -39.01 -8.01
C ASN I 115 17.31 -37.67 -8.15
N ASN I 116 16.71 -37.32 -7.05
CA ASN I 116 16.00 -36.03 -6.97
C ASN I 116 17.11 -34.96 -6.90
N ALA I 117 16.71 -33.73 -6.80
CA ALA I 117 17.58 -32.57 -6.71
C ALA I 117 18.51 -32.67 -5.53
N ALA I 118 18.03 -33.18 -4.42
CA ALA I 118 18.80 -33.34 -3.19
C ALA I 118 19.84 -34.46 -3.24
N GLY I 119 19.88 -35.22 -4.32
CA GLY I 119 20.82 -36.31 -4.50
C GLY I 119 20.32 -37.65 -3.98
N VAL I 120 19.05 -37.73 -3.65
CA VAL I 120 18.43 -38.94 -3.15
C VAL I 120 17.76 -39.67 -4.31
N PRO I 121 18.02 -40.97 -4.44
CA PRO I 121 17.46 -41.81 -5.48
C PRO I 121 15.92 -41.93 -5.31
N MET I 122 15.27 -41.82 -6.45
CA MET I 122 13.80 -41.97 -6.51
C MET I 122 13.58 -43.43 -6.99
N ALA I 123 12.48 -44.00 -6.57
CA ALA I 123 12.20 -45.41 -7.04
C ALA I 123 11.87 -45.29 -8.53
N PRO I 124 12.11 -46.37 -9.25
CA PRO I 124 11.82 -46.41 -10.72
C PRO I 124 10.42 -45.90 -10.92
N HIS I 125 10.22 -45.03 -11.91
CA HIS I 125 8.84 -44.53 -12.13
C HIS I 125 8.74 -43.91 -13.51
N ILE I 126 7.51 -43.91 -13.97
CA ILE I 126 7.13 -43.31 -15.23
C ILE I 126 6.22 -42.09 -14.92
N ASN I 127 6.61 -40.96 -15.47
CA ASN I 127 5.82 -39.71 -15.30
C ASN I 127 4.67 -39.72 -16.34
N ILE I 128 3.49 -39.46 -15.90
CA ILE I 128 2.33 -39.45 -16.82
C ILE I 128 1.54 -38.15 -16.73
N SER I 129 1.04 -37.80 -17.90
CA SER I 129 0.14 -36.60 -17.99
C SER I 129 -1.13 -37.10 -18.71
N LEU I 130 -2.26 -36.91 -18.07
CA LEU I 130 -3.55 -37.34 -18.58
C LEU I 130 -4.36 -36.14 -19.13
N PHE I 131 -4.86 -36.37 -20.32
CA PHE I 131 -5.66 -35.34 -21.05
C PHE I 131 -7.00 -35.96 -21.44
N ALA I 132 -8.00 -35.10 -21.50
CA ALA I 132 -9.31 -35.57 -21.93
C ALA I 132 -10.37 -34.47 -21.80
N ARG I 133 -11.41 -34.74 -22.58
CA ARG I 133 -12.58 -33.86 -22.54
C ARG I 133 -12.95 -33.99 -21.00
N GLY I 134 -13.38 -32.85 -20.50
CA GLY I 134 -13.80 -32.75 -19.12
C GLY I 134 -12.68 -32.36 -18.22
N ILE I 135 -11.45 -32.41 -18.69
CA ILE I 135 -10.27 -32.06 -17.93
C ILE I 135 -9.70 -30.75 -18.45
N ASN I 136 -9.92 -29.72 -17.66
CA ASN I 136 -9.53 -28.33 -18.04
C ASN I 136 -8.01 -28.17 -18.16
N ILE I 137 -7.30 -28.84 -17.23
CA ILE I 137 -5.83 -28.81 -17.18
C ILE I 137 -5.35 -30.25 -16.90
N HIS I 138 -4.42 -30.70 -17.70
CA HIS I 138 -3.96 -32.08 -17.60
C HIS I 138 -3.51 -32.41 -16.17
N LEU I 139 -3.72 -33.68 -15.85
CA LEU I 139 -3.38 -34.25 -14.53
C LEU I 139 -2.03 -34.97 -14.65
N HIS I 140 -1.22 -34.73 -13.64
CA HIS I 140 0.10 -35.29 -13.53
C HIS I 140 0.07 -36.38 -12.40
N THR I 141 0.70 -37.48 -12.79
CA THR I 141 0.85 -38.61 -11.89
C THR I 141 2.12 -39.38 -12.14
N ARG I 142 2.37 -40.36 -11.25
CA ARG I 142 3.55 -41.23 -11.44
C ARG I 142 3.13 -42.70 -11.39
N LEU I 143 3.84 -43.51 -12.17
CA LEU I 143 3.59 -44.97 -12.20
C LEU I 143 4.79 -45.64 -11.52
N TYR I 144 4.54 -46.30 -10.41
CA TYR I 144 5.62 -47.04 -9.70
C TYR I 144 5.27 -48.54 -9.88
N PHE I 145 6.25 -49.37 -9.61
CA PHE I 145 6.18 -50.84 -9.75
C PHE I 145 6.10 -51.59 -8.41
N ASP I 146 5.11 -52.48 -8.36
CA ASP I 146 4.82 -53.31 -7.20
C ASP I 146 5.99 -54.20 -6.76
N ASP I 147 6.86 -54.51 -7.69
CA ASP I 147 8.01 -55.36 -7.41
C ASP I 147 9.25 -54.58 -7.02
N GLU I 148 9.08 -53.38 -6.52
CA GLU I 148 10.24 -52.53 -6.12
C GLU I 148 9.91 -51.89 -4.77
N ALA I 149 9.18 -52.70 -4.01
CA ALA I 149 8.74 -52.33 -2.66
C ALA I 149 9.89 -51.70 -1.88
N GLN I 150 11.06 -52.34 -1.94
CA GLN I 150 12.20 -51.77 -1.20
C GLN I 150 12.42 -50.30 -1.54
N ALA I 151 12.54 -50.10 -2.86
CA ALA I 151 12.80 -48.75 -3.43
C ALA I 151 11.65 -47.79 -3.17
N ASN I 152 10.44 -48.33 -3.29
CA ASN I 152 9.24 -47.50 -3.13
C ASN I 152 9.16 -46.89 -1.74
N ALA I 153 9.64 -47.70 -0.80
CA ALA I 153 9.57 -47.32 0.61
C ALA I 153 10.45 -46.10 0.89
N LYS I 154 11.50 -45.99 0.14
CA LYS I 154 12.48 -44.91 0.29
C LYS I 154 12.27 -43.72 -0.65
N CYS I 155 11.30 -43.81 -1.55
CA CYS I 155 11.11 -42.71 -2.50
C CYS I 155 10.79 -41.40 -1.78
N PRO I 156 11.67 -40.43 -1.97
CA PRO I 156 11.46 -39.08 -1.35
C PRO I 156 10.21 -38.46 -1.96
N VAL I 157 9.79 -38.92 -3.13
CA VAL I 157 8.57 -38.36 -3.76
C VAL I 157 7.33 -39.01 -3.17
N LEU I 158 7.36 -40.33 -3.19
CA LEU I 158 6.27 -41.17 -2.66
C LEU I 158 6.06 -40.86 -1.17
N ASN I 159 7.14 -40.52 -0.48
CA ASN I 159 7.11 -40.20 0.93
C ASN I 159 6.50 -38.84 1.21
N LEU I 160 6.31 -38.03 0.17
CA LEU I 160 5.71 -36.69 0.33
C LEU I 160 4.19 -36.84 0.44
N ILE I 161 3.68 -38.01 0.09
CA ILE I 161 2.20 -38.19 0.21
C ILE I 161 1.91 -38.50 1.69
N GLU I 162 1.13 -37.67 2.32
CA GLU I 162 0.77 -37.77 3.72
C GLU I 162 0.23 -39.12 4.13
N GLN I 163 -0.88 -39.53 3.58
CA GLN I 163 -1.54 -40.78 3.86
C GLN I 163 -0.96 -41.93 3.05
N PRO I 164 -0.37 -42.86 3.78
CA PRO I 164 0.22 -44.07 3.19
C PRO I 164 -0.72 -44.81 2.26
N GLN I 165 -2.00 -44.81 2.56
CA GLN I 165 -3.00 -45.52 1.74
C GLN I 165 -3.07 -44.92 0.32
N ARG I 166 -2.83 -43.62 0.25
CA ARG I 166 -2.82 -42.89 -1.01
C ARG I 166 -1.62 -43.27 -1.88
N ARG I 167 -0.51 -43.60 -1.23
CA ARG I 167 0.69 -44.00 -1.94
C ARG I 167 0.44 -45.24 -2.80
N GLU I 168 -0.43 -46.10 -2.31
CA GLU I 168 -0.71 -47.35 -3.01
C GLU I 168 -1.32 -47.11 -4.39
N THR I 169 -1.98 -45.95 -4.52
CA THR I 169 -2.65 -45.62 -5.78
C THR I 169 -1.66 -45.51 -6.93
N LEU I 170 -0.41 -45.24 -6.64
CA LEU I 170 0.62 -45.07 -7.61
C LEU I 170 1.38 -46.34 -8.02
N ILE I 171 1.10 -47.43 -7.37
CA ILE I 171 1.78 -48.70 -7.63
C ILE I 171 1.12 -49.58 -8.64
N ALA I 172 1.85 -49.83 -9.73
CA ALA I 172 1.31 -50.69 -10.82
C ALA I 172 1.47 -52.16 -10.40
N LYS I 173 0.43 -52.94 -10.71
CA LYS I 173 0.42 -54.36 -10.38
C LYS I 173 0.98 -55.21 -11.51
N ARG I 174 2.12 -55.82 -11.23
CA ARG I 174 2.79 -56.70 -12.19
C ARG I 174 1.89 -57.89 -12.53
N CYS I 175 1.91 -58.22 -13.80
CA CYS I 175 1.13 -59.34 -14.36
C CYS I 175 1.93 -59.84 -15.57
N GLU I 176 1.31 -60.72 -16.30
CA GLU I 176 1.94 -61.32 -17.50
C GLU I 176 0.89 -61.35 -18.63
N VAL I 177 1.36 -61.04 -19.80
CA VAL I 177 0.44 -61.03 -20.99
C VAL I 177 1.12 -61.87 -22.08
N ASP I 178 0.48 -63.00 -22.35
CA ASP I 178 1.07 -63.94 -23.35
C ASP I 178 2.49 -64.20 -22.86
N GLY I 179 2.58 -64.58 -21.58
CA GLY I 179 3.91 -64.85 -20.99
C GLY I 179 4.83 -63.66 -21.01
N LYS I 180 4.32 -62.47 -21.30
CA LYS I 180 5.14 -61.25 -21.32
C LYS I 180 4.85 -60.44 -20.03
N THR I 181 5.94 -59.91 -19.49
CA THR I 181 5.86 -59.09 -18.27
C THR I 181 5.05 -57.81 -18.59
N ALA I 182 4.01 -57.65 -17.81
CA ALA I 182 3.12 -56.50 -17.92
C ALA I 182 2.90 -55.94 -16.50
N TYR I 183 2.40 -54.74 -16.47
CA TYR I 183 2.04 -54.00 -15.25
C TYR I 183 0.74 -53.27 -15.59
N ARG I 184 -0.23 -53.42 -14.74
CA ARG I 184 -1.54 -52.76 -14.97
C ARG I 184 -1.52 -51.54 -14.04
N PHE I 185 -1.90 -50.41 -14.61
CA PHE I 185 -1.95 -49.13 -13.84
C PHE I 185 -3.24 -48.42 -14.26
N ASP I 186 -4.18 -48.52 -13.35
CA ASP I 186 -5.51 -47.93 -13.56
C ASP I 186 -5.49 -46.58 -12.82
N ILE I 187 -6.22 -45.64 -13.45
CA ILE I 187 -6.29 -44.28 -12.90
C ILE I 187 -7.75 -44.00 -12.54
N ARG I 188 -7.91 -43.59 -11.33
CA ARG I 188 -9.24 -43.22 -10.80
C ARG I 188 -9.10 -41.69 -10.58
N ILE I 189 -9.78 -40.98 -11.48
CA ILE I 189 -9.74 -39.53 -11.46
C ILE I 189 -10.38 -38.98 -10.19
N GLN I 190 -11.47 -39.62 -9.80
CA GLN I 190 -12.24 -39.11 -8.64
C GLN I 190 -12.92 -40.22 -7.85
N GLY I 191 -13.02 -40.01 -6.55
CA GLY I 191 -13.70 -40.90 -5.66
C GLY I 191 -12.85 -41.98 -5.01
N GLU I 192 -13.55 -43.05 -4.67
CA GLU I 192 -12.95 -44.23 -4.02
C GLU I 192 -11.64 -44.59 -4.68
N GLY I 193 -10.58 -44.57 -3.91
CA GLY I 193 -9.21 -44.89 -4.37
C GLY I 193 -8.76 -43.97 -5.50
N GLU I 194 -9.08 -42.69 -5.34
CA GLU I 194 -8.74 -41.66 -6.31
C GLU I 194 -7.22 -41.61 -6.42
N THR I 195 -6.75 -41.60 -7.63
CA THR I 195 -5.32 -41.56 -7.88
C THR I 195 -4.71 -40.20 -7.44
N VAL I 196 -3.48 -40.33 -6.94
CA VAL I 196 -2.70 -39.16 -6.53
C VAL I 196 -2.26 -38.44 -7.86
N PHE I 197 -2.47 -37.16 -7.83
CA PHE I 197 -2.11 -36.23 -8.90
C PHE I 197 -1.19 -35.17 -8.25
N PHE I 198 -0.16 -34.85 -8.99
CA PHE I 198 0.86 -33.92 -8.52
C PHE I 198 0.77 -32.51 -9.10
N ASP I 199 1.47 -31.64 -8.40
CA ASP I 199 1.64 -30.23 -8.88
C ASP I 199 3.15 -30.02 -8.71
N PHE I 200 3.74 -29.52 -9.73
CA PHE I 200 5.16 -29.18 -9.82
C PHE I 200 5.34 -28.01 -10.84
N PRO J 1 22.21 -37.70 -22.60
CA PRO J 1 20.88 -37.60 -21.94
C PRO J 1 20.66 -36.20 -21.36
N ALA J 2 19.43 -35.98 -20.90
CA ALA J 2 19.05 -34.68 -20.29
C ALA J 2 19.69 -34.52 -18.91
N GLN J 3 19.77 -33.27 -18.48
CA GLN J 3 20.30 -32.87 -17.18
C GLN J 3 19.36 -31.88 -16.51
N ASP J 4 19.28 -31.98 -15.21
CA ASP J 4 18.43 -31.10 -14.38
C ASP J 4 19.26 -29.82 -14.16
N ASN J 5 19.01 -28.82 -14.97
CA ASN J 5 19.81 -27.58 -14.82
C ASN J 5 18.90 -26.38 -14.64
N SER J 6 17.61 -26.61 -14.82
CA SER J 6 16.59 -25.57 -14.77
C SER J 6 15.47 -25.80 -13.77
N ARG J 7 14.85 -24.71 -13.46
CA ARG J 7 13.68 -24.62 -12.57
C ARG J 7 12.62 -23.85 -13.38
N PHE J 8 11.39 -24.18 -13.11
CA PHE J 8 10.24 -23.62 -13.78
C PHE J 8 9.33 -22.93 -12.80
N VAL J 9 9.05 -21.68 -13.12
CA VAL J 9 8.19 -20.84 -12.29
C VAL J 9 6.93 -21.70 -11.99
N ILE J 10 6.49 -21.63 -10.76
CA ILE J 10 5.34 -22.38 -10.32
C ILE J 10 4.08 -21.90 -11.05
N ARG J 11 3.28 -22.81 -11.50
CA ARG J 11 2.02 -22.45 -12.19
C ARG J 11 1.02 -21.79 -11.24
N ASP J 12 0.28 -20.83 -11.78
CA ASP J 12 -0.76 -20.12 -11.08
C ASP J 12 -2.08 -20.83 -11.39
N ARG J 13 -2.47 -21.66 -10.42
CA ARG J 13 -3.67 -22.45 -10.55
C ARG J 13 -4.98 -21.73 -10.45
N ASN J 14 -4.86 -20.42 -10.20
CA ASN J 14 -6.04 -19.52 -10.19
C ASN J 14 -6.15 -18.79 -11.54
N TRP J 15 -5.08 -18.86 -12.32
CA TRP J 15 -4.98 -18.20 -13.64
C TRP J 15 -5.58 -19.18 -14.68
N HIS J 16 -5.08 -20.40 -14.52
CA HIS J 16 -5.55 -21.52 -15.32
C HIS J 16 -6.96 -21.84 -14.78
N PRO J 17 -7.72 -22.52 -15.59
CA PRO J 17 -9.06 -22.98 -15.22
C PRO J 17 -8.90 -24.08 -14.14
N LYS J 18 -9.81 -24.11 -13.20
CA LYS J 18 -9.83 -25.13 -12.15
C LYS J 18 -10.38 -26.43 -12.80
N ALA J 19 -10.25 -27.49 -12.02
CA ALA J 19 -10.75 -28.84 -12.50
C ALA J 19 -12.25 -28.91 -12.45
N LEU J 20 -12.83 -28.43 -11.32
CA LEU J 20 -14.26 -28.45 -11.14
C LEU J 20 -14.90 -27.12 -11.62
N THR J 21 -15.58 -27.21 -12.74
CA THR J 21 -16.27 -25.97 -13.32
C THR J 21 -17.59 -26.56 -13.83
N PRO J 22 -18.51 -26.66 -12.86
CA PRO J 22 -19.79 -27.27 -13.06
C PRO J 22 -20.52 -26.95 -14.35
N ASP J 23 -20.36 -25.74 -14.87
CA ASP J 23 -21.10 -25.39 -16.14
C ASP J 23 -20.61 -26.23 -17.32
N TYR J 24 -19.37 -26.64 -17.23
CA TYR J 24 -18.78 -27.53 -18.26
C TYR J 24 -19.09 -28.93 -17.64
N LYS J 25 -20.24 -29.45 -18.01
CA LYS J 25 -20.77 -30.67 -17.49
C LYS J 25 -19.85 -31.84 -17.22
N THR J 26 -19.00 -32.17 -18.17
CA THR J 26 -18.08 -33.28 -18.13
C THR J 26 -17.03 -33.21 -17.04
N SER J 27 -16.74 -31.97 -16.65
CA SER J 27 -15.76 -31.65 -15.65
C SER J 27 -16.21 -32.16 -14.28
N ILE J 28 -17.53 -32.24 -14.03
CA ILE J 28 -18.01 -32.69 -12.74
C ILE J 28 -17.44 -34.07 -12.35
N ALA J 29 -17.64 -35.03 -13.26
CA ALA J 29 -17.15 -36.39 -13.04
C ALA J 29 -15.69 -36.56 -13.38
N ARG J 30 -15.10 -35.63 -14.13
CA ARG J 30 -13.67 -35.82 -14.44
C ARG J 30 -12.73 -34.94 -13.71
N SER J 31 -13.13 -34.49 -12.51
CA SER J 31 -12.22 -33.65 -11.69
C SER J 31 -11.95 -34.40 -10.38
N PRO J 32 -10.71 -34.31 -9.92
CA PRO J 32 -10.32 -34.94 -8.63
C PRO J 32 -11.06 -34.26 -7.48
N ARG J 33 -11.18 -34.98 -6.38
CA ARG J 33 -11.84 -34.39 -5.18
C ARG J 33 -10.77 -34.08 -4.15
N GLN J 34 -9.66 -34.81 -4.27
CA GLN J 34 -8.50 -34.60 -3.38
C GLN J 34 -7.64 -33.46 -3.96
N ALA J 35 -6.92 -32.78 -3.09
CA ALA J 35 -6.01 -31.71 -3.56
C ALA J 35 -4.82 -32.36 -4.29
N LEU J 36 -4.22 -31.57 -5.16
CA LEU J 36 -3.01 -32.08 -5.89
C LEU J 36 -1.91 -32.14 -4.80
N VAL J 37 -0.98 -33.01 -5.02
CA VAL J 37 0.17 -33.11 -4.09
C VAL J 37 1.36 -32.37 -4.70
N SER J 38 1.81 -31.32 -4.02
CA SER J 38 2.94 -30.52 -4.48
C SER J 38 4.23 -31.32 -4.25
N ILE J 39 5.09 -31.32 -5.25
CA ILE J 39 6.41 -31.99 -5.13
C ILE J 39 7.46 -31.07 -5.77
N PRO J 40 8.65 -31.12 -5.21
CA PRO J 40 9.78 -30.32 -5.69
C PRO J 40 10.18 -30.84 -7.07
N GLN J 41 10.68 -29.95 -7.87
CA GLN J 41 11.13 -30.27 -9.25
C GLN J 41 12.42 -31.09 -9.16
N SER J 42 12.49 -32.09 -9.99
CA SER J 42 13.64 -33.01 -10.17
C SER J 42 13.82 -33.17 -11.71
N ILE J 43 14.88 -33.89 -12.05
CA ILE J 43 15.20 -34.17 -13.44
C ILE J 43 13.99 -34.76 -14.17
N SER J 44 13.18 -35.47 -13.38
CA SER J 44 11.96 -36.09 -13.96
C SER J 44 11.01 -35.02 -14.50
N GLU J 45 10.84 -33.94 -13.79
CA GLU J 45 9.91 -32.89 -14.21
C GLU J 45 10.50 -31.74 -14.97
N THR J 46 11.82 -31.52 -14.85
CA THR J 46 12.41 -30.35 -15.53
C THR J 46 13.02 -30.64 -16.89
N THR J 47 12.80 -31.83 -17.38
CA THR J 47 13.31 -32.28 -18.69
C THR J 47 12.09 -32.73 -19.49
N GLY J 48 12.29 -32.98 -20.75
CA GLY J 48 11.24 -33.42 -21.66
C GLY J 48 11.91 -33.65 -23.03
N PRO J 49 11.09 -34.19 -23.89
CA PRO J 49 11.52 -34.52 -25.26
C PRO J 49 11.82 -33.25 -26.08
N ASN J 50 12.78 -33.47 -26.95
CA ASN J 50 13.22 -32.49 -27.94
C ASN J 50 12.91 -33.15 -29.29
N PHE J 51 12.09 -32.48 -30.07
CA PHE J 51 11.65 -33.00 -31.36
C PHE J 51 12.43 -32.52 -32.58
N SER J 52 13.57 -31.92 -32.39
CA SER J 52 14.43 -31.44 -33.44
C SER J 52 14.75 -32.48 -34.51
N HIS J 53 14.82 -33.76 -34.16
CA HIS J 53 15.13 -34.75 -35.19
C HIS J 53 13.92 -35.47 -35.72
N LEU J 54 12.74 -35.01 -35.34
CA LEU J 54 11.51 -35.65 -35.89
C LEU J 54 11.51 -35.25 -37.38
N GLY J 55 11.15 -36.20 -38.19
CA GLY J 55 11.10 -36.04 -39.65
C GLY J 55 9.72 -35.58 -40.09
N PHE J 56 9.57 -34.28 -40.13
CA PHE J 56 8.31 -33.64 -40.56
C PHE J 56 8.18 -33.60 -42.09
N GLY J 57 6.97 -33.81 -42.52
CA GLY J 57 6.58 -33.74 -43.93
C GLY J 57 6.55 -32.24 -44.32
N ALA J 58 6.68 -32.09 -45.64
CA ALA J 58 6.71 -30.81 -46.32
C ALA J 58 5.47 -29.95 -46.03
N HIS J 59 4.33 -30.56 -45.91
CA HIS J 59 3.10 -29.79 -45.64
C HIS J 59 2.47 -30.11 -44.30
N ASP J 60 3.33 -30.49 -43.35
CA ASP J 60 2.81 -30.84 -42.02
C ASP J 60 2.00 -29.68 -41.41
N HIS J 61 2.48 -28.49 -41.70
CA HIS J 61 1.87 -27.27 -41.18
C HIS J 61 0.93 -26.57 -42.15
N ASP J 62 0.63 -27.22 -43.27
CA ASP J 62 -0.25 -26.61 -44.29
C ASP J 62 -1.51 -27.40 -44.51
N LEU J 63 -2.55 -27.03 -43.75
CA LEU J 63 -3.83 -27.73 -43.82
C LEU J 63 -4.54 -27.57 -45.15
N LEU J 64 -3.99 -26.70 -45.99
CA LEU J 64 -4.63 -26.47 -47.33
C LEU J 64 -4.15 -27.54 -48.30
N LEU J 65 -2.99 -28.13 -48.01
CA LEU J 65 -2.42 -29.15 -48.88
C LEU J 65 -2.13 -30.50 -48.24
N ASN J 66 -2.25 -30.62 -46.92
CA ASN J 66 -1.88 -31.86 -46.25
C ASN J 66 -2.92 -32.98 -46.27
N PHE J 67 -4.03 -32.81 -46.89
CA PHE J 67 -5.10 -33.75 -47.02
C PHE J 67 -5.52 -33.78 -48.52
N GLY J 71 -8.50 -31.33 -54.70
CA GLY J 71 -8.99 -30.00 -54.46
C GLY J 71 -8.41 -29.26 -53.27
N LEU J 72 -8.90 -28.05 -53.17
CA LEU J 72 -8.58 -27.06 -52.12
C LEU J 72 -9.83 -27.10 -51.22
N PRO J 73 -9.60 -27.02 -49.93
CA PRO J 73 -10.72 -27.02 -48.97
C PRO J 73 -11.56 -25.75 -49.22
N ILE J 74 -12.80 -25.81 -48.79
CA ILE J 74 -13.70 -24.63 -48.87
C ILE J 74 -13.61 -23.91 -47.50
N GLY J 75 -13.63 -22.61 -47.51
CA GLY J 75 -13.55 -21.85 -46.21
C GLY J 75 -12.49 -20.76 -46.37
N GLU J 76 -12.45 -19.93 -45.33
CA GLU J 76 -11.60 -18.76 -45.27
C GLU J 76 -10.14 -19.10 -45.08
N ARG J 77 -9.39 -18.80 -46.11
CA ARG J 77 -7.91 -19.06 -46.08
C ARG J 77 -7.31 -18.08 -45.07
N ILE J 78 -6.56 -18.66 -44.14
CA ILE J 78 -5.90 -17.88 -43.10
C ILE J 78 -4.59 -18.53 -42.69
N ILE J 79 -3.66 -17.66 -42.36
CA ILE J 79 -2.37 -18.13 -41.80
C ILE J 79 -2.56 -17.87 -40.26
N VAL J 80 -2.10 -18.78 -39.47
CA VAL J 80 -2.14 -18.67 -37.98
C VAL J 80 -0.64 -18.76 -37.60
N ALA J 81 -0.13 -17.63 -37.13
CA ALA J 81 1.29 -17.53 -36.76
C ALA J 81 1.42 -16.80 -35.41
N GLY J 82 2.60 -16.96 -34.83
CA GLY J 82 2.90 -16.33 -33.55
C GLY J 82 4.27 -16.83 -33.11
N ARG J 83 4.53 -16.48 -31.87
CA ARG J 83 5.78 -16.84 -31.21
C ARG J 83 5.47 -17.53 -29.88
N VAL J 84 6.40 -18.40 -29.52
CA VAL J 84 6.36 -19.12 -28.24
C VAL J 84 7.52 -18.56 -27.40
N VAL J 85 7.11 -18.00 -26.28
CA VAL J 85 8.09 -17.46 -25.32
C VAL J 85 7.73 -17.95 -23.89
N ASP J 86 8.67 -17.82 -23.02
CA ASP J 86 8.44 -18.19 -21.58
C ASP J 86 8.04 -16.92 -20.84
N GLN J 87 7.76 -17.06 -19.53
CA GLN J 87 7.30 -15.92 -18.74
C GLN J 87 8.31 -14.80 -18.67
N TYR J 88 9.56 -15.12 -18.92
CA TYR J 88 10.64 -14.14 -18.90
C TYR J 88 10.77 -13.42 -20.22
N GLY J 89 9.96 -13.79 -21.18
CA GLY J 89 9.93 -13.19 -22.51
C GLY J 89 10.98 -13.79 -23.42
N LYS J 90 11.55 -14.91 -23.00
CA LYS J 90 12.60 -15.60 -23.82
C LYS J 90 11.87 -16.54 -24.79
N PRO J 91 12.39 -16.51 -26.03
CA PRO J 91 11.84 -17.33 -27.10
C PRO J 91 12.17 -18.80 -26.79
N VAL J 92 11.24 -19.62 -27.24
CA VAL J 92 11.35 -21.11 -27.10
C VAL J 92 11.53 -21.69 -28.52
N PRO J 93 12.80 -21.89 -28.86
CA PRO J 93 13.18 -22.42 -30.16
C PRO J 93 13.02 -23.94 -30.20
N ASN J 94 12.85 -24.42 -31.40
CA ASN J 94 12.76 -25.87 -31.68
C ASN J 94 11.80 -26.61 -30.81
N THR J 95 10.63 -26.05 -30.65
CA THR J 95 9.60 -26.67 -29.80
C THR J 95 8.46 -27.10 -30.67
N LEU J 96 7.83 -28.20 -30.25
CA LEU J 96 6.74 -28.78 -31.00
C LEU J 96 5.39 -28.12 -30.72
N VAL J 97 4.81 -27.64 -31.79
CA VAL J 97 3.50 -27.01 -31.82
C VAL J 97 2.62 -27.89 -32.74
N GLU J 98 1.58 -28.39 -32.15
CA GLU J 98 0.61 -29.26 -32.84
C GLU J 98 -0.77 -28.65 -32.75
N MET J 99 -1.50 -28.72 -33.83
CA MET J 99 -2.87 -28.13 -33.85
C MET J 99 -3.84 -29.04 -34.54
N TRP J 100 -5.09 -28.93 -34.21
CA TRP J 100 -6.20 -29.68 -34.78
C TRP J 100 -7.43 -28.78 -34.65
N GLN J 101 -8.33 -28.96 -35.59
CA GLN J 101 -9.56 -28.11 -35.62
C GLN J 101 -10.58 -28.78 -36.53
N ALA J 102 -11.75 -28.16 -36.55
CA ALA J 102 -12.86 -28.61 -37.41
C ALA J 102 -12.68 -27.90 -38.80
N ASN J 103 -13.62 -28.21 -39.69
CA ASN J 103 -13.63 -27.63 -41.03
C ASN J 103 -14.44 -26.32 -40.98
N ALA J 104 -14.65 -25.76 -42.15
CA ALA J 104 -15.41 -24.45 -42.23
C ALA J 104 -16.80 -24.55 -41.66
N GLY J 105 -17.37 -25.76 -41.68
CA GLY J 105 -18.73 -26.02 -41.20
C GLY J 105 -18.78 -26.40 -39.70
N GLY J 106 -17.60 -26.53 -39.12
CA GLY J 106 -17.53 -26.94 -37.69
C GLY J 106 -17.64 -28.48 -37.58
N ARG J 107 -17.25 -29.17 -38.65
CA ARG J 107 -17.27 -30.65 -38.70
C ARG J 107 -15.86 -31.19 -38.49
N TYR J 108 -15.73 -32.10 -37.54
CA TYR J 108 -14.41 -32.71 -37.25
C TYR J 108 -14.26 -34.00 -38.03
N ARG J 109 -13.05 -34.24 -38.52
CA ARG J 109 -12.78 -35.51 -39.27
C ARG J 109 -12.35 -36.55 -38.19
N HIS J 110 -13.37 -37.02 -37.50
CA HIS J 110 -13.25 -37.99 -36.40
C HIS J 110 -14.56 -38.79 -36.36
N LYS J 111 -14.39 -40.09 -36.18
CA LYS J 111 -15.51 -41.02 -36.16
C LYS J 111 -16.63 -40.60 -35.26
N ASN J 112 -16.27 -40.11 -34.08
CA ASN J 112 -17.19 -39.68 -33.06
C ASN J 112 -17.94 -38.40 -33.36
N ASP J 113 -17.63 -37.75 -34.47
CA ASP J 113 -18.35 -36.47 -34.78
C ASP J 113 -19.54 -36.79 -35.68
N ARG J 114 -20.71 -36.55 -35.14
CA ARG J 114 -21.95 -36.82 -35.88
C ARG J 114 -22.71 -35.55 -36.21
N TYR J 115 -22.01 -34.43 -36.15
CA TYR J 115 -22.69 -33.13 -36.48
C TYR J 115 -23.05 -33.22 -37.97
N LEU J 116 -24.24 -32.77 -38.30
CA LEU J 116 -24.77 -32.75 -39.64
C LEU J 116 -23.98 -31.98 -40.66
N ALA J 117 -23.16 -31.00 -40.28
CA ALA J 117 -22.35 -30.26 -41.29
C ALA J 117 -21.45 -31.31 -41.97
N PRO J 118 -21.32 -31.19 -43.30
CA PRO J 118 -20.54 -32.11 -44.08
C PRO J 118 -19.02 -32.00 -43.86
N LEU J 119 -18.39 -33.11 -44.22
CA LEU J 119 -16.92 -33.20 -44.19
C LEU J 119 -16.53 -32.54 -45.54
N ASP J 120 -15.33 -32.02 -45.53
CA ASP J 120 -14.71 -31.40 -46.70
C ASP J 120 -13.69 -32.41 -47.21
N PRO J 121 -13.97 -32.92 -48.40
CA PRO J 121 -13.11 -33.90 -49.06
C PRO J 121 -11.65 -33.49 -49.12
N ASN J 122 -11.36 -32.19 -49.13
CA ASN J 122 -9.95 -31.76 -49.18
C ASN J 122 -9.48 -31.19 -47.84
N PHE J 123 -10.10 -31.59 -46.76
CA PHE J 123 -9.66 -31.03 -45.45
C PHE J 123 -9.57 -32.10 -44.36
N GLY J 124 -8.40 -32.21 -43.80
CA GLY J 124 -8.03 -33.11 -42.72
C GLY J 124 -8.27 -32.47 -41.35
N GLY J 125 -7.53 -31.43 -41.00
CA GLY J 125 -7.63 -30.71 -39.77
C GLY J 125 -6.46 -30.87 -38.80
N VAL J 126 -5.32 -31.40 -39.24
CA VAL J 126 -4.16 -31.57 -38.43
C VAL J 126 -2.91 -30.85 -38.96
N GLY J 127 -2.19 -30.21 -38.07
CA GLY J 127 -0.95 -29.55 -38.36
C GLY J 127 0.01 -29.67 -37.19
N ARG J 128 1.29 -29.60 -37.50
CA ARG J 128 2.43 -29.61 -36.66
C ARG J 128 3.50 -28.72 -37.33
N CME J 129 4.26 -28.12 -36.45
CA CME J 129 5.33 -27.19 -36.80
CB CME J 129 4.64 -25.81 -37.03
SG CME J 129 5.89 -24.51 -37.22
SD CME J 129 6.86 -24.94 -38.94
CE CME J 129 5.78 -24.22 -40.23
CZ CME J 129 6.58 -23.09 -40.91
OH CME J 129 6.82 -21.99 -40.04
C CME J 129 6.33 -27.06 -35.64
O CME J 129 5.92 -26.90 -34.47
N LEU J 130 7.58 -27.09 -35.99
CA LEU J 130 8.63 -26.94 -34.94
C LEU J 130 8.91 -25.41 -34.99
N THR J 131 8.99 -24.75 -33.88
CA THR J 131 9.26 -23.32 -33.85
C THR J 131 10.72 -23.12 -34.30
N ASP J 132 10.93 -21.97 -34.92
CA ASP J 132 12.28 -21.66 -35.41
C ASP J 132 13.14 -21.16 -34.24
N SER J 133 14.33 -20.76 -34.65
CA SER J 133 15.34 -20.21 -33.71
C SER J 133 14.81 -19.05 -32.92
N ASP J 134 13.81 -18.34 -33.43
CA ASP J 134 13.26 -17.19 -32.68
C ASP J 134 11.95 -17.47 -31.95
N GLY J 135 11.59 -18.73 -31.90
CA GLY J 135 10.36 -19.17 -31.28
C GLY J 135 9.13 -18.93 -32.14
N TYR J 136 9.28 -18.73 -33.45
CA TYR J 136 8.11 -18.52 -34.32
C TYR J 136 7.67 -19.85 -34.98
N TYR J 137 6.36 -19.91 -35.17
CA TYR J 137 5.70 -21.04 -35.83
C TYR J 137 4.63 -20.40 -36.77
N SER J 138 4.21 -21.23 -37.72
CA SER J 138 3.11 -20.76 -38.58
C SER J 138 2.39 -21.93 -39.24
N PHE J 139 1.12 -21.73 -39.41
CA PHE J 139 0.20 -22.65 -40.01
C PHE J 139 -0.63 -21.93 -41.09
N ARG J 140 -1.02 -22.74 -42.06
CA ARG J 140 -1.93 -22.15 -43.12
C ARG J 140 -3.13 -23.11 -43.10
N THR J 141 -4.29 -22.51 -42.95
CA THR J 141 -5.52 -23.37 -42.83
C THR J 141 -6.74 -22.55 -43.15
N ILE J 142 -7.89 -23.17 -42.98
CA ILE J 142 -9.15 -22.45 -43.16
C ILE J 142 -9.69 -22.21 -41.71
N LYS J 143 -10.39 -21.14 -41.57
CA LYS J 143 -11.00 -20.74 -40.29
C LYS J 143 -12.12 -21.72 -39.97
N PRO J 144 -11.99 -22.38 -38.82
CA PRO J 144 -12.99 -23.35 -38.36
C PRO J 144 -14.31 -22.66 -38.02
N GLY J 145 -15.37 -23.42 -38.18
CA GLY J 145 -16.74 -22.92 -37.84
C GLY J 145 -17.06 -23.35 -36.38
N PRO J 146 -17.97 -22.61 -35.79
CA PRO J 146 -18.45 -22.93 -34.44
C PRO J 146 -19.20 -24.29 -34.62
N TYR J 147 -19.45 -24.91 -33.49
CA TYR J 147 -20.20 -26.19 -33.50
C TYR J 147 -20.95 -26.41 -32.19
N PRO J 148 -22.09 -27.04 -32.41
CA PRO J 148 -23.03 -27.32 -31.30
C PRO J 148 -22.50 -28.52 -30.53
N TRP J 149 -22.68 -28.49 -29.24
CA TRP J 149 -22.14 -29.66 -28.42
C TRP J 149 -23.18 -29.94 -27.37
N ARG J 150 -23.22 -31.19 -26.92
CA ARG J 150 -24.23 -31.56 -25.92
C ARG J 150 -23.83 -31.21 -24.51
N ASN J 151 -24.03 -29.97 -24.13
CA ASN J 151 -23.68 -29.45 -22.77
C ASN J 151 -25.03 -28.92 -22.27
N GLY J 152 -25.21 -27.63 -22.42
CA GLY J 152 -26.59 -27.12 -22.03
C GLY J 152 -27.38 -27.48 -23.36
N PRO J 153 -28.65 -27.22 -23.33
CA PRO J 153 -29.52 -27.47 -24.50
C PRO J 153 -29.15 -26.69 -25.74
N ASN J 154 -28.46 -25.57 -25.65
CA ASN J 154 -28.13 -24.82 -26.91
C ASN J 154 -26.73 -24.24 -26.80
N ASP J 155 -25.76 -25.08 -26.54
CA ASP J 155 -24.38 -24.69 -26.39
C ASP J 155 -23.66 -24.82 -27.73
N TRP J 156 -22.78 -23.85 -27.95
CA TRP J 156 -21.99 -23.79 -29.18
C TRP J 156 -20.55 -23.34 -28.88
N ARG J 157 -19.63 -24.11 -29.35
CA ARG J 157 -18.20 -23.74 -29.14
C ARG J 157 -17.91 -22.61 -30.14
N PRO J 158 -17.27 -21.57 -29.61
CA PRO J 158 -16.83 -20.44 -30.51
C PRO J 158 -15.86 -21.17 -31.51
N ALA J 159 -15.68 -20.51 -32.65
CA ALA J 159 -14.70 -21.10 -33.63
C ALA J 159 -13.38 -21.17 -32.85
N HIS J 160 -12.72 -22.31 -32.94
CA HIS J 160 -11.44 -22.44 -32.18
C HIS J 160 -10.53 -23.45 -32.83
N ILE J 161 -9.24 -23.30 -32.59
CA ILE J 161 -8.27 -24.26 -33.09
C ILE J 161 -7.53 -24.81 -31.77
N HIS J 162 -7.50 -26.13 -31.71
CA HIS J 162 -6.83 -26.76 -30.53
C HIS J 162 -5.32 -26.72 -30.72
N PHE J 163 -4.63 -26.40 -29.63
CA PHE J 163 -3.18 -26.33 -29.67
C PHE J 163 -2.55 -27.18 -28.55
N GLY J 164 -1.40 -27.66 -28.91
CA GLY J 164 -0.54 -28.46 -28.02
C GLY J 164 0.86 -27.87 -28.24
N ILE J 165 1.54 -27.60 -27.19
CA ILE J 165 2.89 -27.07 -27.20
C ILE J 165 3.74 -27.86 -26.14
N SER J 166 4.87 -28.32 -26.57
CA SER J 166 5.82 -29.11 -25.78
C SER J 166 6.60 -28.30 -24.81
N GLY J 167 7.37 -27.35 -25.34
CA GLY J 167 8.19 -26.48 -24.46
C GLY J 167 9.41 -27.33 -24.09
N PRO J 168 10.24 -26.78 -23.21
CA PRO J 168 11.48 -27.44 -22.83
C PRO J 168 11.42 -28.61 -21.88
N SER J 169 10.26 -28.88 -21.29
CA SER J 169 10.13 -29.95 -20.30
C SER J 169 8.66 -30.33 -20.19
N ILE J 170 8.48 -31.43 -19.44
CA ILE J 170 7.04 -31.88 -19.29
C ILE J 170 6.32 -30.90 -18.38
N ALA J 171 7.14 -30.12 -17.66
CA ALA J 171 6.64 -29.11 -16.73
C ALA J 171 5.94 -27.98 -17.58
N THR J 172 6.50 -27.75 -18.74
CA THR J 172 5.94 -26.63 -19.58
C THR J 172 4.85 -27.04 -20.53
N LYS J 173 4.77 -28.31 -20.86
CA LYS J 173 3.85 -28.87 -21.82
C LYS J 173 2.45 -28.35 -21.53
N LEU J 174 1.77 -27.98 -22.60
CA LEU J 174 0.41 -27.40 -22.45
C LEU J 174 -0.50 -27.64 -23.63
N ILE J 175 -1.76 -27.82 -23.30
CA ILE J 175 -2.80 -27.96 -24.31
C ILE J 175 -3.78 -26.78 -24.02
N THR J 176 -4.23 -26.20 -25.15
CA THR J 176 -5.13 -25.04 -25.03
C THR J 176 -5.92 -24.87 -26.33
N GLN J 177 -6.61 -23.73 -26.41
CA GLN J 177 -7.45 -23.45 -27.60
C GLN J 177 -7.29 -22.01 -28.02
N LEU J 178 -7.23 -21.83 -29.31
CA LEU J 178 -7.13 -20.43 -29.86
C LEU J 178 -8.56 -20.05 -30.25
N TYR J 179 -8.89 -18.82 -29.94
CA TYR J 179 -10.21 -18.24 -30.34
C TYR J 179 -9.87 -17.03 -31.26
N PHE J 180 -10.85 -16.57 -31.98
CA PHE J 180 -10.79 -15.48 -32.93
C PHE J 180 -11.43 -14.19 -32.43
N GLU J 181 -10.61 -13.19 -32.55
CA GLU J 181 -10.92 -11.80 -32.16
C GLU J 181 -12.32 -11.38 -32.69
N GLY J 182 -13.14 -10.93 -31.77
CA GLY J 182 -14.47 -10.47 -31.98
C GLY J 182 -15.58 -11.46 -31.97
N ASP J 183 -15.25 -12.76 -31.95
CA ASP J 183 -16.31 -13.80 -31.94
C ASP J 183 -17.26 -13.67 -30.76
N PRO J 184 -18.55 -13.48 -31.06
CA PRO J 184 -19.59 -13.29 -30.04
C PRO J 184 -19.88 -14.50 -29.18
N LEU J 185 -19.49 -15.68 -29.63
CA LEU J 185 -19.75 -16.91 -28.86
C LEU J 185 -18.79 -17.03 -27.67
N ILE J 186 -17.63 -16.41 -27.73
CA ILE J 186 -16.63 -16.48 -26.70
C ILE J 186 -17.14 -16.33 -25.27
N PRO J 187 -17.73 -15.19 -24.97
CA PRO J 187 -18.25 -14.91 -23.64
C PRO J 187 -19.38 -15.86 -23.26
N MET J 188 -19.93 -16.62 -24.15
CA MET J 188 -21.04 -17.53 -23.80
C MET J 188 -20.58 -18.97 -23.58
N CYS J 189 -19.32 -19.21 -23.85
CA CYS J 189 -18.83 -20.61 -23.77
C CYS J 189 -18.40 -21.03 -22.37
N PRO J 190 -19.07 -22.07 -21.89
CA PRO J 190 -18.76 -22.64 -20.56
C PRO J 190 -17.34 -23.18 -20.53
N ILE J 191 -16.79 -23.63 -21.66
CA ILE J 191 -15.40 -24.08 -21.68
C ILE J 191 -14.44 -22.89 -21.52
N VAL J 192 -14.78 -21.78 -22.22
CA VAL J 192 -14.00 -20.56 -22.08
C VAL J 192 -14.12 -20.11 -20.59
N LYS J 193 -15.36 -20.10 -20.15
CA LYS J 193 -15.69 -19.70 -18.78
C LYS J 193 -15.08 -20.56 -17.67
N SER J 194 -14.46 -21.69 -18.03
CA SER J 194 -13.78 -22.49 -16.94
C SER J 194 -12.67 -21.57 -16.41
N ILE J 195 -12.28 -20.62 -17.25
CA ILE J 195 -11.22 -19.65 -16.85
C ILE J 195 -11.95 -18.55 -16.06
N ALA J 196 -11.63 -18.45 -14.78
CA ALA J 196 -12.27 -17.46 -13.93
C ALA J 196 -11.98 -16.00 -14.29
N ASN J 197 -10.73 -15.70 -14.55
CA ASN J 197 -10.23 -14.34 -14.86
C ASN J 197 -10.38 -13.92 -16.30
N PRO J 198 -11.11 -12.83 -16.52
CA PRO J 198 -11.36 -12.28 -17.85
C PRO J 198 -10.10 -11.95 -18.63
N GLU J 199 -9.08 -11.53 -17.91
CA GLU J 199 -7.77 -11.19 -18.41
C GLU J 199 -7.09 -12.45 -18.99
N ALA J 200 -7.36 -13.60 -18.39
CA ALA J 200 -6.73 -14.87 -18.85
C ALA J 200 -7.36 -15.29 -20.17
N VAL J 201 -8.65 -14.98 -20.27
CA VAL J 201 -9.42 -15.30 -21.46
C VAL J 201 -8.83 -14.61 -22.70
N GLN J 202 -8.49 -13.32 -22.45
CA GLN J 202 -7.91 -12.46 -23.47
C GLN J 202 -6.67 -13.06 -24.09
N GLN J 203 -5.91 -13.78 -23.28
CA GLN J 203 -4.67 -14.43 -23.74
C GLN J 203 -4.93 -15.48 -24.81
N LEU J 204 -6.17 -15.95 -24.90
CA LEU J 204 -6.50 -17.02 -25.86
C LEU J 204 -7.11 -16.51 -27.17
N ILE J 205 -7.15 -15.19 -27.28
CA ILE J 205 -7.75 -14.57 -28.49
C ILE J 205 -6.75 -14.21 -29.55
N ALA J 206 -6.86 -14.90 -30.67
CA ALA J 206 -5.93 -14.60 -31.81
C ALA J 206 -6.45 -13.27 -32.42
N LYS J 207 -5.52 -12.36 -32.63
CA LYS J 207 -5.83 -11.03 -33.18
C LYS J 207 -5.60 -11.04 -34.73
N LEU J 208 -6.52 -10.34 -35.38
CA LEU J 208 -6.40 -10.18 -36.88
C LEU J 208 -5.02 -9.51 -37.16
N ASP J 209 -4.34 -10.05 -38.13
CA ASP J 209 -2.98 -9.52 -38.44
C ASP J 209 -2.86 -9.26 -39.94
N MET J 210 -3.34 -8.06 -40.33
CA MET J 210 -3.34 -7.63 -41.74
C MET J 210 -1.91 -7.54 -42.30
N ASN J 211 -0.95 -7.25 -41.44
CA ASN J 211 0.44 -7.12 -41.77
C ASN J 211 0.99 -8.43 -42.35
N ASN J 212 0.40 -9.50 -41.89
CA ASN J 212 0.87 -10.82 -42.27
C ASN J 212 0.06 -11.49 -43.35
N ALA J 213 -1.06 -10.89 -43.72
CA ALA J 213 -1.93 -11.46 -44.73
C ALA J 213 -1.23 -11.33 -46.10
N ASN J 214 -1.67 -12.23 -46.97
CA ASN J 214 -1.19 -12.32 -48.35
C ASN J 214 -2.37 -11.68 -49.18
N PRO J 215 -2.11 -10.50 -49.63
CA PRO J 215 -3.13 -9.75 -50.40
C PRO J 215 -3.71 -10.62 -51.50
N MET J 216 -5.01 -10.56 -51.66
CA MET J 216 -5.80 -11.30 -52.63
C MET J 216 -5.64 -12.81 -52.43
N ASP J 217 -5.15 -13.24 -51.28
CA ASP J 217 -4.92 -14.72 -51.07
C ASP J 217 -5.57 -15.19 -49.80
N CYS J 218 -4.92 -14.79 -48.70
CA CYS J 218 -5.42 -15.14 -47.34
C CYS J 218 -5.13 -14.09 -46.31
N LEU J 219 -5.98 -14.09 -45.31
CA LEU J 219 -5.85 -13.27 -44.08
C LEU J 219 -4.89 -14.03 -43.14
N ALA J 220 -4.57 -13.39 -42.01
CA ALA J 220 -3.67 -13.87 -40.99
C ALA J 220 -4.11 -13.42 -39.58
N TYR J 221 -3.79 -14.33 -38.67
CA TYR J 221 -4.10 -14.17 -37.21
C TYR J 221 -2.76 -14.43 -36.50
N ARG J 222 -2.61 -13.68 -35.46
CA ARG J 222 -1.40 -13.68 -34.62
C ARG J 222 -1.84 -14.28 -33.27
N PHE J 223 -1.09 -15.30 -32.85
CA PHE J 223 -1.43 -15.99 -31.58
C PHE J 223 -0.08 -16.40 -30.92
N ASP J 224 0.29 -15.64 -29.95
CA ASP J 224 1.53 -15.83 -29.19
C ASP J 224 1.20 -16.70 -27.96
N ILE J 225 2.19 -17.48 -27.61
CA ILE J 225 2.06 -18.42 -26.48
C ILE J 225 3.21 -18.17 -25.49
N VAL J 226 2.80 -18.16 -24.23
CA VAL J 226 3.73 -17.97 -23.10
C VAL J 226 3.72 -19.27 -22.25
N LEU J 227 4.92 -19.82 -22.17
CA LEU J 227 5.08 -21.08 -21.35
C LEU J 227 5.76 -20.63 -20.03
N ARG J 228 5.72 -21.55 -19.08
CA ARG J 228 6.34 -21.28 -17.75
C ARG J 228 7.75 -20.76 -17.93
N GLY J 229 8.05 -19.73 -17.17
CA GLY J 229 9.34 -19.09 -17.17
C GLY J 229 10.34 -20.18 -16.65
N GLN J 230 11.46 -20.23 -17.31
CA GLN J 230 12.57 -21.12 -17.07
C GLN J 230 13.79 -20.34 -16.55
N ARG J 231 14.32 -20.73 -15.44
CA ARG J 231 15.46 -20.09 -14.82
C ARG J 231 16.46 -21.18 -14.37
N LYS J 232 17.67 -20.75 -14.15
CA LYS J 232 18.75 -21.64 -13.68
C LYS J 232 18.54 -21.81 -12.15
N THR J 233 18.94 -22.99 -11.70
CA THR J 233 18.84 -23.29 -10.25
C THR J 233 19.85 -22.34 -9.58
N HIS J 234 19.68 -22.07 -8.32
CA HIS J 234 20.57 -21.20 -7.56
C HIS J 234 20.46 -21.54 -6.06
N PHE J 235 21.58 -21.50 -5.40
CA PHE J 235 21.71 -21.77 -3.95
C PHE J 235 20.89 -22.97 -3.52
N GLU J 236 20.86 -24.02 -4.31
CA GLU J 236 20.05 -25.20 -4.03
C GLU J 236 20.79 -26.31 -3.27
N PRO K 1 -25.14 -9.58 -28.89
CA PRO K 1 -26.12 -10.55 -29.33
C PRO K 1 -27.51 -10.02 -28.93
N ILE K 2 -28.52 -10.70 -29.36
CA ILE K 2 -29.88 -10.31 -28.99
C ILE K 2 -30.23 -10.88 -27.61
N GLU K 3 -30.71 -10.01 -26.75
CA GLU K 3 -31.13 -10.49 -25.42
C GLU K 3 -32.62 -10.17 -25.30
N LEU K 4 -33.38 -11.14 -24.83
CA LEU K 4 -34.83 -11.01 -24.61
C LEU K 4 -35.05 -10.52 -23.17
N LEU K 5 -36.29 -10.42 -22.77
CA LEU K 5 -36.55 -10.05 -21.34
C LEU K 5 -36.09 -11.35 -20.58
N PRO K 6 -35.51 -11.11 -19.43
CA PRO K 6 -35.09 -12.28 -18.59
C PRO K 6 -36.32 -12.93 -17.96
N GLU K 7 -36.28 -14.27 -17.97
CA GLU K 7 -37.41 -15.01 -17.35
C GLU K 7 -37.36 -14.67 -15.83
N THR K 8 -38.51 -14.74 -15.21
CA THR K 8 -38.57 -14.53 -13.75
C THR K 8 -37.81 -15.72 -13.09
N PRO K 9 -36.91 -15.37 -12.20
CA PRO K 9 -36.12 -16.36 -11.46
C PRO K 9 -37.00 -17.24 -10.57
N SER K 10 -36.62 -18.54 -10.61
CA SER K 10 -37.29 -19.55 -9.80
C SER K 10 -36.90 -19.35 -8.32
N GLN K 11 -37.77 -19.76 -7.45
CA GLN K 11 -37.50 -19.74 -5.97
C GLN K 11 -38.05 -21.10 -5.47
N THR K 12 -37.46 -21.60 -4.42
CA THR K 12 -37.89 -22.89 -3.83
C THR K 12 -39.36 -22.73 -3.44
N ALA K 13 -40.07 -23.84 -3.60
CA ALA K 13 -41.49 -23.92 -3.26
C ALA K 13 -41.67 -23.74 -1.76
N GLY K 14 -40.72 -24.22 -0.97
CA GLY K 14 -40.82 -24.11 0.50
C GLY K 14 -41.62 -25.30 1.06
N PRO K 15 -41.54 -25.43 2.40
CA PRO K 15 -42.19 -26.51 3.13
C PRO K 15 -43.70 -26.45 3.16
N TYR K 16 -44.27 -25.27 2.97
CA TYR K 16 -45.71 -25.07 3.01
C TYR K 16 -46.36 -25.03 1.65
N VAL K 17 -45.69 -25.56 0.64
CA VAL K 17 -46.26 -25.61 -0.71
C VAL K 17 -47.67 -26.19 -0.70
N HIS K 18 -47.90 -27.16 0.19
CA HIS K 18 -49.21 -27.83 0.25
C HIS K 18 -50.39 -26.92 0.40
N ILE K 19 -50.13 -25.81 1.12
CA ILE K 19 -51.22 -24.87 1.37
C ILE K 19 -51.75 -24.29 0.07
N GLY K 20 -50.87 -24.08 -0.91
CA GLY K 20 -51.26 -23.54 -2.18
C GLY K 20 -51.63 -24.55 -3.24
N LEU K 21 -50.96 -25.69 -3.26
CA LEU K 21 -51.15 -26.72 -4.29
C LEU K 21 -51.57 -28.11 -3.90
N ALA K 22 -51.80 -28.34 -2.63
CA ALA K 22 -52.18 -29.68 -2.11
C ALA K 22 -52.88 -29.48 -0.78
N LEU K 23 -54.02 -28.79 -0.91
CA LEU K 23 -54.88 -28.38 0.21
C LEU K 23 -55.12 -29.51 1.18
N GLU K 24 -55.63 -30.62 0.71
CA GLU K 24 -55.92 -31.81 1.51
C GLU K 24 -54.71 -32.19 2.36
N ALA K 25 -53.55 -32.24 1.72
CA ALA K 25 -52.29 -32.60 2.40
C ALA K 25 -51.93 -31.62 3.48
N ALA K 26 -52.17 -30.36 3.22
CA ALA K 26 -51.87 -29.27 4.19
C ALA K 26 -52.83 -29.39 5.39
N GLY K 27 -53.80 -30.29 5.18
CA GLY K 27 -54.83 -30.56 6.17
C GLY K 27 -55.77 -29.34 6.28
N ASN K 28 -56.09 -28.79 5.12
CA ASN K 28 -56.96 -27.64 4.99
C ASN K 28 -58.12 -28.01 4.05
N PRO K 29 -59.22 -27.29 4.28
CA PRO K 29 -60.44 -27.47 3.44
C PRO K 29 -60.03 -27.26 1.99
N THR K 30 -60.52 -28.12 1.11
CA THR K 30 -60.16 -27.98 -0.33
C THR K 30 -61.30 -27.19 -0.97
N ARG K 31 -61.10 -26.85 -2.23
CA ARG K 31 -62.20 -26.10 -2.95
C ARG K 31 -63.03 -27.07 -3.74
N ASP K 32 -64.02 -26.60 -4.47
CA ASP K 32 -64.90 -27.41 -5.32
C ASP K 32 -64.04 -28.27 -6.26
N GLN K 33 -63.19 -27.55 -6.99
CA GLN K 33 -62.32 -28.19 -7.96
C GLN K 33 -60.86 -28.02 -7.52
N GLU K 34 -60.19 -29.15 -7.49
CA GLU K 34 -58.77 -29.28 -7.16
C GLU K 34 -58.10 -30.13 -8.21
N ILE K 35 -56.84 -29.87 -8.47
CA ILE K 35 -56.04 -30.64 -9.44
C ILE K 35 -55.26 -31.62 -8.54
N TRP K 36 -55.61 -32.90 -8.66
CA TRP K 36 -54.98 -33.89 -7.78
C TRP K 36 -54.39 -35.06 -8.47
N ASN K 37 -54.24 -36.19 -7.80
CA ASN K 37 -53.57 -37.38 -8.33
C ASN K 37 -54.35 -38.45 -9.02
N ARG K 38 -55.56 -38.17 -9.42
CA ARG K 38 -56.41 -39.19 -10.16
C ARG K 38 -56.52 -38.74 -11.58
N LEU K 39 -55.61 -39.10 -12.44
CA LEU K 39 -55.65 -38.68 -13.84
C LEU K 39 -56.73 -39.34 -14.69
N ALA K 40 -57.08 -40.57 -14.30
CA ALA K 40 -58.11 -41.33 -15.06
C ALA K 40 -59.28 -41.80 -14.24
N LYS K 41 -60.43 -41.73 -14.89
CA LYS K 41 -61.72 -42.23 -14.34
C LYS K 41 -61.75 -43.71 -14.76
N PRO K 42 -62.34 -44.53 -13.94
CA PRO K 42 -62.40 -45.98 -14.16
C PRO K 42 -62.78 -46.36 -15.57
N ASP K 43 -63.69 -45.59 -16.11
CA ASP K 43 -64.22 -45.80 -17.46
C ASP K 43 -63.29 -45.21 -18.52
N ALA K 44 -62.06 -44.90 -18.15
CA ALA K 44 -61.12 -44.36 -19.17
C ALA K 44 -60.39 -45.53 -19.82
N PRO K 45 -60.28 -45.45 -21.12
CA PRO K 45 -59.59 -46.48 -21.92
C PRO K 45 -58.15 -46.60 -21.44
N GLY K 46 -57.52 -47.70 -21.74
CA GLY K 46 -56.12 -47.94 -21.36
C GLY K 46 -55.96 -48.90 -20.21
N GLU K 47 -54.70 -49.22 -19.91
CA GLU K 47 -54.39 -50.12 -18.81
C GLU K 47 -54.22 -49.26 -17.55
N HIS K 48 -55.19 -49.26 -16.70
CA HIS K 48 -55.17 -48.48 -15.46
C HIS K 48 -54.06 -49.06 -14.57
N ILE K 49 -53.29 -48.16 -14.03
CA ILE K 49 -52.16 -48.49 -13.16
C ILE K 49 -52.08 -47.51 -11.98
N LEU K 50 -51.27 -47.99 -11.06
CA LEU K 50 -50.96 -47.32 -9.82
C LEU K 50 -49.47 -47.00 -9.79
N LEU K 51 -49.19 -45.71 -9.57
CA LEU K 51 -47.77 -45.28 -9.45
C LEU K 51 -47.60 -44.83 -7.99
N LEU K 52 -46.41 -45.20 -7.52
CA LEU K 52 -46.03 -44.83 -6.14
C LEU K 52 -44.50 -44.84 -6.14
N GLY K 53 -43.98 -44.09 -5.18
CA GLY K 53 -42.55 -43.98 -4.95
C GLY K 53 -42.30 -43.04 -3.76
N GLN K 54 -41.01 -43.03 -3.47
CA GLN K 54 -40.48 -42.15 -2.40
C GLN K 54 -39.36 -41.32 -3.06
N VAL K 55 -39.02 -40.29 -2.32
CA VAL K 55 -37.95 -39.36 -2.71
C VAL K 55 -36.91 -39.40 -1.58
N TYR K 56 -35.69 -39.47 -1.99
CA TYR K 56 -34.53 -39.52 -1.07
C TYR K 56 -33.61 -38.32 -1.39
N ASP K 57 -32.98 -37.88 -0.34
CA ASP K 57 -32.03 -36.78 -0.35
C ASP K 57 -30.64 -37.42 -0.42
N GLY K 58 -29.61 -36.62 -0.44
CA GLY K 58 -28.24 -37.05 -0.52
C GLY K 58 -27.86 -37.94 0.67
N ASN K 59 -28.59 -37.83 1.77
CA ASN K 59 -28.28 -38.61 2.98
C ASN K 59 -28.99 -39.97 2.98
N GLY K 60 -29.93 -40.12 2.07
CA GLY K 60 -30.68 -41.38 1.98
C GLY K 60 -31.94 -41.26 2.85
N HIS K 61 -32.20 -40.05 3.31
CA HIS K 61 -33.38 -39.75 4.11
C HIS K 61 -34.52 -39.32 3.17
N LEU K 62 -35.73 -39.69 3.57
CA LEU K 62 -36.94 -39.42 2.87
C LEU K 62 -37.22 -37.90 2.88
N VAL K 63 -37.57 -37.45 1.70
CA VAL K 63 -38.00 -36.04 1.52
C VAL K 63 -39.51 -36.15 1.72
N ARG K 64 -39.97 -35.72 2.85
CA ARG K 64 -41.40 -35.82 3.18
C ARG K 64 -42.23 -34.63 2.76
N ASP K 65 -41.60 -33.60 2.22
CA ASP K 65 -42.33 -32.39 1.83
C ASP K 65 -42.32 -32.13 0.33
N SER K 66 -42.13 -33.16 -0.46
CA SER K 66 -42.06 -33.00 -1.91
C SER K 66 -43.40 -32.87 -2.59
N PHE K 67 -43.35 -32.17 -3.71
CA PHE K 67 -44.56 -31.91 -4.52
C PHE K 67 -44.18 -32.27 -5.96
N LEU K 68 -45.01 -33.05 -6.61
CA LEU K 68 -44.81 -33.51 -7.96
C LEU K 68 -45.99 -33.13 -8.85
N GLU K 69 -45.63 -32.87 -10.08
CA GLU K 69 -46.57 -32.54 -11.16
C GLU K 69 -46.23 -33.51 -12.29
N VAL K 70 -47.27 -34.09 -12.85
CA VAL K 70 -47.05 -35.10 -13.93
C VAL K 70 -47.82 -34.68 -15.19
N TRP K 71 -47.18 -35.06 -16.29
CA TRP K 71 -47.74 -34.78 -17.63
C TRP K 71 -47.51 -36.03 -18.48
N GLN K 72 -48.63 -36.54 -18.99
CA GLN K 72 -48.50 -37.77 -19.83
C GLN K 72 -49.63 -37.84 -20.87
N ALA K 73 -49.37 -38.63 -21.90
CA ALA K 73 -50.31 -38.92 -22.96
C ALA K 73 -51.28 -40.02 -22.44
N ASP K 74 -52.43 -40.02 -23.06
CA ASP K 74 -53.50 -41.03 -22.75
C ASP K 74 -52.97 -42.35 -23.36
N ALA K 75 -53.87 -43.32 -23.40
CA ALA K 75 -53.49 -44.65 -23.93
C ALA K 75 -53.23 -44.60 -25.41
N ASN K 76 -53.84 -43.61 -26.08
CA ASN K 76 -53.73 -43.46 -27.54
C ASN K 76 -52.52 -42.69 -27.97
N GLY K 77 -51.65 -42.36 -27.03
CA GLY K 77 -50.43 -41.61 -27.30
C GLY K 77 -50.81 -40.13 -27.55
N GLU K 78 -51.94 -39.70 -27.03
CA GLU K 78 -52.37 -38.32 -27.16
C GLU K 78 -52.44 -37.51 -25.87
N TYR K 79 -51.96 -36.27 -26.02
CA TYR K 79 -51.97 -35.32 -24.88
C TYR K 79 -53.26 -34.52 -24.78
N GLN K 80 -53.95 -34.81 -23.68
CA GLN K 80 -55.23 -34.11 -23.39
C GLN K 80 -54.89 -32.89 -22.55
N ASP K 81 -54.81 -31.75 -23.22
CA ASP K 81 -54.44 -30.49 -22.58
C ASP K 81 -55.62 -29.75 -21.98
N ALA K 82 -56.81 -29.99 -22.49
CA ALA K 82 -58.00 -29.32 -21.96
C ALA K 82 -58.39 -29.97 -20.66
N TYR K 83 -57.83 -29.40 -19.58
CA TYR K 83 -58.07 -29.90 -18.22
C TYR K 83 -59.50 -29.71 -17.76
N ASN K 84 -60.12 -30.84 -17.48
CA ASN K 84 -61.52 -30.87 -17.00
C ASN K 84 -61.71 -32.07 -16.09
N LEU K 85 -62.33 -31.77 -14.95
CA LEU K 85 -62.63 -32.78 -13.91
C LEU K 85 -63.62 -33.82 -14.44
N GLU K 86 -64.47 -33.36 -15.35
CA GLU K 86 -65.47 -34.18 -16.01
C GLU K 86 -64.79 -35.16 -16.97
N ASN K 87 -63.60 -34.84 -17.42
CA ASN K 87 -62.91 -35.76 -18.38
C ASN K 87 -62.74 -37.12 -17.73
N ALA K 88 -62.66 -38.14 -18.59
CA ALA K 88 -62.43 -39.51 -18.10
C ALA K 88 -60.90 -39.64 -17.89
N PHE K 89 -60.18 -38.86 -18.68
CA PHE K 89 -58.71 -38.82 -18.62
C PHE K 89 -58.19 -37.38 -18.75
N ASN K 90 -57.24 -37.11 -17.85
CA ASN K 90 -56.53 -35.82 -17.79
C ASN K 90 -55.05 -36.19 -17.90
N SER K 91 -54.37 -35.44 -18.75
CA SER K 91 -52.92 -35.65 -19.03
C SER K 91 -52.02 -35.12 -17.93
N PHE K 92 -52.57 -34.23 -17.12
CA PHE K 92 -51.91 -33.53 -16.03
C PHE K 92 -52.49 -33.91 -14.65
N GLY K 93 -51.57 -34.04 -13.72
CA GLY K 93 -51.97 -34.35 -12.30
C GLY K 93 -50.94 -33.79 -11.31
N ARG K 94 -51.37 -33.87 -10.05
CA ARG K 94 -50.53 -33.41 -8.94
C ARG K 94 -50.57 -34.42 -7.80
N THR K 95 -49.43 -34.55 -7.17
CA THR K 95 -49.27 -35.45 -6.01
C THR K 95 -48.20 -34.91 -5.07
N ALA K 96 -48.17 -35.50 -3.89
CA ALA K 96 -47.22 -35.11 -2.83
C ALA K 96 -46.93 -36.32 -1.94
N THR K 97 -45.81 -36.25 -1.24
CA THR K 97 -45.43 -37.34 -0.32
C THR K 97 -46.00 -37.07 1.08
N THR K 98 -46.44 -38.20 1.65
CA THR K 98 -47.00 -38.23 3.00
C THR K 98 -45.90 -37.75 3.99
N PHE K 99 -46.41 -37.04 5.00
CA PHE K 99 -45.50 -36.54 6.05
C PHE K 99 -45.14 -37.74 6.94
N ASP K 100 -45.95 -38.77 6.89
CA ASP K 100 -45.70 -40.01 7.69
C ASP K 100 -44.85 -40.95 6.83
N ALA K 101 -45.55 -41.76 6.08
CA ALA K 101 -45.00 -42.76 5.17
C ALA K 101 -43.98 -42.17 4.20
N GLY K 102 -44.30 -40.96 3.70
CA GLY K 102 -43.42 -40.28 2.76
C GLY K 102 -43.55 -40.85 1.36
N GLU K 103 -44.75 -41.31 1.03
CA GLU K 103 -44.94 -41.93 -0.32
C GLU K 103 -46.01 -41.17 -1.07
N TRP K 104 -45.77 -41.05 -2.36
CA TRP K 104 -46.76 -40.36 -3.25
C TRP K 104 -47.41 -41.49 -4.06
N THR K 105 -48.60 -41.18 -4.51
CA THR K 105 -49.39 -42.07 -5.34
C THR K 105 -50.11 -41.26 -6.41
N LEU K 106 -50.35 -42.03 -7.46
CA LEU K 106 -51.03 -41.42 -8.65
C LEU K 106 -51.82 -42.55 -9.30
N HIS K 107 -52.99 -42.18 -9.74
CA HIS K 107 -53.96 -43.06 -10.42
C HIS K 107 -54.07 -42.61 -11.86
N THR K 108 -53.61 -43.42 -12.77
CA THR K 108 -53.65 -43.07 -14.22
C THR K 108 -53.72 -44.34 -15.07
N VAL K 109 -53.37 -44.18 -16.32
CA VAL K 109 -53.29 -45.31 -17.30
C VAL K 109 -51.89 -45.21 -17.95
N LYS K 110 -51.42 -46.35 -18.42
CA LYS K 110 -50.10 -46.40 -19.11
C LYS K 110 -50.24 -45.59 -20.42
N PRO K 111 -49.33 -44.64 -20.56
CA PRO K 111 -49.32 -43.71 -21.70
C PRO K 111 -48.96 -44.48 -22.98
N GLY K 112 -49.50 -43.97 -24.08
CA GLY K 112 -49.20 -44.59 -25.42
C GLY K 112 -47.90 -43.92 -25.88
N VAL K 113 -47.33 -44.42 -26.94
CA VAL K 113 -46.10 -43.92 -27.56
C VAL K 113 -46.38 -42.62 -28.34
N VAL K 114 -45.46 -41.67 -28.21
CA VAL K 114 -45.55 -40.38 -28.94
C VAL K 114 -44.17 -40.28 -29.63
N ASN K 115 -44.08 -39.57 -30.72
CA ASN K 115 -42.75 -39.44 -31.36
C ASN K 115 -42.10 -38.12 -30.98
N ASN K 116 -40.79 -38.11 -31.13
CA ASN K 116 -40.01 -36.89 -30.88
C ASN K 116 -40.23 -35.98 -32.12
N ALA K 117 -39.52 -34.88 -32.07
CA ALA K 117 -39.58 -33.87 -33.11
C ALA K 117 -39.15 -34.48 -34.44
N ALA K 118 -38.18 -35.37 -34.41
CA ALA K 118 -37.74 -36.01 -35.66
C ALA K 118 -38.66 -37.12 -36.10
N GLY K 119 -39.75 -37.33 -35.42
CA GLY K 119 -40.67 -38.40 -35.82
C GLY K 119 -40.31 -39.78 -35.31
N VAL K 120 -39.38 -39.86 -34.36
CA VAL K 120 -38.97 -41.12 -33.76
C VAL K 120 -39.78 -41.35 -32.49
N PRO K 121 -40.36 -42.54 -32.41
CA PRO K 121 -41.17 -42.94 -31.26
C PRO K 121 -40.31 -43.03 -29.99
N MET K 122 -40.91 -42.47 -28.93
CA MET K 122 -40.31 -42.48 -27.60
C MET K 122 -41.04 -43.60 -26.85
N ALA K 123 -40.32 -44.25 -25.99
CA ALA K 123 -40.94 -45.33 -25.18
C ALA K 123 -41.96 -44.62 -24.28
N PRO K 124 -43.00 -45.30 -23.91
CA PRO K 124 -44.05 -44.73 -23.03
C PRO K 124 -43.32 -44.10 -21.84
N HIS K 125 -43.76 -42.89 -21.51
CA HIS K 125 -43.13 -42.19 -20.36
C HIS K 125 -44.07 -41.17 -19.78
N ILE K 126 -43.77 -40.89 -18.52
CA ILE K 126 -44.48 -39.87 -17.73
C ILE K 126 -43.43 -38.79 -17.38
N ASN K 127 -43.78 -37.57 -17.75
CA ASN K 127 -42.93 -36.40 -17.49
C ASN K 127 -43.25 -35.94 -16.03
N ILE K 128 -42.19 -35.82 -15.27
CA ILE K 128 -42.32 -35.42 -13.86
C ILE K 128 -41.50 -34.17 -13.55
N SER K 129 -42.05 -33.36 -12.72
CA SER K 129 -41.40 -32.12 -12.19
C SER K 129 -41.47 -32.23 -10.64
N LEU K 130 -40.31 -32.19 -10.01
CA LEU K 130 -40.26 -32.31 -8.54
C LEU K 130 -40.02 -30.97 -7.87
N PHE K 131 -40.86 -30.65 -6.91
CA PHE K 131 -40.69 -29.39 -6.13
C PHE K 131 -40.54 -29.74 -4.64
N ALA K 132 -39.88 -28.86 -3.91
CA ALA K 132 -39.68 -29.02 -2.46
C ALA K 132 -38.72 -27.95 -1.91
N ARG K 133 -38.94 -27.82 -0.58
CA ARG K 133 -38.02 -26.92 0.15
C ARG K 133 -36.63 -27.54 -0.10
N GLY K 134 -35.67 -26.66 -0.19
CA GLY K 134 -34.28 -27.02 -0.47
C GLY K 134 -34.07 -27.14 -1.98
N ILE K 135 -35.12 -27.15 -2.77
CA ILE K 135 -34.95 -27.24 -4.25
C ILE K 135 -35.26 -25.84 -4.83
N ASN K 136 -34.21 -25.21 -5.26
CA ASN K 136 -34.25 -23.83 -5.77
C ASN K 136 -34.99 -23.66 -7.08
N ILE K 137 -34.81 -24.67 -7.92
CA ILE K 137 -35.48 -24.72 -9.25
C ILE K 137 -35.91 -26.19 -9.42
N HIS K 138 -37.14 -26.43 -9.84
CA HIS K 138 -37.65 -27.79 -9.95
C HIS K 138 -36.83 -28.69 -10.83
N LEU K 139 -36.90 -30.00 -10.52
CA LEU K 139 -36.23 -31.08 -11.17
C LEU K 139 -37.19 -31.82 -12.10
N HIS K 140 -36.75 -31.93 -13.32
CA HIS K 140 -37.43 -32.59 -14.43
C HIS K 140 -36.79 -34.01 -14.62
N THR K 141 -37.71 -34.92 -14.73
CA THR K 141 -37.38 -36.34 -14.98
C THR K 141 -38.51 -37.00 -15.72
N ARG K 142 -38.27 -38.22 -16.12
CA ARG K 142 -39.21 -39.05 -16.86
C ARG K 142 -39.33 -40.41 -16.18
N LEU K 143 -40.56 -40.93 -16.17
CA LEU K 143 -40.75 -42.29 -15.61
C LEU K 143 -41.04 -43.20 -16.83
N TYR K 144 -40.34 -44.27 -16.90
CA TYR K 144 -40.41 -45.33 -17.92
C TYR K 144 -40.77 -46.63 -17.13
N PHE K 145 -41.34 -47.56 -17.88
CA PHE K 145 -41.83 -48.84 -17.37
C PHE K 145 -40.90 -50.00 -17.70
N ASP K 146 -40.69 -50.84 -16.71
CA ASP K 146 -39.77 -51.98 -16.87
C ASP K 146 -40.30 -53.01 -17.85
N ASP K 147 -41.61 -53.10 -18.02
CA ASP K 147 -42.17 -54.08 -18.98
C ASP K 147 -42.21 -53.50 -20.40
N GLU K 148 -41.34 -52.56 -20.68
CA GLU K 148 -41.33 -51.97 -22.06
C GLU K 148 -39.89 -51.85 -22.52
N ALA K 149 -39.08 -52.85 -22.16
CA ALA K 149 -37.69 -52.89 -22.49
C ALA K 149 -37.41 -52.71 -23.99
N GLN K 150 -38.25 -53.32 -24.81
CA GLN K 150 -38.02 -53.19 -26.27
C GLN K 150 -37.99 -51.70 -26.65
N ALA K 151 -39.07 -51.07 -26.34
CA ALA K 151 -39.25 -49.62 -26.60
C ALA K 151 -38.16 -48.80 -25.93
N ASN K 152 -37.93 -49.13 -24.66
CA ASN K 152 -36.95 -48.44 -23.84
C ASN K 152 -35.59 -48.45 -24.52
N ALA K 153 -35.29 -49.62 -25.10
CA ALA K 153 -33.98 -49.78 -25.75
C ALA K 153 -33.82 -48.84 -26.94
N LYS K 154 -34.92 -48.51 -27.54
CA LYS K 154 -35.01 -47.68 -28.73
C LYS K 154 -35.23 -46.20 -28.47
N CYS K 155 -35.60 -45.83 -27.26
CA CYS K 155 -35.90 -44.45 -26.90
C CYS K 155 -34.82 -43.47 -27.28
N PRO K 156 -35.24 -42.49 -28.09
CA PRO K 156 -34.30 -41.43 -28.55
C PRO K 156 -33.89 -40.59 -27.35
N VAL K 157 -34.77 -40.53 -26.33
CA VAL K 157 -34.47 -39.73 -25.11
C VAL K 157 -33.54 -40.48 -24.18
N LEU K 158 -33.94 -41.70 -23.86
CA LEU K 158 -33.16 -42.58 -22.97
C LEU K 158 -31.76 -42.76 -23.51
N ASN K 159 -31.68 -42.82 -24.84
CA ASN K 159 -30.42 -43.01 -25.56
C ASN K 159 -29.52 -41.79 -25.49
N LEU K 160 -30.03 -40.67 -25.00
CA LEU K 160 -29.22 -39.46 -24.85
C LEU K 160 -28.36 -39.59 -23.60
N ILE K 161 -28.80 -40.42 -22.68
CA ILE K 161 -28.00 -40.59 -21.42
C ILE K 161 -26.79 -41.45 -21.80
N GLU K 162 -25.61 -40.83 -21.67
CA GLU K 162 -24.36 -41.48 -22.03
C GLU K 162 -24.16 -42.82 -21.35
N GLN K 163 -24.14 -42.79 -20.04
CA GLN K 163 -23.94 -43.97 -19.22
C GLN K 163 -25.21 -44.81 -19.10
N PRO K 164 -25.15 -45.97 -19.71
CA PRO K 164 -26.24 -46.96 -19.71
C PRO K 164 -26.78 -47.20 -18.32
N GLN K 165 -25.92 -47.27 -17.34
CA GLN K 165 -26.24 -47.47 -15.93
C GLN K 165 -27.21 -46.39 -15.44
N ARG K 166 -26.98 -45.14 -15.85
CA ARG K 166 -27.84 -44.03 -15.41
C ARG K 166 -29.24 -44.13 -15.96
N ARG K 167 -29.39 -44.84 -17.09
CA ARG K 167 -30.73 -44.97 -17.70
C ARG K 167 -31.66 -45.79 -16.83
N GLU K 168 -31.07 -46.73 -16.09
CA GLU K 168 -31.86 -47.61 -15.22
C GLU K 168 -32.60 -46.85 -14.16
N THR K 169 -32.04 -45.74 -13.71
CA THR K 169 -32.65 -44.88 -12.68
C THR K 169 -34.00 -44.34 -13.15
N LEU K 170 -34.27 -44.35 -14.46
CA LEU K 170 -35.53 -43.83 -14.98
C LEU K 170 -36.62 -44.88 -15.16
N ILE K 171 -36.23 -46.13 -14.91
CA ILE K 171 -37.16 -47.28 -15.07
C ILE K 171 -37.93 -47.69 -13.87
N ALA K 172 -39.23 -47.53 -13.91
CA ALA K 172 -40.14 -47.90 -12.82
C ALA K 172 -40.36 -49.45 -12.87
N LYS K 173 -40.27 -50.02 -11.68
CA LYS K 173 -40.41 -51.44 -11.40
C LYS K 173 -41.86 -51.86 -11.11
N ARG K 174 -42.32 -52.69 -12.04
CA ARG K 174 -43.66 -53.23 -12.04
C ARG K 174 -43.90 -54.08 -10.78
N CYS K 175 -45.11 -53.94 -10.30
CA CYS K 175 -45.57 -54.64 -9.09
C CYS K 175 -47.10 -54.74 -9.14
N GLU K 176 -47.65 -55.24 -8.05
CA GLU K 176 -49.12 -55.39 -7.94
C GLU K 176 -49.49 -54.88 -6.54
N VAL K 177 -50.59 -54.13 -6.50
CA VAL K 177 -51.06 -53.59 -5.20
C VAL K 177 -52.54 -53.95 -5.07
N ASP K 178 -52.75 -54.92 -4.18
CA ASP K 178 -54.14 -55.40 -3.94
C ASP K 178 -54.58 -55.98 -5.30
N GLY K 179 -53.65 -56.76 -5.84
CA GLY K 179 -53.94 -57.42 -7.13
C GLY K 179 -54.33 -56.41 -8.20
N LYS K 180 -53.59 -55.31 -8.18
CA LYS K 180 -53.76 -54.21 -9.17
C LYS K 180 -52.32 -53.87 -9.65
N THR K 181 -52.25 -53.54 -10.92
CA THR K 181 -50.95 -53.20 -11.53
C THR K 181 -50.44 -51.87 -10.96
N ALA K 182 -49.24 -51.95 -10.40
CA ALA K 182 -48.55 -50.82 -9.80
C ALA K 182 -47.12 -50.80 -10.32
N TYR K 183 -46.50 -49.62 -10.22
CA TYR K 183 -45.10 -49.44 -10.63
C TYR K 183 -44.51 -48.49 -9.58
N ARG K 184 -43.39 -48.89 -9.07
CA ARG K 184 -42.67 -48.12 -8.07
C ARG K 184 -41.55 -47.31 -8.75
N PHE K 185 -41.64 -46.00 -8.43
CA PHE K 185 -40.65 -45.05 -8.98
C PHE K 185 -40.09 -44.17 -7.83
N ASP K 186 -38.94 -44.59 -7.38
CA ASP K 186 -38.18 -43.95 -6.32
C ASP K 186 -37.19 -42.98 -6.99
N ILE K 187 -37.17 -41.79 -6.44
CA ILE K 187 -36.32 -40.72 -6.91
C ILE K 187 -35.20 -40.44 -5.91
N ARG K 188 -34.01 -40.43 -6.45
CA ARG K 188 -32.78 -40.17 -5.68
C ARG K 188 -32.19 -38.86 -6.24
N ILE K 189 -32.35 -37.83 -5.44
CA ILE K 189 -31.89 -36.50 -5.72
C ILE K 189 -30.36 -36.41 -5.87
N GLN K 190 -29.71 -37.13 -4.93
CA GLN K 190 -28.23 -37.06 -4.94
C GLN K 190 -27.57 -38.31 -4.39
N GLY K 191 -26.35 -38.51 -4.82
CA GLY K 191 -25.53 -39.64 -4.39
C GLY K 191 -25.76 -40.88 -5.25
N GLU K 192 -25.57 -42.00 -4.56
CA GLU K 192 -25.69 -43.36 -5.12
C GLU K 192 -27.04 -43.54 -5.79
N GLY K 193 -26.99 -43.95 -7.05
CA GLY K 193 -28.14 -44.19 -7.90
C GLY K 193 -28.94 -42.92 -8.15
N GLU K 194 -28.24 -41.80 -8.12
CA GLU K 194 -28.91 -40.50 -8.32
C GLU K 194 -29.65 -40.57 -9.66
N THR K 195 -30.90 -40.17 -9.59
CA THR K 195 -31.78 -40.15 -10.76
C THR K 195 -31.37 -39.04 -11.74
N VAL K 196 -31.51 -39.44 -13.00
CA VAL K 196 -31.25 -38.52 -14.11
C VAL K 196 -32.35 -37.43 -14.10
N PHE K 197 -31.81 -36.21 -14.15
CA PHE K 197 -32.64 -34.99 -14.25
C PHE K 197 -32.28 -34.35 -15.60
N PHE K 198 -33.30 -33.77 -16.21
CA PHE K 198 -33.21 -33.16 -17.53
C PHE K 198 -33.37 -31.64 -17.46
N ASP K 199 -32.86 -31.12 -18.58
CA ASP K 199 -32.90 -29.68 -18.93
C ASP K 199 -33.41 -29.67 -20.40
N PHE K 200 -34.38 -28.83 -20.60
CA PHE K 200 -35.00 -28.65 -21.91
C PHE K 200 -35.66 -27.24 -22.00
N PRO L 1 -56.26 -33.29 -29.28
CA PRO L 1 -55.17 -33.25 -28.24
C PRO L 1 -54.19 -32.14 -28.56
N ALA L 2 -53.13 -32.01 -27.76
CA ALA L 2 -52.14 -30.92 -27.98
C ALA L 2 -51.27 -31.27 -29.18
N GLN L 3 -50.62 -30.24 -29.70
CA GLN L 3 -49.70 -30.38 -30.85
C GLN L 3 -48.38 -29.67 -30.57
N ASP L 4 -47.34 -30.24 -31.13
CA ASP L 4 -45.97 -29.69 -30.97
C ASP L 4 -45.74 -28.64 -32.05
N ASN L 5 -46.07 -27.38 -31.71
CA ASN L 5 -45.87 -26.33 -32.75
C ASN L 5 -44.97 -25.22 -32.27
N SER L 6 -44.47 -25.34 -31.06
CA SER L 6 -43.60 -24.27 -30.50
C SER L 6 -42.31 -24.82 -29.93
N ARG L 7 -41.43 -23.85 -29.73
CA ARG L 7 -40.12 -24.07 -29.11
C ARG L 7 -40.06 -22.96 -28.04
N PHE L 8 -39.32 -23.30 -26.98
CA PHE L 8 -39.19 -22.32 -25.86
C PHE L 8 -37.75 -21.97 -25.71
N VAL L 9 -37.46 -20.71 -25.56
CA VAL L 9 -36.07 -20.24 -25.37
C VAL L 9 -35.46 -21.04 -24.20
N ILE L 10 -34.28 -21.49 -24.40
CA ILE L 10 -33.52 -22.25 -23.39
C ILE L 10 -33.37 -21.37 -22.12
N ARG L 11 -33.57 -22.09 -20.98
CA ARG L 11 -33.48 -21.40 -19.67
C ARG L 11 -32.01 -21.01 -19.46
N ASP L 12 -31.85 -19.89 -18.83
CA ASP L 12 -30.53 -19.37 -18.43
C ASP L 12 -30.36 -19.87 -16.97
N ARG L 13 -29.56 -20.88 -16.79
CA ARG L 13 -29.32 -21.52 -15.49
C ARG L 13 -28.37 -20.83 -14.55
N ASN L 14 -27.81 -19.72 -15.03
CA ASN L 14 -26.97 -18.81 -14.30
C ASN L 14 -27.83 -17.64 -13.81
N TRP L 15 -28.98 -17.43 -14.41
CA TRP L 15 -29.91 -16.37 -14.05
C TRP L 15 -30.73 -16.85 -12.84
N HIS L 16 -31.29 -18.04 -13.06
CA HIS L 16 -32.06 -18.71 -12.00
C HIS L 16 -30.96 -19.13 -10.96
N PRO L 17 -31.43 -19.35 -9.75
CA PRO L 17 -30.51 -19.83 -8.67
C PRO L 17 -30.08 -21.25 -9.03
N LYS L 18 -28.87 -21.59 -8.63
CA LYS L 18 -28.30 -22.93 -8.79
C LYS L 18 -28.98 -23.87 -7.77
N ALA L 19 -28.68 -25.14 -8.00
CA ALA L 19 -29.21 -26.22 -7.15
C ALA L 19 -28.51 -26.17 -5.76
N LEU L 20 -27.19 -26.08 -5.81
CA LEU L 20 -26.39 -26.06 -4.60
C LEU L 20 -26.00 -24.64 -4.17
N THR L 21 -26.70 -24.21 -3.14
CA THR L 21 -26.47 -22.88 -2.54
C THR L 21 -26.38 -23.08 -1.01
N PRO L 22 -25.18 -23.47 -0.59
CA PRO L 22 -24.87 -23.83 0.78
C PRO L 22 -25.50 -22.98 1.84
N ASP L 23 -25.53 -21.68 1.73
CA ASP L 23 -26.13 -20.80 2.73
C ASP L 23 -27.58 -21.17 3.01
N TYR L 24 -28.18 -21.79 2.02
CA TYR L 24 -29.62 -22.26 2.19
C TYR L 24 -29.37 -23.78 2.47
N LYS L 25 -29.24 -24.02 3.79
CA LYS L 25 -28.82 -25.36 4.25
C LYS L 25 -29.42 -26.59 3.66
N THR L 26 -30.74 -26.58 3.50
CA THR L 26 -31.50 -27.71 2.97
C THR L 26 -31.08 -28.02 1.52
N SER L 27 -30.65 -27.02 0.80
CA SER L 27 -30.21 -27.21 -0.59
C SER L 27 -29.01 -28.18 -0.65
N ILE L 28 -28.27 -28.25 0.48
CA ILE L 28 -27.08 -29.12 0.46
C ILE L 28 -27.37 -30.55 0.07
N ALA L 29 -28.30 -31.18 0.79
CA ALA L 29 -28.66 -32.59 0.56
C ALA L 29 -29.74 -32.78 -0.50
N ARG L 30 -30.35 -31.68 -0.90
CA ARG L 30 -31.40 -31.78 -1.92
C ARG L 30 -31.06 -31.25 -3.29
N SER L 31 -29.82 -31.35 -3.66
CA SER L 31 -29.33 -30.87 -4.99
C SER L 31 -28.52 -32.01 -5.58
N PRO L 32 -28.71 -32.25 -6.88
CA PRO L 32 -28.01 -33.33 -7.58
C PRO L 32 -26.53 -33.03 -7.61
N ARG L 33 -25.73 -34.06 -7.77
CA ARG L 33 -24.26 -33.89 -7.90
C ARG L 33 -23.89 -34.17 -9.36
N GLN L 34 -24.82 -34.85 -10.05
CA GLN L 34 -24.54 -35.11 -11.49
C GLN L 34 -25.09 -33.88 -12.27
N ALA L 35 -24.59 -33.71 -13.46
CA ALA L 35 -25.03 -32.61 -14.37
C ALA L 35 -26.42 -32.99 -14.91
N LEU L 36 -27.22 -31.98 -15.18
CA LEU L 36 -28.56 -32.19 -15.79
C LEU L 36 -28.31 -32.77 -17.20
N VAL L 37 -29.26 -33.58 -17.67
CA VAL L 37 -29.08 -34.12 -19.04
C VAL L 37 -30.01 -33.27 -19.97
N SER L 38 -29.31 -32.64 -20.94
CA SER L 38 -30.08 -31.77 -21.88
C SER L 38 -30.73 -32.66 -22.94
N ILE L 39 -31.96 -32.34 -23.24
CA ILE L 39 -32.70 -33.08 -24.30
C ILE L 39 -33.46 -32.05 -25.15
N PRO L 40 -33.64 -32.46 -26.39
CA PRO L 40 -34.32 -31.64 -27.41
C PRO L 40 -35.78 -31.46 -27.01
N GLN L 41 -36.40 -30.40 -27.47
CA GLN L 41 -37.84 -30.24 -27.14
C GLN L 41 -38.62 -31.21 -28.03
N SER L 42 -39.63 -31.81 -27.47
CA SER L 42 -40.56 -32.73 -28.14
C SER L 42 -41.94 -32.30 -27.61
N ILE L 43 -42.95 -32.95 -28.10
CA ILE L 43 -44.34 -32.68 -27.72
C ILE L 43 -44.56 -32.86 -26.23
N SER L 44 -43.77 -33.77 -25.65
CA SER L 44 -43.81 -34.09 -24.23
C SER L 44 -43.54 -32.83 -23.40
N GLU L 45 -42.53 -32.09 -23.78
CA GLU L 45 -42.12 -30.85 -23.12
C GLU L 45 -42.70 -29.58 -23.62
N THR L 46 -43.13 -29.49 -24.86
CA THR L 46 -43.64 -28.19 -25.40
C THR L 46 -45.14 -28.05 -25.24
N THR L 47 -45.80 -29.01 -24.60
CA THR L 47 -47.26 -28.93 -24.37
C THR L 47 -47.46 -28.89 -22.84
N GLY L 48 -48.66 -28.55 -22.43
CA GLY L 48 -49.02 -28.49 -21.02
C GLY L 48 -50.53 -28.33 -20.93
N PRO L 49 -51.02 -28.41 -19.69
CA PRO L 49 -52.45 -28.27 -19.41
C PRO L 49 -52.90 -26.82 -19.56
N ASN L 50 -54.17 -26.72 -19.91
CA ASN L 50 -54.86 -25.44 -20.08
C ASN L 50 -56.06 -25.57 -19.09
N PHE L 51 -56.07 -24.64 -18.16
CA PHE L 51 -57.04 -24.63 -17.08
C PHE L 51 -58.28 -23.79 -17.33
N SER L 52 -58.48 -23.45 -18.60
CA SER L 52 -59.63 -22.63 -18.99
C SER L 52 -60.95 -23.23 -18.52
N HIS L 53 -61.00 -24.55 -18.42
CA HIS L 53 -62.23 -25.19 -17.98
C HIS L 53 -62.31 -25.47 -16.50
N LEU L 54 -61.25 -25.11 -15.78
CA LEU L 54 -61.30 -25.35 -14.30
C LEU L 54 -62.42 -24.45 -13.76
N GLY L 55 -63.17 -25.06 -12.87
CA GLY L 55 -64.32 -24.42 -12.23
C GLY L 55 -63.88 -23.63 -11.02
N PHE L 56 -63.54 -22.37 -11.26
CA PHE L 56 -63.08 -21.47 -10.19
C PHE L 56 -64.24 -20.96 -9.34
N GLY L 57 -64.01 -20.84 -8.06
CA GLY L 57 -65.05 -20.27 -7.16
C GLY L 57 -64.95 -18.73 -7.34
N ALA L 58 -65.97 -18.06 -6.90
CA ALA L 58 -66.17 -16.63 -6.93
C ALA L 58 -65.08 -15.85 -6.24
N HIS L 59 -64.59 -16.38 -5.14
CA HIS L 59 -63.56 -15.68 -4.34
C HIS L 59 -62.23 -16.42 -4.32
N ASP L 60 -62.00 -17.21 -5.35
CA ASP L 60 -60.73 -17.97 -5.44
C ASP L 60 -59.54 -17.04 -5.39
N HIS L 61 -59.68 -15.84 -5.90
CA HIS L 61 -58.55 -14.88 -5.90
C HIS L 61 -58.67 -13.83 -4.83
N ASP L 62 -59.62 -13.94 -3.93
CA ASP L 62 -59.81 -12.91 -2.88
C ASP L 62 -59.68 -13.53 -1.48
N LEU L 63 -58.47 -13.47 -0.98
CA LEU L 63 -58.03 -13.99 0.31
C LEU L 63 -58.65 -13.26 1.48
N LEU L 64 -59.41 -12.22 1.13
CA LEU L 64 -60.08 -11.41 2.16
C LEU L 64 -61.42 -12.08 2.49
N LEU L 65 -61.97 -12.82 1.53
CA LEU L 65 -63.26 -13.46 1.73
C LEU L 65 -63.24 -14.96 1.48
N ASN L 66 -62.16 -15.49 0.98
CA ASN L 66 -62.16 -16.94 0.65
C ASN L 66 -61.99 -17.82 1.84
N PHE L 67 -61.89 -17.24 3.05
CA PHE L 67 -61.73 -18.10 4.24
C PHE L 67 -62.71 -17.57 5.31
N GLY L 71 -65.62 -12.79 9.90
CA GLY L 71 -64.77 -11.63 9.92
C GLY L 71 -63.81 -11.47 8.72
N LEU L 72 -63.15 -10.32 8.81
CA LEU L 72 -62.13 -9.88 7.87
C LEU L 72 -60.79 -10.20 8.60
N PRO L 73 -59.85 -10.63 7.77
CA PRO L 73 -58.49 -10.90 8.31
C PRO L 73 -57.93 -9.56 8.82
N ILE L 74 -57.05 -9.66 9.79
CA ILE L 74 -56.37 -8.49 10.33
C ILE L 74 -55.10 -8.28 9.51
N GLY L 75 -54.72 -7.07 9.23
CA GLY L 75 -53.46 -6.90 8.42
C GLY L 75 -53.79 -5.88 7.32
N GLU L 76 -52.72 -5.51 6.64
CA GLU L 76 -52.69 -4.52 5.57
C GLU L 76 -53.28 -5.09 4.26
N ARG L 77 -54.43 -4.48 3.98
CA ARG L 77 -55.22 -4.85 2.79
C ARG L 77 -54.46 -4.31 1.56
N ILE L 78 -54.18 -5.19 0.67
CA ILE L 78 -53.50 -4.88 -0.58
C ILE L 78 -54.07 -5.71 -1.73
N ILE L 79 -53.82 -5.15 -2.91
CA ILE L 79 -54.18 -5.88 -4.15
C ILE L 79 -52.78 -6.22 -4.74
N VAL L 80 -52.65 -7.41 -5.25
CA VAL L 80 -51.45 -7.87 -5.88
C VAL L 80 -51.85 -8.17 -7.35
N ALA L 81 -51.41 -7.33 -8.22
CA ALA L 81 -51.78 -7.48 -9.64
C ALA L 81 -50.58 -7.34 -10.55
N GLY L 82 -50.78 -7.85 -11.76
CA GLY L 82 -49.68 -7.79 -12.73
C GLY L 82 -50.11 -8.54 -13.98
N ARG L 83 -49.07 -8.68 -14.78
CA ARG L 83 -49.31 -9.34 -16.08
C ARG L 83 -48.30 -10.45 -16.29
N VAL L 84 -48.69 -11.47 -17.00
CA VAL L 84 -47.77 -12.57 -17.31
C VAL L 84 -47.49 -12.41 -18.85
N VAL L 85 -46.21 -12.30 -19.11
CA VAL L 85 -45.77 -12.21 -20.54
C VAL L 85 -44.60 -13.23 -20.71
N ASP L 86 -44.24 -13.39 -21.95
CA ASP L 86 -43.12 -14.28 -22.29
C ASP L 86 -41.95 -13.37 -22.53
N GLN L 87 -40.83 -13.96 -22.85
CA GLN L 87 -39.56 -13.27 -23.07
C GLN L 87 -39.62 -12.33 -24.29
N TYR L 88 -40.58 -12.55 -25.17
CA TYR L 88 -40.75 -11.72 -26.36
C TYR L 88 -41.70 -10.57 -26.07
N GLY L 89 -42.21 -10.49 -24.86
CA GLY L 89 -43.16 -9.51 -24.39
C GLY L 89 -44.60 -9.83 -24.74
N LYS L 90 -44.90 -11.04 -25.13
CA LYS L 90 -46.25 -11.48 -25.51
C LYS L 90 -47.03 -11.89 -24.28
N PRO L 91 -48.24 -11.40 -24.17
CA PRO L 91 -49.12 -11.73 -23.04
C PRO L 91 -49.38 -13.25 -23.08
N VAL L 92 -49.53 -13.78 -21.87
CA VAL L 92 -49.88 -15.21 -21.69
C VAL L 92 -51.28 -15.26 -21.06
N PRO L 93 -52.28 -15.35 -21.93
CA PRO L 93 -53.69 -15.35 -21.51
C PRO L 93 -54.14 -16.75 -21.05
N ASN L 94 -55.22 -16.75 -20.31
CA ASN L 94 -55.86 -17.92 -19.75
C ASN L 94 -54.87 -18.91 -19.10
N THR L 95 -53.93 -18.36 -18.38
CA THR L 95 -52.91 -19.23 -17.71
C THR L 95 -53.19 -19.16 -16.20
N LEU L 96 -52.77 -20.30 -15.55
CA LEU L 96 -53.01 -20.42 -14.11
C LEU L 96 -51.92 -19.84 -13.24
N VAL L 97 -52.40 -18.98 -12.35
CA VAL L 97 -51.57 -18.33 -11.35
C VAL L 97 -52.13 -18.77 -9.96
N GLU L 98 -51.18 -19.32 -9.19
CA GLU L 98 -51.59 -19.79 -7.84
C GLU L 98 -50.66 -19.17 -6.84
N MET L 99 -51.20 -18.82 -5.69
CA MET L 99 -50.33 -18.19 -4.66
C MET L 99 -50.76 -18.68 -3.26
N TRP L 100 -49.81 -18.63 -2.36
CA TRP L 100 -49.98 -18.97 -0.97
C TRP L 100 -49.02 -18.07 -0.17
N GLN L 101 -49.40 -17.84 1.06
CA GLN L 101 -48.58 -16.98 1.95
C GLN L 101 -49.01 -17.18 3.41
N ALA L 102 -48.21 -16.58 4.26
CA ALA L 102 -48.50 -16.58 5.72
C ALA L 102 -49.44 -15.39 5.97
N ASN L 103 -49.91 -15.23 7.18
CA ASN L 103 -50.78 -14.15 7.61
C ASN L 103 -49.89 -12.93 7.97
N ALA L 104 -50.60 -11.93 8.44
CA ALA L 104 -49.97 -10.65 8.82
C ALA L 104 -48.87 -10.80 9.85
N GLY L 105 -48.88 -11.91 10.59
CA GLY L 105 -47.92 -12.19 11.64
C GLY L 105 -46.82 -13.13 11.20
N GLY L 106 -46.93 -13.61 9.96
CA GLY L 106 -45.86 -14.51 9.44
C GLY L 106 -46.18 -15.96 9.77
N ARG L 107 -47.42 -16.19 10.17
CA ARG L 107 -47.89 -17.56 10.49
C ARG L 107 -48.62 -18.20 9.34
N TYR L 108 -48.19 -19.41 8.98
CA TYR L 108 -48.88 -20.15 7.88
C TYR L 108 -49.97 -21.05 8.49
N ARG L 109 -50.98 -21.27 7.67
CA ARG L 109 -52.10 -22.16 8.05
C ARG L 109 -51.73 -23.55 7.51
N HIS L 110 -50.79 -24.16 8.21
CA HIS L 110 -50.25 -25.49 7.85
C HIS L 110 -49.80 -26.18 9.15
N LYS L 111 -50.13 -27.46 9.23
CA LYS L 111 -49.83 -28.31 10.38
C LYS L 111 -48.40 -28.26 10.88
N ASN L 112 -47.45 -28.17 9.97
CA ASN L 112 -46.04 -28.14 10.29
C ASN L 112 -45.51 -26.79 10.75
N ASP L 113 -46.34 -25.76 10.71
CA ASP L 113 -45.89 -24.41 11.15
C ASP L 113 -46.24 -24.23 12.63
N ARG L 114 -45.16 -24.24 13.43
CA ARG L 114 -45.32 -24.07 14.87
C ARG L 114 -44.70 -22.75 15.35
N TYR L 115 -44.75 -21.76 14.47
CA TYR L 115 -44.21 -20.42 14.85
C TYR L 115 -45.24 -19.88 15.85
N LEU L 116 -44.76 -19.17 16.82
CA LEU L 116 -45.56 -18.63 17.91
C LEU L 116 -46.57 -17.61 17.54
N ALA L 117 -46.48 -16.95 16.40
CA ALA L 117 -47.51 -15.94 16.00
C ALA L 117 -48.81 -16.70 15.73
N PRO L 118 -49.92 -16.16 16.21
CA PRO L 118 -51.21 -16.79 16.09
C PRO L 118 -51.76 -16.90 14.67
N LEU L 119 -52.65 -17.87 14.54
CA LEU L 119 -53.38 -18.00 13.24
C LEU L 119 -54.46 -16.89 13.33
N ASP L 120 -54.96 -16.54 12.19
CA ASP L 120 -56.01 -15.53 11.99
C ASP L 120 -57.20 -16.39 11.48
N PRO L 121 -58.20 -16.44 12.33
CA PRO L 121 -59.42 -17.20 12.04
C PRO L 121 -60.07 -16.80 10.72
N ASN L 122 -59.87 -15.57 10.25
CA ASN L 122 -60.46 -15.15 8.98
C ASN L 122 -59.52 -15.23 7.78
N PHE L 123 -58.38 -15.83 7.97
CA PHE L 123 -57.39 -15.95 6.89
C PHE L 123 -56.92 -17.39 6.61
N GLY L 124 -56.96 -17.72 5.33
CA GLY L 124 -56.58 -18.99 4.73
C GLY L 124 -55.14 -18.89 4.20
N GLY L 125 -54.93 -18.06 3.20
CA GLY L 125 -53.63 -17.85 2.59
C GLY L 125 -53.43 -18.53 1.25
N VAL L 126 -54.48 -18.88 0.55
CA VAL L 126 -54.43 -19.48 -0.78
C VAL L 126 -55.37 -18.70 -1.74
N GLY L 127 -54.86 -18.61 -2.95
CA GLY L 127 -55.59 -17.94 -4.03
C GLY L 127 -55.11 -18.51 -5.36
N ARG L 128 -55.95 -18.35 -6.35
CA ARG L 128 -55.62 -18.83 -7.72
C ARG L 128 -56.45 -17.87 -8.61
N CME L 129 -55.95 -17.70 -9.81
CA CME L 129 -56.60 -16.75 -10.77
CB CME L 129 -55.95 -15.36 -10.43
SG CME L 129 -56.43 -14.15 -11.71
SD CME L 129 -58.40 -14.03 -11.61
CE CME L 129 -58.91 -12.80 -10.42
CZ CME L 129 -59.18 -11.46 -11.14
OH CME L 129 -57.98 -11.19 -11.88
C CME L 129 -56.11 -17.18 -12.15
O CME L 129 -54.92 -17.49 -12.29
N LEU L 130 -57.05 -17.17 -13.05
CA LEU L 130 -56.66 -17.51 -14.48
C LEU L 130 -56.40 -16.14 -15.12
N THR L 131 -55.29 -16.02 -15.86
CA THR L 131 -55.05 -14.68 -16.48
C THR L 131 -56.11 -14.38 -17.54
N ASP L 132 -56.35 -13.09 -17.75
CA ASP L 132 -57.36 -12.70 -18.77
C ASP L 132 -56.67 -12.66 -20.15
N SER L 133 -57.48 -12.17 -21.08
CA SER L 133 -57.09 -12.08 -22.48
C SER L 133 -55.79 -11.36 -22.66
N ASP L 134 -55.52 -10.43 -21.74
CA ASP L 134 -54.29 -9.64 -21.78
C ASP L 134 -53.13 -10.07 -20.92
N GLY L 135 -53.25 -11.24 -20.34
CA GLY L 135 -52.22 -11.78 -19.45
C GLY L 135 -52.24 -11.17 -18.06
N TYR L 136 -53.29 -10.50 -17.68
CA TYR L 136 -53.47 -9.89 -16.37
C TYR L 136 -54.16 -10.81 -15.35
N TYR L 137 -53.63 -10.68 -14.13
CA TYR L 137 -54.16 -11.42 -12.98
C TYR L 137 -54.21 -10.40 -11.83
N SER L 138 -55.05 -10.78 -10.85
CA SER L 138 -55.10 -9.94 -9.64
C SER L 138 -55.58 -10.78 -8.47
N PHE L 139 -55.12 -10.40 -7.32
CA PHE L 139 -55.46 -10.98 -6.04
C PHE L 139 -55.70 -9.86 -5.01
N ARG L 140 -56.54 -10.18 -4.08
CA ARG L 140 -56.78 -9.19 -2.96
C ARG L 140 -56.36 -10.04 -1.73
N THR L 141 -55.48 -9.46 -0.98
CA THR L 141 -54.97 -10.20 0.21
C THR L 141 -54.55 -9.21 1.26
N ILE L 142 -53.80 -9.80 2.20
CA ILE L 142 -53.21 -8.99 3.28
C ILE L 142 -51.70 -9.16 3.13
N LYS L 143 -50.96 -8.12 3.45
CA LYS L 143 -49.49 -8.23 3.32
C LYS L 143 -48.98 -9.20 4.44
N PRO L 144 -48.30 -10.21 4.01
CA PRO L 144 -47.76 -11.22 4.95
C PRO L 144 -46.62 -10.56 5.75
N GLY L 145 -46.33 -11.14 6.90
CA GLY L 145 -45.27 -10.68 7.78
C GLY L 145 -44.09 -11.66 7.54
N PRO L 146 -42.90 -11.17 7.85
CA PRO L 146 -41.69 -12.00 7.76
C PRO L 146 -41.84 -13.13 8.81
N TYR L 147 -40.96 -14.09 8.71
CA TYR L 147 -40.97 -15.19 9.69
C TYR L 147 -39.64 -15.90 9.81
N PRO L 148 -39.45 -16.28 11.07
CA PRO L 148 -38.18 -16.94 11.48
C PRO L 148 -38.20 -18.35 10.96
N TRP L 149 -37.05 -18.88 10.59
CA TRP L 149 -36.97 -20.25 10.07
C TRP L 149 -35.66 -20.82 10.56
N ARG L 150 -35.61 -22.16 10.65
CA ARG L 150 -34.35 -22.75 11.19
C ARG L 150 -33.30 -22.92 10.14
N ASN L 151 -32.57 -21.89 9.81
CA ASN L 151 -31.49 -21.97 8.77
C ASN L 151 -30.27 -21.62 9.63
N GLY L 152 -29.95 -20.32 9.60
CA GLY L 152 -28.84 -19.87 10.50
C GLY L 152 -29.62 -19.64 11.82
N PRO L 153 -28.89 -19.28 12.87
CA PRO L 153 -29.47 -19.01 14.19
C PRO L 153 -30.45 -17.84 14.26
N ASN L 154 -30.36 -16.91 13.32
CA ASN L 154 -31.32 -15.75 13.38
C ASN L 154 -31.72 -15.39 11.95
N ASP L 155 -32.24 -16.34 11.22
CA ASP L 155 -32.71 -16.16 9.83
C ASP L 155 -34.18 -15.86 9.82
N TRP L 156 -34.53 -14.84 9.01
CA TRP L 156 -35.91 -14.37 8.86
C TRP L 156 -36.26 -14.20 7.38
N ARG L 157 -37.30 -14.85 6.95
CA ARG L 157 -37.74 -14.70 5.55
C ARG L 157 -38.34 -13.25 5.49
N PRO L 158 -37.95 -12.58 4.43
CA PRO L 158 -38.56 -11.24 4.13
C PRO L 158 -40.07 -11.55 3.86
N ALA L 159 -40.91 -10.60 4.08
CA ALA L 159 -42.37 -10.82 3.75
C ALA L 159 -42.37 -11.22 2.26
N HIS L 160 -43.14 -12.23 1.90
CA HIS L 160 -43.23 -12.74 0.55
C HIS L 160 -44.50 -13.56 0.34
N ILE L 161 -44.93 -13.64 -0.92
CA ILE L 161 -46.07 -14.45 -1.33
C ILE L 161 -45.50 -15.49 -2.32
N HIS L 162 -45.85 -16.75 -2.12
CA HIS L 162 -45.37 -17.81 -3.03
C HIS L 162 -46.24 -17.77 -4.30
N PHE L 163 -45.58 -17.94 -5.43
CA PHE L 163 -46.41 -17.94 -6.70
C PHE L 163 -46.07 -19.18 -7.50
N GLY L 164 -47.00 -19.61 -8.27
CA GLY L 164 -46.84 -20.77 -9.19
C GLY L 164 -47.57 -20.34 -10.48
N ILE L 165 -46.86 -20.50 -11.60
CA ILE L 165 -47.42 -20.11 -12.87
C ILE L 165 -47.30 -21.23 -13.91
N SER L 166 -48.47 -21.61 -14.42
CA SER L 166 -48.48 -22.73 -15.41
C SER L 166 -47.84 -22.39 -16.73
N GLY L 167 -48.42 -21.37 -17.42
CA GLY L 167 -47.82 -21.01 -18.74
C GLY L 167 -48.39 -22.00 -19.77
N PRO L 168 -47.93 -21.85 -21.02
CA PRO L 168 -48.37 -22.67 -22.14
C PRO L 168 -47.83 -24.07 -22.20
N SER L 169 -46.80 -24.38 -21.43
CA SER L 169 -46.22 -25.72 -21.46
C SER L 169 -45.58 -26.08 -20.10
N ILE L 170 -45.24 -27.37 -19.97
CA ILE L 170 -44.57 -27.79 -18.70
C ILE L 170 -43.19 -27.16 -18.71
N ALA L 171 -42.73 -26.83 -19.93
CA ALA L 171 -41.41 -26.20 -20.07
C ALA L 171 -41.43 -24.76 -19.48
N THR L 172 -42.57 -24.13 -19.44
CA THR L 172 -42.68 -22.78 -18.91
C THR L 172 -43.08 -22.73 -17.44
N LYS L 173 -43.66 -23.82 -16.94
CA LYS L 173 -44.13 -23.82 -15.52
C LYS L 173 -42.97 -23.36 -14.61
N LEU L 174 -43.38 -22.53 -13.67
CA LEU L 174 -42.48 -21.92 -12.70
C LEU L 174 -43.11 -21.66 -11.34
N ILE L 175 -42.25 -21.85 -10.34
CA ILE L 175 -42.56 -21.53 -8.93
C ILE L 175 -41.52 -20.49 -8.50
N THR L 176 -42.06 -19.40 -7.91
CA THR L 176 -41.19 -18.31 -7.45
C THR L 176 -41.80 -17.69 -6.19
N GLN L 177 -41.19 -16.57 -5.78
CA GLN L 177 -41.63 -15.81 -4.63
C GLN L 177 -41.58 -14.31 -5.01
N LEU L 178 -42.56 -13.63 -4.48
CA LEU L 178 -42.73 -12.19 -4.61
C LEU L 178 -42.29 -11.55 -3.25
N TYR L 179 -41.44 -10.54 -3.35
CA TYR L 179 -40.97 -9.77 -2.23
C TYR L 179 -41.50 -8.33 -2.36
N PHE L 180 -41.50 -7.59 -1.28
CA PHE L 180 -42.05 -6.24 -1.23
C PHE L 180 -41.02 -5.16 -1.24
N GLU L 181 -41.23 -4.22 -2.16
CA GLU L 181 -40.33 -3.09 -2.36
C GLU L 181 -39.90 -2.45 -1.02
N GLY L 182 -38.58 -2.33 -0.87
CA GLY L 182 -37.95 -1.74 0.27
C GLY L 182 -37.76 -2.60 1.49
N ASP L 183 -38.24 -3.84 1.51
CA ASP L 183 -38.06 -4.68 2.73
C ASP L 183 -36.57 -4.87 3.02
N PRO L 184 -36.13 -4.38 4.16
CA PRO L 184 -34.72 -4.50 4.57
C PRO L 184 -34.25 -5.93 4.74
N LEU L 185 -35.15 -6.89 4.83
CA LEU L 185 -34.77 -8.31 4.99
C LEU L 185 -34.31 -8.94 3.68
N ILE L 186 -34.77 -8.38 2.58
CA ILE L 186 -34.43 -8.94 1.27
C ILE L 186 -32.99 -9.31 1.05
N PRO L 187 -32.09 -8.33 1.19
CA PRO L 187 -30.67 -8.57 0.97
C PRO L 187 -30.03 -9.53 1.96
N MET L 188 -30.72 -9.86 3.05
CA MET L 188 -30.08 -10.76 4.03
C MET L 188 -30.52 -12.21 3.89
N CYS L 189 -31.50 -12.47 3.06
CA CYS L 189 -32.06 -13.80 2.92
C CYS L 189 -31.27 -14.76 2.06
N PRO L 190 -30.91 -15.89 2.70
CA PRO L 190 -30.15 -16.95 2.04
C PRO L 190 -30.93 -17.53 0.87
N ILE L 191 -32.25 -17.58 0.97
CA ILE L 191 -33.09 -18.07 -0.08
C ILE L 191 -33.01 -17.13 -1.32
N VAL L 192 -33.20 -15.81 -1.01
CA VAL L 192 -33.12 -14.77 -2.01
C VAL L 192 -31.71 -14.87 -2.66
N LYS L 193 -30.74 -14.89 -1.78
CA LYS L 193 -29.35 -14.98 -2.20
C LYS L 193 -29.03 -16.21 -3.02
N SER L 194 -29.95 -17.12 -3.18
CA SER L 194 -29.67 -18.33 -4.01
C SER L 194 -29.47 -17.88 -5.46
N ILE L 195 -30.04 -16.70 -5.73
CA ILE L 195 -29.96 -16.02 -7.01
C ILE L 195 -28.62 -15.26 -6.98
N ALA L 196 -27.70 -15.61 -7.83
CA ALA L 196 -26.40 -14.98 -7.89
C ALA L 196 -26.35 -13.54 -8.35
N ASN L 197 -27.14 -13.14 -9.29
CA ASN L 197 -27.22 -11.83 -9.91
C ASN L 197 -28.27 -10.91 -9.29
N PRO L 198 -27.81 -9.77 -8.79
CA PRO L 198 -28.65 -8.78 -8.15
C PRO L 198 -29.77 -8.29 -9.06
N GLU L 199 -29.47 -8.30 -10.36
CA GLU L 199 -30.46 -7.87 -11.36
C GLU L 199 -31.64 -8.81 -11.39
N ALA L 200 -31.35 -10.11 -11.13
CA ALA L 200 -32.41 -11.13 -11.10
C ALA L 200 -33.30 -10.97 -9.87
N VAL L 201 -32.64 -10.60 -8.76
CA VAL L 201 -33.40 -10.43 -7.48
C VAL L 201 -34.46 -9.35 -7.67
N GLN L 202 -34.06 -8.27 -8.31
CA GLN L 202 -34.92 -7.12 -8.58
C GLN L 202 -36.22 -7.52 -9.28
N GLN L 203 -36.15 -8.55 -10.10
CA GLN L 203 -37.32 -9.04 -10.85
C GLN L 203 -38.37 -9.63 -9.93
N LEU L 204 -37.95 -10.05 -8.72
CA LEU L 204 -38.83 -10.64 -7.73
C LEU L 204 -39.47 -9.64 -6.79
N ILE L 205 -39.12 -8.35 -6.96
CA ILE L 205 -39.66 -7.36 -6.03
C ILE L 205 -40.89 -6.61 -6.58
N ALA L 206 -42.00 -6.75 -5.93
CA ALA L 206 -43.24 -6.10 -6.31
C ALA L 206 -43.08 -4.61 -5.95
N LYS L 207 -43.58 -3.75 -6.84
CA LYS L 207 -43.55 -2.31 -6.63
C LYS L 207 -44.87 -1.77 -6.11
N LEU L 208 -44.71 -0.83 -5.16
CA LEU L 208 -45.91 -0.17 -4.60
C LEU L 208 -46.60 0.46 -5.87
N ASP L 209 -47.88 0.31 -5.92
CA ASP L 209 -48.63 0.87 -7.09
C ASP L 209 -49.82 1.66 -6.59
N MET L 210 -49.57 2.96 -6.33
CA MET L 210 -50.60 3.87 -5.88
C MET L 210 -51.74 4.00 -6.88
N ASN L 211 -51.39 3.89 -8.15
CA ASN L 211 -52.39 4.02 -9.25
C ASN L 211 -53.48 2.96 -9.12
N ASN L 212 -53.11 1.78 -8.71
CA ASN L 212 -54.04 0.65 -8.58
C ASN L 212 -54.75 0.51 -7.25
N ALA L 213 -54.40 1.35 -6.29
CA ALA L 213 -54.96 1.35 -4.95
C ALA L 213 -56.40 1.85 -4.92
N ASN L 214 -57.13 1.43 -3.93
CA ASN L 214 -58.54 1.85 -3.70
C ASN L 214 -58.43 2.78 -2.50
N PRO L 215 -58.61 4.07 -2.73
CA PRO L 215 -58.52 5.08 -1.68
C PRO L 215 -59.39 4.70 -0.51
N MET L 216 -58.87 4.98 0.67
CA MET L 216 -59.53 4.70 1.95
C MET L 216 -59.87 3.21 2.09
N ASP L 217 -59.16 2.37 1.36
CA ASP L 217 -59.52 0.91 1.36
C ASP L 217 -58.30 0.04 1.39
N CYS L 218 -57.62 -0.07 0.25
CA CYS L 218 -56.42 -0.93 0.20
C CYS L 218 -55.37 -0.37 -0.72
N LEU L 219 -54.15 -0.72 -0.44
CA LEU L 219 -53.00 -0.37 -1.27
C LEU L 219 -52.92 -1.47 -2.37
N ALA L 220 -51.95 -1.32 -3.23
CA ALA L 220 -51.68 -2.20 -4.35
C ALA L 220 -50.17 -2.27 -4.63
N TYR L 221 -49.85 -3.45 -5.13
CA TYR L 221 -48.53 -3.86 -5.53
C TYR L 221 -48.63 -4.43 -6.94
N ARG L 222 -47.58 -4.14 -7.70
CA ARG L 222 -47.56 -4.64 -9.11
C ARG L 222 -46.48 -5.68 -9.22
N PHE L 223 -46.86 -6.82 -9.78
CA PHE L 223 -45.81 -7.89 -9.91
C PHE L 223 -45.99 -8.50 -11.30
N ASP L 224 -45.06 -8.24 -12.18
CA ASP L 224 -45.19 -8.81 -13.58
C ASP L 224 -44.36 -10.08 -13.64
N ILE L 225 -44.80 -11.02 -14.45
CA ILE L 225 -44.10 -12.30 -14.55
C ILE L 225 -43.71 -12.58 -15.98
N VAL L 226 -42.49 -12.99 -16.17
CA VAL L 226 -41.97 -13.29 -17.50
C VAL L 226 -41.67 -14.79 -17.65
N LEU L 227 -42.42 -15.43 -18.55
CA LEU L 227 -42.13 -16.86 -18.82
C LEU L 227 -41.24 -16.98 -20.05
N ARG L 228 -40.62 -18.14 -20.21
CA ARG L 228 -39.75 -18.46 -21.33
C ARG L 228 -40.44 -18.04 -22.64
N GLY L 229 -39.64 -17.43 -23.49
CA GLY L 229 -40.15 -16.96 -24.81
C GLY L 229 -40.51 -18.20 -25.66
N GLN L 230 -41.67 -18.04 -26.30
CA GLN L 230 -42.24 -19.02 -27.19
C GLN L 230 -42.11 -18.57 -28.65
N ARG L 231 -41.66 -19.45 -29.48
CA ARG L 231 -41.54 -19.15 -30.93
C ARG L 231 -41.96 -20.42 -31.69
N LYS L 232 -42.28 -20.20 -32.94
CA LYS L 232 -42.69 -21.33 -33.84
C LYS L 232 -41.38 -22.05 -34.21
N THR L 233 -41.55 -23.29 -34.59
CA THR L 233 -40.37 -24.09 -35.04
C THR L 233 -40.02 -23.53 -36.43
N HIS L 234 -38.79 -23.71 -36.82
CA HIS L 234 -38.34 -23.22 -38.15
C HIS L 234 -37.17 -24.09 -38.62
N PHE L 235 -37.21 -24.43 -39.87
CA PHE L 235 -36.21 -25.23 -40.58
C PHE L 235 -35.85 -26.47 -39.78
N GLU L 236 -36.83 -27.00 -39.05
CA GLU L 236 -36.49 -28.19 -38.22
C GLU L 236 -36.48 -29.49 -39.03
FE FE M . 22.33 1.09 8.23
C1 CHB N . 22.85 6.52 10.57
C2 CHB N . 22.73 6.43 9.16
C3 CHB N . 22.36 5.24 8.58
CL3 CHB N . 22.31 5.15 6.85
C4 CHB N . 22.13 4.11 9.36
O4 CHB N . 21.81 2.96 8.71
C5 CHB N . 22.27 4.18 10.75
C6 CHB N . 22.61 5.38 11.35
C7 CHB N . 23.26 7.87 11.17
O1 CHB N . 23.48 8.85 10.43
O2 CHB N . 23.38 7.91 12.39
C1 CHB O . 21.79 25.20 0.52
C2 CHB O . 21.63 26.20 1.48
C3 CHB O . 22.63 27.09 1.75
CL3 CHB O . 22.36 28.23 3.03
C4 CHB O . 23.88 26.97 1.13
O4 CHB O . 24.90 27.79 1.52
C5 CHB O . 24.07 25.98 0.16
C6 CHB O . 23.03 25.11 -0.15
C7 CHB O . 20.63 24.26 0.19
O1 CHB O . 19.52 24.40 0.77
O2 CHB O . 20.76 23.36 -0.67
FE FE P . -0.15 39.17 19.51
C1 CHB Q . 4.98 39.88 16.78
C2 CHB Q . 4.55 38.56 17.06
C3 CHB Q . 3.26 38.35 17.48
CL3 CHB Q . 2.77 36.75 17.89
C4 CHB Q . 2.35 39.41 17.56
O4 CHB Q . 1.10 39.10 17.96
C5 CHB Q . 2.76 40.71 17.30
C6 CHB Q . 4.09 40.93 16.88
C7 CHB Q . 6.45 40.08 16.36
O1 CHB Q . 7.19 39.10 16.26
O2 CHB Q . 6.82 41.25 16.13
C1 CHB R . 17.73 24.60 8.85
C2 CHB R . 18.69 25.19 8.02
C3 CHB R . 20.00 25.31 8.46
CL3 CHB R . 21.23 26.10 7.46
C4 CHB R . 20.37 24.85 9.73
O4 CHB R . 21.67 24.99 10.14
C5 CHB R . 19.41 24.29 10.56
C6 CHB R . 18.09 24.15 10.12
C7 CHB R . 16.26 24.50 8.38
O1 CHB R . 15.93 24.86 7.24
O2 CHB R . 15.37 24.00 9.08
FE FE S . 21.14 36.43 -20.66
C1 CHB T . 24.06 34.06 -16.04
C2 CHB T . 22.82 34.68 -15.79
C3 CHB T . 22.02 35.05 -16.85
CL3 CHB T . 20.51 35.85 -16.53
C4 CHB T . 22.41 34.75 -18.16
O4 CHB T . 21.56 35.12 -19.17
C5 CHB T . 23.63 34.15 -18.43
C6 CHB T . 24.46 33.77 -17.37
C7 CHB T . 24.96 33.72 -14.85
O1 CHB T . 24.62 33.97 -13.70
O2 CHB T . 26.04 33.20 -15.13
C1 CHB U . 16.79 32.48 3.98
C2 CHB U . 17.60 31.54 4.65
C3 CHB U . 18.48 31.98 5.62
CL3 CHB U . 19.57 30.84 6.42
C4 CHB U . 18.53 33.33 5.98
O4 CHB U . 19.42 33.71 6.92
C5 CHB U . 17.72 34.26 5.35
C6 CHB U . 16.85 33.83 4.34
C7 CHB U . 15.82 32.03 2.89
O1 CHB U . 15.78 30.81 2.57
O2 CHB U . 15.10 32.84 2.31
FE FE V . 1.75 -20.58 11.97
C1 CHB W . -0.35 -24.72 8.16
C2 CHB W . -1.25 -23.82 8.76
C3 CHB W . -0.77 -22.67 9.35
CL3 CHB W . -1.88 -21.63 10.14
C4 CHB W . 0.59 -22.37 9.34
O4 CHB W . 0.95 -21.20 9.98
C5 CHB W . 1.48 -23.27 8.78
C6 CHB W . 1.02 -24.43 8.16
C7 CHB W . -0.93 -26.01 7.53
O1 CHB W . -2.16 -26.17 7.53
O2 CHB W . -0.15 -26.79 7.04
C1 CHB X . -20.16 -26.46 0.71
C2 CHB X . -20.13 -27.36 -0.37
C3 CHB X . -20.66 -28.63 -0.22
CL3 CHB X . -20.54 -29.76 -1.56
C4 CHB X . -21.24 -29.04 0.99
O4 CHB X . -21.71 -30.32 1.09
C5 CHB X . -21.31 -28.15 2.06
C6 CHB X . -20.77 -26.85 1.92
C7 CHB X . -19.58 -25.04 0.55
O1 CHB X . -19.09 -24.71 -0.53
O2 CHB X . -19.61 -24.23 1.48
FE FE Y . -12.94 -28.53 -30.47
C1 CHB Z . -16.35 -30.89 -26.10
C2 CHB Z . -15.15 -30.23 -25.75
C3 CHB Z . -14.51 -29.44 -26.69
CL3 CHB Z . -13.01 -28.67 -26.29
C4 CHB Z . -15.00 -29.36 -27.99
O4 CHB Z . -14.29 -28.60 -28.89
C5 CHB Z . -16.16 -30.05 -28.35
C6 CHB Z . -16.83 -30.79 -27.40
C7 CHB Z . -17.05 -31.77 -25.05
O1 CHB Z . -16.61 -31.85 -23.87
O2 CHB Z . -18.09 -32.37 -25.39
C1 CHB AA . -13.18 -28.35 -5.12
C2 CHB AA . -14.31 -28.81 -4.44
C3 CHB AA . -14.25 -30.00 -3.73
CL3 CHB AA . -15.75 -30.54 -2.97
C4 CHB AA . -13.09 -30.75 -3.69
O4 CHB AA . -13.06 -31.92 -2.99
C5 CHB AA . -11.94 -30.29 -4.33
C6 CHB AA . -12.00 -29.09 -5.06
C7 CHB AA . -13.27 -27.04 -5.93
O1 CHB AA . -14.36 -26.38 -5.96
O2 CHB AA . -12.27 -26.61 -6.53
FE FE BA . -42.75 -19.00 2.68
C1 CHB CA . -38.32 -22.47 4.28
C2 CHB CA . -38.43 -22.08 2.94
C3 CHB CA . -39.28 -21.02 2.61
CL3 CHB CA . -39.45 -20.62 0.94
C4 CHB CA . -40.06 -20.40 3.58
O4 CHB CA . -40.87 -19.38 3.16
C5 CHB CA . -39.99 -20.81 4.91
C6 CHB CA . -39.08 -21.83 5.27
C7 CHB CA . -37.35 -23.63 4.63
O1 CHB CA . -36.65 -24.17 3.75
O2 CHB CA . -37.33 -23.96 5.84
C1 CHB DA . -21.93 -28.24 -8.32
C2 CHB DA . -20.95 -28.85 -7.55
C3 CHB DA . -20.73 -30.21 -7.63
CL3 CHB DA . -19.55 -30.94 -6.54
C4 CHB DA . -21.45 -31.00 -8.53
O4 CHB DA . -21.23 -32.35 -8.54
C5 CHB DA . -22.42 -30.41 -9.32
C6 CHB DA . -22.66 -29.04 -9.20
C7 CHB DA . -22.15 -26.71 -8.23
O1 CHB DA . -21.46 -26.04 -7.41
O2 CHB DA . -23.04 -26.15 -8.91
#